data_7JY8
#
_entry.id   7JY8
#
_cell.length_a   1.00
_cell.length_b   1.00
_cell.length_c   1.00
_cell.angle_alpha   90.00
_cell.angle_beta   90.00
_cell.angle_gamma   90.00
#
_symmetry.space_group_name_H-M   'P 1'
#
loop_
_entity.id
_entity.type
_entity.pdbx_description
1 polymer 'Protein RecA'
2 polymer 'DNA (27-MER)'
3 polymer "DNA (5'-D(P*AP*AP*AP*AP*AP*AP*AP*AP*AP*A)-3')"
4 non-polymer 'MAGNESIUM ION'
5 non-polymer 'PHOSPHOTHIOPHOSPHORIC ACID-ADENYLATE ESTER'
#
loop_
_entity_poly.entity_id
_entity_poly.type
_entity_poly.pdbx_seq_one_letter_code
_entity_poly.pdbx_strand_id
1 'polypeptide(L)'
;MAIDENKQKALAAALGQIEKQFGKGSIMRLGEDRSMDVETISTGSLSLDIALGAGGLPMGRIVEIYGPESSGKTTLTLQV
IAAAQREGKTCAFIDAEHALDPIYARKLGVDIDNLLCSQPDTGEQALEICDALARSGAVDVIVVDSVAALTPKAEIEGEI
GDSHMGLAARMMSQAMRKLAGNLKQSNTLLIFINQIRMKIGVMFGNPETTTGGNALKFYASVRLDIRRIGAVKEGENVVG
SETRVKVVKNKIAAPFKQAEFQILYGEGINFYGELVDLGVKEKLIEKAGAWYSYKGEKIGQGKANATAWLKDNPETAKEI
EKKVRELLLSNPNS
;
A,B,C,D,E,F,G,H,I
2 'polydeoxyribonucleotide'
;(DT)(DT)(DT)(DT)(DT)(DT)(DT)(DT)(DT)(DT)(DT)(DT)(DT)(DT)(DT)(DT)(DT)(DT)(DT)(DT)
(DT)(DT)(DT)(DT)(DT)(DT)(DT)
;
S
3 'polydeoxyribonucleotide'
;(DA)(DA)(DA)(DA)(DA)(DA)(DA)(DA)(DA)(DA)(DA)(DA)(DA)(DA)(DA)(DA)(DA)(DA)(DA)(DA)
(DA)(DA)(DA)(DA)(DA)(DA)(DA)(DA)(DA)(DA)(DA)(DA)(DA)(DA)(DA)(DA)(DA)(DA)(DA)(DA)
(DA)(DA)(DA)(DA)(DA)
;
T
#
loop_
_chem_comp.id
_chem_comp.type
_chem_comp.name
_chem_comp.formula
AGS non-polymer 'PHOSPHOTHIOPHOSPHORIC ACID-ADENYLATE ESTER' 'C10 H16 N5 O12 P3 S'
DA DNA linking 2'-DEOXYADENOSINE-5'-MONOPHOSPHATE 'C10 H14 N5 O6 P'
DT DNA linking THYMIDINE-5'-MONOPHOSPHATE 'C10 H15 N2 O8 P'
MG non-polymer 'MAGNESIUM ION' 'Mg 2'
#
# COMPACT_ATOMS: atom_id res chain seq x y z
N ALA A 2 15.57 21.09 -43.90
CA ALA A 2 15.93 19.79 -43.23
C ALA A 2 15.89 19.96 -41.71
N ILE A 3 16.76 20.82 -41.17
CA ILE A 3 16.89 21.15 -39.73
C ILE A 3 15.89 22.28 -39.37
N ASP A 4 15.64 23.20 -40.31
CA ASP A 4 14.76 24.40 -40.10
C ASP A 4 13.28 24.02 -40.28
N GLU A 5 12.98 22.81 -40.77
CA GLU A 5 11.59 22.31 -41.01
C GLU A 5 11.01 21.67 -39.74
N ASN A 6 11.85 21.00 -38.93
CA ASN A 6 11.44 20.39 -37.63
C ASN A 6 11.14 21.50 -36.61
N LYS A 7 11.80 22.67 -36.73
CA LYS A 7 11.55 23.87 -35.89
C LYS A 7 10.15 24.41 -36.16
N GLN A 8 9.78 24.58 -37.44
CA GLN A 8 8.46 25.08 -37.92
C GLN A 8 7.33 24.21 -37.34
N LYS A 9 7.54 22.90 -37.26
CA LYS A 9 6.54 21.91 -36.77
C LYS A 9 6.42 21.99 -35.25
N ALA A 10 7.56 22.03 -34.55
CA ALA A 10 7.67 22.15 -33.08
C ALA A 10 7.04 23.47 -32.60
N LEU A 11 7.22 24.55 -33.37
CA LEU A 11 6.65 25.89 -33.08
C LEU A 11 5.13 25.85 -33.22
N ALA A 12 4.65 25.35 -34.38
CA ALA A 12 3.21 25.21 -34.72
C ALA A 12 2.48 24.39 -33.65
N ALA A 13 3.12 23.35 -33.11
CA ALA A 13 2.58 22.46 -32.05
C ALA A 13 2.47 23.21 -30.72
N ALA A 14 3.55 23.91 -30.32
CA ALA A 14 3.65 24.72 -29.08
C ALA A 14 2.60 25.83 -29.09
N LEU A 15 2.50 26.57 -30.21
CA LEU A 15 1.46 27.62 -30.43
C LEU A 15 0.07 27.01 -30.27
N GLY A 16 -0.19 25.88 -30.95
CA GLY A 16 -1.45 25.11 -30.86
C GLY A 16 -1.83 24.79 -29.42
N GLN A 17 -0.87 24.31 -28.62
CA GLN A 17 -1.04 23.89 -27.20
C GLN A 17 -1.29 25.11 -26.30
N ILE A 18 -0.65 26.26 -26.58
CA ILE A 18 -0.85 27.54 -25.83
C ILE A 18 -2.27 28.06 -26.14
N GLU A 19 -2.61 28.16 -27.43
CA GLU A 19 -3.92 28.66 -27.93
C GLU A 19 -5.06 27.81 -27.38
N LYS A 20 -4.83 26.50 -27.20
CA LYS A 20 -5.80 25.56 -26.61
C LYS A 20 -6.02 25.87 -25.12
N GLN A 21 -4.93 26.01 -24.36
CA GLN A 21 -4.92 26.08 -22.87
C GLN A 21 -5.51 27.41 -22.38
N PHE A 22 -5.15 28.53 -23.02
CA PHE A 22 -5.41 29.90 -22.51
C PHE A 22 -6.48 30.64 -23.34
N GLY A 23 -6.77 30.20 -24.57
CA GLY A 23 -7.76 30.83 -25.46
C GLY A 23 -7.14 31.23 -26.78
N LYS A 24 -7.97 31.65 -27.73
CA LYS A 24 -7.58 31.66 -29.17
C LYS A 24 -6.58 32.78 -29.47
N GLY A 25 -6.77 33.99 -28.93
CA GLY A 25 -5.88 35.14 -29.19
C GLY A 25 -4.76 35.28 -28.18
N SER A 26 -4.40 34.20 -27.46
CA SER A 26 -3.42 34.19 -26.34
C SER A 26 -2.02 34.53 -26.86
N ILE A 27 -1.65 34.00 -28.03
CA ILE A 27 -0.36 34.29 -28.72
C ILE A 27 -0.63 34.40 -30.22
N MET A 28 -0.02 35.40 -30.88
CA MET A 28 -0.04 35.53 -32.35
C MET A 28 1.05 36.50 -32.80
N ARG A 29 1.28 36.60 -34.11
CA ARG A 29 2.28 37.52 -34.72
C ARG A 29 1.80 38.97 -34.60
N LEU A 30 2.70 39.88 -34.23
CA LEU A 30 2.41 41.30 -33.90
C LEU A 30 1.71 42.00 -35.08
N GLY A 31 2.13 41.68 -36.31
CA GLY A 31 1.62 42.26 -37.56
C GLY A 31 0.15 41.92 -37.82
N GLU A 32 -0.34 40.79 -37.28
CA GLU A 32 -1.72 40.28 -37.50
C GLU A 32 -2.63 40.63 -36.30
N ASP A 33 -2.13 41.33 -35.28
CA ASP A 33 -2.88 41.71 -34.05
C ASP A 33 -3.40 43.14 -34.20
N ARG A 34 -4.69 43.30 -34.54
CA ARG A 34 -5.36 44.60 -34.80
C ARG A 34 -5.68 45.33 -33.48
N SER A 35 -5.87 44.59 -32.39
CA SER A 35 -6.12 45.12 -31.02
C SER A 35 -4.91 45.92 -30.52
N MET A 36 -3.72 45.66 -31.07
CA MET A 36 -2.43 46.27 -30.68
C MET A 36 -2.27 47.67 -31.29
N ASP A 37 -3.06 48.03 -32.32
CA ASP A 37 -3.01 49.35 -32.99
C ASP A 37 -3.47 50.46 -32.03
N VAL A 38 -2.87 51.64 -32.13
CA VAL A 38 -3.11 52.82 -31.24
C VAL A 38 -4.22 53.69 -31.88
N GLU A 39 -5.32 53.89 -31.15
CA GLU A 39 -6.47 54.76 -31.49
C GLU A 39 -6.49 55.95 -30.51
N THR A 40 -6.72 57.17 -31.01
CA THR A 40 -6.66 58.43 -30.22
C THR A 40 -8.01 59.15 -30.21
N ILE A 41 -8.21 60.03 -29.22
CA ILE A 41 -9.37 60.98 -29.12
C ILE A 41 -8.85 62.40 -28.83
N SER A 42 -9.59 63.41 -29.29
CA SER A 42 -9.23 64.84 -29.20
C SER A 42 -9.24 65.30 -27.73
N THR A 43 -8.40 66.29 -27.40
CA THR A 43 -8.28 66.89 -26.05
C THR A 43 -9.15 68.16 -25.94
N GLY A 44 -9.68 68.65 -27.07
CA GLY A 44 -10.38 69.95 -27.16
C GLY A 44 -9.44 71.07 -27.59
N SER A 45 -8.12 70.87 -27.42
CA SER A 45 -7.03 71.83 -27.79
C SER A 45 -6.28 71.29 -29.01
N LEU A 46 -6.25 72.04 -30.11
CA LEU A 46 -5.58 71.65 -31.38
C LEU A 46 -4.05 71.64 -31.18
N SER A 47 -3.51 72.60 -30.42
CA SER A 47 -2.05 72.74 -30.16
C SER A 47 -1.52 71.57 -29.31
N LEU A 48 -2.32 71.04 -28.38
CA LEU A 48 -1.95 69.88 -27.52
C LEU A 48 -2.03 68.58 -28.34
N ASP A 49 -3.01 68.46 -29.25
CA ASP A 49 -3.17 67.32 -30.18
C ASP A 49 -1.92 67.20 -31.08
N ILE A 50 -1.33 68.34 -31.46
CA ILE A 50 -0.08 68.41 -32.28
C ILE A 50 1.13 68.01 -31.42
N ALA A 51 1.22 68.53 -30.19
CA ALA A 51 2.32 68.29 -29.23
C ALA A 51 2.40 66.80 -28.84
N LEU A 52 1.28 66.09 -28.84
CA LEU A 52 1.21 64.64 -28.49
C LEU A 52 1.67 63.76 -29.67
N GLY A 53 1.68 64.29 -30.89
CA GLY A 53 2.26 63.63 -32.08
C GLY A 53 1.27 62.74 -32.81
N ALA A 54 0.51 61.90 -32.08
CA ALA A 54 -0.43 60.90 -32.63
C ALA A 54 -1.85 61.49 -32.79
N GLY A 55 -2.03 62.78 -32.50
CA GLY A 55 -3.29 63.52 -32.72
C GLY A 55 -4.30 63.33 -31.60
N GLY A 56 -3.84 63.12 -30.36
CA GLY A 56 -4.68 63.05 -29.15
C GLY A 56 -4.21 62.01 -28.15
N LEU A 57 -5.09 61.63 -27.22
CA LEU A 57 -4.78 60.73 -26.08
C LEU A 57 -5.14 59.28 -26.45
N PRO A 58 -4.27 58.29 -26.11
CA PRO A 58 -4.48 56.91 -26.55
C PRO A 58 -5.55 56.14 -25.75
N MET A 59 -6.45 55.46 -26.45
CA MET A 59 -7.51 54.60 -25.84
C MET A 59 -6.87 53.30 -25.34
N GLY A 60 -7.38 52.76 -24.23
CA GLY A 60 -6.90 51.52 -23.61
C GLY A 60 -5.68 51.72 -22.71
N ARG A 61 -5.25 52.97 -22.49
CA ARG A 61 -4.01 53.32 -21.75
C ARG A 61 -4.36 54.14 -20.50
N ILE A 62 -3.35 54.35 -19.65
CA ILE A 62 -3.40 55.24 -18.45
C ILE A 62 -2.70 56.56 -18.80
N VAL A 63 -3.31 57.68 -18.44
CA VAL A 63 -2.73 59.06 -18.61
C VAL A 63 -2.67 59.72 -17.23
N GLU A 64 -1.63 60.51 -16.98
CA GLU A 64 -1.46 61.32 -15.73
C GLU A 64 -1.38 62.80 -16.13
N ILE A 65 -2.18 63.65 -15.50
CA ILE A 65 -2.14 65.14 -15.65
C ILE A 65 -1.84 65.71 -14.25
N TYR A 66 -0.72 66.44 -14.10
CA TYR A 66 -0.31 67.07 -12.82
C TYR A 66 0.04 68.54 -13.05
N GLY A 67 0.10 69.30 -11.96
CA GLY A 67 0.41 70.74 -11.98
C GLY A 67 0.13 71.42 -10.64
N PRO A 68 0.41 72.73 -10.51
CA PRO A 68 0.02 73.50 -9.31
C PRO A 68 -1.49 73.75 -9.26
N GLU A 69 -1.96 74.54 -8.29
CA GLU A 69 -3.41 74.76 -8.03
C GLU A 69 -3.92 75.81 -9.02
N SER A 70 -5.18 75.66 -9.46
CA SER A 70 -5.90 76.59 -10.39
C SER A 70 -5.13 76.71 -11.72
N SER A 71 -4.46 75.63 -12.15
CA SER A 71 -3.64 75.55 -13.38
C SER A 71 -4.50 75.09 -14.57
N GLY A 72 -5.66 74.48 -14.31
CA GLY A 72 -6.66 74.07 -15.32
C GLY A 72 -6.70 72.57 -15.55
N LYS A 73 -6.41 71.76 -14.52
CA LYS A 73 -6.35 70.28 -14.59
C LYS A 73 -7.75 69.71 -14.80
N THR A 74 -8.71 70.11 -13.95
CA THR A 74 -10.14 69.68 -14.01
C THR A 74 -10.77 70.18 -15.32
N THR A 75 -10.51 71.43 -15.71
CA THR A 75 -11.03 72.08 -16.94
C THR A 75 -10.64 71.25 -18.17
N LEU A 76 -9.33 71.05 -18.38
CA LEU A 76 -8.76 70.27 -19.53
C LEU A 76 -9.45 68.91 -19.61
N THR A 77 -9.61 68.27 -18.45
CA THR A 77 -10.19 66.92 -18.26
C THR A 77 -11.69 66.91 -18.66
N LEU A 78 -12.44 67.97 -18.35
CA LEU A 78 -13.88 68.10 -18.70
C LEU A 78 -14.03 68.39 -20.21
N GLN A 79 -13.05 69.07 -20.81
CA GLN A 79 -13.02 69.36 -22.28
C GLN A 79 -12.75 68.07 -23.07
N VAL A 80 -11.97 67.13 -22.50
CA VAL A 80 -11.74 65.76 -23.06
C VAL A 80 -13.08 65.01 -23.06
N ILE A 81 -13.79 65.00 -21.92
CA ILE A 81 -15.10 64.32 -21.74
C ILE A 81 -16.10 64.90 -22.75
N ALA A 82 -16.17 66.22 -22.87
CA ALA A 82 -17.09 66.95 -23.78
C ALA A 82 -16.87 66.49 -25.22
N ALA A 83 -15.61 66.48 -25.68
CA ALA A 83 -15.19 66.04 -27.04
C ALA A 83 -15.58 64.58 -27.29
N ALA A 84 -15.38 63.72 -26.30
CA ALA A 84 -15.68 62.26 -26.35
C ALA A 84 -17.20 62.03 -26.47
N GLN A 85 -18.00 62.74 -25.69
CA GLN A 85 -19.49 62.64 -25.66
C GLN A 85 -20.10 63.05 -27.01
N ARG A 86 -19.49 64.02 -27.70
CA ARG A 86 -19.92 64.50 -29.04
C ARG A 86 -19.70 63.41 -30.12
N GLU A 87 -18.83 62.43 -29.86
CA GLU A 87 -18.58 61.24 -30.72
C GLU A 87 -19.32 60.01 -30.17
N GLY A 88 -20.34 60.21 -29.34
CA GLY A 88 -21.25 59.15 -28.84
C GLY A 88 -20.56 58.16 -27.90
N LYS A 89 -19.52 58.60 -27.18
CA LYS A 89 -18.79 57.77 -26.17
C LYS A 89 -19.35 58.06 -24.77
N THR A 90 -19.48 57.01 -23.95
CA THR A 90 -19.93 57.07 -22.53
C THR A 90 -18.73 57.40 -21.63
N CYS A 91 -18.88 58.38 -20.74
CA CYS A 91 -17.80 58.91 -19.86
C CYS A 91 -18.24 58.86 -18.38
N ALA A 92 -17.29 58.64 -17.47
CA ALA A 92 -17.48 58.63 -16.00
C ALA A 92 -16.47 59.57 -15.32
N PHE A 93 -16.83 60.09 -14.14
CA PHE A 93 -16.01 61.02 -13.33
C PHE A 93 -16.01 60.54 -11.87
N ILE A 94 -14.85 60.19 -11.32
CA ILE A 94 -14.66 59.78 -9.90
C ILE A 94 -14.11 60.99 -9.14
N ASP A 95 -14.97 61.70 -8.39
CA ASP A 95 -14.65 62.98 -7.71
C ASP A 95 -14.27 62.69 -6.25
N ALA A 96 -13.01 62.27 -6.03
CA ALA A 96 -12.41 62.02 -4.70
C ALA A 96 -12.12 63.36 -4.00
N GLU A 97 -11.96 64.45 -4.76
CA GLU A 97 -11.73 65.83 -4.24
C GLU A 97 -13.01 66.40 -3.61
N HIS A 98 -14.19 66.00 -4.09
CA HIS A 98 -15.53 66.53 -3.68
C HIS A 98 -15.63 68.02 -4.03
N ALA A 99 -15.34 68.39 -5.28
CA ALA A 99 -15.30 69.79 -5.75
C ALA A 99 -15.66 69.91 -7.24
N LEU A 100 -16.56 69.06 -7.76
CA LEU A 100 -17.07 69.14 -9.16
C LEU A 100 -18.30 70.05 -9.20
N ASP A 101 -18.28 71.05 -10.10
CA ASP A 101 -19.41 71.97 -10.38
C ASP A 101 -20.18 71.45 -11.60
N PRO A 102 -21.43 70.96 -11.45
CA PRO A 102 -22.22 70.51 -12.60
C PRO A 102 -22.65 71.64 -13.55
N ILE A 103 -22.83 72.87 -13.04
CA ILE A 103 -23.24 74.07 -13.83
C ILE A 103 -22.04 74.55 -14.65
N TYR A 104 -20.81 74.46 -14.11
CA TYR A 104 -19.56 74.82 -14.83
C TYR A 104 -19.27 73.78 -15.91
N ALA A 105 -19.42 72.49 -15.58
CA ALA A 105 -19.27 71.34 -16.52
C ALA A 105 -20.25 71.50 -17.68
N ARG A 106 -21.51 71.79 -17.36
CA ARG A 106 -22.62 72.20 -18.27
C ARG A 106 -22.12 73.27 -19.25
N LYS A 107 -21.48 74.32 -18.72
CA LYS A 107 -20.96 75.49 -19.48
C LYS A 107 -19.83 75.10 -20.44
N LEU A 108 -18.92 74.21 -20.01
CA LEU A 108 -17.75 73.78 -20.82
C LEU A 108 -18.18 72.86 -21.97
N GLY A 109 -19.43 72.37 -21.95
CA GLY A 109 -20.05 71.61 -23.05
C GLY A 109 -20.32 70.16 -22.70
N VAL A 110 -20.24 69.78 -21.42
CA VAL A 110 -20.47 68.38 -20.94
C VAL A 110 -21.98 68.12 -20.92
N ASP A 111 -22.41 66.98 -21.46
CA ASP A 111 -23.79 66.44 -21.32
C ASP A 111 -23.90 65.80 -19.93
N ILE A 112 -24.36 66.58 -18.95
CA ILE A 112 -24.52 66.16 -17.51
C ILE A 112 -25.50 64.97 -17.43
N ASP A 113 -26.50 64.93 -18.31
CA ASP A 113 -27.54 63.86 -18.37
C ASP A 113 -26.92 62.47 -18.56
N ASN A 114 -25.78 62.37 -19.27
CA ASN A 114 -25.12 61.07 -19.62
C ASN A 114 -23.74 60.93 -18.95
N LEU A 115 -23.30 61.89 -18.13
CA LEU A 115 -21.99 61.83 -17.40
C LEU A 115 -22.21 61.11 -16.07
N LEU A 116 -21.69 59.88 -15.93
CA LEU A 116 -21.70 59.10 -14.66
C LEU A 116 -20.78 59.81 -13.67
N CYS A 117 -21.18 59.87 -12.39
CA CYS A 117 -20.42 60.54 -11.31
C CYS A 117 -20.52 59.73 -10.01
N SER A 118 -19.39 59.59 -9.31
CA SER A 118 -19.26 58.93 -7.99
C SER A 118 -18.35 59.80 -7.11
N GLN A 119 -18.73 60.02 -5.85
CA GLN A 119 -17.87 60.63 -4.79
C GLN A 119 -17.65 59.57 -3.71
N PRO A 120 -16.61 58.71 -3.87
CA PRO A 120 -16.34 57.66 -2.89
C PRO A 120 -15.64 58.22 -1.65
N ASP A 121 -15.70 57.48 -0.53
CA ASP A 121 -15.15 57.88 0.79
C ASP A 121 -13.69 57.39 0.90
N THR A 122 -13.40 56.19 0.40
CA THR A 122 -12.07 55.51 0.49
C THR A 122 -11.43 55.41 -0.90
N GLY A 123 -10.10 55.35 -0.95
CA GLY A 123 -9.31 55.08 -2.17
C GLY A 123 -9.60 53.71 -2.76
N GLU A 124 -9.85 52.71 -1.91
CA GLU A 124 -10.14 51.31 -2.32
C GLU A 124 -11.48 51.24 -3.07
N GLN A 125 -12.50 51.98 -2.59
CA GLN A 125 -13.84 52.06 -3.24
C GLN A 125 -13.69 52.72 -4.62
N ALA A 126 -12.96 53.84 -4.70
CA ALA A 126 -12.72 54.63 -5.95
C ALA A 126 -12.09 53.74 -7.02
N LEU A 127 -11.08 52.95 -6.65
CA LEU A 127 -10.29 52.10 -7.59
C LEU A 127 -11.04 50.80 -7.91
N GLU A 128 -11.88 50.29 -7.00
CA GLU A 128 -12.78 49.12 -7.25
C GLU A 128 -13.91 49.51 -8.22
N ILE A 129 -14.37 50.77 -8.18
CA ILE A 129 -15.37 51.31 -9.14
C ILE A 129 -14.73 51.42 -10.54
N CYS A 130 -13.53 51.99 -10.63
CA CYS A 130 -12.71 52.10 -11.87
C CYS A 130 -12.55 50.71 -12.53
N ASP A 131 -12.24 49.68 -11.74
CA ASP A 131 -12.00 48.29 -12.20
C ASP A 131 -13.32 47.67 -12.72
N ALA A 132 -14.42 47.85 -11.97
CA ALA A 132 -15.78 47.37 -12.32
C ALA A 132 -16.28 48.00 -13.62
N LEU A 133 -16.06 49.31 -13.82
CA LEU A 133 -16.45 50.05 -15.05
C LEU A 133 -15.57 49.62 -16.23
N ALA A 134 -14.29 49.34 -16.00
CA ALA A 134 -13.32 48.88 -17.03
C ALA A 134 -13.73 47.50 -17.54
N ARG A 135 -14.04 46.55 -16.63
CA ARG A 135 -14.47 45.17 -16.97
C ARG A 135 -15.80 45.18 -17.76
N SER A 136 -16.70 46.14 -17.47
CA SER A 136 -18.06 46.25 -18.06
C SER A 136 -17.97 46.31 -19.60
N GLY A 137 -17.02 47.07 -20.14
CA GLY A 137 -16.81 47.27 -21.59
C GLY A 137 -17.75 48.31 -22.18
N ALA A 138 -18.49 49.04 -21.34
CA ALA A 138 -19.54 50.01 -21.73
C ALA A 138 -19.08 51.46 -21.55
N VAL A 139 -18.04 51.70 -20.73
CA VAL A 139 -17.46 53.05 -20.45
C VAL A 139 -16.19 53.23 -21.29
N ASP A 140 -16.06 54.38 -21.95
CA ASP A 140 -14.95 54.69 -22.90
C ASP A 140 -13.88 55.55 -22.21
N VAL A 141 -14.29 56.52 -21.37
CA VAL A 141 -13.38 57.46 -20.65
C VAL A 141 -13.76 57.49 -19.16
N ILE A 142 -12.80 57.20 -18.28
CA ILE A 142 -12.90 57.38 -16.81
C ILE A 142 -11.87 58.43 -16.41
N VAL A 143 -12.23 59.36 -15.52
CA VAL A 143 -11.25 60.30 -14.90
C VAL A 143 -11.41 60.25 -13.38
N VAL A 144 -10.26 60.30 -12.68
CA VAL A 144 -10.13 60.23 -11.19
C VAL A 144 -9.51 61.55 -10.73
N ASP A 145 -10.31 62.44 -10.13
CA ASP A 145 -9.85 63.80 -9.70
C ASP A 145 -9.10 63.66 -8.38
N SER A 146 -7.79 63.96 -8.43
CA SER A 146 -6.78 63.90 -7.33
C SER A 146 -6.61 62.46 -6.84
N VAL A 147 -5.47 61.86 -7.18
CA VAL A 147 -4.91 60.63 -6.52
C VAL A 147 -4.37 61.06 -5.14
N ALA A 148 -4.15 62.37 -4.92
CA ALA A 148 -3.80 62.99 -3.61
C ALA A 148 -4.91 62.73 -2.58
N ALA A 149 -6.17 62.65 -3.03
CA ALA A 149 -7.38 62.47 -2.18
C ALA A 149 -7.81 60.99 -2.08
N LEU A 150 -7.09 60.06 -2.73
CA LEU A 150 -7.32 58.60 -2.61
C LEU A 150 -6.76 58.12 -1.27
N THR A 151 -7.58 58.19 -0.21
CA THR A 151 -7.21 57.89 1.19
C THR A 151 -7.47 56.40 1.46
N PRO A 152 -6.47 55.61 1.94
CA PRO A 152 -6.72 54.21 2.31
C PRO A 152 -7.74 54.08 3.45
N LYS A 153 -8.44 52.94 3.51
CA LYS A 153 -9.52 52.64 4.49
C LYS A 153 -8.97 52.77 5.92
N ALA A 154 -7.75 52.26 6.16
CA ALA A 154 -7.06 52.23 7.48
C ALA A 154 -6.75 53.64 7.99
N GLU A 155 -6.45 54.59 7.10
CA GLU A 155 -6.12 56.01 7.46
C GLU A 155 -7.41 56.74 7.90
N ILE A 156 -8.55 56.41 7.29
CA ILE A 156 -9.89 56.98 7.64
C ILE A 156 -10.38 56.34 8.96
N GLU A 157 -10.22 55.02 9.10
CA GLU A 157 -10.62 54.25 10.31
C GLU A 157 -9.79 54.73 11.51
N GLY A 158 -8.50 55.03 11.28
CA GLY A 158 -7.57 55.49 12.32
C GLY A 158 -7.77 56.94 12.69
N GLU A 159 -6.88 57.49 13.52
CA GLU A 159 -6.93 58.88 14.03
C GLU A 159 -5.91 59.75 13.29
N ILE A 160 -6.08 61.08 13.39
CA ILE A 160 -5.17 62.11 12.81
C ILE A 160 -3.85 62.06 13.60
N GLY A 161 -2.71 61.92 12.90
CA GLY A 161 -1.37 61.81 13.52
C GLY A 161 -0.80 60.40 13.45
N ASP A 162 -1.65 59.37 13.28
CA ASP A 162 -1.24 57.95 13.10
C ASP A 162 -0.43 57.82 11.81
N SER A 163 0.75 57.17 11.88
CA SER A 163 1.65 56.92 10.73
C SER A 163 1.19 55.66 9.98
N HIS A 164 0.98 55.79 8.67
CA HIS A 164 0.64 54.69 7.73
C HIS A 164 1.74 54.62 6.66
N MET A 165 2.74 53.75 6.87
CA MET A 165 4.04 53.75 6.16
C MET A 165 3.83 53.27 4.71
N GLY A 166 3.82 54.21 3.75
CA GLY A 166 3.69 53.94 2.30
C GLY A 166 2.54 53.03 1.96
N LEU A 167 1.38 53.21 2.60
CA LEU A 167 0.16 52.37 2.39
C LEU A 167 -0.59 52.85 1.14
N ALA A 168 -0.59 54.17 0.88
CA ALA A 168 -1.18 54.80 -0.33
C ALA A 168 -0.40 54.33 -1.58
N ALA A 169 0.93 54.40 -1.51
CA ALA A 169 1.87 53.96 -2.57
C ALA A 169 1.69 52.47 -2.86
N ARG A 170 1.37 51.66 -1.84
CA ARG A 170 1.17 50.19 -1.98
C ARG A 170 -0.17 49.90 -2.66
N MET A 171 -1.21 50.68 -2.33
CA MET A 171 -2.57 50.61 -2.93
C MET A 171 -2.51 50.96 -4.42
N MET A 172 -1.78 52.04 -4.77
CA MET A 172 -1.59 52.51 -6.17
C MET A 172 -0.79 51.46 -6.97
N SER A 173 0.24 50.88 -6.38
CA SER A 173 1.09 49.81 -6.99
C SER A 173 0.25 48.57 -7.30
N GLN A 174 -0.65 48.18 -6.39
CA GLN A 174 -1.60 47.04 -6.58
C GLN A 174 -2.67 47.39 -7.64
N ALA A 175 -3.16 48.64 -7.66
CA ALA A 175 -4.24 49.10 -8.56
C ALA A 175 -3.80 49.05 -10.03
N MET A 176 -2.62 49.61 -10.34
CA MET A 176 -2.02 49.67 -11.71
C MET A 176 -1.94 48.25 -12.30
N ARG A 177 -1.36 47.31 -11.54
CA ARG A 177 -1.28 45.86 -11.85
C ARG A 177 -2.62 45.28 -12.30
N LYS A 178 -3.68 45.49 -11.49
CA LYS A 178 -5.04 44.95 -11.73
C LYS A 178 -5.71 45.68 -12.90
N LEU A 179 -5.44 46.97 -13.10
CA LEU A 179 -6.18 47.84 -14.06
C LEU A 179 -5.62 47.71 -15.47
N ALA A 180 -4.28 47.74 -15.64
CA ALA A 180 -3.58 47.87 -16.94
C ALA A 180 -4.19 46.94 -18.00
N GLY A 181 -4.33 45.65 -17.65
CA GLY A 181 -4.85 44.59 -18.54
C GLY A 181 -6.32 44.79 -18.87
N ASN A 182 -7.15 45.06 -17.86
CA ASN A 182 -8.61 45.27 -17.99
C ASN A 182 -8.91 46.48 -18.89
N LEU A 183 -8.15 47.58 -18.77
CA LEU A 183 -8.31 48.81 -19.60
C LEU A 183 -8.02 48.50 -21.07
N LYS A 184 -6.98 47.71 -21.36
CA LYS A 184 -6.54 47.39 -22.75
C LYS A 184 -7.62 46.55 -23.46
N GLN A 185 -8.20 45.57 -22.76
CA GLN A 185 -9.26 44.65 -23.28
C GLN A 185 -10.51 45.45 -23.69
N SER A 186 -10.92 46.41 -22.86
CA SER A 186 -12.16 47.22 -23.02
C SER A 186 -11.96 48.39 -23.98
N ASN A 187 -10.70 48.77 -24.26
CA ASN A 187 -10.31 49.97 -25.04
C ASN A 187 -10.77 51.23 -24.29
N THR A 188 -10.62 51.24 -22.95
CA THR A 188 -11.04 52.32 -22.02
C THR A 188 -9.83 53.20 -21.66
N LEU A 189 -9.96 54.52 -21.81
CA LEU A 189 -8.95 55.54 -21.39
C LEU A 189 -9.17 55.90 -19.91
N LEU A 190 -8.16 55.73 -19.06
CA LEU A 190 -8.16 56.17 -17.64
C LEU A 190 -7.26 57.39 -17.49
N ILE A 191 -7.82 58.53 -17.07
CA ILE A 191 -7.07 59.80 -16.78
C ILE A 191 -7.00 59.96 -15.26
N PHE A 192 -5.78 60.07 -14.71
CA PHE A 192 -5.50 60.42 -13.30
C PHE A 192 -5.08 61.88 -13.21
N ILE A 193 -5.71 62.66 -12.34
CA ILE A 193 -5.22 64.01 -11.96
C ILE A 193 -4.39 63.85 -10.68
N ASN A 194 -3.25 64.54 -10.60
CA ASN A 194 -2.31 64.46 -9.44
C ASN A 194 -1.94 65.89 -9.03
N GLN A 195 -1.58 66.07 -7.75
CA GLN A 195 -1.14 67.35 -7.15
C GLN A 195 0.37 67.31 -6.91
N ILE A 196 1.02 68.46 -6.94
CA ILE A 196 2.48 68.61 -6.71
C ILE A 196 2.73 68.74 -5.20
N ARG A 197 3.67 67.96 -4.67
CA ARG A 197 4.28 68.13 -3.32
C ARG A 197 5.75 68.55 -3.50
N MET A 198 6.43 68.91 -2.41
CA MET A 198 7.86 69.34 -2.42
C MET A 198 8.71 68.34 -1.63
N LYS A 199 9.66 67.70 -2.31
CA LYS A 199 10.65 66.74 -1.75
C LYS A 199 11.61 67.50 -0.83
N ILE A 200 11.99 66.90 0.30
CA ILE A 200 12.87 67.51 1.35
C ILE A 200 14.05 66.55 1.57
N GLY A 201 15.28 67.08 1.52
CA GLY A 201 16.54 66.30 1.51
C GLY A 201 17.07 66.09 0.09
N VAL A 202 16.58 66.85 -0.88
CA VAL A 202 17.04 66.85 -2.31
C VAL A 202 17.18 68.30 -2.78
N MET A 203 18.13 68.56 -3.69
CA MET A 203 18.38 69.91 -4.29
C MET A 203 18.65 69.79 -5.80
N PHE A 204 19.53 68.86 -6.21
CA PHE A 204 19.88 68.57 -7.62
C PHE A 204 18.61 68.16 -8.40
N GLY A 205 18.44 68.73 -9.60
CA GLY A 205 17.21 68.64 -10.41
C GLY A 205 16.09 69.47 -9.80
N ASN A 206 14.84 69.01 -9.95
CA ASN A 206 13.64 69.64 -9.34
C ASN A 206 13.41 69.04 -7.95
N PRO A 207 13.04 69.84 -6.92
CA PRO A 207 12.62 69.31 -5.63
C PRO A 207 11.11 69.02 -5.57
N GLU A 208 10.39 69.25 -6.68
CA GLU A 208 8.94 68.93 -6.85
C GLU A 208 8.77 67.42 -7.01
N THR A 209 7.77 66.86 -6.32
CA THR A 209 7.31 65.44 -6.44
C THR A 209 5.85 65.46 -6.90
N THR A 210 5.27 64.27 -7.08
CA THR A 210 3.81 64.05 -7.25
C THR A 210 3.41 63.02 -6.19
N THR A 211 2.14 62.99 -5.77
CA THR A 211 1.62 62.09 -4.69
C THR A 211 1.43 60.66 -5.24
N GLY A 212 1.32 59.70 -4.32
CA GLY A 212 0.81 58.34 -4.60
C GLY A 212 1.89 57.34 -5.00
N GLY A 213 3.17 57.71 -4.89
CA GLY A 213 4.31 56.78 -5.08
C GLY A 213 4.84 56.78 -6.50
N ASN A 214 5.55 55.71 -6.87
CA ASN A 214 6.36 55.63 -8.12
C ASN A 214 5.63 54.82 -9.21
N ALA A 215 4.70 53.93 -8.87
CA ALA A 215 4.03 52.98 -9.80
C ALA A 215 3.42 53.72 -11.00
N LEU A 216 2.75 54.85 -10.78
CA LEU A 216 2.00 55.58 -11.83
C LEU A 216 2.96 56.16 -12.90
N LYS A 217 4.16 56.58 -12.51
CA LYS A 217 5.22 57.07 -13.47
C LYS A 217 5.56 55.99 -14.50
N PHE A 218 5.64 54.73 -14.07
CA PHE A 218 5.99 53.57 -14.93
C PHE A 218 4.82 53.21 -15.87
N TYR A 219 3.60 53.06 -15.34
CA TYR A 219 2.43 52.50 -16.07
C TYR A 219 1.79 53.53 -17.02
N ALA A 220 1.95 54.83 -16.76
CA ALA A 220 1.38 55.91 -17.60
C ALA A 220 2.00 55.88 -19.00
N SER A 221 1.19 55.95 -20.05
CA SER A 221 1.61 56.04 -21.47
C SER A 221 1.82 57.51 -21.86
N VAL A 222 1.12 58.45 -21.22
CA VAL A 222 1.34 59.92 -21.36
C VAL A 222 1.35 60.55 -19.95
N ARG A 223 2.25 61.50 -19.72
CA ARG A 223 2.27 62.37 -18.51
C ARG A 223 2.36 63.84 -18.95
N LEU A 224 1.40 64.66 -18.54
CA LEU A 224 1.29 66.10 -18.91
C LEU A 224 1.53 66.96 -17.66
N ASP A 225 2.40 67.97 -17.78
CA ASP A 225 2.66 69.02 -16.76
C ASP A 225 1.98 70.30 -17.26
N ILE A 226 0.92 70.75 -16.57
CA ILE A 226 0.12 71.96 -16.93
C ILE A 226 0.44 73.09 -15.93
N ARG A 227 0.66 74.29 -16.45
CA ARG A 227 1.04 75.49 -15.65
C ARG A 227 0.38 76.74 -16.24
N ARG A 228 -0.14 77.62 -15.38
CA ARG A 228 -0.65 78.96 -15.76
C ARG A 228 0.56 79.91 -15.76
N ILE A 229 0.82 80.57 -16.89
CA ILE A 229 2.07 81.37 -17.15
C ILE A 229 1.74 82.87 -17.23
N GLY A 230 0.47 83.26 -17.11
CA GLY A 230 0.06 84.67 -17.19
C GLY A 230 -1.45 84.83 -17.27
N ALA A 231 -1.92 86.08 -17.28
CA ALA A 231 -3.36 86.46 -17.28
C ALA A 231 -3.75 86.94 -18.69
N VAL A 232 -4.90 86.45 -19.19
CA VAL A 232 -5.60 87.00 -20.39
C VAL A 232 -6.51 88.12 -19.89
N LYS A 233 -6.24 89.37 -20.30
CA LYS A 233 -6.93 90.59 -19.80
C LYS A 233 -7.68 91.29 -20.93
N GLU A 234 -8.79 91.94 -20.59
CA GLU A 234 -9.58 92.85 -21.47
C GLU A 234 -9.34 94.29 -20.98
N GLY A 235 -8.07 94.71 -20.96
CA GLY A 235 -7.61 96.00 -20.41
C GLY A 235 -7.37 95.90 -18.91
N GLU A 236 -8.43 95.61 -18.16
CA GLU A 236 -8.48 95.64 -16.67
C GLU A 236 -9.08 94.32 -16.14
N ASN A 237 -10.21 93.88 -16.71
CA ASN A 237 -10.90 92.59 -16.41
C ASN A 237 -9.98 91.41 -16.78
N VAL A 238 -9.66 90.56 -15.79
CA VAL A 238 -8.98 89.23 -15.99
C VAL A 238 -10.06 88.26 -16.51
N VAL A 239 -10.04 87.97 -17.82
CA VAL A 239 -11.09 87.16 -18.51
C VAL A 239 -10.65 85.68 -18.59
N GLY A 240 -9.36 85.38 -18.43
CA GLY A 240 -8.84 84.00 -18.53
C GLY A 240 -7.39 83.86 -18.09
N SER A 241 -6.83 82.66 -18.31
CA SER A 241 -5.44 82.27 -17.96
C SER A 241 -4.68 81.86 -19.23
N GLU A 242 -3.47 82.40 -19.42
CA GLU A 242 -2.47 81.87 -20.40
C GLU A 242 -1.86 80.61 -19.80
N THR A 243 -1.97 79.48 -20.51
CA THR A 243 -1.65 78.11 -20.02
C THR A 243 -0.56 77.48 -20.90
N ARG A 244 0.41 76.79 -20.29
CA ARG A 244 1.45 75.98 -20.97
C ARG A 244 1.35 74.52 -20.51
N VAL A 245 1.30 73.58 -21.46
CA VAL A 245 1.33 72.11 -21.22
C VAL A 245 2.63 71.55 -21.80
N LYS A 246 3.48 70.93 -20.96
CA LYS A 246 4.67 70.14 -21.38
C LYS A 246 4.29 68.65 -21.40
N VAL A 247 4.64 67.94 -22.48
CA VAL A 247 4.56 66.45 -22.55
C VAL A 247 5.86 65.90 -21.94
N VAL A 248 5.78 65.44 -20.68
CA VAL A 248 6.95 65.01 -19.85
C VAL A 248 7.28 63.55 -20.15
N LYS A 249 6.28 62.72 -20.45
CA LYS A 249 6.45 61.30 -20.87
C LYS A 249 5.50 61.02 -22.05
N ASN A 250 5.94 60.25 -23.03
CA ASN A 250 5.15 59.86 -24.22
C ASN A 250 5.66 58.51 -24.72
N LYS A 251 4.76 57.54 -24.89
CA LYS A 251 5.05 56.15 -25.33
C LYS A 251 4.49 55.89 -26.74
N ILE A 252 3.77 56.85 -27.33
CA ILE A 252 3.08 56.69 -28.65
C ILE A 252 3.62 57.69 -29.68
N ALA A 253 4.59 58.53 -29.31
CA ALA A 253 5.26 59.54 -30.15
C ALA A 253 6.40 60.20 -29.36
N ALA A 254 7.15 61.11 -29.98
CA ALA A 254 8.33 61.78 -29.38
C ALA A 254 7.90 62.69 -28.25
N PRO A 255 8.53 62.63 -27.05
CA PRO A 255 8.18 63.52 -25.94
C PRO A 255 8.86 64.90 -25.98
N PHE A 256 8.64 65.69 -24.93
CA PHE A 256 9.29 66.98 -24.59
C PHE A 256 8.88 68.11 -25.55
N LYS A 257 7.75 67.94 -26.27
CA LYS A 257 7.07 69.03 -27.01
C LYS A 257 6.12 69.74 -26.03
N GLN A 258 5.81 71.01 -26.31
CA GLN A 258 4.95 71.86 -25.45
C GLN A 258 3.87 72.54 -26.30
N ALA A 259 2.78 72.94 -25.64
CA ALA A 259 1.60 73.60 -26.26
C ALA A 259 1.18 74.79 -25.38
N GLU A 260 0.82 75.91 -26.01
CA GLU A 260 0.36 77.15 -25.33
C GLU A 260 -1.04 77.50 -25.85
N PHE A 261 -1.98 77.80 -24.94
CA PHE A 261 -3.38 78.19 -25.26
C PHE A 261 -3.96 79.03 -24.11
N GLN A 262 -5.14 79.59 -24.34
CA GLN A 262 -5.92 80.41 -23.37
C GLN A 262 -7.08 79.58 -22.81
N ILE A 263 -7.23 79.53 -21.48
CA ILE A 263 -8.46 79.07 -20.78
C ILE A 263 -9.26 80.31 -20.38
N LEU A 264 -10.36 80.58 -21.08
CA LEU A 264 -11.33 81.67 -20.76
C LEU A 264 -12.39 81.13 -19.79
N TYR A 265 -12.65 81.86 -18.70
CA TYR A 265 -13.53 81.43 -17.58
C TYR A 265 -14.98 81.40 -18.06
N GLY A 266 -15.60 80.20 -18.08
CA GLY A 266 -17.00 79.99 -18.49
C GLY A 266 -17.11 79.33 -19.85
N GLU A 267 -16.21 79.63 -20.78
CA GLU A 267 -16.14 79.03 -22.14
C GLU A 267 -15.23 77.80 -22.12
N GLY A 268 -14.06 77.91 -21.48
CA GLY A 268 -13.01 76.88 -21.44
C GLY A 268 -11.86 77.23 -22.37
N ILE A 269 -11.48 76.31 -23.25
CA ILE A 269 -10.33 76.46 -24.19
C ILE A 269 -10.77 77.31 -25.39
N ASN A 270 -10.00 78.36 -25.72
CA ASN A 270 -10.21 79.25 -26.87
C ASN A 270 -9.67 78.56 -28.13
N PHE A 271 -10.52 77.83 -28.86
CA PHE A 271 -10.15 77.00 -30.03
C PHE A 271 -9.69 77.89 -31.19
N TYR A 272 -10.43 78.96 -31.48
CA TYR A 272 -10.17 79.91 -32.60
C TYR A 272 -8.86 80.67 -32.33
N GLY A 273 -8.55 80.97 -31.06
CA GLY A 273 -7.29 81.58 -30.61
C GLY A 273 -6.07 80.73 -30.97
N GLU A 274 -6.18 79.39 -30.84
CA GLU A 274 -5.13 78.42 -31.26
C GLU A 274 -5.02 78.42 -32.79
N LEU A 275 -6.17 78.47 -33.48
CA LEU A 275 -6.29 78.38 -34.96
C LEU A 275 -5.64 79.59 -35.63
N VAL A 276 -5.68 80.77 -35.00
CA VAL A 276 -4.95 82.00 -35.41
C VAL A 276 -3.45 81.71 -35.35
N ASP A 277 -2.95 81.36 -34.16
CA ASP A 277 -1.50 81.19 -33.84
C ASP A 277 -0.87 80.11 -34.73
N LEU A 278 -1.61 79.04 -35.05
CA LEU A 278 -1.14 77.90 -35.90
C LEU A 278 -1.22 78.28 -37.39
N GLY A 279 -2.22 79.06 -37.79
CA GLY A 279 -2.31 79.66 -39.14
C GLY A 279 -1.14 80.59 -39.43
N VAL A 280 -0.72 81.37 -38.42
CA VAL A 280 0.46 82.31 -38.48
C VAL A 280 1.75 81.50 -38.57
N LYS A 281 1.88 80.44 -37.76
CA LYS A 281 3.10 79.59 -37.64
C LYS A 281 3.35 78.83 -38.95
N GLU A 282 2.29 78.39 -39.64
CA GLU A 282 2.35 77.60 -40.91
C GLU A 282 2.30 78.53 -42.14
N LYS A 283 2.35 79.85 -41.95
CA LYS A 283 2.44 80.88 -43.02
C LYS A 283 1.18 80.87 -43.92
N LEU A 284 0.05 80.38 -43.40
CA LEU A 284 -1.26 80.45 -44.07
C LEU A 284 -1.90 81.81 -43.77
N ILE A 285 -1.56 82.41 -42.62
CA ILE A 285 -1.98 83.78 -42.20
C ILE A 285 -0.72 84.67 -42.11
N GLU A 286 -0.76 85.84 -42.75
CA GLU A 286 0.33 86.86 -42.74
C GLU A 286 0.15 87.77 -41.52
N LYS A 287 1.19 87.88 -40.68
CA LYS A 287 1.21 88.78 -39.49
C LYS A 287 2.13 89.96 -39.80
N ALA A 288 1.56 91.06 -40.33
CA ALA A 288 2.26 92.32 -40.68
C ALA A 288 2.29 93.25 -39.46
N GLY A 289 3.18 92.96 -38.50
CA GLY A 289 3.27 93.67 -37.22
C GLY A 289 2.24 93.18 -36.21
N ALA A 290 1.18 93.97 -35.98
CA ALA A 290 0.00 93.62 -35.16
C ALA A 290 -1.21 93.34 -36.05
N TRP A 291 -1.05 93.38 -37.38
CA TRP A 291 -2.12 93.17 -38.39
C TRP A 291 -2.10 91.72 -38.87
N TYR A 292 -3.20 90.99 -38.68
CA TYR A 292 -3.43 89.62 -39.20
C TYR A 292 -4.16 89.74 -40.55
N SER A 293 -3.61 89.11 -41.59
CA SER A 293 -4.16 89.09 -42.97
C SER A 293 -4.13 87.65 -43.50
N TYR A 294 -5.28 87.14 -43.96
CA TYR A 294 -5.43 85.79 -44.58
C TYR A 294 -5.63 85.96 -46.09
N LYS A 295 -4.67 85.48 -46.89
CA LYS A 295 -4.77 85.38 -48.38
C LYS A 295 -4.74 86.77 -49.03
N GLY A 296 -4.27 87.79 -48.31
CA GLY A 296 -4.36 89.22 -48.71
C GLY A 296 -5.48 89.94 -47.98
N GLU A 297 -6.62 89.28 -47.75
CA GLU A 297 -7.74 89.76 -46.90
C GLU A 297 -7.20 90.13 -45.51
N LYS A 298 -7.25 91.42 -45.15
CA LYS A 298 -6.90 91.91 -43.78
C LYS A 298 -8.04 91.55 -42.83
N ILE A 299 -7.85 90.51 -42.01
CA ILE A 299 -8.92 89.86 -41.18
C ILE A 299 -9.11 90.67 -39.88
N GLY A 300 -8.04 91.25 -39.33
CA GLY A 300 -8.10 92.02 -38.07
C GLY A 300 -6.76 92.61 -37.67
N GLN A 301 -6.78 93.37 -36.56
CA GLN A 301 -5.59 94.00 -35.92
C GLN A 301 -5.64 93.69 -34.41
N GLY A 302 -4.73 92.81 -33.94
CA GLY A 302 -4.80 92.16 -32.61
C GLY A 302 -5.53 90.83 -32.71
N LYS A 303 -5.10 89.83 -31.93
CA LYS A 303 -5.50 88.40 -32.12
C LYS A 303 -6.93 88.17 -31.61
N ALA A 304 -7.46 89.05 -30.75
CA ALA A 304 -8.82 88.95 -30.15
C ALA A 304 -9.90 89.19 -31.22
N ASN A 305 -9.72 90.18 -32.10
CA ASN A 305 -10.68 90.51 -33.20
C ASN A 305 -10.41 89.63 -34.42
N ALA A 306 -9.17 89.13 -34.60
CA ALA A 306 -8.81 88.11 -35.61
C ALA A 306 -9.47 86.77 -35.25
N THR A 307 -9.57 86.47 -33.95
CA THR A 307 -10.31 85.31 -33.38
C THR A 307 -11.81 85.50 -33.65
N ALA A 308 -12.34 86.71 -33.41
CA ALA A 308 -13.76 87.09 -33.64
C ALA A 308 -14.12 87.00 -35.12
N TRP A 309 -13.16 87.27 -36.03
CA TRP A 309 -13.34 87.18 -37.50
C TRP A 309 -13.45 85.69 -37.92
N LEU A 310 -12.52 84.85 -37.46
CA LEU A 310 -12.50 83.38 -37.74
C LEU A 310 -13.81 82.73 -37.28
N LYS A 311 -14.36 83.20 -36.14
CA LYS A 311 -15.62 82.68 -35.56
C LYS A 311 -16.81 83.11 -36.43
N ASP A 312 -16.72 84.31 -37.02
CA ASP A 312 -17.73 84.93 -37.92
C ASP A 312 -17.67 84.29 -39.31
N ASN A 313 -16.54 83.62 -39.66
CA ASN A 313 -16.31 82.95 -40.97
C ASN A 313 -16.04 81.45 -40.72
N PRO A 314 -17.09 80.60 -40.54
CA PRO A 314 -16.91 79.19 -40.22
C PRO A 314 -16.20 78.36 -41.32
N GLU A 315 -16.53 78.63 -42.59
CA GLU A 315 -15.95 77.95 -43.79
C GLU A 315 -14.43 78.17 -43.83
N THR A 316 -14.02 79.43 -43.69
CA THR A 316 -12.59 79.88 -43.72
C THR A 316 -11.82 79.24 -42.56
N ALA A 317 -12.41 79.20 -41.37
CA ALA A 317 -11.84 78.57 -40.15
C ALA A 317 -11.66 77.06 -40.37
N LYS A 318 -12.69 76.40 -40.91
CA LYS A 318 -12.68 74.94 -41.23
C LYS A 318 -11.60 74.63 -42.27
N GLU A 319 -11.43 75.53 -43.26
CA GLU A 319 -10.44 75.40 -44.35
C GLU A 319 -9.01 75.46 -43.76
N ILE A 320 -8.77 76.42 -42.85
CA ILE A 320 -7.44 76.60 -42.16
C ILE A 320 -7.22 75.40 -41.22
N GLU A 321 -8.27 74.96 -40.50
CA GLU A 321 -8.20 73.82 -39.56
C GLU A 321 -7.68 72.58 -40.30
N LYS A 322 -8.38 72.13 -41.34
CA LYS A 322 -8.03 70.89 -42.10
C LYS A 322 -6.64 71.02 -42.72
N LYS A 323 -6.22 72.23 -43.13
CA LYS A 323 -4.87 72.51 -43.69
C LYS A 323 -3.80 72.25 -42.61
N VAL A 324 -3.96 72.85 -41.43
CA VAL A 324 -3.07 72.69 -40.25
C VAL A 324 -3.05 71.21 -39.83
N ARG A 325 -4.21 70.54 -39.89
CA ARG A 325 -4.37 69.10 -39.54
C ARG A 325 -3.53 68.23 -40.49
N GLU A 326 -3.73 68.37 -41.81
CA GLU A 326 -2.98 67.63 -42.86
C GLU A 326 -1.48 67.88 -42.70
N LEU A 327 -1.08 69.14 -42.48
CA LEU A 327 0.34 69.59 -42.47
C LEU A 327 1.09 68.98 -41.27
N LEU A 328 0.53 69.10 -40.06
CA LEU A 328 1.29 68.92 -38.79
C LEU A 328 0.98 67.59 -38.10
N LEU A 329 -0.25 67.07 -38.16
CA LEU A 329 -0.63 65.81 -37.47
C LEU A 329 0.11 64.63 -38.13
N SER A 330 1.06 64.03 -37.40
CA SER A 330 2.03 63.03 -37.90
C SER A 330 1.33 61.71 -38.27
N ASN A 331 0.31 61.31 -37.49
CA ASN A 331 -0.43 60.02 -37.63
C ASN A 331 -1.89 60.31 -38.00
N PRO A 332 -2.25 60.27 -39.31
CA PRO A 332 -3.66 60.33 -39.73
C PRO A 332 -4.54 59.22 -39.15
N ASN A 333 -5.84 59.49 -39.04
CA ASN A 333 -6.86 58.59 -38.42
C ASN A 333 -7.39 57.62 -39.49
N SER A 334 -8.35 56.77 -39.13
CA SER A 334 -9.00 55.75 -40.01
C SER A 334 -9.80 56.44 -41.11
N ALA B 2 47.86 -0.37 -8.43
CA ALA B 2 47.30 -1.56 -7.71
C ALA B 2 45.98 -1.20 -7.01
N ILE B 3 46.00 -0.18 -6.15
CA ILE B 3 44.80 0.31 -5.38
C ILE B 3 44.07 1.39 -6.19
N ASP B 4 44.78 2.19 -6.98
CA ASP B 4 44.19 3.28 -7.83
C ASP B 4 43.58 2.68 -9.10
N GLU B 5 43.82 1.39 -9.38
CA GLU B 5 43.30 0.65 -10.55
C GLU B 5 41.91 0.08 -10.26
N ASN B 6 41.66 -0.35 -9.02
CA ASN B 6 40.31 -0.78 -8.53
C ASN B 6 39.36 0.43 -8.50
N LYS B 7 39.88 1.62 -8.16
CA LYS B 7 39.12 2.90 -8.13
C LYS B 7 38.61 3.24 -9.55
N GLN B 8 39.49 3.18 -10.55
CA GLN B 8 39.17 3.46 -11.99
C GLN B 8 38.00 2.60 -12.47
N LYS B 9 38.00 1.32 -12.04
CA LYS B 9 37.00 0.28 -12.39
C LYS B 9 35.66 0.58 -11.71
N ALA B 10 35.70 0.88 -10.41
CA ALA B 10 34.55 1.27 -9.56
C ALA B 10 33.89 2.54 -10.12
N LEU B 11 34.70 3.52 -10.53
CA LEU B 11 34.23 4.79 -11.15
C LEU B 11 33.53 4.51 -12.47
N ALA B 12 34.18 3.72 -13.35
CA ALA B 12 33.68 3.34 -14.70
C ALA B 12 32.31 2.65 -14.58
N ALA B 13 32.16 1.75 -13.61
CA ALA B 13 30.91 1.02 -13.30
C ALA B 13 29.80 1.99 -12.89
N ALA B 14 30.10 2.88 -11.94
CA ALA B 14 29.17 3.90 -11.39
C ALA B 14 28.69 4.84 -12.51
N LEU B 15 29.62 5.32 -13.35
CA LEU B 15 29.31 6.17 -14.53
C LEU B 15 28.40 5.41 -15.50
N GLY B 16 28.69 4.13 -15.75
CA GLY B 16 27.86 3.23 -16.57
C GLY B 16 26.44 3.11 -16.04
N GLN B 17 26.31 2.87 -14.73
CA GLN B 17 25.00 2.72 -14.03
C GLN B 17 24.21 4.04 -14.11
N ILE B 18 24.85 5.18 -13.88
CA ILE B 18 24.19 6.53 -13.91
C ILE B 18 23.67 6.78 -15.33
N GLU B 19 24.52 6.58 -16.35
CA GLU B 19 24.21 6.85 -17.78
C GLU B 19 23.09 5.91 -18.27
N LYS B 20 23.06 4.68 -17.76
CA LYS B 20 22.00 3.69 -18.05
C LYS B 20 20.67 4.15 -17.43
N GLN B 21 20.69 4.64 -16.18
CA GLN B 21 19.47 5.00 -15.40
C GLN B 21 18.85 6.31 -15.89
N PHE B 22 19.66 7.31 -16.26
CA PHE B 22 19.19 8.70 -16.52
C PHE B 22 19.41 9.15 -17.97
N GLY B 23 20.24 8.46 -18.76
CA GLY B 23 20.46 8.78 -20.18
C GLY B 23 21.92 9.07 -20.49
N LYS B 24 22.22 9.37 -21.76
CA LYS B 24 23.58 9.34 -22.36
C LYS B 24 24.45 10.42 -21.70
N GLY B 25 24.11 11.70 -21.85
CA GLY B 25 24.96 12.82 -21.38
C GLY B 25 24.64 13.26 -19.96
N SER B 26 24.16 12.36 -19.09
CA SER B 26 23.69 12.68 -17.72
C SER B 26 24.87 13.02 -16.81
N ILE B 27 26.02 12.37 -17.03
CA ILE B 27 27.31 12.70 -16.36
C ILE B 27 28.46 12.55 -17.36
N MET B 28 29.33 13.55 -17.45
CA MET B 28 30.52 13.59 -18.35
C MET B 28 31.64 14.39 -17.69
N ARG B 29 32.84 14.31 -18.26
CA ARG B 29 33.97 15.19 -17.92
C ARG B 29 33.72 16.58 -18.53
N LEU B 30 33.95 17.63 -17.75
CA LEU B 30 33.57 19.04 -18.05
C LEU B 30 34.20 19.48 -19.38
N GLY B 31 35.47 19.10 -19.61
CA GLY B 31 36.27 19.46 -20.79
C GLY B 31 35.74 18.90 -22.09
N GLU B 32 35.02 17.77 -22.06
CA GLU B 32 34.49 17.10 -23.27
C GLU B 32 32.97 17.35 -23.43
N ASP B 33 32.41 18.33 -22.71
CA ASP B 33 30.98 18.74 -22.78
C ASP B 33 30.88 20.06 -23.54
N ARG B 34 30.48 20.01 -24.82
CA ARG B 34 30.35 21.18 -25.74
C ARG B 34 29.09 21.99 -25.42
N SER B 35 28.05 21.37 -24.86
CA SER B 35 26.77 22.05 -24.46
C SER B 35 27.05 23.13 -23.40
N MET B 36 28.14 22.98 -22.64
CA MET B 36 28.54 23.86 -21.51
C MET B 36 29.30 25.11 -22.00
N ASP B 37 29.66 25.20 -23.28
CA ASP B 37 30.37 26.38 -23.86
C ASP B 37 29.42 27.57 -23.96
N VAL B 38 29.91 28.77 -23.66
CA VAL B 38 29.13 30.04 -23.65
C VAL B 38 29.11 30.65 -25.07
N GLU B 39 27.91 30.80 -25.63
CA GLU B 39 27.60 31.42 -26.94
C GLU B 39 26.83 32.72 -26.69
N THR B 40 27.20 33.82 -27.35
CA THR B 40 26.63 35.18 -27.13
C THR B 40 25.97 35.74 -28.42
N ILE B 41 25.00 36.64 -28.26
CA ILE B 41 24.39 37.45 -29.35
C ILE B 41 24.54 38.94 -29.03
N SER B 42 24.51 39.78 -30.06
CA SER B 42 24.73 41.25 -29.98
C SER B 42 23.57 41.93 -29.23
N THR B 43 23.86 43.05 -28.57
CA THR B 43 22.88 43.92 -27.87
C THR B 43 22.40 45.06 -28.78
N GLY B 44 23.04 45.25 -29.95
CA GLY B 44 22.79 46.38 -30.86
C GLY B 44 23.64 47.61 -30.53
N SER B 45 24.33 47.60 -29.37
CA SER B 45 25.30 48.63 -28.92
C SER B 45 26.70 48.02 -28.86
N LEU B 46 27.68 48.65 -29.52
CA LEU B 46 29.08 48.15 -29.57
C LEU B 46 29.76 48.37 -28.20
N SER B 47 29.52 49.51 -27.55
CA SER B 47 30.10 49.86 -26.23
C SER B 47 29.59 48.91 -25.13
N LEU B 48 28.33 48.45 -25.21
CA LEU B 48 27.74 47.51 -24.23
C LEU B 48 28.28 46.10 -24.48
N ASP B 49 28.46 45.70 -25.75
CA ASP B 49 29.08 44.41 -26.14
C ASP B 49 30.51 44.31 -25.58
N ILE B 50 31.22 45.43 -25.48
CA ILE B 50 32.60 45.50 -24.86
C ILE B 50 32.48 45.43 -23.34
N ALA B 51 31.55 46.19 -22.74
CA ALA B 51 31.32 46.25 -21.27
C ALA B 51 30.97 44.86 -20.72
N LEU B 52 30.28 44.03 -21.49
CA LEU B 52 29.87 42.65 -21.08
C LEU B 52 31.07 41.69 -21.13
N GLY B 53 32.11 41.98 -21.91
CA GLY B 53 33.40 41.26 -21.86
C GLY B 53 33.46 40.07 -22.80
N ALA B 54 32.35 39.34 -23.00
CA ALA B 54 32.25 38.15 -23.89
C ALA B 54 31.58 38.50 -25.22
N GLY B 55 31.34 39.79 -25.50
CA GLY B 55 30.87 40.27 -26.81
C GLY B 55 29.36 40.27 -26.97
N GLY B 56 28.60 40.08 -25.88
CA GLY B 56 27.12 40.13 -25.94
C GLY B 56 26.45 39.37 -24.81
N LEU B 57 25.15 39.12 -24.95
CA LEU B 57 24.32 38.42 -23.93
C LEU B 57 24.36 36.91 -24.18
N PRO B 58 24.48 36.09 -23.12
CA PRO B 58 24.65 34.65 -23.25
C PRO B 58 23.36 33.85 -23.53
N MET B 59 23.35 33.05 -24.59
CA MET B 59 22.22 32.14 -24.92
C MET B 59 22.12 31.05 -23.84
N GLY B 60 20.91 30.56 -23.57
CA GLY B 60 20.63 29.49 -22.59
C GLY B 60 20.48 30.00 -21.15
N ARG B 61 20.62 31.29 -20.91
CA ARG B 61 20.66 31.92 -19.56
C ARG B 61 19.50 32.90 -19.37
N ILE B 62 19.34 33.38 -18.15
CA ILE B 62 18.40 34.45 -17.71
C ILE B 62 19.16 35.77 -17.57
N VAL B 63 18.59 36.86 -18.06
CA VAL B 63 19.13 38.26 -17.97
C VAL B 63 18.05 39.17 -17.36
N GLU B 64 18.46 40.13 -16.53
CA GLU B 64 17.58 41.15 -15.92
C GLU B 64 18.06 42.54 -16.36
N ILE B 65 17.14 43.35 -16.91
CA ILE B 65 17.39 44.80 -17.23
C ILE B 65 16.42 45.62 -16.37
N TYR B 66 16.94 46.48 -15.49
CA TYR B 66 16.12 47.34 -14.61
C TYR B 66 16.56 48.79 -14.70
N GLY B 67 15.70 49.69 -14.23
CA GLY B 67 15.99 51.14 -14.28
C GLY B 67 14.76 52.00 -14.00
N PRO B 68 14.96 53.33 -13.85
CA PRO B 68 13.86 54.26 -13.63
C PRO B 68 12.97 54.40 -14.87
N GLU B 69 11.89 55.16 -14.71
CA GLU B 69 10.90 55.45 -15.78
C GLU B 69 11.60 56.13 -16.97
N SER B 70 11.25 55.71 -18.20
CA SER B 70 11.71 56.29 -19.49
C SER B 70 13.24 56.30 -19.61
N SER B 71 13.91 55.24 -19.16
CA SER B 71 15.38 55.07 -19.18
C SER B 71 15.84 54.32 -20.45
N GLY B 72 14.94 53.67 -21.18
CA GLY B 72 15.21 53.00 -22.47
C GLY B 72 15.19 51.49 -22.40
N LYS B 73 14.55 50.90 -21.38
CA LYS B 73 14.54 49.43 -21.12
C LYS B 73 13.90 48.69 -22.29
N THR B 74 12.68 49.06 -22.69
CA THR B 74 11.95 48.45 -23.84
C THR B 74 12.75 48.63 -25.13
N THR B 75 13.23 49.85 -25.41
CA THR B 75 14.04 50.18 -26.61
C THR B 75 15.26 49.26 -26.69
N LEU B 76 15.99 49.03 -25.58
CA LEU B 76 17.19 48.16 -25.57
C LEU B 76 16.80 46.73 -25.96
N THR B 77 15.69 46.18 -25.42
CA THR B 77 15.24 44.80 -25.71
C THR B 77 14.79 44.65 -27.17
N LEU B 78 14.17 45.67 -27.76
CA LEU B 78 13.72 45.62 -29.18
C LEU B 78 14.95 45.63 -30.11
N GLN B 79 16.03 46.32 -29.72
CA GLN B 79 17.31 46.34 -30.48
C GLN B 79 17.99 44.97 -30.43
N VAL B 80 17.90 44.25 -29.30
CA VAL B 80 18.40 42.85 -29.17
C VAL B 80 17.63 41.94 -30.14
N ILE B 81 16.30 42.03 -30.13
CA ILE B 81 15.39 41.24 -31.00
C ILE B 81 15.70 41.52 -32.48
N ALA B 82 15.85 42.78 -32.87
CA ALA B 82 16.14 43.19 -34.26
C ALA B 82 17.47 42.58 -34.72
N ALA B 83 18.52 42.68 -33.90
CA ALA B 83 19.87 42.11 -34.17
C ALA B 83 19.79 40.59 -34.32
N ALA B 84 18.95 39.92 -33.51
CA ALA B 84 18.80 38.44 -33.51
C ALA B 84 18.00 37.98 -34.75
N GLN B 85 16.95 38.71 -35.13
CA GLN B 85 16.09 38.40 -36.31
C GLN B 85 16.92 38.46 -37.59
N ARG B 86 17.87 39.41 -37.67
CA ARG B 86 18.79 39.57 -38.83
C ARG B 86 19.75 38.38 -38.99
N GLU B 87 19.93 37.56 -37.93
CA GLU B 87 20.71 36.29 -37.96
C GLU B 87 19.77 35.07 -38.09
N GLY B 88 18.51 35.28 -38.48
CA GLY B 88 17.53 34.21 -38.73
C GLY B 88 17.08 33.48 -37.46
N LYS B 89 17.12 34.15 -36.29
CA LYS B 89 16.61 33.59 -35.01
C LYS B 89 15.14 34.01 -34.83
N THR B 90 14.33 33.14 -34.22
CA THR B 90 12.90 33.39 -33.87
C THR B 90 12.83 34.05 -32.49
N CYS B 91 11.95 35.05 -32.32
CA CYS B 91 11.84 35.88 -31.10
C CYS B 91 10.38 36.05 -30.67
N ALA B 92 10.14 36.09 -29.35
CA ALA B 92 8.80 36.30 -28.73
C ALA B 92 8.86 37.48 -27.77
N PHE B 93 7.72 38.13 -27.53
CA PHE B 93 7.57 39.31 -26.66
C PHE B 93 6.31 39.16 -25.79
N ILE B 94 6.49 38.98 -24.49
CA ILE B 94 5.36 38.87 -23.50
C ILE B 94 5.12 40.27 -22.90
N ASP B 95 4.08 40.96 -23.36
CA ASP B 95 3.76 42.36 -22.99
C ASP B 95 2.75 42.37 -21.83
N ALA B 96 3.24 42.13 -20.61
CA ALA B 96 2.46 42.14 -19.35
C ALA B 96 2.05 43.57 -18.98
N GLU B 97 2.80 44.59 -19.41
CA GLU B 97 2.50 46.03 -19.18
C GLU B 97 1.32 46.49 -20.05
N HIS B 98 1.06 45.81 -21.18
CA HIS B 98 0.02 46.18 -22.18
C HIS B 98 0.32 47.58 -22.73
N ALA B 99 1.55 47.82 -23.21
CA ALA B 99 2.02 49.16 -23.64
C ALA B 99 3.02 49.10 -24.80
N LEU B 100 3.05 48.03 -25.60
CA LEU B 100 3.92 47.95 -26.80
C LEU B 100 3.24 48.65 -27.99
N ASP B 101 3.99 49.49 -28.70
CA ASP B 101 3.57 50.16 -29.97
C ASP B 101 4.27 49.46 -31.14
N PRO B 102 3.53 48.72 -32.01
CA PRO B 102 4.16 47.96 -33.10
C PRO B 102 4.73 48.81 -34.25
N ILE B 103 4.26 50.05 -34.45
CA ILE B 103 4.86 51.00 -35.44
C ILE B 103 6.28 51.38 -34.99
N TYR B 104 6.46 51.70 -33.71
CA TYR B 104 7.78 52.10 -33.12
C TYR B 104 8.75 50.92 -33.22
N ALA B 105 8.29 49.70 -32.89
CA ALA B 105 9.06 48.45 -33.02
C ALA B 105 9.58 48.30 -34.46
N ARG B 106 8.75 48.61 -35.47
CA ARG B 106 9.11 48.51 -36.90
C ARG B 106 10.21 49.52 -37.24
N LYS B 107 10.11 50.74 -36.73
CA LYS B 107 11.11 51.82 -36.95
C LYS B 107 12.48 51.45 -36.36
N LEU B 108 12.53 50.67 -35.28
CA LEU B 108 13.80 50.25 -34.60
C LEU B 108 14.46 49.10 -35.36
N GLY B 109 13.74 48.45 -36.29
CA GLY B 109 14.28 47.42 -37.20
C GLY B 109 13.77 46.03 -36.91
N VAL B 110 12.67 45.90 -36.15
CA VAL B 110 12.05 44.57 -35.82
C VAL B 110 11.16 44.17 -37.01
N ASP B 111 11.23 42.90 -37.40
CA ASP B 111 10.25 42.24 -38.32
C ASP B 111 8.98 41.94 -37.52
N ILE B 112 8.00 42.84 -37.62
CA ILE B 112 6.68 42.80 -36.91
C ILE B 112 5.93 41.53 -37.30
N ASP B 113 6.04 41.09 -38.56
CA ASP B 113 5.27 39.96 -39.14
C ASP B 113 5.71 38.61 -38.56
N ASN B 114 6.96 38.50 -38.08
CA ASN B 114 7.55 37.22 -37.57
C ASN B 114 7.68 37.23 -36.04
N LEU B 115 7.59 38.39 -35.38
CA LEU B 115 7.70 38.51 -33.90
C LEU B 115 6.43 37.93 -33.26
N LEU B 116 6.56 36.87 -32.45
CA LEU B 116 5.45 36.33 -31.63
C LEU B 116 5.19 37.31 -30.48
N CYS B 117 3.92 37.55 -30.16
CA CYS B 117 3.50 38.50 -29.11
C CYS B 117 2.32 37.93 -28.33
N SER B 118 2.33 38.12 -27.01
CA SER B 118 1.25 37.71 -26.08
C SER B 118 1.01 38.84 -25.08
N GLN B 119 -0.25 39.12 -24.76
CA GLN B 119 -0.70 40.05 -23.70
C GLN B 119 -1.49 39.25 -22.67
N PRO B 120 -0.80 38.57 -21.72
CA PRO B 120 -1.45 37.60 -20.84
C PRO B 120 -2.24 38.29 -19.71
N ASP B 121 -3.22 37.58 -19.16
CA ASP B 121 -4.16 38.12 -18.14
C ASP B 121 -3.52 38.06 -16.75
N THR B 122 -2.79 36.97 -16.46
CA THR B 122 -2.16 36.71 -15.14
C THR B 122 -0.65 36.49 -15.30
N GLY B 123 0.09 36.64 -14.21
CA GLY B 123 1.52 36.30 -14.11
C GLY B 123 1.77 34.82 -14.35
N GLU B 124 0.89 33.94 -13.84
CA GLU B 124 0.99 32.47 -14.02
C GLU B 124 0.87 32.13 -15.51
N GLN B 125 -0.06 32.76 -16.23
CA GLN B 125 -0.26 32.53 -17.68
C GLN B 125 1.01 32.96 -18.44
N ALA B 126 1.55 34.14 -18.14
CA ALA B 126 2.78 34.69 -18.74
C ALA B 126 3.95 33.70 -18.58
N LEU B 127 4.14 33.18 -17.37
CA LEU B 127 5.30 32.29 -17.04
C LEU B 127 5.07 30.87 -17.55
N GLU B 128 3.81 30.43 -17.73
CA GLU B 128 3.49 29.13 -18.39
C GLU B 128 3.74 29.22 -19.90
N ILE B 129 3.52 30.38 -20.52
CA ILE B 129 3.81 30.59 -21.97
C ILE B 129 5.33 30.57 -22.19
N CYS B 130 6.12 31.25 -21.35
CA CYS B 130 7.61 31.21 -21.37
C CYS B 130 8.12 29.77 -21.28
N ASP B 131 7.57 28.96 -20.36
CA ASP B 131 7.97 27.54 -20.15
C ASP B 131 7.67 26.71 -21.40
N ALA B 132 6.48 26.86 -21.99
CA ALA B 132 6.03 26.12 -23.20
C ALA B 132 6.91 26.46 -24.41
N LEU B 133 7.21 27.75 -24.63
CA LEU B 133 8.08 28.20 -25.76
C LEU B 133 9.53 27.71 -25.56
N ALA B 134 10.02 27.64 -24.31
CA ALA B 134 11.37 27.13 -23.97
C ALA B 134 11.45 25.62 -24.25
N ARG B 135 10.47 24.83 -23.81
CA ARG B 135 10.42 23.35 -24.05
C ARG B 135 10.31 23.05 -25.56
N SER B 136 9.66 23.92 -26.35
CA SER B 136 9.43 23.72 -27.81
C SER B 136 10.76 23.52 -28.55
N GLY B 137 11.80 24.28 -28.18
CA GLY B 137 13.12 24.26 -28.84
C GLY B 137 13.17 25.13 -30.09
N ALA B 138 12.10 25.89 -30.39
CA ALA B 138 11.89 26.62 -31.66
C ALA B 138 12.04 28.14 -31.51
N VAL B 139 12.22 28.65 -30.28
CA VAL B 139 12.35 30.12 -29.99
C VAL B 139 13.74 30.37 -29.39
N ASP B 140 14.42 31.42 -29.85
CA ASP B 140 15.82 31.76 -29.48
C ASP B 140 15.87 32.88 -28.43
N VAL B 141 14.95 33.84 -28.48
CA VAL B 141 14.93 35.04 -27.57
C VAL B 141 13.49 35.29 -27.11
N ILE B 142 13.25 35.28 -25.79
CA ILE B 142 11.96 35.66 -25.15
C ILE B 142 12.20 36.92 -24.32
N VAL B 143 11.35 37.93 -24.47
CA VAL B 143 11.37 39.17 -23.62
C VAL B 143 10.07 39.23 -22.80
N VAL B 144 10.20 39.48 -21.50
CA VAL B 144 9.05 39.64 -20.55
C VAL B 144 9.06 41.08 -20.04
N ASP B 145 8.15 41.92 -20.55
CA ASP B 145 8.13 43.37 -20.23
C ASP B 145 7.36 43.58 -18.91
N SER B 146 8.17 43.84 -17.87
CA SER B 146 7.87 44.15 -16.45
C SER B 146 7.36 42.90 -15.74
N VAL B 147 8.29 42.33 -14.98
CA VAL B 147 8.09 41.54 -13.73
C VAL B 147 7.06 42.25 -12.84
N ALA B 148 7.09 43.59 -12.76
CA ALA B 148 6.22 44.43 -11.90
C ALA B 148 4.74 44.19 -12.23
N ALA B 149 4.43 43.89 -13.48
CA ALA B 149 3.06 43.69 -14.00
C ALA B 149 2.67 42.21 -14.07
N LEU B 150 3.46 41.29 -13.49
CA LEU B 150 3.11 39.84 -13.43
C LEU B 150 2.24 39.62 -12.19
N THR B 151 0.94 39.82 -12.32
CA THR B 151 -0.05 39.79 -11.20
C THR B 151 -0.49 38.35 -10.98
N PRO B 152 -0.34 37.78 -9.76
CA PRO B 152 -0.90 36.45 -9.46
C PRO B 152 -2.44 36.40 -9.61
N LYS B 153 -2.96 35.23 -9.95
CA LYS B 153 -4.40 34.97 -10.23
C LYS B 153 -5.26 35.37 -9.00
N ALA B 154 -4.81 35.02 -7.80
CA ALA B 154 -5.50 35.31 -6.51
C ALA B 154 -5.64 36.82 -6.28
N GLU B 155 -4.72 37.63 -6.79
CA GLU B 155 -4.71 39.11 -6.62
C GLU B 155 -5.65 39.76 -7.65
N ILE B 156 -5.79 39.17 -8.84
CA ILE B 156 -6.71 39.65 -9.91
C ILE B 156 -8.16 39.34 -9.53
N GLU B 157 -8.42 38.14 -9.00
CA GLU B 157 -9.76 37.69 -8.55
C GLU B 157 -10.18 38.43 -7.27
N GLY B 158 -9.21 38.83 -6.45
CA GLY B 158 -9.44 39.55 -5.17
C GLY B 158 -9.82 41.00 -5.39
N GLU B 159 -9.91 41.78 -4.30
CA GLU B 159 -10.29 43.22 -4.29
C GLU B 159 -9.05 44.07 -3.99
N ILE B 160 -9.10 45.35 -4.37
CA ILE B 160 -8.02 46.35 -4.08
C ILE B 160 -8.04 46.64 -2.58
N GLY B 161 -6.91 46.42 -1.90
CA GLY B 161 -6.75 46.51 -0.44
C GLY B 161 -6.43 45.17 0.19
N ASP B 162 -6.86 44.07 -0.43
CA ASP B 162 -6.60 42.68 0.04
C ASP B 162 -5.08 42.42 0.06
N SER B 163 -4.57 41.91 1.17
CA SER B 163 -3.14 41.55 1.38
C SER B 163 -2.87 40.17 0.76
N HIS B 164 -1.81 40.07 -0.04
CA HIS B 164 -1.26 38.80 -0.61
C HIS B 164 0.23 38.71 -0.25
N MET B 165 0.53 38.12 0.91
CA MET B 165 1.86 38.15 1.56
C MET B 165 2.85 37.32 0.74
N GLY B 166 3.82 37.99 0.10
CA GLY B 166 4.91 37.37 -0.69
C GLY B 166 4.40 36.37 -1.71
N LEU B 167 3.23 36.61 -2.31
CA LEU B 167 2.60 35.68 -3.30
C LEU B 167 3.33 35.83 -4.65
N ALA B 168 3.67 37.05 -5.06
CA ALA B 168 4.40 37.36 -6.31
C ALA B 168 5.83 36.82 -6.22
N ALA B 169 6.52 37.07 -5.09
CA ALA B 169 7.87 36.55 -4.76
C ALA B 169 7.88 35.02 -4.81
N ARG B 170 6.81 34.36 -4.37
CA ARG B 170 6.74 32.87 -4.33
C ARG B 170 6.60 32.32 -5.75
N MET B 171 5.78 32.98 -6.58
CA MET B 171 5.56 32.64 -8.01
C MET B 171 6.88 32.75 -8.78
N MET B 172 7.66 33.82 -8.58
CA MET B 172 8.98 34.04 -9.26
C MET B 172 9.98 32.97 -8.82
N SER B 173 10.05 32.67 -7.53
CA SER B 173 10.94 31.63 -6.94
C SER B 173 10.64 30.27 -7.61
N GLN B 174 9.35 29.94 -7.79
CA GLN B 174 8.91 28.68 -8.45
C GLN B 174 9.23 28.72 -9.94
N ALA B 175 9.02 29.87 -10.62
CA ALA B 175 9.30 30.04 -12.06
C ALA B 175 10.79 29.81 -12.40
N MET B 176 11.73 30.34 -11.58
CA MET B 176 13.19 30.23 -11.83
C MET B 176 13.62 28.76 -11.79
N ARG B 177 13.28 28.06 -10.70
CA ARG B 177 13.44 26.60 -10.51
C ARG B 177 13.01 25.80 -11.75
N LYS B 178 11.81 26.04 -12.27
CA LYS B 178 11.24 25.28 -13.42
C LYS B 178 11.91 25.69 -14.73
N LEU B 179 12.27 26.96 -14.93
CA LEU B 179 12.72 27.50 -16.25
C LEU B 179 14.21 27.24 -16.50
N ALA B 180 15.07 27.45 -15.51
CA ALA B 180 16.54 27.51 -15.68
C ALA B 180 17.04 26.33 -16.51
N GLY B 181 16.63 25.11 -16.15
CA GLY B 181 17.01 23.86 -16.82
C GLY B 181 16.48 23.79 -18.24
N ASN B 182 15.22 24.15 -18.46
CA ASN B 182 14.55 24.10 -19.79
C ASN B 182 15.23 25.09 -20.75
N LEU B 183 15.55 26.30 -20.31
CA LEU B 183 16.23 27.34 -21.14
C LEU B 183 17.61 26.83 -21.58
N LYS B 184 18.35 26.16 -20.71
CA LYS B 184 19.72 25.67 -21.02
C LYS B 184 19.66 24.59 -22.12
N GLN B 185 18.71 23.64 -22.03
CA GLN B 185 18.54 22.51 -22.98
C GLN B 185 18.20 23.02 -24.39
N SER B 186 17.32 24.02 -24.49
CA SER B 186 16.84 24.63 -25.77
C SER B 186 17.81 25.68 -26.31
N ASN B 187 18.75 26.14 -25.49
CA ASN B 187 19.68 27.26 -25.81
C ASN B 187 18.89 28.56 -26.04
N THR B 188 17.84 28.79 -25.25
CA THR B 188 16.95 30.00 -25.33
C THR B 188 17.42 31.08 -24.34
N LEU B 189 17.48 32.34 -24.76
CA LEU B 189 17.80 33.53 -23.91
C LEU B 189 16.50 34.12 -23.37
N LEU B 190 16.34 34.24 -22.05
CA LEU B 190 15.14 34.88 -21.41
C LEU B 190 15.56 36.24 -20.81
N ILE B 191 14.97 37.34 -21.29
CA ILE B 191 15.23 38.71 -20.74
C ILE B 191 14.01 39.16 -19.94
N PHE B 192 14.22 39.45 -18.66
CA PHE B 192 13.22 40.08 -17.75
C PHE B 192 13.48 41.58 -17.67
N ILE B 193 12.48 42.41 -17.92
CA ILE B 193 12.54 43.86 -17.61
C ILE B 193 11.93 44.05 -16.22
N ASN B 194 12.56 44.86 -15.37
CA ASN B 194 12.08 45.13 -13.99
C ASN B 194 12.03 46.65 -13.76
N GLN B 195 11.13 47.09 -12.90
CA GLN B 195 10.97 48.49 -12.47
C GLN B 195 11.66 48.66 -11.10
N ILE B 196 12.03 49.90 -10.77
CA ILE B 196 12.61 50.26 -9.45
C ILE B 196 11.47 50.68 -8.51
N ARG B 197 11.53 50.22 -7.25
CA ARG B 197 10.70 50.69 -6.12
C ARG B 197 11.61 51.15 -4.98
N MET B 198 11.12 52.08 -4.17
CA MET B 198 11.86 52.65 -3.01
C MET B 198 11.52 51.81 -1.78
N LYS B 199 12.53 51.49 -0.96
CA LYS B 199 12.31 50.71 0.29
C LYS B 199 12.34 51.66 1.50
N ILE B 200 11.41 51.45 2.44
CA ILE B 200 11.20 52.26 3.67
C ILE B 200 11.72 51.45 4.87
N GLY B 201 12.23 52.14 5.90
CA GLY B 201 12.91 51.54 7.07
C GLY B 201 14.39 51.35 6.81
N VAL B 202 15.02 52.29 6.10
CA VAL B 202 16.45 52.24 5.69
C VAL B 202 17.07 53.64 5.83
N MET B 203 18.34 53.70 6.25
CA MET B 203 19.18 54.94 6.30
C MET B 203 20.48 54.74 5.51
N PHE B 204 21.03 53.51 5.51
CA PHE B 204 22.31 53.13 4.84
C PHE B 204 22.03 52.52 3.47
N GLY B 205 23.10 52.16 2.74
CA GLY B 205 23.05 51.46 1.44
C GLY B 205 22.27 52.22 0.38
N ASN B 206 21.76 51.50 -0.62
CA ASN B 206 20.82 52.02 -1.64
C ASN B 206 19.40 51.75 -1.16
N PRO B 207 18.53 52.78 -1.04
CA PRO B 207 17.11 52.55 -0.75
C PRO B 207 16.34 52.03 -1.98
N GLU B 208 16.91 52.17 -3.18
CA GLU B 208 16.36 51.59 -4.44
C GLU B 208 16.34 50.07 -4.32
N THR B 209 15.19 49.49 -4.65
CA THR B 209 14.94 48.03 -4.75
C THR B 209 14.38 47.76 -6.14
N THR B 210 14.23 46.48 -6.46
CA THR B 210 13.62 45.98 -7.70
C THR B 210 12.44 45.10 -7.26
N THR B 211 11.49 44.85 -8.15
CA THR B 211 10.20 44.19 -7.83
C THR B 211 10.36 42.67 -7.94
N GLY B 212 9.50 41.90 -7.28
CA GLY B 212 9.27 40.47 -7.57
C GLY B 212 10.10 39.52 -6.72
N GLY B 213 10.71 40.00 -5.63
CA GLY B 213 11.42 39.15 -4.66
C GLY B 213 12.89 38.99 -4.98
N ASN B 214 13.54 38.01 -4.34
CA ASN B 214 15.02 37.84 -4.31
C ASN B 214 15.50 36.76 -5.29
N ALA B 215 14.65 35.86 -5.77
CA ALA B 215 15.07 34.69 -6.59
C ALA B 215 15.82 35.14 -7.86
N LEU B 216 15.30 36.12 -8.58
CA LEU B 216 15.83 36.56 -9.90
C LEU B 216 17.28 37.06 -9.80
N LYS B 217 17.66 37.75 -8.72
CA LYS B 217 19.04 38.20 -8.45
C LYS B 217 20.03 37.02 -8.46
N PHE B 218 19.63 35.86 -7.93
CA PHE B 218 20.48 34.65 -7.84
C PHE B 218 20.61 33.96 -9.20
N TYR B 219 19.52 33.73 -9.92
CA TYR B 219 19.47 32.93 -11.16
C TYR B 219 19.97 33.70 -12.38
N ALA B 220 19.91 35.03 -12.40
CA ALA B 220 20.38 35.84 -13.55
C ALA B 220 21.90 35.68 -13.75
N SER B 221 22.34 35.51 -14.99
CA SER B 221 23.77 35.47 -15.39
C SER B 221 24.28 36.89 -15.65
N VAL B 222 23.41 37.80 -16.09
CA VAL B 222 23.73 39.24 -16.31
C VAL B 222 22.62 40.09 -15.70
N ARG B 223 22.98 41.18 -15.02
CA ARG B 223 22.05 42.22 -14.51
C ARG B 223 22.54 43.60 -14.99
N LEU B 224 21.68 44.33 -15.70
CA LEU B 224 21.97 45.64 -16.34
C LEU B 224 21.12 46.73 -15.68
N ASP B 225 21.75 47.80 -15.17
CA ASP B 225 21.09 49.02 -14.62
C ASP B 225 21.20 50.12 -15.70
N ILE B 226 20.09 50.54 -16.30
CA ILE B 226 20.07 51.57 -17.39
C ILE B 226 19.50 52.88 -16.83
N ARG B 227 20.06 54.01 -17.24
CA ARG B 227 19.71 55.36 -16.71
C ARG B 227 19.88 56.43 -17.78
N ARG B 228 18.92 57.35 -17.86
CA ARG B 228 18.98 58.57 -18.69
C ARG B 228 19.82 59.61 -17.94
N ILE B 229 20.93 60.07 -18.53
CA ILE B 229 21.90 60.99 -17.88
C ILE B 229 21.84 62.40 -18.51
N GLY B 230 21.04 62.60 -19.56
CA GLY B 230 20.90 63.92 -20.21
C GLY B 230 20.16 63.84 -21.54
N ALA B 231 20.01 65.01 -22.19
CA ALA B 231 19.27 65.18 -23.47
C ALA B 231 20.25 65.34 -24.64
N VAL B 232 19.83 64.87 -25.82
CA VAL B 232 20.49 65.12 -27.13
C VAL B 232 19.65 66.19 -27.86
N LYS B 233 20.22 67.38 -28.09
CA LYS B 233 19.48 68.56 -28.64
C LYS B 233 19.96 68.89 -30.05
N GLU B 234 19.04 69.36 -30.90
CA GLU B 234 19.31 70.02 -32.21
C GLU B 234 19.02 71.52 -32.04
N GLY B 235 19.80 72.18 -31.18
CA GLY B 235 19.63 73.59 -30.79
C GLY B 235 18.53 73.75 -29.75
N GLU B 236 17.26 73.68 -30.20
CA GLU B 236 16.04 73.76 -29.34
C GLU B 236 15.41 72.37 -29.20
N ASN B 237 15.11 71.74 -30.34
CA ASN B 237 14.41 70.42 -30.43
C ASN B 237 15.21 69.36 -29.68
N VAL B 238 14.63 68.79 -28.63
CA VAL B 238 15.14 67.56 -27.94
C VAL B 238 14.84 66.38 -28.88
N VAL B 239 15.88 65.77 -29.44
CA VAL B 239 15.78 64.73 -30.52
C VAL B 239 16.10 63.33 -29.96
N GLY B 240 16.65 63.23 -28.74
CA GLY B 240 17.04 61.93 -28.15
C GLY B 240 17.50 62.03 -26.71
N SER B 241 17.98 60.91 -26.17
CA SER B 241 18.45 60.74 -24.76
C SER B 241 19.90 60.28 -24.74
N GLU B 242 20.71 60.86 -23.85
CA GLU B 242 22.06 60.38 -23.47
C GLU B 242 21.87 59.31 -22.36
N THR B 243 22.41 58.11 -22.56
CA THR B 243 22.09 56.88 -21.79
C THR B 243 23.37 56.27 -21.20
N ARG B 244 23.30 55.78 -19.96
CA ARG B 244 24.39 55.00 -19.31
C ARG B 244 23.87 53.63 -18.84
N VAL B 245 24.58 52.55 -19.18
CA VAL B 245 24.30 51.17 -18.69
C VAL B 245 25.46 50.69 -17.83
N LYS B 246 25.19 50.26 -16.60
CA LYS B 246 26.15 49.60 -15.69
C LYS B 246 25.88 48.09 -15.64
N VAL B 247 26.92 47.28 -15.76
CA VAL B 247 26.85 45.82 -15.55
C VAL B 247 27.06 45.53 -14.07
N VAL B 248 25.96 45.33 -13.32
CA VAL B 248 25.98 45.19 -11.84
C VAL B 248 26.10 43.72 -11.44
N LYS B 249 25.87 42.78 -12.36
CA LYS B 249 26.19 41.34 -12.14
C LYS B 249 26.59 40.71 -13.47
N ASN B 250 27.65 39.92 -13.46
CA ASN B 250 28.17 39.21 -14.66
C ASN B 250 28.80 37.90 -14.19
N LYS B 251 28.37 36.79 -14.79
CA LYS B 251 28.87 35.41 -14.53
C LYS B 251 29.69 34.87 -15.71
N ILE B 252 29.80 35.60 -16.82
CA ILE B 252 30.51 35.12 -18.04
C ILE B 252 31.75 35.98 -18.31
N ALA B 253 31.97 37.04 -17.53
CA ALA B 253 33.15 37.94 -17.60
C ALA B 253 33.15 38.84 -16.36
N ALA B 254 34.14 39.72 -16.23
CA ALA B 254 34.28 40.64 -15.07
C ALA B 254 33.09 41.60 -15.03
N PRO B 255 32.50 41.89 -13.85
CA PRO B 255 31.45 42.90 -13.75
C PRO B 255 31.95 44.33 -13.48
N PHE B 256 31.02 45.28 -13.39
CA PHE B 256 31.20 46.69 -12.94
C PHE B 256 31.79 47.58 -14.03
N LYS B 257 31.85 47.11 -15.28
CA LYS B 257 32.12 47.99 -16.45
C LYS B 257 30.83 48.68 -16.86
N GLN B 258 30.95 49.80 -17.56
CA GLN B 258 29.81 50.64 -17.99
C GLN B 258 29.96 51.05 -19.45
N ALA B 259 28.84 51.45 -20.06
CA ALA B 259 28.71 51.85 -21.48
C ALA B 259 27.86 53.11 -21.59
N GLU B 260 28.27 54.05 -22.44
CA GLU B 260 27.55 55.30 -22.73
C GLU B 260 27.20 55.33 -24.21
N PHE B 261 25.98 55.73 -24.55
CA PHE B 261 25.49 55.84 -25.94
C PHE B 261 24.24 56.72 -26.00
N GLN B 262 23.82 57.07 -27.21
CA GLN B 262 22.64 57.92 -27.49
C GLN B 262 21.49 57.05 -27.99
N ILE B 263 20.28 57.28 -27.47
CA ILE B 263 19.00 56.78 -28.06
C ILE B 263 18.35 57.99 -28.75
N LEU B 264 18.23 57.94 -30.08
CA LEU B 264 17.52 58.96 -30.90
C LEU B 264 16.08 58.48 -31.16
N TYR B 265 15.10 59.35 -30.95
CA TYR B 265 13.66 59.03 -31.01
C TYR B 265 13.28 58.71 -32.46
N GLY B 266 12.83 57.47 -32.70
CA GLY B 266 12.35 56.98 -34.01
C GLY B 266 13.39 56.19 -34.79
N GLU B 267 14.65 56.20 -34.34
CA GLU B 267 15.78 55.47 -34.97
C GLU B 267 16.29 54.38 -34.02
N GLY B 268 16.48 54.70 -32.73
CA GLY B 268 16.96 53.80 -31.68
C GLY B 268 18.38 54.16 -31.27
N ILE B 269 19.24 53.16 -31.10
CA ILE B 269 20.65 53.34 -30.63
C ILE B 269 21.49 53.87 -31.80
N ASN B 270 22.29 54.91 -31.54
CA ASN B 270 23.18 55.58 -32.52
C ASN B 270 24.49 54.80 -32.62
N PHE B 271 24.59 53.89 -33.60
CA PHE B 271 25.74 52.99 -33.83
C PHE B 271 27.00 53.80 -34.20
N TYR B 272 26.88 54.70 -35.18
CA TYR B 272 28.00 55.52 -35.71
C TYR B 272 28.53 56.46 -34.62
N GLY B 273 27.65 57.03 -33.81
CA GLY B 273 28.00 57.87 -32.64
C GLY B 273 28.93 57.15 -31.66
N GLU B 274 28.67 55.87 -31.40
CA GLU B 274 29.55 54.98 -30.58
C GLU B 274 30.89 54.80 -31.31
N LEU B 275 30.84 54.43 -32.59
CA LEU B 275 32.00 54.07 -33.44
C LEU B 275 32.99 55.24 -33.54
N VAL B 276 32.49 56.49 -33.54
CA VAL B 276 33.32 57.73 -33.42
C VAL B 276 34.07 57.68 -32.09
N ASP B 277 33.34 57.69 -30.98
CA ASP B 277 33.87 57.75 -29.59
C ASP B 277 34.87 56.61 -29.34
N LEU B 278 34.62 55.42 -29.89
CA LEU B 278 35.51 54.23 -29.74
C LEU B 278 36.76 54.38 -30.62
N GLY B 279 36.58 54.81 -31.88
CA GLY B 279 37.67 55.11 -32.83
C GLY B 279 38.61 56.19 -32.32
N VAL B 280 38.08 57.20 -31.63
CA VAL B 280 38.84 58.29 -30.94
C VAL B 280 39.69 57.66 -29.82
N LYS B 281 39.08 56.79 -29.02
CA LYS B 281 39.70 56.18 -27.80
C LYS B 281 40.86 55.25 -28.19
N GLU B 282 40.81 54.62 -29.37
CA GLU B 282 41.84 53.68 -29.89
C GLU B 282 42.81 54.38 -30.86
N LYS B 283 42.80 55.72 -30.91
CA LYS B 283 43.75 56.58 -31.68
C LYS B 283 43.59 56.40 -33.19
N LEU B 284 42.49 55.81 -33.66
CA LEU B 284 42.21 55.63 -35.11
C LEU B 284 41.59 56.91 -35.66
N ILE B 285 40.98 57.73 -34.79
CA ILE B 285 40.41 59.08 -35.12
C ILE B 285 41.12 60.12 -34.24
N GLU B 286 41.73 61.12 -34.87
CA GLU B 286 42.43 62.25 -34.18
C GLU B 286 41.41 63.34 -33.87
N LYS B 287 41.37 63.82 -32.62
CA LYS B 287 40.44 64.89 -32.16
C LYS B 287 41.26 66.14 -31.82
N ALA B 288 41.31 67.10 -32.74
CA ALA B 288 42.01 68.40 -32.61
C ALA B 288 41.04 69.47 -32.09
N GLY B 289 40.79 69.47 -30.77
CA GLY B 289 39.84 70.38 -30.10
C GLY B 289 38.40 69.93 -30.28
N ALA B 290 37.68 70.54 -31.23
CA ALA B 290 36.30 70.19 -31.64
C ALA B 290 36.28 69.65 -33.07
N TRP B 291 37.45 69.37 -33.66
CA TRP B 291 37.61 68.82 -35.04
C TRP B 291 37.95 67.33 -34.97
N TYR B 292 37.24 66.50 -35.73
CA TYR B 292 37.52 65.06 -35.94
C TYR B 292 38.23 64.88 -37.30
N SER B 293 39.32 64.09 -37.32
CA SER B 293 40.14 63.79 -38.52
C SER B 293 40.54 62.30 -38.54
N TYR B 294 40.35 61.64 -39.69
CA TYR B 294 40.75 60.22 -39.94
C TYR B 294 41.93 60.19 -40.91
N LYS B 295 43.08 59.70 -40.44
CA LYS B 295 44.34 59.50 -41.23
C LYS B 295 44.82 60.83 -41.83
N GLY B 296 44.60 61.94 -41.11
CA GLY B 296 44.96 63.30 -41.57
C GLY B 296 43.77 64.02 -42.20
N GLU B 297 42.96 63.31 -43.00
CA GLU B 297 41.72 63.84 -43.65
C GLU B 297 40.77 64.39 -42.57
N LYS B 298 40.46 65.68 -42.63
CA LYS B 298 39.55 66.38 -41.67
C LYS B 298 38.10 66.07 -42.06
N ILE B 299 37.42 65.25 -41.24
CA ILE B 299 36.13 64.57 -41.59
C ILE B 299 34.93 65.41 -41.14
N GLY B 300 35.04 66.13 -40.01
CA GLY B 300 33.97 66.97 -39.47
C GLY B 300 34.42 67.82 -38.30
N GLN B 301 33.56 68.73 -37.83
CA GLN B 301 33.76 69.48 -36.55
C GLN B 301 32.45 69.40 -35.74
N GLY B 302 32.53 68.93 -34.49
CA GLY B 302 31.39 68.47 -33.70
C GLY B 302 31.03 67.02 -34.03
N LYS B 303 30.57 66.28 -33.02
CA LYS B 303 30.35 64.80 -33.07
C LYS B 303 29.30 64.46 -34.13
N ALA B 304 28.24 65.28 -34.25
CA ALA B 304 27.08 65.07 -35.14
C ALA B 304 27.49 65.10 -36.62
N ASN B 305 28.37 66.02 -37.00
CA ASN B 305 28.90 66.17 -38.39
C ASN B 305 29.85 65.01 -38.71
N ALA B 306 30.69 64.63 -37.75
CA ALA B 306 31.63 63.47 -37.83
C ALA B 306 30.84 62.17 -37.98
N THR B 307 29.71 62.05 -37.29
CA THR B 307 28.76 60.89 -37.37
C THR B 307 28.11 60.87 -38.76
N ALA B 308 27.66 62.03 -39.25
CA ALA B 308 27.05 62.22 -40.59
C ALA B 308 28.06 61.85 -41.68
N TRP B 309 29.34 62.23 -41.50
CA TRP B 309 30.45 61.90 -42.44
C TRP B 309 30.62 60.38 -42.53
N LEU B 310 30.69 59.68 -41.39
CA LEU B 310 30.83 58.20 -41.31
C LEU B 310 29.64 57.53 -41.99
N LYS B 311 28.45 58.13 -41.90
CA LYS B 311 27.18 57.59 -42.45
C LYS B 311 27.27 57.51 -43.97
N ASP B 312 27.72 58.58 -44.63
CA ASP B 312 27.75 58.68 -46.12
C ASP B 312 29.01 58.02 -46.71
N ASN B 313 29.94 57.54 -45.87
CA ASN B 313 31.15 56.76 -46.28
C ASN B 313 31.12 55.39 -45.58
N PRO B 314 30.38 54.38 -46.10
CA PRO B 314 30.25 53.09 -45.43
C PRO B 314 31.53 52.25 -45.28
N GLU B 315 32.46 52.34 -46.24
CA GLU B 315 33.69 51.49 -46.29
C GLU B 315 34.66 51.86 -45.17
N THR B 316 34.91 53.17 -44.99
CA THR B 316 35.85 53.71 -43.96
C THR B 316 35.28 53.45 -42.56
N ALA B 317 33.94 53.50 -42.40
CA ALA B 317 33.21 53.12 -41.17
C ALA B 317 33.42 51.62 -40.88
N LYS B 318 33.37 50.78 -41.91
CA LYS B 318 33.59 49.31 -41.82
C LYS B 318 35.03 49.03 -41.37
N GLU B 319 35.99 49.77 -41.92
CA GLU B 319 37.44 49.68 -41.61
C GLU B 319 37.64 49.97 -40.12
N ILE B 320 37.07 51.07 -39.60
CA ILE B 320 37.20 51.51 -38.18
C ILE B 320 36.53 50.47 -37.27
N GLU B 321 35.35 49.96 -37.64
CA GLU B 321 34.59 48.92 -36.88
C GLU B 321 35.49 47.69 -36.71
N LYS B 322 35.99 47.16 -37.83
CA LYS B 322 36.89 45.97 -37.90
C LYS B 322 38.01 46.07 -36.84
N LYS B 323 38.65 47.23 -36.75
CA LYS B 323 39.84 47.50 -35.89
C LYS B 323 39.42 47.51 -34.42
N VAL B 324 38.40 48.31 -34.09
CA VAL B 324 37.81 48.46 -32.73
C VAL B 324 37.40 47.06 -32.22
N ARG B 325 36.77 46.27 -33.09
CA ARG B 325 36.30 44.88 -32.79
C ARG B 325 37.52 44.01 -32.42
N GLU B 326 38.50 43.91 -33.32
CA GLU B 326 39.76 43.14 -33.12
C GLU B 326 40.45 43.53 -31.80
N LEU B 327 40.58 44.84 -31.54
CA LEU B 327 41.40 45.40 -30.44
C LEU B 327 40.75 45.14 -29.08
N LEU B 328 39.55 45.68 -28.85
CA LEU B 328 38.97 45.90 -27.49
C LEU B 328 38.24 44.65 -26.97
N LEU B 329 37.74 43.78 -27.85
CA LEU B 329 36.98 42.56 -27.45
C LEU B 329 37.96 41.54 -26.84
N SER B 330 37.68 41.07 -25.61
CA SER B 330 38.49 40.09 -24.85
C SER B 330 38.40 38.69 -25.49
N ASN B 331 37.30 38.40 -26.20
CA ASN B 331 37.02 37.08 -26.83
C ASN B 331 36.42 37.28 -28.23
N PRO B 332 37.21 37.72 -29.24
CA PRO B 332 36.69 37.85 -30.61
C PRO B 332 36.23 36.50 -31.20
N ASN B 333 35.06 36.48 -31.84
CA ASN B 333 34.39 35.27 -32.38
C ASN B 333 34.21 35.41 -33.90
N SER B 334 35.21 34.93 -34.68
CA SER B 334 35.19 34.88 -36.17
C SER B 334 36.38 34.05 -36.67
N ALA C 2 34.37 -11.54 41.52
CA ALA C 2 33.35 -12.62 41.72
C ALA C 2 32.15 -12.39 40.80
N ILE C 3 31.49 -11.22 40.92
CA ILE C 3 30.33 -10.80 40.08
C ILE C 3 30.79 -9.91 38.92
N ASP C 4 31.92 -9.20 39.08
CA ASP C 4 32.47 -8.23 38.10
C ASP C 4 32.96 -8.98 36.84
N GLU C 5 33.39 -10.25 36.96
CA GLU C 5 33.97 -11.02 35.82
C GLU C 5 32.91 -11.95 35.18
N ASN C 6 31.69 -12.01 35.73
CA ASN C 6 30.52 -12.66 35.08
C ASN C 6 29.91 -11.68 34.06
N LYS C 7 29.91 -10.38 34.38
CA LYS C 7 29.53 -9.27 33.46
C LYS C 7 30.46 -9.27 32.23
N GLN C 8 31.78 -9.40 32.44
CA GLN C 8 32.82 -9.41 31.38
C GLN C 8 32.53 -10.51 30.34
N LYS C 9 32.08 -11.69 30.80
CA LYS C 9 31.71 -12.85 29.94
C LYS C 9 30.42 -12.54 29.17
N ALA C 10 29.39 -12.05 29.87
CA ALA C 10 28.08 -11.65 29.32
C ALA C 10 28.27 -10.58 28.24
N LEU C 11 29.20 -9.63 28.45
CA LEU C 11 29.52 -8.55 27.48
C LEU C 11 30.20 -9.15 26.24
N ALA C 12 31.27 -9.93 26.45
CA ALA C 12 32.06 -10.60 25.39
C ALA C 12 31.15 -11.44 24.47
N ALA C 13 30.18 -12.15 25.07
CA ALA C 13 29.21 -13.02 24.36
C ALA C 13 28.29 -12.18 23.45
N ALA C 14 27.73 -11.09 24.00
CA ALA C 14 26.85 -10.13 23.30
C ALA C 14 27.62 -9.46 22.15
N LEU C 15 28.83 -9.00 22.40
CA LEU C 15 29.74 -8.41 21.37
C LEU C 15 29.97 -9.42 20.23
N GLY C 16 30.29 -10.68 20.58
CA GLY C 16 30.47 -11.78 19.62
C GLY C 16 29.24 -12.01 18.76
N GLN C 17 28.07 -12.08 19.41
CA GLN C 17 26.74 -12.27 18.76
C GLN C 17 26.45 -11.12 17.77
N ILE C 18 26.74 -9.88 18.16
CA ILE C 18 26.50 -8.66 17.32
C ILE C 18 27.42 -8.72 16.10
N GLU C 19 28.72 -8.95 16.32
CA GLU C 19 29.76 -8.97 15.25
C GLU C 19 29.47 -10.11 14.26
N LYS C 20 28.92 -11.23 14.73
CA LYS C 20 28.48 -12.36 13.88
C LYS C 20 27.30 -11.92 13.00
N GLN C 21 26.28 -11.32 13.62
CA GLN C 21 24.97 -11.00 12.97
C GLN C 21 25.14 -9.91 11.91
N PHE C 22 25.99 -8.90 12.14
CA PHE C 22 26.01 -7.62 11.36
C PHE C 22 27.36 -7.36 10.68
N GLY C 23 28.43 -8.03 11.09
CA GLY C 23 29.75 -7.93 10.44
C GLY C 23 30.85 -7.53 11.43
N LYS C 24 32.07 -7.37 10.91
CA LYS C 24 33.31 -7.39 11.72
C LYS C 24 33.36 -6.16 12.65
N GLY C 25 33.35 -4.95 12.10
CA GLY C 25 33.50 -3.69 12.87
C GLY C 25 32.17 -3.04 13.21
N SER C 26 31.10 -3.82 13.42
CA SER C 26 29.72 -3.33 13.65
C SER C 26 29.61 -2.71 15.06
N ILE C 27 30.39 -3.22 16.03
CA ILE C 27 30.57 -2.60 17.37
C ILE C 27 32.03 -2.75 17.79
N MET C 28 32.60 -1.73 18.44
CA MET C 28 33.95 -1.78 19.06
C MET C 28 34.16 -0.59 19.99
N ARG C 29 35.30 -0.57 20.70
CA ARG C 29 35.69 0.52 21.62
C ARG C 29 36.16 1.72 20.80
N LEU C 30 35.73 2.91 21.20
CA LEU C 30 35.86 4.19 20.43
C LEU C 30 37.35 4.47 20.18
N GLY C 31 38.20 4.27 21.20
CA GLY C 31 39.64 4.55 21.19
C GLY C 31 40.41 3.78 20.13
N GLU C 32 39.94 2.57 19.76
CA GLU C 32 40.63 1.67 18.81
C GLU C 32 39.87 1.60 17.48
N ASP C 33 39.05 2.62 17.17
CA ASP C 33 38.35 2.79 15.86
C ASP C 33 39.04 3.93 15.11
N ARG C 34 39.86 3.60 14.12
CA ARG C 34 40.65 4.57 13.31
C ARG C 34 39.75 5.26 12.27
N SER C 35 38.69 4.61 11.81
CA SER C 35 37.71 5.14 10.83
C SER C 35 37.02 6.41 11.36
N MET C 36 37.01 6.56 12.69
CA MET C 36 36.31 7.64 13.44
C MET C 36 37.18 8.90 13.57
N ASP C 37 38.47 8.84 13.23
CA ASP C 37 39.40 10.01 13.29
C ASP C 37 39.02 11.03 12.19
N VAL C 38 39.10 12.32 12.51
CA VAL C 38 38.77 13.44 11.57
C VAL C 38 40.00 13.79 10.72
N GLU C 39 39.88 13.60 9.41
CA GLU C 39 40.84 14.02 8.34
C GLU C 39 40.24 15.24 7.62
N THR C 40 41.08 16.22 7.24
CA THR C 40 40.67 17.51 6.65
C THR C 40 41.39 17.78 5.32
N ILE C 41 40.80 18.64 4.47
CA ILE C 41 41.39 19.19 3.20
C ILE C 41 41.37 20.71 3.26
N SER C 42 42.29 21.35 2.54
CA SER C 42 42.40 22.83 2.43
C SER C 42 41.17 23.41 1.73
N THR C 43 40.83 24.66 2.05
CA THR C 43 39.76 25.46 1.40
C THR C 43 40.33 26.34 0.29
N GLY C 44 41.65 26.43 0.15
CA GLY C 44 42.33 27.38 -0.75
C GLY C 44 42.55 28.75 -0.10
N SER C 45 41.95 29.01 1.07
CA SER C 45 42.20 30.20 1.92
C SER C 45 42.92 29.75 3.21
N LEU C 46 44.02 30.41 3.56
CA LEU C 46 44.79 30.12 4.79
C LEU C 46 44.05 30.69 6.01
N SER C 47 43.42 31.85 5.87
CA SER C 47 42.65 32.50 6.97
C SER C 47 41.37 31.72 7.28
N LEU C 48 40.81 30.96 6.33
CA LEU C 48 39.60 30.12 6.55
C LEU C 48 40.03 28.81 7.24
N ASP C 49 41.14 28.22 6.80
CA ASP C 49 41.74 27.00 7.40
C ASP C 49 42.01 27.22 8.91
N ILE C 50 42.51 28.38 9.31
CA ILE C 50 42.72 28.76 10.74
C ILE C 50 41.37 28.91 11.45
N ALA C 51 40.41 29.64 10.84
CA ALA C 51 39.04 29.90 11.38
C ALA C 51 38.27 28.58 11.59
N LEU C 52 38.58 27.52 10.87
CA LEU C 52 37.88 26.21 10.99
C LEU C 52 38.47 25.39 12.13
N GLY C 53 39.69 25.72 12.57
CA GLY C 53 40.29 25.20 13.81
C GLY C 53 41.00 23.87 13.63
N ALA C 54 40.55 23.00 12.72
CA ALA C 54 41.16 21.68 12.46
C ALA C 54 41.95 21.70 11.13
N GLY C 55 42.11 22.86 10.51
CA GLY C 55 42.99 23.03 9.34
C GLY C 55 42.27 22.95 8.01
N GLY C 56 40.95 22.74 8.00
CA GLY C 56 40.18 22.68 6.74
C GLY C 56 38.85 21.97 6.89
N LEU C 57 38.28 21.47 5.80
CA LEU C 57 36.94 20.85 5.76
C LEU C 57 37.07 19.34 5.96
N PRO C 58 36.18 18.72 6.77
CA PRO C 58 36.33 17.31 7.15
C PRO C 58 35.80 16.32 6.11
N MET C 59 36.59 15.30 5.79
CA MET C 59 36.21 14.22 4.85
C MET C 59 35.15 13.32 5.48
N GLY C 60 34.23 12.80 4.67
CA GLY C 60 33.15 11.90 5.09
C GLY C 60 31.98 12.62 5.73
N ARG C 61 31.94 13.94 5.67
CA ARG C 61 30.86 14.76 6.30
C ARG C 61 30.14 15.57 5.23
N ILE C 62 29.06 16.20 5.66
CA ILE C 62 28.24 17.19 4.91
C ILE C 62 28.65 18.59 5.36
N VAL C 63 28.79 19.52 4.40
CA VAL C 63 29.10 20.95 4.60
C VAL C 63 28.08 21.81 3.84
N GLU C 64 27.64 22.90 4.46
CA GLU C 64 26.73 23.89 3.83
C GLU C 64 27.48 25.23 3.73
N ILE C 65 27.40 25.86 2.56
CA ILE C 65 27.90 27.24 2.28
C ILE C 65 26.72 28.04 1.74
N TYR C 66 26.37 29.13 2.41
CA TYR C 66 25.24 29.99 2.02
C TYR C 66 25.66 31.46 2.06
N GLY C 67 24.89 32.29 1.40
CA GLY C 67 25.16 33.73 1.36
C GLY C 67 24.26 34.43 0.36
N PRO C 68 24.37 35.77 0.26
CA PRO C 68 23.63 36.55 -0.72
C PRO C 68 24.17 36.39 -2.14
N GLU C 69 23.53 37.08 -3.09
CA GLU C 69 23.90 37.05 -4.53
C GLU C 69 25.35 37.55 -4.72
N SER C 70 26.12 36.88 -5.56
CA SER C 70 27.48 37.26 -6.03
C SER C 70 28.44 37.49 -4.84
N SER C 71 28.36 36.64 -3.83
CA SER C 71 29.14 36.71 -2.57
C SER C 71 30.40 35.85 -2.68
N GLY C 72 30.50 34.97 -3.67
CA GLY C 72 31.67 34.13 -3.95
C GLY C 72 31.48 32.66 -3.60
N LYS C 73 30.25 32.18 -3.47
CA LYS C 73 29.91 30.79 -3.10
C LYS C 73 30.52 29.78 -4.09
N THR C 74 30.29 29.98 -5.39
CA THR C 74 30.79 29.07 -6.46
C THR C 74 32.32 29.14 -6.54
N THR C 75 32.88 30.34 -6.53
CA THR C 75 34.35 30.59 -6.57
C THR C 75 35.04 29.84 -5.43
N LEU C 76 34.56 29.99 -4.20
CA LEU C 76 35.15 29.30 -3.01
C LEU C 76 35.14 27.79 -3.22
N THR C 77 34.07 27.27 -3.77
CA THR C 77 33.80 25.82 -3.91
C THR C 77 34.73 25.24 -5.00
N LEU C 78 35.04 26.01 -6.05
CA LEU C 78 35.97 25.60 -7.13
C LEU C 78 37.42 25.63 -6.65
N GLN C 79 37.77 26.51 -5.70
CA GLN C 79 39.10 26.58 -5.08
C GLN C 79 39.35 25.35 -4.20
N VAL C 80 38.33 24.84 -3.51
CA VAL C 80 38.40 23.54 -2.76
C VAL C 80 38.70 22.40 -3.74
N ILE C 81 37.99 22.34 -4.86
CA ILE C 81 38.19 21.30 -5.92
C ILE C 81 39.62 21.38 -6.47
N ALA C 82 40.10 22.59 -6.81
CA ALA C 82 41.44 22.80 -7.39
C ALA C 82 42.50 22.29 -6.42
N ALA C 83 42.38 22.61 -5.13
CA ALA C 83 43.33 22.18 -4.07
C ALA C 83 43.29 20.65 -3.93
N ALA C 84 42.12 20.03 -4.00
CA ALA C 84 41.96 18.57 -3.82
C ALA C 84 42.54 17.81 -5.02
N GLN C 85 42.34 18.32 -6.24
CA GLN C 85 42.85 17.69 -7.50
C GLN C 85 44.37 17.71 -7.52
N ARG C 86 45.01 18.76 -6.98
CA ARG C 86 46.50 18.85 -6.85
C ARG C 86 47.06 17.80 -5.87
N GLU C 87 46.22 17.18 -5.04
CA GLU C 87 46.62 16.06 -4.12
C GLU C 87 46.14 14.72 -4.69
N GLY C 88 45.79 14.66 -5.97
CA GLY C 88 45.43 13.40 -6.66
C GLY C 88 44.00 12.92 -6.39
N LYS C 89 43.17 13.69 -5.69
CA LYS C 89 41.77 13.28 -5.37
C LYS C 89 40.89 13.50 -6.61
N THR C 90 39.79 12.73 -6.75
CA THR C 90 38.79 12.87 -7.83
C THR C 90 37.57 13.67 -7.33
N CYS C 91 36.99 14.52 -8.19
CA CYS C 91 35.93 15.49 -7.81
C CYS C 91 34.80 15.53 -8.84
N ALA C 92 33.59 15.83 -8.38
CA ALA C 92 32.36 15.96 -9.18
C ALA C 92 31.64 17.26 -8.83
N PHE C 93 31.00 17.88 -9.81
CA PHE C 93 30.22 19.12 -9.68
C PHE C 93 28.82 18.87 -10.25
N ILE C 94 27.79 18.90 -9.40
CA ILE C 94 26.34 18.83 -9.80
C ILE C 94 25.82 20.26 -9.93
N ASP C 95 25.61 20.72 -11.16
CA ASP C 95 25.28 22.13 -11.50
C ASP C 95 23.78 22.23 -11.75
N ALA C 96 22.98 22.20 -10.68
CA ALA C 96 21.50 22.30 -10.68
C ALA C 96 21.04 23.68 -11.15
N GLU C 97 21.86 24.71 -10.94
CA GLU C 97 21.58 26.12 -11.35
C GLU C 97 21.76 26.30 -12.86
N HIS C 98 22.51 25.41 -13.52
CA HIS C 98 22.77 25.44 -14.98
C HIS C 98 23.53 26.71 -15.34
N ALA C 99 24.61 27.04 -14.61
CA ALA C 99 25.33 28.33 -14.80
C ALA C 99 26.83 28.21 -14.54
N LEU C 100 27.45 27.05 -14.75
CA LEU C 100 28.93 26.92 -14.61
C LEU C 100 29.63 27.30 -15.93
N ASP C 101 30.63 28.18 -15.86
CA ASP C 101 31.51 28.58 -16.99
C ASP C 101 32.81 27.79 -16.91
N PRO C 102 33.06 26.79 -17.80
CA PRO C 102 34.25 25.95 -17.70
C PRO C 102 35.59 26.66 -17.90
N ILE C 103 35.63 27.75 -18.67
CA ILE C 103 36.87 28.57 -18.87
C ILE C 103 37.22 29.32 -17.58
N TYR C 104 36.24 29.81 -16.83
CA TYR C 104 36.49 30.46 -15.52
C TYR C 104 37.03 29.42 -14.53
N ALA C 105 36.44 28.22 -14.49
CA ALA C 105 36.91 27.11 -13.63
C ALA C 105 38.39 26.79 -13.93
N ARG C 106 38.78 26.80 -15.21
CA ARG C 106 40.18 26.56 -15.63
C ARG C 106 41.10 27.67 -15.12
N LYS C 107 40.67 28.93 -15.23
CA LYS C 107 41.44 30.11 -14.74
C LYS C 107 41.67 30.07 -13.23
N LEU C 108 40.75 29.46 -12.47
CA LEU C 108 40.85 29.33 -10.98
C LEU C 108 41.75 28.17 -10.59
N GLY C 109 42.15 27.31 -11.53
CA GLY C 109 43.11 26.22 -11.31
C GLY C 109 42.49 24.84 -11.30
N VAL C 110 41.25 24.68 -11.78
CA VAL C 110 40.57 23.35 -11.84
C VAL C 110 41.10 22.64 -13.09
N ASP C 111 41.36 21.34 -12.97
CA ASP C 111 41.60 20.43 -14.12
C ASP C 111 40.24 20.04 -14.69
N ILE C 112 39.80 20.79 -15.71
CA ILE C 112 38.51 20.67 -16.43
C ILE C 112 38.38 19.26 -17.03
N ASP C 113 39.48 18.65 -17.47
CA ASP C 113 39.48 17.36 -18.20
C ASP C 113 39.12 16.19 -17.27
N ASN C 114 39.37 16.31 -15.96
CA ASN C 114 39.15 15.23 -14.97
C ASN C 114 37.96 15.51 -14.04
N LEU C 115 37.38 16.71 -14.04
CA LEU C 115 36.20 17.09 -13.21
C LEU C 115 34.96 16.40 -13.80
N LEU C 116 34.26 15.56 -13.04
CA LEU C 116 32.94 15.03 -13.46
C LEU C 116 31.88 16.14 -13.29
N CYS C 117 31.05 16.37 -14.30
CA CYS C 117 29.99 17.40 -14.25
C CYS C 117 28.67 16.77 -14.69
N SER C 118 27.59 17.19 -14.05
CA SER C 118 26.21 16.76 -14.36
C SER C 118 25.30 17.98 -14.25
N GLN C 119 24.41 18.17 -15.22
CA GLN C 119 23.32 19.17 -15.17
C GLN C 119 22.01 18.41 -15.17
N PRO C 120 21.47 18.05 -13.98
CA PRO C 120 20.31 17.18 -13.89
C PRO C 120 18.97 17.92 -14.03
N ASP C 121 17.94 17.19 -14.45
CA ASP C 121 16.60 17.74 -14.80
C ASP C 121 15.74 17.90 -13.55
N THR C 122 15.89 17.04 -12.54
CA THR C 122 15.11 17.08 -11.29
C THR C 122 16.04 17.02 -10.07
N GLY C 123 15.54 17.48 -8.93
CA GLY C 123 16.17 17.31 -7.61
C GLY C 123 16.42 15.85 -7.28
N GLU C 124 15.49 14.95 -7.61
CA GLU C 124 15.63 13.51 -7.28
C GLU C 124 16.80 12.89 -8.05
N GLN C 125 16.93 13.23 -9.33
CA GLN C 125 18.03 12.74 -10.19
C GLN C 125 19.36 13.26 -9.63
N ALA C 126 19.44 14.55 -9.29
CA ALA C 126 20.64 15.19 -8.68
C ALA C 126 21.08 14.41 -7.45
N LEU C 127 20.16 14.11 -6.54
CA LEU C 127 20.50 13.47 -5.24
C LEU C 127 20.74 11.95 -5.42
N GLU C 128 20.15 11.32 -6.45
CA GLU C 128 20.46 9.91 -6.80
C GLU C 128 21.86 9.79 -7.41
N ILE C 129 22.32 10.78 -8.16
CA ILE C 129 23.72 10.79 -8.68
C ILE C 129 24.70 10.95 -7.51
N CYS C 130 24.43 11.84 -6.55
CA CYS C 130 25.25 11.96 -5.30
C CYS C 130 25.36 10.63 -4.57
N ASP C 131 24.25 9.92 -4.35
CA ASP C 131 24.25 8.60 -3.65
C ASP C 131 25.11 7.60 -4.44
N ALA C 132 24.94 7.50 -5.76
CA ALA C 132 25.69 6.57 -6.65
C ALA C 132 27.20 6.85 -6.61
N LEU C 133 27.61 8.12 -6.73
CA LEU C 133 29.05 8.51 -6.66
C LEU C 133 29.61 8.25 -5.25
N ALA C 134 28.84 8.47 -4.20
CA ALA C 134 29.26 8.19 -2.80
C ALA C 134 29.46 6.68 -2.60
N ARG C 135 28.50 5.83 -2.98
CA ARG C 135 28.60 4.34 -2.82
C ARG C 135 29.80 3.78 -3.60
N SER C 136 30.17 4.38 -4.74
CA SER C 136 31.24 3.89 -5.65
C SER C 136 32.55 3.73 -4.90
N GLY C 137 32.84 4.66 -3.98
CA GLY C 137 34.11 4.70 -3.23
C GLY C 137 35.24 5.39 -3.99
N ALA C 138 34.99 5.92 -5.20
CA ALA C 138 36.03 6.42 -6.12
C ALA C 138 36.07 7.96 -6.23
N VAL C 139 35.12 8.67 -5.63
CA VAL C 139 35.00 10.16 -5.68
C VAL C 139 35.25 10.70 -4.27
N ASP C 140 36.10 11.71 -4.14
CA ASP C 140 36.55 12.27 -2.85
C ASP C 140 35.76 13.54 -2.47
N VAL C 141 35.40 14.40 -3.44
CA VAL C 141 34.65 15.67 -3.20
C VAL C 141 33.48 15.76 -4.20
N ILE C 142 32.28 16.02 -3.70
CA ILE C 142 31.07 16.32 -4.51
C ILE C 142 30.59 17.72 -4.11
N VAL C 143 30.32 18.58 -5.08
CA VAL C 143 29.68 19.91 -4.89
C VAL C 143 28.32 19.90 -5.56
N VAL C 144 27.28 20.37 -4.85
CA VAL C 144 25.89 20.53 -5.35
C VAL C 144 25.56 22.02 -5.35
N ASP C 145 25.47 22.61 -6.54
CA ASP C 145 25.28 24.07 -6.67
C ASP C 145 23.78 24.41 -6.72
N SER C 146 23.41 25.06 -5.61
CA SER C 146 22.11 25.42 -5.04
C SER C 146 21.18 24.21 -4.90
N VAL C 147 20.97 23.94 -3.61
CA VAL C 147 19.74 23.40 -2.98
C VAL C 147 18.49 24.12 -3.51
N ALA C 148 18.54 25.44 -3.74
CA ALA C 148 17.37 26.26 -4.18
C ALA C 148 16.83 25.79 -5.53
N ALA C 149 17.69 25.23 -6.37
CA ALA C 149 17.38 24.76 -7.73
C ALA C 149 17.10 23.25 -7.77
N LEU C 150 17.08 22.54 -6.63
CA LEU C 150 16.80 21.07 -6.56
C LEU C 150 15.28 20.89 -6.63
N THR C 151 14.71 20.92 -7.83
CA THR C 151 13.23 20.96 -8.04
C THR C 151 12.68 19.54 -8.01
N PRO C 152 11.67 19.20 -7.16
CA PRO C 152 11.03 17.89 -7.20
C PRO C 152 10.30 17.61 -8.53
N LYS C 153 10.31 16.35 -8.96
CA LYS C 153 9.72 15.87 -10.24
C LYS C 153 8.26 16.34 -10.39
N ALA C 154 7.44 16.19 -9.35
CA ALA C 154 6.03 16.60 -9.33
C ALA C 154 5.86 18.10 -9.60
N GLU C 155 6.83 18.94 -9.24
CA GLU C 155 6.77 20.41 -9.45
C GLU C 155 7.15 20.75 -10.89
N ILE C 156 8.02 19.95 -11.51
CA ILE C 156 8.47 20.12 -12.93
C ILE C 156 7.35 19.70 -13.88
N GLU C 157 6.69 18.58 -13.60
CA GLU C 157 5.54 18.07 -14.38
C GLU C 157 4.32 18.98 -14.20
N GLY C 158 4.19 19.65 -13.05
CA GLY C 158 3.03 20.50 -12.73
C GLY C 158 3.08 21.84 -13.45
N GLU C 159 2.19 22.77 -13.05
CA GLU C 159 2.03 24.12 -13.66
C GLU C 159 2.46 25.19 -12.65
N ILE C 160 2.92 26.34 -13.16
CA ILE C 160 3.34 27.51 -12.32
C ILE C 160 2.09 28.02 -11.61
N GLY C 161 2.14 28.10 -10.27
CA GLY C 161 1.00 28.46 -9.41
C GLY C 161 0.52 27.30 -8.56
N ASP C 162 0.75 26.06 -9.02
CA ASP C 162 0.39 24.83 -8.26
C ASP C 162 1.20 24.80 -6.95
N SER C 163 0.52 24.52 -5.84
CA SER C 163 1.13 24.37 -4.50
C SER C 163 1.72 22.97 -4.36
N HIS C 164 2.91 22.86 -3.77
CA HIS C 164 3.60 21.59 -3.45
C HIS C 164 4.15 21.70 -2.01
N MET C 165 3.24 21.56 -1.05
CA MET C 165 3.46 21.89 0.39
C MET C 165 4.58 21.00 0.94
N GLY C 166 5.71 21.61 1.31
CA GLY C 166 6.84 20.94 1.98
C GLY C 166 7.38 19.73 1.23
N LEU C 167 7.22 19.69 -0.09
CA LEU C 167 7.69 18.56 -0.93
C LEU C 167 9.22 18.59 -1.06
N ALA C 168 9.82 19.75 -1.29
CA ALA C 168 11.30 19.93 -1.38
C ALA C 168 11.96 19.64 -0.02
N ALA C 169 11.40 20.15 1.08
CA ALA C 169 11.86 19.90 2.46
C ALA C 169 11.79 18.41 2.78
N ARG C 170 10.82 17.69 2.25
CA ARG C 170 10.63 16.24 2.50
C ARG C 170 11.69 15.42 1.76
N MET C 171 11.97 15.79 0.51
CA MET C 171 13.02 15.20 -0.34
C MET C 171 14.40 15.38 0.33
N MET C 172 14.67 16.57 0.84
CA MET C 172 15.96 16.90 1.52
C MET C 172 16.10 16.10 2.81
N SER C 173 15.06 15.99 3.60
CA SER C 173 15.00 15.18 4.84
C SER C 173 15.28 13.70 4.52
N GLN C 174 14.72 13.18 3.44
CA GLN C 174 14.95 11.80 2.97
C GLN C 174 16.39 11.62 2.49
N ALA C 175 16.94 12.57 1.75
CA ALA C 175 18.31 12.51 1.16
C ALA C 175 19.39 12.47 2.25
N MET C 176 19.27 13.29 3.30
CA MET C 176 20.23 13.34 4.44
C MET C 176 20.31 11.98 5.15
N ARG C 177 19.16 11.42 5.52
CA ARG C 177 19.00 10.05 6.07
C ARG C 177 19.77 8.99 5.25
N LYS C 178 19.63 9.03 3.93
CA LYS C 178 20.24 8.04 3.00
C LYS C 178 21.74 8.31 2.79
N LEU C 179 22.18 9.57 2.73
CA LEU C 179 23.55 9.94 2.33
C LEU C 179 24.55 9.85 3.50
N ALA C 180 24.18 10.26 4.72
CA ALA C 180 25.15 10.48 5.82
C ALA C 180 26.03 9.25 6.01
N GLY C 181 25.42 8.07 6.05
CA GLY C 181 26.09 6.77 6.26
C GLY C 181 27.02 6.41 5.12
N ASN C 182 26.54 6.53 3.88
CA ASN C 182 27.32 6.23 2.66
C ASN C 182 28.56 7.15 2.56
N LEU C 183 28.43 8.44 2.82
CA LEU C 183 29.56 9.41 2.77
C LEU C 183 30.64 9.02 3.78
N LYS C 184 30.24 8.58 4.97
CA LYS C 184 31.19 8.24 6.05
C LYS C 184 32.00 6.99 5.68
N GLN C 185 31.37 5.98 5.06
CA GLN C 185 32.02 4.72 4.62
C GLN C 185 33.03 4.97 3.50
N SER C 186 32.65 5.75 2.48
CA SER C 186 33.51 6.14 1.32
C SER C 186 34.59 7.15 1.70
N ASN C 187 34.47 7.83 2.84
CA ASN C 187 35.30 8.99 3.24
C ASN C 187 35.15 10.13 2.21
N THR C 188 33.94 10.40 1.73
CA THR C 188 33.61 11.44 0.71
C THR C 188 33.06 12.72 1.36
N LEU C 189 33.59 13.89 1.00
CA LEU C 189 33.09 15.23 1.43
C LEU C 189 31.98 15.67 0.46
N LEU C 190 30.80 16.02 0.97
CA LEU C 190 29.66 16.59 0.21
C LEU C 190 29.45 18.06 0.62
N ILE C 191 29.59 18.98 -0.32
CA ILE C 191 29.32 20.43 -0.11
C ILE C 191 28.01 20.81 -0.81
N PHE C 192 27.06 21.35 -0.04
CA PHE C 192 25.82 22.00 -0.53
C PHE C 192 26.00 23.52 -0.54
N ILE C 193 25.81 24.16 -1.69
CA ILE C 193 25.62 25.63 -1.78
C ILE C 193 24.13 25.92 -1.54
N ASN C 194 23.82 26.96 -0.79
CA ASN C 194 22.43 27.42 -0.56
C ASN C 194 22.31 28.93 -0.79
N GLN C 195 21.12 29.35 -1.21
CA GLN C 195 20.75 30.78 -1.40
C GLN C 195 19.98 31.24 -0.18
N ILE C 196 19.90 32.54 0.02
CA ILE C 196 19.14 33.18 1.14
C ILE C 196 17.76 33.63 0.64
N ARG C 197 16.73 33.46 1.47
CA ARG C 197 15.36 34.01 1.25
C ARG C 197 14.92 34.74 2.53
N MET C 198 13.97 35.66 2.43
CA MET C 198 13.41 36.39 3.60
C MET C 198 12.24 35.59 4.16
N LYS C 199 12.14 35.50 5.48
CA LYS C 199 10.93 34.97 6.15
C LYS C 199 10.01 36.13 6.55
N ILE C 200 8.71 35.87 6.60
CA ILE C 200 7.63 36.87 6.88
C ILE C 200 6.96 36.52 8.22
N GLY C 201 6.52 37.53 8.97
CA GLY C 201 5.86 37.38 10.28
C GLY C 201 6.89 37.26 11.39
N VAL C 202 7.82 38.22 11.45
CA VAL C 202 9.05 38.17 12.30
C VAL C 202 9.43 39.61 12.69
N MET C 203 9.79 39.81 13.95
CA MET C 203 10.43 41.05 14.50
C MET C 203 11.71 40.69 15.25
N PHE C 204 11.73 39.54 15.94
CA PHE C 204 12.92 38.94 16.61
C PHE C 204 13.98 38.52 15.59
N GLY C 205 15.18 38.22 16.09
CA GLY C 205 16.27 37.49 15.39
C GLY C 205 16.55 38.02 14.00
N ASN C 206 16.92 37.12 13.09
CA ASN C 206 17.20 37.43 11.66
C ASN C 206 15.97 37.04 10.85
N PRO C 207 15.45 37.94 9.97
CA PRO C 207 14.44 37.55 8.98
C PRO C 207 15.02 36.73 7.80
N GLU C 208 16.36 36.66 7.68
CA GLU C 208 17.05 35.81 6.68
C GLU C 208 16.85 34.33 7.03
N THR C 209 16.56 33.51 6.03
CA THR C 209 16.54 32.02 6.13
C THR C 209 17.21 31.43 4.89
N THR C 210 17.42 30.13 4.88
CA THR C 210 17.95 29.35 3.73
C THR C 210 16.83 28.50 3.16
N THR C 211 17.05 27.96 1.98
CA THR C 211 16.07 27.17 1.19
C THR C 211 16.16 25.70 1.61
N GLY C 212 15.09 24.93 1.40
CA GLY C 212 15.12 23.45 1.45
C GLY C 212 14.78 22.84 2.80
N GLY C 213 14.26 23.62 3.75
CA GLY C 213 13.80 23.09 5.04
C GLY C 213 14.91 22.94 6.06
N ASN C 214 14.63 22.23 7.14
CA ASN C 214 15.41 22.22 8.39
C ASN C 214 16.42 21.07 8.48
N ALA C 215 16.29 19.98 7.72
CA ALA C 215 17.14 18.77 7.89
C ALA C 215 18.63 19.10 7.73
N LEU C 216 19.00 19.87 6.72
CA LEU C 216 20.41 20.17 6.36
C LEU C 216 21.17 20.86 7.51
N LYS C 217 20.53 21.78 8.25
CA LYS C 217 21.09 22.44 9.46
C LYS C 217 21.51 21.43 10.53
N PHE C 218 20.79 20.34 10.72
CA PHE C 218 21.11 19.29 11.72
C PHE C 218 22.27 18.42 11.26
N TYR C 219 22.29 17.98 10.00
CA TYR C 219 23.25 16.97 9.48
C TYR C 219 24.61 17.59 9.09
N ALA C 220 24.67 18.89 8.80
CA ALA C 220 25.93 19.57 8.43
C ALA C 220 26.92 19.56 9.63
N SER C 221 28.18 19.25 9.38
CA SER C 221 29.28 19.28 10.36
C SER C 221 29.88 20.69 10.43
N VAL C 222 29.83 21.41 9.31
CA VAL C 222 30.30 22.82 9.15
C VAL C 222 29.24 23.57 8.34
N ARG C 223 28.89 24.78 8.78
CA ARG C 223 28.06 25.76 8.04
C ARG C 223 28.80 27.10 7.95
N LEU C 224 28.88 27.65 6.74
CA LEU C 224 29.69 28.84 6.35
C LEU C 224 28.76 29.92 5.78
N ASP C 225 28.81 31.13 6.32
CA ASP C 225 28.11 32.34 5.82
C ASP C 225 29.15 33.20 5.11
N ILE C 226 29.00 33.42 3.81
CA ILE C 226 29.96 34.22 3.00
C ILE C 226 29.27 35.52 2.54
N ARG C 227 30.00 36.63 2.61
CA ARG C 227 29.48 37.98 2.30
C ARG C 227 30.54 38.85 1.65
N ARG C 228 30.13 39.63 0.66
CA ARG C 228 30.96 40.67 0.01
C ARG C 228 30.87 41.93 0.86
N ILE C 229 32.00 42.41 1.38
CA ILE C 229 32.05 43.56 2.34
C ILE C 229 32.71 44.78 1.70
N GLY C 230 33.05 44.73 0.40
CA GLY C 230 33.62 45.89 -0.30
C GLY C 230 34.30 45.51 -1.59
N ALA C 231 34.79 46.53 -2.31
CA ALA C 231 35.47 46.44 -3.61
C ALA C 231 36.99 46.52 -3.41
N VAL C 232 37.74 45.79 -4.24
CA VAL C 232 39.20 45.96 -4.45
C VAL C 232 39.40 46.78 -5.73
N LYS C 233 39.97 47.98 -5.62
CA LYS C 233 40.14 48.93 -6.76
C LYS C 233 41.62 49.08 -7.12
N GLU C 234 41.90 49.28 -8.42
CA GLU C 234 43.19 49.75 -8.99
C GLU C 234 42.97 51.19 -9.49
N GLY C 235 42.77 52.11 -8.54
CA GLY C 235 42.40 53.52 -8.80
C GLY C 235 40.92 53.65 -9.13
N GLU C 236 40.55 53.36 -10.38
CA GLU C 236 39.16 53.43 -10.91
C GLU C 236 38.61 52.02 -11.16
N ASN C 237 39.38 51.20 -11.87
CA ASN C 237 39.02 49.80 -12.23
C ASN C 237 38.73 48.98 -10.96
N VAL C 238 37.49 48.52 -10.80
CA VAL C 238 37.11 47.49 -9.78
C VAL C 238 37.69 46.16 -10.28
N VAL C 239 38.62 45.56 -9.53
CA VAL C 239 39.41 44.38 -9.97
C VAL C 239 39.06 43.15 -9.12
N GLY C 240 38.28 43.30 -8.04
CA GLY C 240 37.92 42.17 -7.14
C GLY C 240 37.01 42.57 -5.99
N SER C 241 36.72 41.62 -5.11
CA SER C 241 35.79 41.75 -3.96
C SER C 241 36.56 41.52 -2.65
N GLU C 242 36.35 42.37 -1.65
CA GLU C 242 36.69 42.08 -0.22
C GLU C 242 35.59 41.19 0.35
N THR C 243 35.96 40.08 0.97
CA THR C 243 35.04 38.96 1.34
C THR C 243 35.19 38.60 2.82
N ARG C 244 34.08 38.38 3.52
CA ARG C 244 34.06 37.84 4.91
C ARG C 244 33.33 36.48 4.96
N VAL C 245 33.96 35.48 5.59
CA VAL C 245 33.33 34.16 5.90
C VAL C 245 33.23 34.01 7.42
N LYS C 246 32.00 33.83 7.92
CA LYS C 246 31.71 33.42 9.32
C LYS C 246 31.42 31.91 9.41
N VAL C 247 32.04 31.25 10.38
CA VAL C 247 31.73 29.84 10.73
C VAL C 247 30.56 29.85 11.73
N VAL C 248 29.34 29.58 11.25
CA VAL C 248 28.11 29.67 12.09
C VAL C 248 27.79 28.31 12.73
N LYS C 249 28.34 27.22 12.23
CA LYS C 249 28.25 25.88 12.87
C LYS C 249 29.56 25.13 12.65
N ASN C 250 30.06 24.48 13.69
CA ASN C 250 31.29 23.66 13.67
C ASN C 250 31.15 22.54 14.70
N LYS C 251 31.33 21.28 14.28
CA LYS C 251 31.32 20.06 15.14
C LYS C 251 32.72 19.47 15.28
N ILE C 252 33.73 20.00 14.60
CA ILE C 252 35.11 19.43 14.63
C ILE C 252 36.08 20.36 15.36
N ALA C 253 35.61 21.52 15.79
CA ALA C 253 36.37 22.56 16.53
C ALA C 253 35.39 23.67 16.93
N ALA C 254 35.84 24.69 17.65
CA ALA C 254 34.98 25.75 18.21
C ALA C 254 34.40 26.57 17.07
N PRO C 255 33.12 26.99 17.16
CA PRO C 255 32.55 27.85 16.13
C PRO C 255 32.73 29.35 16.41
N PHE C 256 32.17 30.16 15.52
CA PHE C 256 31.97 31.63 15.59
C PHE C 256 33.25 32.41 15.26
N LYS C 257 34.31 31.77 14.77
CA LYS C 257 35.49 32.49 14.21
C LYS C 257 35.17 32.98 12.79
N GLN C 258 35.92 33.96 12.31
CA GLN C 258 35.70 34.58 10.98
C GLN C 258 37.02 34.72 10.23
N ALA C 259 36.92 34.88 8.91
CA ALA C 259 38.05 35.01 7.98
C ALA C 259 37.76 36.14 6.99
N GLU C 260 38.78 36.90 6.62
CA GLU C 260 38.71 37.98 5.61
C GLU C 260 39.76 37.73 4.55
N PHE C 261 39.39 37.87 3.29
CA PHE C 261 40.32 37.71 2.15
C PHE C 261 39.75 38.41 0.93
N GLN C 262 40.55 38.48 -0.13
CA GLN C 262 40.19 39.09 -1.42
C GLN C 262 39.94 37.98 -2.44
N ILE C 263 38.90 38.14 -3.25
CA ILE C 263 38.69 37.38 -4.52
C ILE C 263 38.99 38.36 -5.66
N LEU C 264 40.01 38.07 -6.48
CA LEU C 264 40.37 38.88 -7.68
C LEU C 264 39.77 38.21 -8.92
N TYR C 265 39.00 38.97 -9.69
CA TYR C 265 38.25 38.46 -10.88
C TYR C 265 39.27 37.87 -11.86
N GLY C 266 39.18 36.56 -12.10
CA GLY C 266 39.98 35.81 -13.09
C GLY C 266 41.10 35.01 -12.45
N GLU C 267 41.42 35.26 -11.17
CA GLU C 267 42.50 34.55 -10.40
C GLU C 267 41.89 33.70 -9.28
N GLY C 268 40.91 34.24 -8.56
CA GLY C 268 40.31 33.60 -7.37
C GLY C 268 40.87 34.20 -6.09
N ILE C 269 41.12 33.38 -5.07
CA ILE C 269 41.51 33.85 -3.71
C ILE C 269 42.97 34.30 -3.73
N ASN C 270 43.22 35.51 -3.21
CA ASN C 270 44.56 36.13 -3.13
C ASN C 270 45.31 35.54 -1.93
N PHE C 271 46.07 34.47 -2.16
CA PHE C 271 46.86 33.74 -1.14
C PHE C 271 47.91 34.66 -0.51
N TYR C 272 48.78 35.28 -1.32
CA TYR C 272 49.90 36.14 -0.85
C TYR C 272 49.36 37.32 -0.04
N GLY C 273 48.21 37.87 -0.43
CA GLY C 273 47.49 38.92 0.34
C GLY C 273 47.19 38.47 1.76
N GLU C 274 46.79 37.21 1.96
CA GLU C 274 46.51 36.63 3.30
C GLU C 274 47.81 36.50 4.08
N LEU C 275 48.85 36.00 3.42
CA LEU C 275 50.20 35.74 4.00
C LEU C 275 50.82 37.04 4.54
N VAL C 276 50.58 38.17 3.87
CA VAL C 276 50.96 39.53 4.36
C VAL C 276 50.24 39.77 5.70
N ASP C 277 48.91 39.76 5.68
CA ASP C 277 48.04 40.07 6.86
C ASP C 277 48.36 39.15 8.04
N LEU C 278 48.70 37.87 7.81
CA LEU C 278 49.03 36.89 8.88
C LEU C 278 50.48 37.11 9.36
N GLY C 279 51.41 37.38 8.44
CA GLY C 279 52.82 37.72 8.76
C GLY C 279 52.92 38.99 9.61
N VAL C 280 52.09 39.99 9.30
CA VAL C 280 51.95 41.27 10.07
C VAL C 280 51.46 40.96 11.49
N LYS C 281 50.45 40.09 11.61
CA LYS C 281 49.77 39.74 12.90
C LYS C 281 50.70 38.88 13.79
N GLU C 282 51.59 38.07 13.18
CA GLU C 282 52.51 37.14 13.89
C GLU C 282 53.92 37.75 14.03
N LYS C 283 54.07 39.06 13.82
CA LYS C 283 55.28 39.87 14.16
C LYS C 283 56.45 39.53 13.21
N LEU C 284 56.19 38.80 12.12
CA LEU C 284 57.23 38.39 11.13
C LEU C 284 57.39 39.51 10.09
N ILE C 285 56.39 40.39 9.95
CA ILE C 285 56.41 41.55 9.02
C ILE C 285 56.13 42.82 9.83
N GLU C 286 56.99 43.83 9.69
CA GLU C 286 56.91 45.14 10.41
C GLU C 286 56.11 46.12 9.54
N LYS C 287 55.09 46.76 10.11
CA LYS C 287 54.25 47.78 9.42
C LYS C 287 54.47 49.14 10.07
N ALA C 288 55.29 49.99 9.42
CA ALA C 288 55.59 51.39 9.83
C ALA C 288 54.64 52.34 9.09
N GLY C 289 53.40 52.43 9.55
CA GLY C 289 52.33 53.22 8.92
C GLY C 289 51.74 52.51 7.71
N ALA C 290 52.17 52.91 6.50
CA ALA C 290 51.82 52.26 5.21
C ALA C 290 53.04 51.54 4.61
N TRP C 291 54.17 51.52 5.32
CA TRP C 291 55.43 50.87 4.87
C TRP C 291 55.53 49.46 5.49
N TYR C 292 55.49 48.42 4.65
CA TYR C 292 55.74 47.01 5.01
C TYR C 292 57.24 46.75 4.88
N SER C 293 57.85 46.18 5.94
CA SER C 293 59.30 45.85 6.02
C SER C 293 59.47 44.44 6.58
N TYR C 294 60.35 43.64 5.96
CA TYR C 294 60.72 42.27 6.41
C TYR C 294 62.20 42.23 6.82
N LYS C 295 62.46 42.01 8.10
CA LYS C 295 63.83 41.88 8.71
C LYS C 295 64.66 43.14 8.41
N GLY C 296 64.04 44.33 8.47
CA GLY C 296 64.70 45.62 8.19
C GLY C 296 64.55 46.05 6.74
N GLU C 297 64.69 45.11 5.80
CA GLU C 297 64.52 45.30 4.33
C GLU C 297 63.09 45.80 4.07
N LYS C 298 62.93 47.02 3.51
CA LYS C 298 61.62 47.62 3.17
C LYS C 298 61.10 46.98 1.88
N ILE C 299 59.99 46.24 1.98
CA ILE C 299 59.49 45.30 0.92
C ILE C 299 58.47 46.02 0.00
N GLY C 300 57.65 46.91 0.55
CA GLY C 300 56.60 47.61 -0.22
C GLY C 300 56.01 48.78 0.53
N GLN C 301 55.13 49.53 -0.15
CA GLN C 301 54.42 50.73 0.37
C GLN C 301 52.94 50.62 -0.03
N GLY C 302 52.11 50.14 0.90
CA GLY C 302 50.75 49.64 0.63
C GLY C 302 50.75 48.13 0.42
N LYS C 303 49.59 47.49 0.68
CA LYS C 303 49.42 46.01 0.74
C LYS C 303 49.72 45.37 -0.62
N ALA C 304 49.29 46.00 -1.71
CA ALA C 304 49.37 45.49 -3.11
C ALA C 304 50.83 45.36 -3.56
N ASN C 305 51.68 46.35 -3.23
CA ASN C 305 53.13 46.37 -3.57
C ASN C 305 53.87 45.32 -2.75
N ALA C 306 53.54 45.22 -1.45
CA ALA C 306 54.07 44.22 -0.50
C ALA C 306 53.70 42.80 -0.95
N THR C 307 52.49 42.63 -1.50
CA THR C 307 51.98 41.35 -2.07
C THR C 307 52.77 41.02 -3.35
N ALA C 308 52.98 42.03 -4.20
CA ALA C 308 53.77 41.92 -5.47
C ALA C 308 55.22 41.58 -5.16
N TRP C 309 55.77 42.10 -4.05
CA TRP C 309 57.16 41.81 -3.58
C TRP C 309 57.27 40.32 -3.21
N LEU C 310 56.33 39.81 -2.40
CA LEU C 310 56.27 38.37 -1.99
C LEU C 310 56.15 37.47 -3.22
N LYS C 311 55.38 37.91 -4.22
CA LYS C 311 55.19 37.22 -5.52
C LYS C 311 56.55 36.94 -6.18
N ASP C 312 57.43 37.96 -6.26
CA ASP C 312 58.70 37.91 -7.03
C ASP C 312 59.85 37.36 -6.16
N ASN C 313 59.64 37.11 -4.86
CA ASN C 313 60.61 36.47 -3.93
C ASN C 313 59.98 35.22 -3.33
N PRO C 314 59.92 34.08 -4.06
CA PRO C 314 59.22 32.87 -3.59
C PRO C 314 59.77 32.25 -2.29
N GLU C 315 61.10 32.27 -2.08
CA GLU C 315 61.78 31.65 -0.91
C GLU C 315 61.36 32.36 0.39
N THR C 316 61.27 33.69 0.35
CA THR C 316 60.84 34.55 1.48
C THR C 316 59.41 34.22 1.88
N ALA C 317 58.50 34.14 0.90
CA ALA C 317 57.07 33.77 1.07
C ALA C 317 56.96 32.33 1.59
N LYS C 318 57.87 31.45 1.15
CA LYS C 318 57.95 30.01 1.56
C LYS C 318 58.16 29.92 3.08
N GLU C 319 59.12 30.68 3.62
CA GLU C 319 59.59 30.56 5.03
C GLU C 319 58.70 31.40 5.96
N ILE C 320 58.00 32.43 5.46
CA ILE C 320 56.93 33.14 6.22
C ILE C 320 55.73 32.20 6.38
N GLU C 321 55.32 31.52 5.30
CA GLU C 321 54.19 30.54 5.30
C GLU C 321 54.48 29.46 6.35
N LYS C 322 55.64 28.81 6.24
CA LYS C 322 56.11 27.74 7.16
C LYS C 322 55.89 28.14 8.63
N LYS C 323 56.26 29.37 8.98
CA LYS C 323 56.22 29.88 10.38
C LYS C 323 54.76 30.06 10.83
N VAL C 324 53.97 30.81 10.04
CA VAL C 324 52.52 31.10 10.27
C VAL C 324 51.79 29.76 10.48
N ARG C 325 52.13 28.75 9.67
CA ARG C 325 51.54 27.39 9.71
C ARG C 325 51.86 26.75 11.07
N GLU C 326 53.15 26.63 11.42
CA GLU C 326 53.64 26.04 12.70
C GLU C 326 52.93 26.71 13.89
N LEU C 327 52.83 28.04 13.88
CA LEU C 327 52.35 28.86 15.03
C LEU C 327 50.83 28.70 15.23
N LEU C 328 50.01 29.00 14.20
CA LEU C 328 48.54 29.20 14.35
C LEU C 328 47.75 27.90 14.14
N LEU C 329 48.21 26.99 13.28
CA LEU C 329 47.52 25.69 13.03
C LEU C 329 47.81 24.73 14.18
N SER C 330 46.78 24.40 14.96
CA SER C 330 46.84 23.70 16.27
C SER C 330 47.48 22.30 16.14
N ASN C 331 47.13 21.57 15.07
CA ASN C 331 47.46 20.13 14.89
C ASN C 331 48.28 19.95 13.61
N PRO C 332 49.63 19.78 13.71
CA PRO C 332 50.42 19.25 12.60
C PRO C 332 49.98 17.81 12.27
N ASN C 333 49.64 17.54 11.01
CA ASN C 333 49.27 16.19 10.50
C ASN C 333 50.46 15.26 10.72
N SER C 334 51.65 15.70 10.29
CA SER C 334 52.99 15.11 10.59
C SER C 334 54.08 15.88 9.83
N ALA D 2 -15.90 -16.15 57.36
CA ALA D 2 -16.79 -17.19 56.73
C ALA D 2 -16.74 -17.09 55.20
N ILE D 3 -17.13 -15.94 54.65
CA ILE D 3 -17.15 -15.64 53.18
C ILE D 3 -15.74 -15.18 52.76
N ASP D 4 -15.09 -14.36 53.59
CA ASP D 4 -13.80 -13.67 53.28
C ASP D 4 -12.62 -14.65 53.47
N GLU D 5 -12.84 -15.80 54.11
CA GLU D 5 -11.80 -16.84 54.37
C GLU D 5 -11.66 -17.78 53.17
N ASN D 6 -12.77 -18.09 52.48
CA ASN D 6 -12.77 -18.88 51.21
C ASN D 6 -12.06 -18.09 50.10
N LYS D 7 -12.19 -16.75 50.11
CA LYS D 7 -11.52 -15.83 49.15
C LYS D 7 -10.00 -15.90 49.32
N GLN D 8 -9.51 -15.85 50.57
CA GLN D 8 -8.06 -15.90 50.93
C GLN D 8 -7.41 -17.18 50.37
N LYS D 9 -8.11 -18.31 50.47
CA LYS D 9 -7.66 -19.64 49.95
C LYS D 9 -7.62 -19.63 48.42
N ALA D 10 -8.73 -19.19 47.81
CA ALA D 10 -8.90 -19.06 46.34
C ALA D 10 -7.78 -18.19 45.76
N LEU D 11 -7.44 -17.09 46.44
CA LEU D 11 -6.36 -16.14 46.03
C LEU D 11 -5.00 -16.83 46.13
N ALA D 12 -4.69 -17.42 47.28
CA ALA D 12 -3.44 -18.16 47.58
C ALA D 12 -3.20 -19.25 46.52
N ALA D 13 -4.26 -19.97 46.13
CA ALA D 13 -4.24 -21.06 45.11
C ALA D 13 -3.91 -20.48 43.72
N ALA D 14 -4.61 -19.40 43.33
CA ALA D 14 -4.43 -18.69 42.04
C ALA D 14 -3.01 -18.13 41.94
N LEU D 15 -2.53 -17.46 43.01
CA LEU D 15 -1.15 -16.91 43.10
C LEU D 15 -0.12 -18.04 42.99
N GLY D 16 -0.37 -19.17 43.67
CA GLY D 16 0.45 -20.39 43.56
C GLY D 16 0.54 -20.89 42.13
N GLN D 17 -0.60 -20.98 41.44
CA GLN D 17 -0.71 -21.48 40.04
C GLN D 17 0.03 -20.55 39.07
N ILE D 18 -0.16 -19.23 39.21
CA ILE D 18 0.48 -18.19 38.34
C ILE D 18 2.00 -18.27 38.51
N GLU D 19 2.48 -18.32 39.76
CA GLU D 19 3.93 -18.40 40.11
C GLU D 19 4.53 -19.69 39.55
N LYS D 20 3.76 -20.79 39.60
CA LYS D 20 4.19 -22.12 39.10
C LYS D 20 4.33 -22.11 37.58
N GLN D 21 3.37 -21.48 36.88
CA GLN D 21 3.29 -21.46 35.39
C GLN D 21 4.35 -20.54 34.78
N PHE D 22 4.57 -19.35 35.38
CA PHE D 22 5.33 -18.23 34.76
C PHE D 22 6.63 -17.91 35.51
N GLY D 23 6.76 -18.29 36.79
CA GLY D 23 8.01 -18.13 37.56
C GLY D 23 7.80 -17.44 38.90
N LYS D 24 8.87 -17.29 39.68
CA LYS D 24 8.86 -16.91 41.12
C LYS D 24 8.19 -15.53 41.29
N GLY D 25 8.76 -14.48 40.71
CA GLY D 25 8.31 -13.08 40.91
C GLY D 25 7.33 -12.61 39.84
N SER D 26 6.57 -13.53 39.24
CA SER D 26 5.63 -13.23 38.11
C SER D 26 4.44 -12.41 38.61
N ILE D 27 4.04 -12.61 39.87
CA ILE D 27 3.04 -11.77 40.58
C ILE D 27 3.43 -11.67 42.06
N MET D 28 3.28 -10.49 42.65
CA MET D 28 3.49 -10.26 44.10
C MET D 28 2.89 -8.92 44.52
N ARG D 29 2.91 -8.60 45.80
CA ARG D 29 2.39 -7.32 46.36
C ARG D 29 3.39 -6.20 46.08
N LEU D 30 2.87 -5.03 45.72
CA LEU D 30 3.65 -3.87 45.18
C LEU D 30 4.65 -3.38 46.24
N GLY D 31 4.24 -3.37 47.51
CA GLY D 31 5.04 -2.90 48.67
C GLY D 31 6.27 -3.74 48.95
N GLU D 32 6.27 -5.01 48.55
CA GLU D 32 7.40 -5.96 48.80
C GLU D 32 8.11 -6.31 47.47
N ASP D 33 8.00 -5.45 46.46
CA ASP D 33 8.73 -5.59 45.16
C ASP D 33 9.81 -4.50 45.11
N ARG D 34 11.07 -4.88 45.37
CA ARG D 34 12.24 -3.97 45.42
C ARG D 34 12.74 -3.62 44.01
N SER D 35 12.48 -4.48 43.01
CA SER D 35 12.77 -4.23 41.56
C SER D 35 12.04 -2.97 41.07
N MET D 36 10.92 -2.64 41.70
CA MET D 36 9.98 -1.56 41.32
C MET D 36 10.46 -0.20 41.84
N ASP D 37 11.41 -0.17 42.78
CA ASP D 37 11.95 1.10 43.36
C ASP D 37 12.75 1.87 42.29
N VAL D 38 12.60 3.19 42.26
CA VAL D 38 13.26 4.10 41.28
C VAL D 38 14.66 4.46 41.79
N GLU D 39 15.69 4.15 40.98
CA GLU D 39 17.11 4.48 41.18
C GLU D 39 17.53 5.46 40.07
N THR D 40 18.25 6.55 40.42
CA THR D 40 18.64 7.63 39.47
C THR D 40 20.16 7.73 39.34
N ILE D 41 20.63 8.32 38.24
CA ILE D 41 22.06 8.75 38.02
C ILE D 41 22.09 10.22 37.58
N SER D 42 23.22 10.88 37.84
CA SER D 42 23.44 12.33 37.60
C SER D 42 23.44 12.64 36.10
N THR D 43 23.02 13.86 35.75
CA THR D 43 23.05 14.42 34.37
C THR D 43 24.34 15.22 34.14
N GLY D 44 25.17 15.44 35.17
CA GLY D 44 26.35 16.31 35.11
C GLY D 44 26.02 17.77 35.41
N SER D 45 24.73 18.13 35.44
CA SER D 45 24.21 19.48 35.79
C SER D 45 23.41 19.41 37.10
N LEU D 46 23.85 20.15 38.13
CA LEU D 46 23.19 20.14 39.47
C LEU D 46 21.80 20.79 39.37
N SER D 47 21.66 21.84 38.56
CA SER D 47 20.36 22.54 38.35
C SER D 47 19.35 21.62 37.64
N LEU D 48 19.82 20.71 36.77
CA LEU D 48 18.96 19.77 36.01
C LEU D 48 18.53 18.63 36.94
N ASP D 49 19.45 18.12 37.76
CA ASP D 49 19.18 17.12 38.82
C ASP D 49 18.10 17.64 39.79
N ILE D 50 18.08 18.94 40.08
CA ILE D 50 17.03 19.59 40.93
C ILE D 50 15.70 19.68 40.18
N ALA D 51 15.72 20.10 38.91
CA ALA D 51 14.51 20.23 38.06
C ALA D 51 13.83 18.87 37.84
N LEU D 52 14.58 17.78 37.87
CA LEU D 52 14.05 16.41 37.62
C LEU D 52 13.36 15.88 38.88
N GLY D 53 13.61 16.48 40.05
CA GLY D 53 12.87 16.21 41.30
C GLY D 53 13.41 15.02 42.09
N ALA D 54 13.86 13.97 41.42
CA ALA D 54 14.36 12.70 42.04
C ALA D 54 15.89 12.62 41.98
N GLY D 55 16.57 13.72 41.63
CA GLY D 55 18.04 13.82 41.70
C GLY D 55 18.75 13.20 40.50
N GLY D 56 18.06 12.96 39.38
CA GLY D 56 18.71 12.48 38.14
C GLY D 56 17.77 11.72 37.22
N LEU D 57 18.35 10.97 36.27
CA LEU D 57 17.60 10.20 35.23
C LEU D 57 17.41 8.78 35.74
N PRO D 58 16.20 8.20 35.55
CA PRO D 58 15.87 6.89 36.14
C PRO D 58 16.43 5.69 35.36
N MET D 59 17.12 4.78 36.06
CA MET D 59 17.63 3.52 35.48
C MET D 59 16.44 2.60 35.14
N GLY D 60 16.53 1.90 34.01
CA GLY D 60 15.52 0.91 33.57
C GLY D 60 14.45 1.51 32.69
N ARG D 61 14.57 2.79 32.34
CA ARG D 61 13.51 3.54 31.63
C ARG D 61 14.04 4.08 30.31
N ILE D 62 13.13 4.64 29.52
CA ILE D 62 13.39 5.37 28.24
C ILE D 62 13.32 6.88 28.53
N VAL D 63 14.26 7.63 27.95
CA VAL D 63 14.37 9.11 28.07
C VAL D 63 14.52 9.68 26.66
N GLU D 64 13.85 10.79 26.38
CA GLU D 64 13.96 11.54 25.10
C GLU D 64 14.54 12.93 25.40
N ILE D 65 15.57 13.32 24.65
CA ILE D 65 16.14 14.69 24.62
C ILE D 65 15.95 15.24 23.20
N TYR D 66 15.23 16.34 23.06
CA TYR D 66 15.03 16.97 21.73
C TYR D 66 15.31 18.46 21.83
N GLY D 67 15.54 19.06 20.67
CA GLY D 67 15.77 20.51 20.57
C GLY D 67 16.16 20.92 19.16
N PRO D 68 16.40 22.23 18.92
CA PRO D 68 16.90 22.74 17.66
C PRO D 68 18.39 22.41 17.43
N GLU D 69 18.91 22.88 16.29
CA GLU D 69 20.30 22.63 15.86
C GLU D 69 21.28 23.29 16.84
N SER D 70 22.37 22.59 17.18
CA SER D 70 23.50 23.08 18.01
C SER D 70 23.01 23.62 19.36
N SER D 71 22.06 22.94 19.99
CA SER D 71 21.45 23.34 21.28
C SER D 71 22.15 22.62 22.45
N GLY D 72 22.98 21.62 22.17
CA GLY D 72 23.80 20.91 23.17
C GLY D 72 23.30 19.52 23.50
N LYS D 73 22.54 18.89 22.61
CA LYS D 73 21.95 17.54 22.82
C LYS D 73 23.03 16.48 22.99
N THR D 74 24.01 16.42 22.09
CA THR D 74 25.11 15.42 22.13
C THR D 74 26.02 15.70 23.33
N THR D 75 26.37 16.96 23.59
CA THR D 75 27.21 17.37 24.73
C THR D 75 26.56 16.92 26.04
N LEU D 76 25.26 17.14 26.21
CA LEU D 76 24.54 16.76 27.46
C LEU D 76 24.57 15.24 27.65
N THR D 77 24.41 14.44 26.60
CA THR D 77 24.44 12.95 26.70
C THR D 77 25.84 12.43 27.03
N LEU D 78 26.91 13.09 26.55
CA LEU D 78 28.30 12.64 26.83
C LEU D 78 28.67 12.92 28.30
N GLN D 79 28.12 13.99 28.87
CA GLN D 79 28.33 14.33 30.30
C GLN D 79 27.65 13.30 31.21
N VAL D 80 26.48 12.74 30.84
CA VAL D 80 25.85 11.67 31.68
C VAL D 80 26.68 10.39 31.51
N ILE D 81 27.17 10.09 30.32
CA ILE D 81 28.10 8.92 30.12
C ILE D 81 29.36 9.11 30.97
N ALA D 82 29.93 10.31 30.99
CA ALA D 82 31.16 10.64 31.75
C ALA D 82 30.94 10.41 33.25
N ALA D 83 29.82 10.89 33.80
CA ALA D 83 29.46 10.75 35.23
C ALA D 83 29.23 9.27 35.57
N ALA D 84 28.57 8.53 34.69
CA ALA D 84 28.26 7.09 34.91
C ALA D 84 29.55 6.27 34.93
N GLN D 85 30.49 6.55 34.02
CA GLN D 85 31.81 5.84 33.93
C GLN D 85 32.63 6.08 35.20
N ARG D 86 32.53 7.26 35.83
CA ARG D 86 33.24 7.61 37.09
C ARG D 86 32.68 6.83 38.28
N GLU D 87 31.56 6.11 38.12
CA GLU D 87 30.94 5.22 39.14
C GLU D 87 31.03 3.75 38.69
N GLY D 88 31.88 3.44 37.71
CA GLY D 88 32.19 2.06 37.29
C GLY D 88 31.08 1.42 36.47
N LYS D 89 30.20 2.22 35.85
CA LYS D 89 29.13 1.72 34.94
C LYS D 89 29.68 1.64 33.51
N THR D 90 29.21 0.66 32.73
CA THR D 90 29.57 0.45 31.30
C THR D 90 28.53 1.14 30.41
N CYS D 91 29.00 1.85 29.38
CA CYS D 91 28.17 2.71 28.51
C CYS D 91 28.42 2.41 27.03
N ALA D 92 27.39 2.56 26.19
CA ALA D 92 27.43 2.42 24.73
C ALA D 92 26.83 3.66 24.04
N PHE D 93 27.31 3.98 22.84
CA PHE D 93 26.87 5.12 22.01
C PHE D 93 26.57 4.61 20.59
N ILE D 94 25.32 4.66 20.15
CA ILE D 94 24.90 4.30 18.77
C ILE D 94 24.83 5.57 17.94
N ASP D 95 25.86 5.84 17.11
CA ASP D 95 26.03 7.11 16.35
C ASP D 95 25.41 6.96 14.96
N ALA D 96 24.07 7.02 14.88
CA ALA D 96 23.26 6.92 13.63
C ALA D 96 23.43 8.16 12.74
N GLU D 97 23.76 9.33 13.30
CA GLU D 97 24.07 10.59 12.54
C GLU D 97 25.47 10.51 11.89
N HIS D 98 26.36 9.63 12.36
CA HIS D 98 27.74 9.46 11.81
C HIS D 98 28.53 10.76 12.00
N ALA D 99 28.45 11.39 13.17
CA ALA D 99 29.07 12.72 13.41
C ALA D 99 29.66 12.86 14.83
N LEU D 100 30.10 11.76 15.46
CA LEU D 100 30.77 11.84 16.79
C LEU D 100 32.27 12.09 16.59
N ASP D 101 32.82 13.10 17.29
CA ASP D 101 34.28 13.41 17.38
C ASP D 101 34.83 12.79 18.67
N PRO D 102 35.67 11.74 18.59
CA PRO D 102 36.21 11.08 19.79
C PRO D 102 37.17 11.93 20.63
N ILE D 103 37.92 12.87 20.03
CA ILE D 103 38.80 13.82 20.77
C ILE D 103 37.94 14.72 21.65
N TYR D 104 36.84 15.26 21.13
CA TYR D 104 35.92 16.16 21.88
C TYR D 104 35.31 15.40 23.06
N ALA D 105 34.89 14.15 22.84
CA ALA D 105 34.31 13.29 23.89
C ALA D 105 35.31 13.15 25.05
N ARG D 106 36.58 12.89 24.73
CA ARG D 106 37.70 12.79 25.72
C ARG D 106 37.84 14.08 26.53
N LYS D 107 37.73 15.25 25.90
CA LYS D 107 37.85 16.57 26.57
C LYS D 107 36.69 16.82 27.56
N LEU D 108 35.53 16.19 27.34
CA LEU D 108 34.34 16.34 28.23
C LEU D 108 34.42 15.35 29.40
N GLY D 109 35.39 14.43 29.39
CA GLY D 109 35.70 13.54 30.53
C GLY D 109 35.32 12.09 30.27
N VAL D 110 35.03 11.71 29.02
CA VAL D 110 34.63 10.33 28.67
C VAL D 110 35.88 9.46 28.57
N ASP D 111 35.87 8.28 29.18
CA ASP D 111 36.88 7.23 28.97
C ASP D 111 36.60 6.57 27.60
N ILE D 112 37.28 7.07 26.57
CA ILE D 112 37.17 6.66 25.13
C ILE D 112 37.54 5.18 24.97
N ASP D 113 38.47 4.68 25.78
CA ASP D 113 39.01 3.29 25.70
C ASP D 113 37.95 2.26 26.11
N ASN D 114 36.97 2.63 26.95
CA ASN D 114 35.93 1.71 27.50
C ASN D 114 34.53 2.03 26.97
N LEU D 115 34.35 3.08 26.15
CA LEU D 115 33.05 3.46 25.56
C LEU D 115 32.80 2.59 24.31
N LEU D 116 31.76 1.75 24.33
CA LEU D 116 31.36 0.96 23.14
C LEU D 116 30.70 1.91 22.14
N CYS D 117 31.08 1.83 20.86
CA CYS D 117 30.53 2.71 19.80
C CYS D 117 30.15 1.85 18.60
N SER D 118 29.06 2.22 17.93
CA SER D 118 28.52 1.58 16.71
C SER D 118 28.03 2.66 15.75
N GLN D 119 28.35 2.52 14.46
CA GLN D 119 27.83 3.39 13.38
C GLN D 119 27.03 2.50 12.44
N PRO D 120 25.75 2.21 12.75
CA PRO D 120 24.98 1.23 12.01
C PRO D 120 24.47 1.75 10.66
N ASP D 121 24.19 0.81 9.75
CA ASP D 121 23.83 1.09 8.34
C ASP D 121 22.31 1.33 8.22
N THR D 122 21.50 0.64 9.04
CA THR D 122 20.02 0.75 9.04
C THR D 122 19.51 1.07 10.45
N GLY D 123 18.28 1.55 10.51
CA GLY D 123 17.49 1.73 11.75
C GLY D 123 17.23 0.41 12.45
N GLU D 124 16.98 -0.66 11.69
CA GLU D 124 16.69 -2.01 12.27
C GLU D 124 17.95 -2.56 12.94
N GLN D 125 19.11 -2.38 12.32
CA GLN D 125 20.42 -2.81 12.87
C GLN D 125 20.69 -2.05 14.18
N ALA D 126 20.52 -0.73 14.16
CA ALA D 126 20.71 0.15 15.34
C ALA D 126 19.85 -0.34 16.52
N LEU D 127 18.57 -0.61 16.26
CA LEU D 127 17.59 -0.98 17.32
C LEU D 127 17.78 -2.45 17.75
N GLU D 128 18.28 -3.32 16.87
CA GLU D 128 18.66 -4.73 17.22
C GLU D 128 19.91 -4.77 18.10
N ILE D 129 20.86 -3.84 17.91
CA ILE D 129 22.07 -3.74 18.78
C ILE D 129 21.67 -3.28 20.19
N CYS D 130 20.74 -2.32 20.30
CA CYS D 130 20.15 -1.85 21.59
C CYS D 130 19.53 -3.03 22.36
N ASP D 131 18.74 -3.86 21.68
CA ASP D 131 18.03 -5.02 22.27
C ASP D 131 19.06 -6.06 22.77
N ALA D 132 20.05 -6.40 21.95
CA ALA D 132 21.16 -7.34 22.31
C ALA D 132 21.94 -6.83 23.51
N LEU D 133 22.29 -5.54 23.55
CA LEU D 133 23.06 -4.94 24.67
C LEU D 133 22.21 -4.90 25.95
N ALA D 134 20.91 -4.65 25.83
CA ALA D 134 19.96 -4.62 26.96
C ALA D 134 19.85 -6.02 27.58
N ARG D 135 19.61 -7.06 26.75
CA ARG D 135 19.43 -8.47 27.21
C ARG D 135 20.71 -8.99 27.90
N SER D 136 21.90 -8.53 27.49
CA SER D 136 23.21 -8.97 28.02
C SER D 136 23.29 -8.80 29.55
N GLY D 137 22.71 -7.72 30.08
CA GLY D 137 22.77 -7.36 31.51
C GLY D 137 24.08 -6.69 31.91
N ALA D 138 24.94 -6.37 30.93
CA ALA D 138 26.33 -5.90 31.15
C ALA D 138 26.50 -4.40 30.85
N VAL D 139 25.53 -3.77 30.18
CA VAL D 139 25.57 -2.32 29.81
C VAL D 139 24.54 -1.57 30.68
N ASP D 140 24.93 -0.40 31.21
CA ASP D 140 24.12 0.41 32.15
C ASP D 140 23.45 1.60 31.43
N VAL D 141 24.15 2.26 30.50
CA VAL D 141 23.63 3.43 29.73
C VAL D 141 23.85 3.20 28.23
N ILE D 142 22.81 3.36 27.43
CA ILE D 142 22.87 3.36 25.94
C ILE D 142 22.34 4.70 25.46
N VAL D 143 23.05 5.38 24.55
CA VAL D 143 22.45 6.58 23.90
C VAL D 143 22.43 6.38 22.38
N VAL D 144 21.28 6.71 21.78
CA VAL D 144 21.01 6.64 20.31
C VAL D 144 20.98 8.06 19.75
N ASP D 145 22.03 8.46 19.02
CA ASP D 145 22.13 9.83 18.46
C ASP D 145 21.31 9.91 17.16
N SER D 146 20.11 10.45 17.38
CA SER D 146 19.02 10.86 16.48
C SER D 146 18.29 9.62 15.97
N VAL D 147 17.03 9.56 16.39
CA VAL D 147 15.95 8.77 15.77
C VAL D 147 15.63 9.34 14.36
N ALA D 148 15.94 10.60 14.07
CA ALA D 148 15.74 11.20 12.71
C ALA D 148 16.59 10.48 11.65
N ALA D 149 17.74 9.92 12.04
CA ALA D 149 18.69 9.22 11.15
C ALA D 149 18.50 7.69 11.17
N LEU D 150 17.57 7.15 11.98
CA LEU D 150 17.25 5.69 12.03
C LEU D 150 16.48 5.31 10.76
N THR D 151 17.18 5.00 9.66
CA THR D 151 16.54 4.81 8.33
C THR D 151 16.16 3.36 8.16
N PRO D 152 14.88 3.03 7.83
CA PRO D 152 14.50 1.63 7.56
C PRO D 152 15.19 1.06 6.32
N LYS D 153 15.47 -0.25 6.32
CA LYS D 153 16.20 -0.99 5.26
C LYS D 153 15.56 -0.73 3.88
N ALA D 154 14.24 -0.82 3.78
CA ALA D 154 13.48 -0.63 2.52
C ALA D 154 13.70 0.78 1.95
N GLU D 155 13.88 1.79 2.80
CA GLU D 155 14.11 3.19 2.36
C GLU D 155 15.56 3.33 1.85
N ILE D 156 16.53 2.62 2.45
CA ILE D 156 17.97 2.64 2.03
C ILE D 156 18.13 1.93 0.68
N GLU D 157 17.46 0.79 0.50
CA GLU D 157 17.50 0.01 -0.77
C GLU D 157 16.76 0.75 -1.88
N GLY D 158 15.75 1.55 -1.54
CA GLY D 158 14.92 2.29 -2.51
C GLY D 158 15.63 3.49 -3.09
N GLU D 159 14.89 4.31 -3.84
CA GLU D 159 15.38 5.54 -4.54
C GLU D 159 14.85 6.78 -3.83
N ILE D 160 15.55 7.91 -4.01
CA ILE D 160 15.14 9.23 -3.46
C ILE D 160 13.89 9.69 -4.22
N GLY D 161 12.83 10.03 -3.48
CA GLY D 161 11.50 10.36 -4.02
C GLY D 161 10.48 9.27 -3.76
N ASP D 162 10.92 8.03 -3.50
CA ASP D 162 10.04 6.87 -3.18
C ASP D 162 9.34 7.11 -1.84
N SER D 163 8.02 6.93 -1.79
CA SER D 163 7.19 7.07 -0.56
C SER D 163 7.29 5.78 0.27
N HIS D 164 7.51 5.93 1.57
CA HIS D 164 7.49 4.84 2.59
C HIS D 164 6.56 5.24 3.74
N MET D 165 5.25 5.09 3.50
CA MET D 165 4.15 5.65 4.34
C MET D 165 4.23 5.09 5.76
N GLY D 166 4.58 5.94 6.73
CA GLY D 166 4.60 5.59 8.18
C GLY D 166 5.47 4.39 8.49
N LEU D 167 6.49 4.10 7.68
CA LEU D 167 7.38 2.91 7.86
C LEU D 167 8.32 3.13 9.06
N ALA D 168 8.87 4.33 9.23
CA ALA D 168 9.77 4.67 10.36
C ALA D 168 8.98 4.68 11.68
N ALA D 169 7.78 5.26 11.68
CA ALA D 169 6.85 5.29 12.83
C ALA D 169 6.46 3.88 13.25
N ARG D 170 6.31 2.95 12.30
CA ARG D 170 5.97 1.53 12.59
C ARG D 170 7.14 0.82 13.27
N MET D 171 8.36 1.01 12.76
CA MET D 171 9.60 0.44 13.32
C MET D 171 9.81 0.91 14.77
N MET D 172 9.55 2.20 15.03
CA MET D 172 9.69 2.80 16.39
C MET D 172 8.65 2.22 17.34
N SER D 173 7.40 2.13 16.89
CA SER D 173 6.26 1.51 17.62
C SER D 173 6.61 0.07 18.00
N GLN D 174 7.17 -0.70 17.07
CA GLN D 174 7.61 -2.10 17.31
C GLN D 174 8.79 -2.13 18.28
N ALA D 175 9.76 -1.22 18.14
CA ALA D 175 10.96 -1.17 19.00
C ALA D 175 10.60 -0.91 20.47
N MET D 176 9.70 0.03 20.75
CA MET D 176 9.28 0.39 22.13
C MET D 176 8.67 -0.83 22.83
N ARG D 177 7.71 -1.47 22.18
CA ARG D 177 7.08 -2.75 22.61
C ARG D 177 8.14 -3.79 23.03
N LYS D 178 9.14 -4.05 22.18
CA LYS D 178 10.17 -5.09 22.44
C LYS D 178 11.18 -4.66 23.51
N LEU D 179 11.52 -3.37 23.64
CA LEU D 179 12.64 -2.88 24.50
C LEU D 179 12.19 -2.63 25.95
N ALA D 180 11.00 -2.06 26.18
CA ALA D 180 10.59 -1.57 27.51
C ALA D 180 10.84 -2.63 28.59
N GLY D 181 10.40 -3.86 28.35
CA GLY D 181 10.52 -4.99 29.30
C GLY D 181 11.97 -5.38 29.55
N ASN D 182 12.78 -5.47 28.50
CA ASN D 182 14.21 -5.87 28.58
C ASN D 182 15.02 -4.79 29.34
N LEU D 183 14.78 -3.51 29.09
CA LEU D 183 15.49 -2.41 29.81
C LEU D 183 15.22 -2.46 31.31
N LYS D 184 13.99 -2.78 31.71
CA LYS D 184 13.58 -2.82 33.13
C LYS D 184 14.24 -4.02 33.83
N GLN D 185 14.28 -5.18 33.18
CA GLN D 185 14.88 -6.43 33.71
C GLN D 185 16.38 -6.22 33.97
N SER D 186 17.09 -5.58 33.03
CA SER D 186 18.56 -5.32 33.08
C SER D 186 18.90 -4.10 33.95
N ASN D 187 17.93 -3.22 34.22
CA ASN D 187 18.17 -1.92 34.94
C ASN D 187 19.04 -1.00 34.08
N THR D 188 18.83 -1.02 32.75
CA THR D 188 19.56 -0.24 31.72
C THR D 188 18.79 1.04 31.35
N LEU D 189 19.46 2.19 31.32
CA LEU D 189 18.90 3.50 30.89
C LEU D 189 19.14 3.66 29.38
N LEU D 190 18.08 3.88 28.60
CA LEU D 190 18.18 4.16 27.15
C LEU D 190 17.79 5.62 26.90
N ILE D 191 18.71 6.42 26.35
CA ILE D 191 18.45 7.84 25.96
C ILE D 191 18.36 7.92 24.44
N PHE D 192 17.24 8.44 23.94
CA PHE D 192 17.03 8.80 22.51
C PHE D 192 17.21 10.30 22.33
N ILE D 193 18.16 10.72 21.51
CA ILE D 193 18.23 12.12 21.00
C ILE D 193 17.27 12.23 19.80
N ASN D 194 16.50 13.31 19.69
CA ASN D 194 15.59 13.58 18.55
C ASN D 194 15.77 15.01 18.03
N GLN D 195 15.47 15.21 16.74
CA GLN D 195 15.52 16.54 16.06
C GLN D 195 14.11 17.10 15.97
N ILE D 196 14.01 18.41 15.77
CA ILE D 196 12.71 19.12 15.56
C ILE D 196 12.44 19.21 14.05
N ARG D 197 11.16 19.09 13.67
CA ARG D 197 10.65 19.42 12.31
C ARG D 197 9.37 20.25 12.47
N MET D 198 8.99 20.96 11.44
CA MET D 198 7.78 21.84 11.43
C MET D 198 6.62 21.02 10.85
N LYS D 199 5.42 21.15 11.41
CA LYS D 199 4.18 20.59 10.80
C LYS D 199 3.40 21.70 10.09
N ILE D 200 2.79 21.36 8.95
CA ILE D 200 2.12 22.33 8.03
C ILE D 200 0.61 22.05 8.04
N GLY D 201 -0.20 23.07 7.75
CA GLY D 201 -1.67 23.06 7.93
C GLY D 201 -2.04 23.24 9.39
N VAL D 202 -1.39 24.19 10.06
CA VAL D 202 -1.51 24.45 11.53
C VAL D 202 -1.53 25.97 11.77
N MET D 203 -2.37 26.42 12.71
CA MET D 203 -2.43 27.83 13.22
C MET D 203 -2.47 27.79 14.76
N PHE D 204 -3.33 26.93 15.31
CA PHE D 204 -3.42 26.53 16.76
C PHE D 204 -2.07 26.00 17.27
N GLY D 205 -1.93 25.92 18.60
CA GLY D 205 -0.79 25.28 19.31
C GLY D 205 0.55 25.86 18.89
N ASN D 206 1.57 25.00 18.79
CA ASN D 206 2.87 25.31 18.14
C ASN D 206 3.07 24.34 16.97
N PRO D 207 3.66 24.79 15.86
CA PRO D 207 3.91 23.94 14.70
C PRO D 207 5.11 22.98 14.83
N GLU D 208 5.89 23.08 15.91
CA GLU D 208 7.06 22.20 16.15
C GLU D 208 6.57 20.79 16.47
N THR D 209 7.16 19.79 15.82
CA THR D 209 7.03 18.36 16.17
C THR D 209 8.42 17.75 16.20
N THR D 210 8.47 16.44 16.40
CA THR D 210 9.69 15.63 16.64
C THR D 210 9.56 14.45 15.67
N THR D 211 10.64 13.87 15.18
CA THR D 211 10.62 12.79 14.15
C THR D 211 10.25 11.44 14.78
N GLY D 212 9.76 10.51 13.96
CA GLY D 212 9.69 9.07 14.27
C GLY D 212 8.37 8.60 14.84
N GLY D 213 7.32 9.41 14.80
CA GLY D 213 5.95 9.00 15.18
C GLY D 213 5.67 9.19 16.65
N ASN D 214 4.55 8.66 17.12
CA ASN D 214 3.96 8.99 18.43
C ASN D 214 4.36 8.01 19.54
N ALA D 215 4.86 6.82 19.24
CA ALA D 215 5.11 5.77 20.25
C ALA D 215 6.04 6.28 21.36
N LEU D 216 7.12 6.97 21.02
CA LEU D 216 8.19 7.37 21.97
C LEU D 216 7.66 8.37 23.03
N LYS D 217 6.74 9.27 22.68
CA LYS D 217 6.08 10.18 23.65
C LYS D 217 5.40 9.40 24.79
N PHE D 218 4.79 8.25 24.50
CA PHE D 218 4.02 7.44 25.48
C PHE D 218 4.98 6.65 26.38
N TYR D 219 6.02 6.04 25.81
CA TYR D 219 6.93 5.12 26.51
C TYR D 219 8.01 5.85 27.31
N ALA D 220 8.35 7.09 26.97
CA ALA D 220 9.39 7.86 27.69
C ALA D 220 8.92 8.16 29.12
N SER D 221 9.80 8.01 30.10
CA SER D 221 9.55 8.38 31.52
C SER D 221 9.92 9.85 31.74
N VAL D 222 10.88 10.37 30.98
CA VAL D 222 11.33 11.79 30.99
C VAL D 222 11.46 12.28 29.55
N ARG D 223 10.98 13.48 29.26
CA ARG D 223 11.23 14.21 27.99
C ARG D 223 11.80 15.59 28.32
N LEU D 224 12.95 15.91 27.72
CA LEU D 224 13.71 17.19 27.91
C LEU D 224 13.73 17.97 26.60
N ASP D 225 13.34 19.24 26.66
CA ASP D 225 13.50 20.24 25.57
C ASP D 225 14.71 21.10 25.93
N ILE D 226 15.76 21.09 25.10
CA ILE D 226 17.01 21.87 25.35
C ILE D 226 17.10 22.97 24.29
N ARG D 227 17.46 24.18 24.71
CA ARG D 227 17.56 25.38 23.83
C ARG D 227 18.76 26.23 24.22
N ARG D 228 19.39 26.83 23.20
CA ARG D 228 20.47 27.84 23.32
C ARG D 228 19.79 29.21 23.42
N ILE D 229 19.96 29.93 24.52
CA ILE D 229 19.24 31.21 24.80
C ILE D 229 20.17 32.41 24.69
N GLY D 230 21.50 32.21 24.58
CA GLY D 230 22.46 33.30 24.40
C GLY D 230 23.90 32.83 24.33
N ALA D 231 24.82 33.77 24.13
CA ALA D 231 26.29 33.53 24.05
C ALA D 231 26.95 33.87 25.38
N VAL D 232 28.00 33.14 25.73
CA VAL D 232 28.96 33.45 26.83
C VAL D 232 30.21 34.07 26.19
N LYS D 233 30.47 35.35 26.46
CA LYS D 233 31.55 36.13 25.80
C LYS D 233 32.68 36.42 26.81
N GLU D 234 33.93 36.38 26.33
CA GLU D 234 35.15 36.89 27.02
C GLU D 234 35.55 38.20 26.33
N GLY D 235 34.70 39.23 26.48
CA GLY D 235 34.83 40.53 25.80
C GLY D 235 34.23 40.49 24.41
N GLU D 236 34.96 39.95 23.44
CA GLU D 236 34.52 39.82 22.01
C GLU D 236 34.56 38.35 21.56
N ASN D 237 35.49 37.52 22.07
CA ASN D 237 35.52 36.06 21.83
C ASN D 237 34.28 35.38 22.42
N VAL D 238 33.52 34.67 21.59
CA VAL D 238 32.40 33.78 22.04
C VAL D 238 33.05 32.47 22.51
N VAL D 239 32.92 32.16 23.81
CA VAL D 239 33.65 31.04 24.48
C VAL D 239 32.67 29.92 24.88
N GLY D 240 31.36 30.16 24.78
CA GLY D 240 30.35 29.14 25.12
C GLY D 240 28.93 29.57 24.84
N SER D 241 27.98 28.76 25.32
CA SER D 241 26.51 28.90 25.10
C SER D 241 25.79 28.99 26.45
N GLU D 242 24.84 29.92 26.55
CA GLU D 242 23.83 29.98 27.64
C GLU D 242 22.68 29.05 27.25
N THR D 243 22.35 28.08 28.11
CA THR D 243 21.49 26.90 27.79
C THR D 243 20.32 26.80 28.77
N ARG D 244 19.11 26.57 28.27
CA ARG D 244 17.89 26.28 29.09
C ARG D 244 17.33 24.89 28.76
N VAL D 245 17.11 24.06 29.79
CA VAL D 245 16.42 22.74 29.68
C VAL D 245 15.05 22.82 30.38
N LYS D 246 13.96 22.55 29.66
CA LYS D 246 12.59 22.36 30.21
C LYS D 246 12.22 20.88 30.31
N VAL D 247 11.77 20.47 31.49
CA VAL D 247 11.23 19.09 31.73
C VAL D 247 9.76 19.09 31.30
N VAL D 248 9.51 18.55 30.11
CA VAL D 248 8.22 18.62 29.38
C VAL D 248 7.35 17.40 29.72
N LYS D 249 7.96 16.29 30.14
CA LYS D 249 7.26 15.10 30.67
C LYS D 249 8.10 14.49 31.80
N ASN D 250 7.45 14.08 32.88
CA ASN D 250 8.10 13.44 34.05
C ASN D 250 7.09 12.49 34.70
N LYS D 251 7.51 11.24 34.92
CA LYS D 251 6.73 10.14 35.56
C LYS D 251 7.33 9.74 36.92
N ILE D 252 8.44 10.34 37.35
CA ILE D 252 9.11 10.01 38.63
C ILE D 252 9.11 11.21 39.57
N ALA D 253 8.54 12.35 39.16
CA ALA D 253 8.39 13.57 39.98
C ALA D 253 7.56 14.57 39.19
N ALA D 254 7.28 15.74 39.75
CA ALA D 254 6.42 16.76 39.12
C ALA D 254 7.11 17.27 37.86
N PRO D 255 6.36 17.54 36.77
CA PRO D 255 6.97 18.13 35.56
C PRO D 255 6.92 19.66 35.51
N PHE D 256 7.41 20.21 34.41
CA PHE D 256 7.34 21.64 33.97
C PHE D 256 8.33 22.53 34.72
N LYS D 257 9.28 21.98 35.47
CA LYS D 257 10.42 22.75 36.02
C LYS D 257 11.50 22.93 34.93
N GLN D 258 12.36 23.93 35.11
CA GLN D 258 13.40 24.30 34.11
C GLN D 258 14.74 24.55 34.81
N ALA D 259 15.82 24.38 34.06
CA ALA D 259 17.22 24.52 34.51
C ALA D 259 17.98 25.41 33.52
N GLU D 260 18.89 26.24 34.04
CA GLU D 260 19.77 27.13 33.24
C GLU D 260 21.22 26.86 33.63
N PHE D 261 22.09 26.81 32.64
CA PHE D 261 23.55 26.59 32.83
C PHE D 261 24.29 27.03 31.57
N GLN D 262 25.62 27.01 31.65
CA GLN D 262 26.55 27.36 30.55
C GLN D 262 27.21 26.09 30.05
N ILE D 263 27.29 25.93 28.73
CA ILE D 263 28.22 24.98 28.06
C ILE D 263 29.40 25.80 27.54
N LEU D 264 30.60 25.57 28.07
CA LEU D 264 31.86 26.20 27.60
C LEU D 264 32.54 25.24 26.62
N TYR D 265 32.92 25.75 25.44
CA TYR D 265 33.46 24.95 24.31
C TYR D 265 34.79 24.35 24.76
N GLY D 266 34.87 23.02 24.77
CA GLY D 266 36.07 22.24 25.13
C GLY D 266 36.03 21.70 26.56
N GLU D 267 35.21 22.28 27.45
CA GLU D 267 35.07 21.85 28.87
C GLU D 267 33.77 21.10 29.08
N GLY D 268 32.66 21.62 28.54
CA GLY D 268 31.30 21.10 28.74
C GLY D 268 30.50 21.96 29.70
N ILE D 269 29.74 21.33 30.59
CA ILE D 269 28.82 22.04 31.54
C ILE D 269 29.67 22.65 32.67
N ASN D 270 29.45 23.95 32.94
CA ASN D 270 30.16 24.75 33.97
C ASN D 270 29.52 24.48 35.34
N PHE D 271 30.04 23.48 36.06
CA PHE D 271 29.58 23.05 37.41
C PHE D 271 29.62 24.23 38.39
N TYR D 272 30.79 24.87 38.53
CA TYR D 272 31.06 25.96 39.50
C TYR D 272 30.15 27.17 39.21
N GLY D 273 29.84 27.43 37.94
CA GLY D 273 28.87 28.45 37.53
C GLY D 273 27.48 28.19 38.09
N GLU D 274 27.05 26.93 38.17
CA GLU D 274 25.75 26.52 38.76
C GLU D 274 25.79 26.70 40.28
N LEU D 275 26.87 26.21 40.90
CA LEU D 275 27.12 26.24 42.36
C LEU D 275 27.02 27.68 42.90
N VAL D 276 27.55 28.66 42.17
CA VAL D 276 27.41 30.11 42.48
C VAL D 276 25.92 30.46 42.53
N ASP D 277 25.23 30.30 41.39
CA ASP D 277 23.80 30.70 41.20
C ASP D 277 22.89 30.05 42.26
N LEU D 278 23.16 28.79 42.63
CA LEU D 278 22.37 28.04 43.65
C LEU D 278 22.69 28.56 45.04
N GLY D 279 23.98 28.75 45.36
CA GLY D 279 24.45 29.37 46.62
C GLY D 279 23.86 30.76 46.83
N VAL D 280 23.74 31.54 45.76
CA VAL D 280 23.14 32.92 45.76
C VAL D 280 21.63 32.82 45.97
N LYS D 281 20.95 31.86 45.34
CA LYS D 281 19.48 31.68 45.45
C LYS D 281 19.11 31.30 46.89
N GLU D 282 19.92 30.46 47.53
CA GLU D 282 19.76 30.06 48.96
C GLU D 282 20.41 31.12 49.87
N LYS D 283 21.25 32.00 49.32
CA LYS D 283 22.00 33.10 50.02
C LYS D 283 22.96 32.49 51.06
N LEU D 284 23.65 31.42 50.67
CA LEU D 284 24.88 30.92 51.35
C LEU D 284 26.05 31.74 50.80
N ILE D 285 25.94 32.22 49.55
CA ILE D 285 26.84 33.20 48.89
C ILE D 285 26.08 34.54 48.80
N GLU D 286 26.72 35.64 49.20
CA GLU D 286 26.10 37.01 49.28
C GLU D 286 26.58 37.84 48.08
N LYS D 287 25.66 38.63 47.50
CA LYS D 287 25.89 39.44 46.27
C LYS D 287 25.55 40.90 46.56
N ALA D 288 26.45 41.83 46.20
CA ALA D 288 26.29 43.30 46.31
C ALA D 288 26.42 43.95 44.92
N GLY D 289 25.35 43.92 44.14
CA GLY D 289 25.31 44.38 42.73
C GLY D 289 25.96 43.37 41.81
N ALA D 290 27.22 43.62 41.42
CA ALA D 290 28.08 42.70 40.62
C ALA D 290 29.16 42.05 41.50
N TRP D 291 29.26 42.43 42.79
CA TRP D 291 30.21 41.84 43.77
C TRP D 291 29.62 40.55 44.34
N TYR D 292 30.46 39.52 44.51
CA TYR D 292 30.15 38.26 45.24
C TYR D 292 31.10 38.12 46.43
N SER D 293 30.56 37.78 47.60
CA SER D 293 31.30 37.55 48.86
C SER D 293 30.82 36.25 49.51
N TYR D 294 31.65 35.67 50.38
CA TYR D 294 31.34 34.45 51.17
C TYR D 294 32.02 34.52 52.54
N LYS D 295 31.23 34.34 53.62
CA LYS D 295 31.67 34.39 55.04
C LYS D 295 32.29 35.75 55.37
N GLY D 296 31.91 36.81 54.64
CA GLY D 296 32.52 38.16 54.73
C GLY D 296 33.61 38.39 53.69
N GLU D 297 34.36 37.34 53.31
CA GLU D 297 35.49 37.37 52.34
C GLU D 297 34.94 37.68 50.93
N LYS D 298 35.41 38.77 50.30
CA LYS D 298 35.05 39.14 48.91
C LYS D 298 35.73 38.16 47.95
N ILE D 299 34.94 37.30 47.31
CA ILE D 299 35.42 36.14 46.50
C ILE D 299 35.72 36.60 45.06
N GLY D 300 34.93 37.52 44.51
CA GLY D 300 35.12 38.05 43.14
C GLY D 300 34.22 39.22 42.80
N GLN D 301 34.49 39.88 41.67
CA GLN D 301 33.68 40.98 41.07
C GLN D 301 33.26 40.56 39.66
N GLY D 302 31.96 40.42 39.41
CA GLY D 302 31.39 39.77 38.21
C GLY D 302 31.31 38.26 38.41
N LYS D 303 30.44 37.59 37.65
CA LYS D 303 30.09 36.15 37.82
C LYS D 303 31.32 35.26 37.61
N ALA D 304 32.07 35.49 36.52
CA ALA D 304 33.18 34.63 36.04
C ALA D 304 34.36 34.66 37.03
N ASN D 305 34.60 35.79 37.70
CA ASN D 305 35.68 35.97 38.71
C ASN D 305 35.34 35.18 39.98
N ALA D 306 34.06 35.21 40.39
CA ALA D 306 33.51 34.46 41.55
C ALA D 306 33.62 32.96 41.28
N THR D 307 33.34 32.53 40.04
CA THR D 307 33.50 31.12 39.55
C THR D 307 34.98 30.76 39.57
N ALA D 308 35.84 31.66 39.10
CA ALA D 308 37.32 31.51 39.07
C ALA D 308 37.86 31.37 40.50
N TRP D 309 37.24 32.03 41.49
CA TRP D 309 37.62 31.92 42.93
C TRP D 309 37.25 30.53 43.46
N LEU D 310 36.01 30.08 43.25
CA LEU D 310 35.50 28.75 43.69
C LEU D 310 36.37 27.63 43.11
N LYS D 311 36.82 27.79 41.86
CA LYS D 311 37.78 26.88 41.17
C LYS D 311 39.06 26.75 42.01
N ASP D 312 39.55 27.88 42.52
CA ASP D 312 40.84 28.00 43.27
C ASP D 312 40.71 27.52 44.72
N ASN D 313 39.48 27.43 45.25
CA ASN D 313 39.20 27.02 46.66
C ASN D 313 38.37 25.74 46.64
N PRO D 314 38.98 24.53 46.60
CA PRO D 314 38.23 23.27 46.58
C PRO D 314 37.40 23.03 47.85
N GLU D 315 37.97 23.29 49.03
CA GLU D 315 37.34 23.07 50.36
C GLU D 315 36.05 23.91 50.50
N THR D 316 36.06 25.15 50.00
CA THR D 316 34.94 26.13 50.13
C THR D 316 33.77 25.71 49.24
N ALA D 317 34.05 25.41 47.97
CA ALA D 317 33.07 24.94 46.95
C ALA D 317 32.48 23.59 47.38
N LYS D 318 33.30 22.71 47.96
CA LYS D 318 32.89 21.35 48.44
C LYS D 318 31.86 21.48 49.56
N GLU D 319 32.09 22.42 50.48
CA GLU D 319 31.16 22.77 51.60
C GLU D 319 29.84 23.30 51.02
N ILE D 320 29.91 24.32 50.17
CA ILE D 320 28.71 24.99 49.55
C ILE D 320 27.90 23.96 48.76
N GLU D 321 28.57 23.03 48.06
CA GLU D 321 27.91 21.90 47.34
C GLU D 321 27.11 21.07 48.34
N LYS D 322 27.74 20.65 49.44
CA LYS D 322 27.13 19.83 50.52
C LYS D 322 25.85 20.50 51.03
N LYS D 323 25.91 21.81 51.32
CA LYS D 323 24.78 22.62 51.85
C LYS D 323 23.65 22.65 50.81
N VAL D 324 23.93 23.14 49.59
CA VAL D 324 22.95 23.26 48.47
C VAL D 324 22.29 21.91 48.21
N ARG D 325 23.10 20.85 48.11
CA ARG D 325 22.64 19.46 47.87
C ARG D 325 21.56 19.11 48.91
N GLU D 326 21.93 19.17 50.19
CA GLU D 326 21.08 18.78 51.35
C GLU D 326 19.79 19.63 51.40
N LEU D 327 19.90 20.93 51.12
CA LEU D 327 18.75 21.89 51.12
C LEU D 327 17.70 21.48 50.08
N LEU D 328 18.09 21.43 48.79
CA LEU D 328 17.15 21.44 47.63
C LEU D 328 16.88 20.03 47.10
N LEU D 329 17.85 19.11 47.12
CA LEU D 329 17.66 17.72 46.62
C LEU D 329 16.65 17.01 47.53
N SER D 330 15.39 16.93 47.07
CA SER D 330 14.18 16.54 47.84
C SER D 330 14.27 15.07 48.28
N ASN D 331 14.85 14.20 47.44
CA ASN D 331 14.93 12.72 47.64
C ASN D 331 16.40 12.31 47.74
N PRO D 332 17.07 12.51 48.90
CA PRO D 332 18.43 12.00 49.12
C PRO D 332 18.62 10.51 48.77
N ASN D 333 19.80 10.16 48.25
CA ASN D 333 20.17 8.80 47.78
C ASN D 333 20.60 7.95 49.00
N SER D 334 21.16 6.76 48.76
CA SER D 334 21.70 5.81 49.78
C SER D 334 22.58 6.57 50.79
N ALA E 2 -57.01 -24.52 25.84
CA ALA E 2 -56.93 -25.79 25.06
C ALA E 2 -55.64 -25.82 24.23
N ILE E 3 -55.43 -24.79 23.40
CA ILE E 3 -54.25 -24.61 22.51
C ILE E 3 -53.03 -24.27 23.35
N ASP E 4 -53.14 -23.21 24.17
CA ASP E 4 -52.01 -22.55 24.87
C ASP E 4 -51.63 -23.32 26.15
N GLU E 5 -52.35 -24.41 26.48
CA GLU E 5 -52.05 -25.29 27.64
C GLU E 5 -50.95 -26.30 27.28
N ASN E 6 -51.00 -26.89 26.08
CA ASN E 6 -49.99 -27.86 25.57
C ASN E 6 -48.64 -27.17 25.38
N LYS E 7 -48.64 -25.91 24.98
CA LYS E 7 -47.42 -25.05 24.82
C LYS E 7 -46.72 -24.89 26.18
N GLN E 8 -47.47 -24.58 27.23
CA GLN E 8 -46.96 -24.35 28.62
C GLN E 8 -46.20 -25.59 29.12
N LYS E 9 -46.74 -26.79 28.83
CA LYS E 9 -46.14 -28.10 29.22
C LYS E 9 -44.86 -28.36 28.43
N ALA E 10 -44.93 -28.20 27.10
CA ALA E 10 -43.80 -28.35 26.14
C ALA E 10 -42.65 -27.43 26.56
N LEU E 11 -42.96 -26.20 26.98
CA LEU E 11 -41.97 -25.20 27.46
C LEU E 11 -41.36 -25.69 28.78
N ALA E 12 -42.20 -26.02 29.77
CA ALA E 12 -41.79 -26.51 31.12
C ALA E 12 -40.86 -27.72 30.99
N ALA E 13 -41.15 -28.64 30.06
CA ALA E 13 -40.36 -29.86 29.77
C ALA E 13 -39.00 -29.49 29.20
N ALA E 14 -38.97 -28.60 28.19
CA ALA E 14 -37.75 -28.09 27.52
C ALA E 14 -36.83 -27.40 28.53
N LEU E 15 -37.39 -26.52 29.37
CA LEU E 15 -36.64 -25.79 30.44
C LEU E 15 -36.07 -26.79 31.45
N GLY E 16 -36.85 -27.79 31.86
CA GLY E 16 -36.41 -28.90 32.72
C GLY E 16 -35.21 -29.63 32.13
N GLN E 17 -35.27 -29.97 30.84
CA GLN E 17 -34.20 -30.71 30.10
C GLN E 17 -32.94 -29.85 29.98
N ILE E 18 -33.08 -28.55 29.68
CA ILE E 18 -31.94 -27.59 29.57
C ILE E 18 -31.26 -27.48 30.94
N GLU E 19 -32.04 -27.24 31.99
CA GLU E 19 -31.56 -27.04 33.40
C GLU E 19 -30.86 -28.31 33.90
N LYS E 20 -31.36 -29.49 33.51
CA LYS E 20 -30.73 -30.80 33.83
C LYS E 20 -29.35 -30.90 33.15
N GLN E 21 -29.29 -30.58 31.84
CA GLN E 21 -28.10 -30.80 30.98
C GLN E 21 -26.96 -29.85 31.36
N PHE E 22 -27.27 -28.58 31.68
CA PHE E 22 -26.28 -27.48 31.79
C PHE E 22 -26.24 -26.83 33.18
N GLY E 23 -27.15 -27.19 34.10
CA GLY E 23 -27.15 -26.70 35.49
C GLY E 23 -28.33 -25.79 35.80
N LYS E 24 -28.43 -25.34 37.05
CA LYS E 24 -29.65 -24.77 37.67
C LYS E 24 -30.07 -23.47 36.96
N GLY E 25 -29.19 -22.46 36.95
CA GLY E 25 -29.51 -21.12 36.41
C GLY E 25 -29.08 -20.94 34.96
N SER E 26 -29.05 -22.02 34.17
CA SER E 26 -28.59 -22.03 32.75
C SER E 26 -29.61 -21.31 31.86
N ILE E 27 -30.90 -21.36 32.23
CA ILE E 27 -31.98 -20.55 31.60
C ILE E 27 -32.99 -20.17 32.69
N MET E 28 -33.51 -18.93 32.62
CA MET E 28 -34.62 -18.47 33.50
C MET E 28 -35.20 -17.16 32.96
N ARG E 29 -36.32 -16.72 33.54
CA ARG E 29 -36.98 -15.43 33.20
C ARG E 29 -36.11 -14.28 33.69
N LEU E 30 -36.01 -13.22 32.87
CA LEU E 30 -35.03 -12.11 33.05
C LEU E 30 -35.34 -11.31 34.33
N GLY E 31 -36.63 -11.19 34.69
CA GLY E 31 -37.10 -10.47 35.89
C GLY E 31 -36.66 -11.13 37.19
N GLU E 32 -36.42 -12.44 37.17
CA GLU E 32 -36.09 -13.25 38.37
C GLU E 32 -34.57 -13.41 38.53
N ASP E 33 -33.76 -12.93 37.57
CA ASP E 33 -32.29 -13.11 37.54
C ASP E 33 -31.63 -11.89 38.21
N ARG E 34 -31.23 -12.03 39.48
CA ARG E 34 -30.59 -10.97 40.30
C ARG E 34 -29.14 -10.75 39.85
N SER E 35 -28.47 -11.79 39.35
CA SER E 35 -27.07 -11.75 38.82
C SER E 35 -26.95 -10.74 37.66
N MET E 36 -28.06 -10.46 36.98
CA MET E 36 -28.14 -9.60 35.78
C MET E 36 -28.24 -8.11 36.15
N ASP E 37 -28.53 -7.77 37.42
CA ASP E 37 -28.60 -6.37 37.91
C ASP E 37 -27.22 -5.70 37.82
N VAL E 38 -27.18 -4.42 37.46
CA VAL E 38 -25.95 -3.59 37.32
C VAL E 38 -25.60 -3.00 38.70
N GLU E 39 -24.39 -3.32 39.19
CA GLU E 39 -23.75 -2.77 40.41
C GLU E 39 -22.56 -1.90 39.97
N THR E 40 -22.33 -0.75 40.62
CA THR E 40 -21.29 0.25 40.23
C THR E 40 -20.30 0.53 41.38
N ILE E 41 -19.06 0.91 41.03
CA ILE E 41 -18.01 1.48 41.94
C ILE E 41 -17.80 2.96 41.58
N SER E 42 -17.34 3.75 42.54
CA SER E 42 -16.89 5.17 42.33
C SER E 42 -15.64 5.20 41.45
N THR E 43 -15.46 6.31 40.72
CA THR E 43 -14.25 6.64 39.92
C THR E 43 -13.28 7.52 40.72
N GLY E 44 -13.64 7.99 41.91
CA GLY E 44 -12.88 8.99 42.68
C GLY E 44 -13.19 10.43 42.25
N SER E 45 -13.89 10.63 41.13
CA SER E 45 -14.41 11.93 40.64
C SER E 45 -15.95 11.93 40.72
N LEU E 46 -16.53 12.95 41.37
CA LEU E 46 -18.00 13.09 41.51
C LEU E 46 -18.62 13.51 40.17
N SER E 47 -17.96 14.39 39.42
CA SER E 47 -18.45 14.87 38.10
C SER E 47 -18.49 13.72 37.06
N LEU E 48 -17.57 12.75 37.17
CA LEU E 48 -17.49 11.57 36.25
C LEU E 48 -18.59 10.59 36.61
N ASP E 49 -18.79 10.34 37.90
CA ASP E 49 -19.90 9.49 38.44
C ASP E 49 -21.26 9.99 37.93
N ILE E 50 -21.44 11.30 37.75
CA ILE E 50 -22.68 11.91 37.19
C ILE E 50 -22.74 11.70 35.67
N ALA E 51 -21.65 11.98 34.95
CA ALA E 51 -21.53 11.79 33.48
C ALA E 51 -21.81 10.33 33.07
N LEU E 52 -21.50 9.36 33.93
CA LEU E 52 -21.69 7.91 33.63
C LEU E 52 -23.16 7.51 33.83
N GLY E 53 -23.94 8.29 34.57
CA GLY E 53 -25.41 8.14 34.66
C GLY E 53 -25.85 7.19 35.76
N ALA E 54 -25.14 6.06 35.94
CA ALA E 54 -25.48 5.01 36.92
C ALA E 54 -24.61 5.12 38.18
N GLY E 55 -23.87 6.21 38.34
CA GLY E 55 -23.13 6.51 39.58
C GLY E 55 -21.76 5.87 39.66
N GLY E 56 -21.25 5.30 38.56
CA GLY E 56 -19.87 4.78 38.53
C GLY E 56 -19.65 3.76 37.43
N LEU E 57 -18.58 2.97 37.57
CA LEU E 57 -18.19 1.95 36.56
C LEU E 57 -18.82 0.62 36.95
N PRO E 58 -19.34 -0.16 35.97
CA PRO E 58 -20.08 -1.39 36.27
C PRO E 58 -19.21 -2.63 36.55
N MET E 59 -19.48 -3.33 37.65
CA MET E 59 -18.80 -4.61 38.03
C MET E 59 -19.21 -5.72 37.05
N GLY E 60 -18.30 -6.63 36.77
CA GLY E 60 -18.50 -7.77 35.84
C GLY E 60 -18.34 -7.42 34.38
N ARG E 61 -17.94 -6.20 34.05
CA ARG E 61 -17.83 -5.72 32.64
C ARG E 61 -16.39 -5.34 32.30
N ILE E 62 -16.15 -5.03 31.03
CA ILE E 62 -14.88 -4.49 30.47
C ILE E 62 -15.04 -2.98 30.24
N VAL E 63 -14.03 -2.22 30.62
CA VAL E 63 -13.93 -0.74 30.44
C VAL E 63 -12.65 -0.41 29.68
N GLU E 64 -12.71 0.56 28.75
CA GLU E 64 -11.55 1.11 28.02
C GLU E 64 -11.39 2.60 28.37
N ILE E 65 -10.19 2.99 28.80
CA ILE E 65 -9.77 4.42 28.97
C ILE E 65 -8.64 4.68 27.98
N TYR E 66 -8.81 5.66 27.09
CA TYR E 66 -7.77 6.04 26.11
C TYR E 66 -7.57 7.54 26.11
N GLY E 67 -6.42 7.97 25.58
CA GLY E 67 -6.13 9.41 25.43
C GLY E 67 -4.71 9.64 24.97
N PRO E 68 -4.32 10.93 24.75
CA PRO E 68 -2.95 11.28 24.38
C PRO E 68 -1.97 11.11 25.55
N GLU E 69 -0.72 11.45 25.30
CA GLU E 69 0.37 11.32 26.29
C GLU E 69 0.13 12.27 27.47
N SER E 70 0.37 11.78 28.69
CA SER E 70 0.33 12.56 29.97
C SER E 70 -1.06 13.19 30.24
N SER E 71 -2.13 12.55 29.78
CA SER E 71 -3.53 13.03 29.89
C SER E 71 -4.16 12.63 31.23
N GLY E 72 -3.56 11.69 31.97
CA GLY E 72 -3.97 11.27 33.32
C GLY E 72 -4.59 9.88 33.37
N LYS E 73 -4.33 9.01 32.39
CA LYS E 73 -4.89 7.65 32.27
C LYS E 73 -4.52 6.81 33.49
N THR E 74 -3.24 6.76 33.87
CA THR E 74 -2.74 5.94 35.00
C THR E 74 -3.26 6.51 36.33
N THR E 75 -3.25 7.82 36.50
CA THR E 75 -3.78 8.53 37.71
C THR E 75 -5.25 8.17 37.92
N LEU E 76 -6.09 8.27 36.88
CA LEU E 76 -7.54 7.95 36.97
C LEU E 76 -7.74 6.51 37.47
N THR E 77 -6.99 5.53 36.93
CA THR E 77 -7.12 4.10 37.32
C THR E 77 -6.69 3.86 38.76
N LEU E 78 -5.65 4.54 39.24
CA LEU E 78 -5.14 4.36 40.63
C LEU E 78 -6.15 4.93 41.64
N GLN E 79 -6.91 5.95 41.25
CA GLN E 79 -7.96 6.56 42.11
C GLN E 79 -9.19 5.66 42.20
N VAL E 80 -9.51 4.91 41.14
CA VAL E 80 -10.55 3.84 41.13
C VAL E 80 -10.12 2.77 42.15
N ILE E 81 -8.91 2.25 42.00
CA ILE E 81 -8.31 1.24 42.92
C ILE E 81 -8.34 1.75 44.36
N ALA E 82 -7.96 3.01 44.61
CA ALA E 82 -7.86 3.58 45.96
C ALA E 82 -9.25 3.59 46.61
N ALA E 83 -10.28 4.02 45.85
CA ALA E 83 -11.69 4.08 46.30
C ALA E 83 -12.21 2.68 46.57
N ALA E 84 -11.83 1.69 45.76
CA ALA E 84 -12.30 0.29 45.90
C ALA E 84 -11.69 -0.35 47.15
N GLN E 85 -10.40 -0.14 47.40
CA GLN E 85 -9.68 -0.71 48.59
C GLN E 85 -10.30 -0.16 49.88
N ARG E 86 -10.76 1.09 49.89
CA ARG E 86 -11.43 1.72 51.07
C ARG E 86 -12.77 1.03 51.40
N GLU E 87 -13.37 0.30 50.45
CA GLU E 87 -14.60 -0.53 50.65
C GLU E 87 -14.25 -2.01 50.82
N GLY E 88 -13.00 -2.35 51.15
CA GLY E 88 -12.57 -3.74 51.47
C GLY E 88 -12.42 -4.64 50.26
N LYS E 89 -12.41 -4.10 49.03
CA LYS E 89 -12.24 -4.89 47.78
C LYS E 89 -10.75 -5.14 47.52
N THR E 90 -10.43 -6.22 46.80
CA THR E 90 -9.06 -6.61 46.40
C THR E 90 -8.82 -6.20 44.94
N CYS E 91 -7.62 -5.71 44.62
CA CYS E 91 -7.28 -5.11 43.31
C CYS E 91 -5.92 -5.62 42.81
N ALA E 92 -5.76 -5.69 41.49
CA ALA E 92 -4.51 -6.09 40.80
C ALA E 92 -4.17 -5.08 39.69
N PHE E 93 -2.89 -4.86 39.46
CA PHE E 93 -2.34 -3.94 38.42
C PHE E 93 -1.34 -4.71 37.54
N ILE E 94 -1.67 -4.94 36.28
CA ILE E 94 -0.77 -5.55 35.25
C ILE E 94 -0.03 -4.42 34.50
N ASP E 95 1.24 -4.18 34.83
CA ASP E 95 2.04 -3.02 34.34
C ASP E 95 2.87 -3.44 33.13
N ALA E 96 2.24 -3.57 31.97
CA ALA E 96 2.86 -4.01 30.69
C ALA E 96 3.80 -2.94 30.14
N GLU E 97 3.57 -1.66 30.47
CA GLU E 97 4.43 -0.51 30.09
C GLU E 97 5.72 -0.49 30.91
N HIS E 98 5.76 -1.14 32.08
CA HIS E 98 6.94 -1.23 32.96
C HIS E 98 7.29 0.17 33.49
N ALA E 99 6.31 0.94 33.93
CA ALA E 99 6.50 2.37 34.27
C ALA E 99 5.68 2.82 35.49
N LEU E 100 5.29 1.92 36.40
CA LEU E 100 4.54 2.31 37.63
C LEU E 100 5.54 2.70 38.73
N ASP E 101 5.32 3.84 39.38
CA ASP E 101 6.06 4.35 40.56
C ASP E 101 5.26 4.04 41.83
N PRO E 102 5.70 3.09 42.68
CA PRO E 102 4.94 2.72 43.88
C PRO E 102 4.84 3.80 44.98
N ILE E 103 5.76 4.75 45.04
CA ILE E 103 5.70 5.92 45.97
C ILE E 103 4.54 6.84 45.55
N TYR E 104 4.41 7.10 44.25
CA TYR E 104 3.34 8.00 43.71
C TYR E 104 1.96 7.36 43.93
N ALA E 105 1.81 6.06 43.68
CA ALA E 105 0.57 5.30 43.93
C ALA E 105 0.17 5.43 45.41
N ARG E 106 1.12 5.30 46.33
CA ARG E 106 0.89 5.52 47.78
C ARG E 106 0.35 6.93 48.04
N LYS E 107 0.90 7.95 47.39
CA LYS E 107 0.48 9.37 47.58
C LYS E 107 -0.97 9.59 47.12
N LEU E 108 -1.41 8.87 46.09
CA LEU E 108 -2.79 8.96 45.53
C LEU E 108 -3.80 8.20 46.41
N GLY E 109 -3.35 7.48 47.44
CA GLY E 109 -4.21 6.84 48.45
C GLY E 109 -4.27 5.33 48.32
N VAL E 110 -3.44 4.72 47.49
CA VAL E 110 -3.45 3.25 47.25
C VAL E 110 -2.76 2.57 48.43
N ASP E 111 -3.35 1.47 48.94
CA ASP E 111 -2.69 0.53 49.89
C ASP E 111 -1.73 -0.35 49.09
N ILE E 112 -0.47 0.08 49.04
CA ILE E 112 0.64 -0.54 48.26
C ILE E 112 0.90 -1.97 48.74
N ASP E 113 0.73 -2.23 50.04
CA ASP E 113 1.02 -3.53 50.69
C ASP E 113 0.02 -4.61 50.23
N ASN E 114 -1.21 -4.24 49.86
CA ASN E 114 -2.30 -5.17 49.48
C ASN E 114 -2.58 -5.18 47.97
N LEU E 115 -1.98 -4.28 47.18
CA LEU E 115 -2.17 -4.22 45.71
C LEU E 115 -1.33 -5.32 45.07
N LEU E 116 -1.93 -6.23 44.30
CA LEU E 116 -1.18 -7.24 43.51
C LEU E 116 -0.65 -6.58 42.24
N CYS E 117 0.63 -6.77 41.94
CA CYS E 117 1.30 -6.19 40.75
C CYS E 117 2.02 -7.28 39.97
N SER E 118 1.97 -7.20 38.65
CA SER E 118 2.70 -8.08 37.71
C SER E 118 3.32 -7.23 36.60
N GLN E 119 4.58 -7.51 36.24
CA GLN E 119 5.27 -6.93 35.06
C GLN E 119 5.56 -8.08 34.10
N PRO E 120 4.60 -8.42 33.21
CA PRO E 120 4.73 -9.60 32.38
C PRO E 120 5.61 -9.38 31.14
N ASP E 121 6.17 -10.47 30.63
CA ASP E 121 7.17 -10.46 29.52
C ASP E 121 6.43 -10.39 28.17
N THR E 122 5.31 -11.09 28.03
CA THR E 122 4.52 -11.20 26.78
C THR E 122 3.08 -10.75 27.03
N GLY E 123 2.38 -10.43 25.94
CA GLY E 123 0.94 -10.13 25.94
C GLY E 123 0.13 -11.33 26.39
N GLU E 124 0.49 -12.53 25.92
CA GLU E 124 -0.18 -13.80 26.26
C GLU E 124 -0.09 -14.05 27.77
N GLN E 125 1.09 -13.84 28.37
CA GLN E 125 1.30 -14.03 29.83
C GLN E 125 0.38 -13.07 30.59
N ALA E 126 0.35 -11.79 30.20
CA ALA E 126 -0.47 -10.72 30.81
C ALA E 126 -1.96 -11.12 30.80
N LEU E 127 -2.44 -11.63 29.68
CA LEU E 127 -3.88 -11.96 29.51
C LEU E 127 -4.22 -13.29 30.18
N GLU E 128 -3.28 -14.22 30.29
CA GLU E 128 -3.45 -15.48 31.06
C GLU E 128 -3.53 -15.19 32.56
N ILE E 129 -2.77 -14.21 33.06
CA ILE E 129 -2.83 -13.79 34.49
C ILE E 129 -4.19 -13.14 34.77
N CYS E 130 -4.73 -12.32 33.86
CA CYS E 130 -6.10 -11.73 33.96
C CYS E 130 -7.15 -12.83 34.09
N ASP E 131 -7.11 -13.84 33.22
CA ASP E 131 -8.08 -14.98 33.16
C ASP E 131 -8.01 -15.78 34.47
N ALA E 132 -6.79 -16.09 34.95
CA ALA E 132 -6.55 -16.80 36.22
C ALA E 132 -7.12 -16.01 37.41
N LEU E 133 -6.88 -14.71 37.48
CA LEU E 133 -7.36 -13.85 38.60
C LEU E 133 -8.88 -13.70 38.56
N ALA E 134 -9.47 -13.59 37.37
CA ALA E 134 -10.93 -13.52 37.15
C ALA E 134 -11.59 -14.83 37.61
N ARG E 135 -11.09 -15.98 37.16
CA ARG E 135 -11.64 -17.33 37.51
C ARG E 135 -11.60 -17.58 39.02
N SER E 136 -10.59 -17.04 39.73
CA SER E 136 -10.36 -17.28 41.18
C SER E 136 -11.58 -16.86 42.01
N GLY E 137 -12.24 -15.76 41.65
CA GLY E 137 -13.38 -15.18 42.38
C GLY E 137 -12.96 -14.27 43.52
N ALA E 138 -11.66 -14.03 43.69
CA ALA E 138 -11.06 -13.33 44.87
C ALA E 138 -10.69 -11.87 44.56
N VAL E 139 -10.60 -11.48 43.28
CA VAL E 139 -10.17 -10.13 42.84
C VAL E 139 -11.37 -9.38 42.28
N ASP E 140 -11.58 -8.13 42.73
CA ASP E 140 -12.73 -7.27 42.36
C ASP E 140 -12.39 -6.32 41.19
N VAL E 141 -11.17 -5.77 41.12
CA VAL E 141 -10.74 -4.79 40.06
C VAL E 141 -9.38 -5.22 39.49
N ILE E 142 -9.26 -5.33 38.17
CA ILE E 142 -7.98 -5.56 37.44
C ILE E 142 -7.76 -4.39 36.49
N VAL E 143 -6.57 -3.78 36.52
CA VAL E 143 -6.15 -2.73 35.55
C VAL E 143 -5.02 -3.28 34.69
N VAL E 144 -5.14 -3.13 33.36
CA VAL E 144 -4.06 -3.50 32.38
C VAL E 144 -3.53 -2.22 31.74
N ASP E 145 -2.31 -1.82 32.13
CA ASP E 145 -1.68 -0.55 31.66
C ASP E 145 -0.95 -0.80 30.33
N SER E 146 -1.75 -0.51 29.31
CA SER E 146 -1.52 -0.32 27.87
C SER E 146 -1.51 -1.68 27.19
N VAL E 147 -2.63 -1.87 26.52
CA VAL E 147 -2.86 -2.69 25.30
C VAL E 147 -1.71 -2.50 24.31
N ALA E 148 -1.24 -1.27 24.08
CA ALA E 148 -0.16 -0.94 23.10
C ALA E 148 1.12 -1.74 23.42
N ALA E 149 1.39 -2.00 24.70
CA ALA E 149 2.60 -2.69 25.17
C ALA E 149 2.37 -4.21 25.34
N LEU E 150 1.20 -4.74 24.99
CA LEU E 150 0.86 -6.20 25.07
C LEU E 150 1.44 -6.90 23.84
N THR E 151 2.71 -7.29 23.91
CA THR E 151 3.50 -7.80 22.75
C THR E 151 3.30 -9.30 22.60
N PRO E 152 2.88 -9.82 21.43
CA PRO E 152 2.81 -11.27 21.20
C PRO E 152 4.19 -11.94 21.26
N LYS E 153 4.24 -13.20 21.71
CA LYS E 153 5.48 -14.00 21.94
C LYS E 153 6.31 -14.11 20.66
N ALA E 154 5.66 -14.30 19.51
CA ALA E 154 6.31 -14.38 18.17
C ALA E 154 7.05 -13.08 17.83
N GLU E 155 6.55 -11.93 18.29
CA GLU E 155 7.15 -10.60 17.97
C GLU E 155 8.35 -10.36 18.89
N ILE E 156 8.30 -10.86 20.13
CA ILE E 156 9.42 -10.75 21.13
C ILE E 156 10.59 -11.66 20.73
N GLU E 157 10.32 -12.88 20.27
CA GLU E 157 11.35 -13.84 19.81
C GLU E 157 11.96 -13.38 18.48
N GLY E 158 11.20 -12.66 17.67
CA GLY E 158 11.60 -12.23 16.32
C GLY E 158 12.55 -11.04 16.36
N GLU E 159 12.80 -10.45 15.18
CA GLU E 159 13.74 -9.32 14.99
C GLU E 159 12.96 -8.05 14.65
N ILE E 160 13.53 -6.90 15.01
CA ILE E 160 12.97 -5.55 14.68
C ILE E 160 12.97 -5.42 13.15
N GLY E 161 11.82 -5.15 12.56
CA GLY E 161 11.60 -5.09 11.10
C GLY E 161 10.70 -6.21 10.59
N ASP E 162 10.63 -7.34 11.30
CA ASP E 162 9.76 -8.50 10.97
C ASP E 162 8.29 -8.07 11.03
N SER E 163 7.51 -8.41 10.01
CA SER E 163 6.04 -8.15 9.92
C SER E 163 5.30 -9.27 10.67
N HIS E 164 4.31 -8.89 11.48
CA HIS E 164 3.40 -9.82 12.21
C HIS E 164 1.96 -9.37 11.98
N MET E 165 1.46 -9.62 10.76
CA MET E 165 0.19 -9.06 10.21
C MET E 165 -0.99 -9.45 11.10
N GLY E 166 -1.58 -8.47 11.77
CA GLY E 166 -2.82 -8.62 12.57
C GLY E 166 -2.68 -9.59 13.73
N LEU E 167 -1.46 -9.86 14.19
CA LEU E 167 -1.20 -10.89 15.23
C LEU E 167 -1.70 -10.42 16.60
N ALA E 168 -1.41 -9.17 17.00
CA ALA E 168 -1.86 -8.57 18.27
C ALA E 168 -3.40 -8.41 18.28
N ALA E 169 -3.99 -7.97 17.15
CA ALA E 169 -5.46 -7.84 16.96
C ALA E 169 -6.13 -9.21 17.13
N ARG E 170 -5.50 -10.26 16.61
CA ARG E 170 -6.02 -11.65 16.72
C ARG E 170 -6.01 -12.09 18.19
N MET E 171 -4.92 -11.79 18.91
CA MET E 171 -4.75 -12.12 20.35
C MET E 171 -5.80 -11.39 21.20
N MET E 172 -6.09 -10.12 20.90
CA MET E 172 -7.11 -9.34 21.66
C MET E 172 -8.51 -9.93 21.40
N SER E 173 -8.81 -10.27 20.15
CA SER E 173 -10.09 -10.87 19.70
C SER E 173 -10.33 -12.19 20.45
N GLN E 174 -9.30 -13.02 20.57
CA GLN E 174 -9.36 -14.30 21.31
C GLN E 174 -9.55 -14.03 22.81
N ALA E 175 -8.86 -13.03 23.37
CA ALA E 175 -8.89 -12.71 24.82
C ALA E 175 -10.27 -12.24 25.27
N MET E 176 -10.95 -11.41 24.47
CA MET E 176 -12.31 -10.87 24.78
C MET E 176 -13.32 -12.04 24.92
N ARG E 177 -13.36 -12.90 23.91
CA ARG E 177 -14.15 -14.17 23.85
C ARG E 177 -14.01 -14.98 25.15
N LYS E 178 -12.77 -15.22 25.58
CA LYS E 178 -12.45 -16.05 26.77
C LYS E 178 -12.82 -15.34 28.07
N LEU E 179 -12.64 -14.01 28.17
CA LEU E 179 -12.68 -13.26 29.46
C LEU E 179 -14.11 -12.84 29.83
N ALA E 180 -14.91 -12.38 28.86
CA ALA E 180 -16.22 -11.73 29.11
C ALA E 180 -17.07 -12.56 30.09
N GLY E 181 -17.20 -13.85 29.84
CA GLY E 181 -17.99 -14.80 30.66
C GLY E 181 -17.40 -14.99 32.05
N ASN E 182 -16.08 -15.15 32.15
CA ASN E 182 -15.41 -15.33 33.46
C ASN E 182 -15.57 -14.05 34.31
N LEU E 183 -15.42 -12.86 33.72
CA LEU E 183 -15.58 -11.59 34.47
C LEU E 183 -16.98 -11.48 35.05
N LYS E 184 -18.00 -11.88 34.28
CA LYS E 184 -19.43 -11.74 34.70
C LYS E 184 -19.72 -12.69 35.87
N GLN E 185 -19.22 -13.92 35.81
CA GLN E 185 -19.41 -14.96 36.86
C GLN E 185 -18.80 -14.52 38.20
N SER E 186 -17.57 -13.97 38.16
CA SER E 186 -16.78 -13.49 39.32
C SER E 186 -17.28 -12.13 39.85
N ASN E 187 -17.97 -11.34 39.01
CA ASN E 187 -18.36 -9.93 39.30
C ASN E 187 -17.11 -9.05 39.37
N THR E 188 -16.14 -9.29 38.49
CA THR E 188 -14.83 -8.58 38.39
C THR E 188 -14.88 -7.48 37.31
N LEU E 189 -14.44 -6.26 37.64
CA LEU E 189 -14.27 -5.14 36.68
C LEU E 189 -12.87 -5.23 36.07
N LEU E 190 -12.77 -5.27 34.74
CA LEU E 190 -11.48 -5.23 34.00
C LEU E 190 -11.39 -3.89 33.26
N ILE E 191 -10.35 -3.09 33.57
CA ILE E 191 -10.05 -1.79 32.90
C ILE E 191 -8.81 -1.96 32.01
N PHE E 192 -8.95 -1.70 30.73
CA PHE E 192 -7.85 -1.58 29.74
C PHE E 192 -7.53 -0.10 29.49
N ILE E 193 -6.28 0.32 29.74
CA ILE E 193 -5.75 1.62 29.26
C ILE E 193 -5.25 1.41 27.83
N ASN E 194 -5.50 2.35 26.93
CA ASN E 194 -5.03 2.30 25.53
C ASN E 194 -4.40 3.65 25.14
N GLN E 195 -3.45 3.60 24.22
CA GLN E 195 -2.76 4.78 23.63
C GLN E 195 -3.42 5.11 22.29
N ILE E 196 -3.15 6.31 21.79
CA ILE E 196 -3.68 6.83 20.49
C ILE E 196 -2.58 6.70 19.44
N ARG E 197 -2.96 6.37 18.20
CA ARG E 197 -2.08 6.36 17.01
C ARG E 197 -2.84 7.03 15.87
N MET E 198 -2.13 7.47 14.84
CA MET E 198 -2.72 8.19 13.68
C MET E 198 -3.00 7.18 12.58
N LYS E 199 -4.15 7.32 11.92
CA LYS E 199 -4.46 6.66 10.61
C LYS E 199 -3.89 7.50 9.47
N ILE E 200 -3.31 6.86 8.46
CA ILE E 200 -2.75 7.54 7.24
C ILE E 200 -3.62 7.20 6.03
N GLY E 201 -3.88 8.18 5.16
CA GLY E 201 -4.75 8.05 3.98
C GLY E 201 -6.23 8.15 4.36
N VAL E 202 -6.57 9.15 5.18
CA VAL E 202 -7.90 9.35 5.82
C VAL E 202 -8.31 10.81 5.61
N MET E 203 -9.38 11.06 4.84
CA MET E 203 -9.85 12.40 4.43
C MET E 203 -11.21 12.74 5.07
N PHE E 204 -11.85 11.77 5.75
CA PHE E 204 -13.08 11.98 6.58
C PHE E 204 -12.79 11.57 8.03
N GLY E 205 -13.74 11.81 8.93
CA GLY E 205 -13.69 11.43 10.35
C GLY E 205 -12.51 12.08 11.08
N ASN E 206 -12.17 11.55 12.26
CA ASN E 206 -10.87 11.82 12.93
C ASN E 206 -9.86 10.80 12.39
N PRO E 207 -8.59 11.20 12.19
CA PRO E 207 -7.53 10.25 11.90
C PRO E 207 -6.95 9.54 13.14
N GLU E 208 -7.45 9.85 14.33
CA GLU E 208 -7.04 9.18 15.59
C GLU E 208 -7.63 7.76 15.63
N THR E 209 -6.80 6.79 15.98
CA THR E 209 -7.16 5.38 16.28
C THR E 209 -6.67 5.03 17.69
N THR E 210 -7.06 3.85 18.17
CA THR E 210 -6.45 3.16 19.33
C THR E 210 -5.71 1.93 18.81
N THR E 211 -4.84 1.34 19.62
CA THR E 211 -4.07 0.11 19.27
C THR E 211 -4.89 -1.16 19.56
N GLY E 212 -4.51 -2.27 18.94
CA GLY E 212 -4.91 -3.63 19.34
C GLY E 212 -6.14 -4.16 18.62
N GLY E 213 -6.59 -3.51 17.55
CA GLY E 213 -7.68 -3.99 16.67
C GLY E 213 -9.04 -3.56 17.16
N ASN E 214 -10.09 -4.17 16.62
CA ASN E 214 -11.48 -3.69 16.72
C ASN E 214 -12.29 -4.41 17.82
N ALA E 215 -11.86 -5.58 18.31
CA ALA E 215 -12.65 -6.41 19.24
C ALA E 215 -13.04 -5.64 20.52
N LEU E 216 -12.10 -4.92 21.12
CA LEU E 216 -12.29 -4.23 22.42
C LEU E 216 -13.40 -3.17 22.35
N LYS E 217 -13.54 -2.46 21.23
CA LYS E 217 -14.63 -1.45 21.02
C LYS E 217 -16.00 -2.11 21.19
N PHE E 218 -16.17 -3.35 20.72
CA PHE E 218 -17.44 -4.10 20.75
C PHE E 218 -17.74 -4.59 22.18
N TYR E 219 -16.76 -5.18 22.84
CA TYR E 219 -16.96 -5.86 24.15
C TYR E 219 -16.99 -4.87 25.31
N ALA E 220 -16.45 -3.67 25.18
CA ALA E 220 -16.42 -2.67 26.28
C ALA E 220 -17.85 -2.18 26.58
N SER E 221 -18.21 -2.07 27.85
CA SER E 221 -19.50 -1.52 28.33
C SER E 221 -19.41 0.00 28.46
N VAL E 222 -18.22 0.51 28.81
CA VAL E 222 -17.90 1.97 28.88
C VAL E 222 -16.59 2.20 28.14
N ARG E 223 -16.52 3.26 27.32
CA ARG E 223 -15.28 3.81 26.74
C ARG E 223 -15.17 5.30 27.13
N LEU E 224 -14.01 5.68 27.66
CA LEU E 224 -13.66 7.02 28.20
C LEU E 224 -12.49 7.60 27.39
N ASP E 225 -12.68 8.80 26.85
CA ASP E 225 -11.62 9.64 26.20
C ASP E 225 -11.20 10.70 27.22
N ILE E 226 -9.95 10.70 27.67
CA ILE E 226 -9.42 11.67 28.67
C ILE E 226 -8.40 12.57 27.98
N ARG E 227 -8.48 13.88 28.25
CA ARG E 227 -7.61 14.92 27.65
C ARG E 227 -7.23 15.97 28.68
N ARG E 228 -5.98 16.44 28.60
CA ARG E 228 -5.45 17.62 29.32
C ARG E 228 -5.80 18.86 28.52
N ILE E 229 -6.55 19.79 29.12
CA ILE E 229 -7.10 20.98 28.41
C ILE E 229 -6.47 22.29 28.92
N GLY E 230 -5.59 22.22 29.92
CA GLY E 230 -4.89 23.42 30.43
C GLY E 230 -4.11 23.14 31.70
N ALA E 231 -3.40 24.18 32.17
CA ALA E 231 -2.55 24.15 33.38
C ALA E 231 -3.31 24.76 34.57
N VAL E 232 -3.03 24.25 35.77
CA VAL E 232 -3.45 24.83 37.08
C VAL E 232 -2.19 25.48 37.70
N LYS E 233 -2.19 26.80 37.82
CA LYS E 233 -1.00 27.59 38.24
C LYS E 233 -1.21 28.20 39.63
N GLU E 234 -0.13 28.23 40.42
CA GLU E 234 0.02 29.06 41.66
C GLU E 234 0.92 30.25 41.33
N GLY E 235 0.39 31.18 40.53
CA GLY E 235 1.12 32.34 39.98
C GLY E 235 1.93 31.96 38.75
N GLU E 236 3.12 31.39 38.97
CA GLU E 236 4.06 30.93 37.88
C GLU E 236 4.38 29.44 38.03
N ASN E 237 4.40 28.90 39.26
CA ASN E 237 4.50 27.44 39.54
C ASN E 237 3.30 26.71 38.93
N VAL E 238 3.54 25.76 38.00
CA VAL E 238 2.52 24.82 37.47
C VAL E 238 2.36 23.69 38.49
N VAL E 239 1.17 23.56 39.07
CA VAL E 239 0.90 22.68 40.25
C VAL E 239 -0.04 21.52 39.86
N GLY E 240 -0.63 21.55 38.66
CA GLY E 240 -1.53 20.48 38.20
C GLY E 240 -2.09 20.70 36.81
N SER E 241 -3.00 19.82 36.38
CA SER E 241 -3.61 19.79 35.02
C SER E 241 -5.13 19.95 35.12
N GLU E 242 -5.70 20.80 34.27
CA GLU E 242 -7.15 20.82 33.96
C GLU E 242 -7.44 19.69 32.96
N THR E 243 -8.45 18.87 33.28
CA THR E 243 -8.74 17.57 32.62
C THR E 243 -10.21 17.52 32.18
N ARG E 244 -10.47 17.06 30.95
CA ARG E 244 -11.82 16.73 30.45
C ARG E 244 -11.91 15.23 30.15
N VAL E 245 -12.97 14.57 30.60
CA VAL E 245 -13.33 13.17 30.23
C VAL E 245 -14.65 13.17 29.46
N LYS E 246 -14.65 12.65 28.23
CA LYS E 246 -15.85 12.33 27.43
C LYS E 246 -16.20 10.84 27.53
N VAL E 247 -17.47 10.54 27.79
CA VAL E 247 -18.03 9.16 27.71
C VAL E 247 -18.43 8.90 26.25
N VAL E 248 -17.61 8.17 25.51
CA VAL E 248 -17.79 7.95 24.03
C VAL E 248 -18.58 6.67 23.78
N LYS E 249 -18.71 5.78 24.76
CA LYS E 249 -19.60 4.60 24.70
C LYS E 249 -20.15 4.32 26.10
N ASN E 250 -21.44 4.00 26.18
CA ASN E 250 -22.13 3.67 27.45
C ASN E 250 -23.28 2.71 27.12
N LYS E 251 -23.30 1.55 27.80
CA LYS E 251 -24.34 0.49 27.72
C LYS E 251 -25.18 0.41 29.00
N ILE E 252 -24.86 1.20 30.03
CA ILE E 252 -25.59 1.14 31.34
C ILE E 252 -26.34 2.45 31.59
N ALA E 253 -26.17 3.45 30.73
CA ALA E 253 -26.87 4.76 30.76
C ALA E 253 -26.60 5.49 29.45
N ALA E 254 -27.16 6.68 29.27
CA ALA E 254 -27.03 7.47 28.02
C ALA E 254 -25.58 7.89 27.85
N PRO E 255 -25.02 7.88 26.63
CA PRO E 255 -23.66 8.35 26.41
C PRO E 255 -23.56 9.82 26.04
N PHE E 256 -22.31 10.27 25.82
CA PHE E 256 -21.88 11.57 25.23
C PHE E 256 -21.91 12.70 26.25
N LYS E 257 -22.09 12.40 27.52
CA LYS E 257 -21.88 13.38 28.60
C LYS E 257 -20.37 13.53 28.86
N GLN E 258 -19.99 14.58 29.56
CA GLN E 258 -18.56 14.89 29.84
C GLN E 258 -18.39 15.46 31.24
N ALA E 259 -17.18 15.35 31.76
CA ALA E 259 -16.79 15.77 33.12
C ALA E 259 -15.49 16.57 33.04
N GLU E 260 -15.37 17.61 33.87
CA GLU E 260 -14.17 18.47 33.98
C GLU E 260 -13.75 18.51 35.43
N PHE E 261 -12.46 18.30 35.69
CA PHE E 261 -11.88 18.32 37.05
C PHE E 261 -10.40 18.65 36.95
N GLN E 262 -9.74 18.76 38.11
CA GLN E 262 -8.30 19.07 38.24
C GLN E 262 -7.57 17.85 38.77
N ILE E 263 -6.42 17.55 38.18
CA ILE E 263 -5.41 16.62 38.75
C ILE E 263 -4.29 17.48 39.34
N LEU E 264 -4.11 17.46 40.65
CA LEU E 264 -3.00 18.15 41.35
C LEU E 264 -1.86 17.16 41.59
N TYR E 265 -0.66 17.51 41.12
CA TYR E 265 0.56 16.66 41.17
C TYR E 265 0.84 16.33 42.63
N GLY E 266 0.83 15.03 42.96
CA GLY E 266 1.14 14.50 44.31
C GLY E 266 -0.09 14.19 45.14
N GLU E 267 -1.26 14.70 44.76
CA GLU E 267 -2.54 14.54 45.53
C GLU E 267 -3.54 13.70 44.73
N GLY E 268 -3.68 13.97 43.43
CA GLY E 268 -4.61 13.28 42.52
C GLY E 268 -5.76 14.17 42.13
N ILE E 269 -6.98 13.62 42.08
CA ILE E 269 -8.21 14.36 41.69
C ILE E 269 -8.64 15.25 42.85
N ASN E 270 -8.92 16.52 42.55
CA ASN E 270 -9.36 17.57 43.51
C ASN E 270 -10.87 17.42 43.74
N PHE E 271 -11.27 16.72 44.80
CA PHE E 271 -12.67 16.43 45.16
C PHE E 271 -13.43 17.72 45.49
N TYR E 272 -12.86 18.55 46.36
CA TYR E 272 -13.50 19.81 46.86
C TYR E 272 -13.68 20.82 45.72
N GLY E 273 -12.73 20.88 44.78
CA GLY E 273 -12.83 21.71 43.56
C GLY E 273 -14.07 21.36 42.73
N GLU E 274 -14.39 20.06 42.61
CA GLU E 274 -15.61 19.56 41.91
C GLU E 274 -16.86 19.97 42.70
N LEU E 275 -16.81 19.80 44.03
CA LEU E 275 -17.94 20.07 44.96
C LEU E 275 -18.35 21.54 44.93
N VAL E 276 -17.39 22.46 44.77
CA VAL E 276 -17.65 23.91 44.53
C VAL E 276 -18.45 24.05 43.24
N ASP E 277 -17.87 23.63 42.11
CA ASP E 277 -18.46 23.76 40.74
C ASP E 277 -19.88 23.17 40.70
N LEU E 278 -20.13 22.07 41.41
CA LEU E 278 -21.44 21.38 41.46
C LEU E 278 -22.40 22.13 42.38
N GLY E 279 -21.92 22.62 43.54
CA GLY E 279 -22.69 23.49 44.46
C GLY E 279 -23.17 24.77 43.77
N VAL E 280 -22.31 25.39 42.95
CA VAL E 280 -22.61 26.60 42.11
C VAL E 280 -23.73 26.27 41.12
N LYS E 281 -23.59 25.14 40.41
CA LYS E 281 -24.50 24.69 39.33
C LYS E 281 -25.89 24.37 39.91
N GLU E 282 -25.95 23.85 41.14
CA GLU E 282 -27.20 23.42 41.84
C GLU E 282 -27.72 24.51 42.80
N LYS E 283 -27.15 25.73 42.74
CA LYS E 283 -27.69 26.95 43.39
C LYS E 283 -27.54 26.88 44.91
N LEU E 284 -26.68 26.00 45.43
CA LEU E 284 -26.39 25.87 46.89
C LEU E 284 -25.23 26.81 47.26
N ILE E 285 -24.42 27.22 46.27
CA ILE E 285 -23.30 28.20 46.41
C ILE E 285 -23.58 29.36 45.45
N GLU E 286 -23.60 30.60 45.96
CA GLU E 286 -23.84 31.85 45.19
C GLU E 286 -22.49 32.43 44.75
N LYS E 287 -22.33 32.71 43.46
CA LYS E 287 -21.09 33.30 42.87
C LYS E 287 -21.38 34.73 42.39
N ALA E 288 -20.97 35.73 43.18
CA ALA E 288 -21.10 37.18 42.90
C ALA E 288 -19.82 37.68 42.21
N GLY E 289 -19.71 37.48 40.90
CA GLY E 289 -18.53 37.85 40.09
C GLY E 289 -17.41 36.82 40.24
N ALA E 290 -16.45 37.11 41.11
CA ALA E 290 -15.33 36.20 41.50
C ALA E 290 -15.37 35.92 43.02
N TRP E 291 -16.51 36.20 43.68
CA TRP E 291 -16.74 35.93 45.13
C TRP E 291 -17.70 34.75 45.29
N TYR E 292 -17.27 33.68 45.95
CA TYR E 292 -18.10 32.52 46.35
C TYR E 292 -18.68 32.80 47.74
N SER E 293 -19.98 32.57 47.91
CA SER E 293 -20.74 32.74 49.18
C SER E 293 -21.68 31.54 49.38
N TYR E 294 -21.76 31.03 50.62
CA TYR E 294 -22.65 29.91 51.03
C TYR E 294 -23.75 30.43 51.97
N LYS E 295 -25.01 30.35 51.54
CA LYS E 295 -26.25 30.86 52.22
C LYS E 295 -25.95 32.22 52.88
N GLY E 296 -25.37 33.15 52.12
CA GLY E 296 -25.04 34.52 52.57
C GLY E 296 -23.62 34.63 53.09
N GLU E 297 -23.16 33.65 53.87
CA GLU E 297 -21.79 33.57 54.44
C GLU E 297 -20.76 33.60 53.30
N LYS E 298 -19.94 34.65 53.22
CA LYS E 298 -18.91 34.83 52.15
C LYS E 298 -17.71 33.91 52.45
N ILE E 299 -17.54 32.87 51.63
CA ILE E 299 -16.64 31.71 51.92
C ILE E 299 -15.23 31.97 51.38
N GLY E 300 -15.10 32.61 50.22
CA GLY E 300 -13.79 32.85 49.57
C GLY E 300 -13.87 33.80 48.39
N GLN E 301 -12.71 34.12 47.82
CA GLN E 301 -12.52 35.03 46.66
C GLN E 301 -11.57 34.36 45.66
N GLY E 302 -12.10 33.82 44.56
CA GLY E 302 -11.40 32.87 43.68
C GLY E 302 -11.62 31.44 44.13
N LYS E 303 -11.51 30.49 43.20
CA LYS E 303 -11.93 29.07 43.37
C LYS E 303 -11.06 28.36 44.42
N ALA E 304 -9.74 28.59 44.39
CA ALA E 304 -8.72 27.94 45.25
C ALA E 304 -8.95 28.29 46.73
N ASN E 305 -9.33 29.53 47.03
CA ASN E 305 -9.62 30.02 48.40
C ASN E 305 -10.94 29.39 48.90
N ALA E 306 -11.96 29.34 48.03
CA ALA E 306 -13.28 28.72 48.29
C ALA E 306 -13.11 27.22 48.55
N THR E 307 -12.17 26.58 47.83
CA THR E 307 -11.80 25.14 48.00
C THR E 307 -11.10 24.97 49.36
N ALA E 308 -10.18 25.87 49.69
CA ALA E 308 -9.42 25.90 50.97
C ALA E 308 -10.37 26.11 52.15
N TRP E 309 -11.46 26.88 51.93
CA TRP E 309 -12.52 27.12 52.95
C TRP E 309 -13.31 25.82 53.22
N LEU E 310 -13.73 25.11 52.16
CA LEU E 310 -14.45 23.81 52.27
C LEU E 310 -13.57 22.79 52.99
N LYS E 311 -12.26 22.80 52.69
CA LYS E 311 -11.23 21.95 53.33
C LYS E 311 -11.29 22.10 54.86
N ASP E 312 -11.31 23.34 55.36
CA ASP E 312 -11.20 23.65 56.81
C ASP E 312 -12.57 23.57 57.51
N ASN E 313 -13.68 23.37 56.77
CA ASN E 313 -15.05 23.18 57.31
C ASN E 313 -15.63 21.87 56.79
N PRO E 314 -15.21 20.68 57.33
CA PRO E 314 -15.66 19.39 56.81
C PRO E 314 -17.17 19.12 56.82
N GLU E 315 -17.89 19.57 57.85
CA GLU E 315 -19.35 19.33 58.03
C GLU E 315 -20.15 20.07 56.95
N THR E 316 -19.76 21.31 56.65
CA THR E 316 -20.37 22.18 55.61
C THR E 316 -20.22 21.50 54.24
N ALA E 317 -19.03 20.99 53.94
CA ALA E 317 -18.68 20.23 52.70
C ALA E 317 -19.50 18.93 52.65
N LYS E 318 -19.60 18.19 53.75
CA LYS E 318 -20.43 16.95 53.88
C LYS E 318 -21.88 17.24 53.49
N GLU E 319 -22.41 18.38 53.95
CA GLU E 319 -23.83 18.80 53.78
C GLU E 319 -24.09 19.15 52.31
N ILE E 320 -23.17 19.89 51.67
CA ILE E 320 -23.27 20.27 50.22
C ILE E 320 -23.19 18.99 49.38
N GLU E 321 -22.29 18.06 49.73
CA GLU E 321 -22.13 16.75 49.05
C GLU E 321 -23.47 16.00 49.09
N LYS E 322 -24.06 15.89 50.27
CA LYS E 322 -25.36 15.20 50.52
C LYS E 322 -26.40 15.65 49.49
N LYS E 323 -26.58 16.96 49.36
CA LYS E 323 -27.61 17.60 48.48
C LYS E 323 -27.31 17.28 47.01
N VAL E 324 -26.08 17.56 46.56
CA VAL E 324 -25.59 17.34 45.16
C VAL E 324 -25.83 15.87 44.79
N ARG E 325 -25.56 14.95 45.72
CA ARG E 325 -25.75 13.49 45.53
C ARG E 325 -27.22 13.17 45.26
N GLU E 326 -28.13 13.54 46.17
CA GLU E 326 -29.59 13.21 46.03
C GLU E 326 -30.20 13.94 44.82
N LEU E 327 -29.72 15.15 44.47
CA LEU E 327 -30.26 15.95 43.35
C LEU E 327 -29.89 15.34 41.99
N LEU E 328 -28.60 15.07 41.76
CA LEU E 328 -28.03 14.80 40.40
C LEU E 328 -27.85 13.30 40.13
N LEU E 329 -27.51 12.48 41.13
CA LEU E 329 -27.34 11.02 40.95
C LEU E 329 -28.72 10.38 40.73
N SER E 330 -28.96 9.89 39.51
CA SER E 330 -30.27 9.42 38.99
C SER E 330 -30.69 8.09 39.65
N ASN E 331 -29.75 7.36 40.25
CA ASN E 331 -29.97 6.01 40.85
C ASN E 331 -29.29 5.94 42.23
N PRO E 332 -29.87 6.55 43.28
CA PRO E 332 -29.39 6.36 44.65
C PRO E 332 -29.33 4.87 45.07
N ASN E 333 -28.16 4.42 45.55
CA ASN E 333 -27.91 3.04 46.04
C ASN E 333 -27.31 3.12 47.45
N SER E 334 -28.18 3.18 48.46
CA SER E 334 -27.84 3.19 49.91
C SER E 334 -29.11 3.03 50.76
N ALA F 2 -52.28 -43.57 -23.43
CA ALA F 2 -51.76 -44.98 -23.48
C ALA F 2 -50.50 -45.11 -22.61
N ILE F 3 -49.46 -44.34 -22.94
CA ILE F 3 -48.15 -44.28 -22.23
C ILE F 3 -48.23 -43.26 -21.09
N ASP F 4 -48.96 -42.16 -21.31
CA ASP F 4 -49.26 -41.07 -20.35
C ASP F 4 -50.02 -41.61 -19.13
N GLU F 5 -50.84 -42.67 -19.32
CA GLU F 5 -51.69 -43.28 -18.27
C GLU F 5 -50.89 -44.18 -17.34
N ASN F 6 -49.94 -44.97 -17.88
CA ASN F 6 -49.07 -45.90 -17.09
C ASN F 6 -48.09 -45.09 -16.23
N LYS F 7 -47.68 -43.90 -16.68
CA LYS F 7 -46.81 -42.95 -15.92
C LYS F 7 -47.54 -42.47 -14.66
N GLN F 8 -48.82 -42.10 -14.79
CA GLN F 8 -49.67 -41.59 -13.66
C GLN F 8 -49.80 -42.67 -12.57
N LYS F 9 -49.94 -43.93 -12.96
CA LYS F 9 -50.02 -45.10 -12.04
C LYS F 9 -48.69 -45.27 -11.31
N ALA F 10 -47.58 -45.27 -12.06
CA ALA F 10 -46.20 -45.42 -11.56
C ALA F 10 -45.88 -44.29 -10.58
N LEU F 11 -46.33 -43.06 -10.87
CA LEU F 11 -46.12 -41.87 -10.01
C LEU F 11 -46.93 -42.01 -8.71
N ALA F 12 -48.23 -42.33 -8.83
CA ALA F 12 -49.16 -42.55 -7.70
C ALA F 12 -48.60 -43.62 -6.75
N ALA F 13 -48.04 -44.70 -7.29
CA ALA F 13 -47.48 -45.84 -6.52
C ALA F 13 -46.22 -45.40 -5.76
N ALA F 14 -45.32 -44.67 -6.43
CA ALA F 14 -44.05 -44.14 -5.86
C ALA F 14 -44.36 -43.15 -4.72
N LEU F 15 -45.32 -42.24 -4.94
CA LEU F 15 -45.79 -41.27 -3.92
C LEU F 15 -46.40 -42.00 -2.72
N GLY F 16 -47.21 -43.04 -2.96
CA GLY F 16 -47.75 -43.92 -1.90
C GLY F 16 -46.64 -44.55 -1.07
N GLN F 17 -45.64 -45.13 -1.74
CA GLN F 17 -44.47 -45.82 -1.10
C GLN F 17 -43.67 -44.83 -0.24
N ILE F 18 -43.45 -43.60 -0.72
CA ILE F 18 -42.66 -42.55 0.00
C ILE F 18 -43.44 -42.14 1.26
N GLU F 19 -44.74 -41.86 1.12
CA GLU F 19 -45.62 -41.43 2.24
C GLU F 19 -45.71 -42.53 3.31
N LYS F 20 -45.77 -43.79 2.88
CA LYS F 20 -45.75 -45.00 3.76
C LYS F 20 -44.43 -45.04 4.56
N GLN F 21 -43.30 -44.79 3.90
CA GLN F 21 -41.94 -44.96 4.47
C GLN F 21 -41.61 -43.83 5.47
N PHE F 22 -41.96 -42.57 5.15
CA PHE F 22 -41.43 -41.36 5.82
C PHE F 22 -42.54 -40.50 6.47
N GLY F 23 -43.81 -40.74 6.15
CA GLY F 23 -44.94 -40.05 6.80
C GLY F 23 -45.81 -39.30 5.82
N LYS F 24 -46.84 -38.61 6.33
CA LYS F 24 -48.04 -38.21 5.56
C LYS F 24 -47.71 -37.07 4.57
N GLY F 25 -47.04 -36.01 5.04
CA GLY F 25 -46.74 -34.82 4.20
C GLY F 25 -45.27 -34.77 3.75
N SER F 26 -44.64 -35.92 3.54
CA SER F 26 -43.20 -36.05 3.23
C SER F 26 -42.92 -35.68 1.76
N ILE F 27 -43.92 -35.83 0.88
CA ILE F 27 -43.90 -35.30 -0.51
C ILE F 27 -45.33 -34.88 -0.90
N MET F 28 -45.45 -33.73 -1.56
CA MET F 28 -46.73 -33.29 -2.17
C MET F 28 -46.50 -32.17 -3.19
N ARG F 29 -47.56 -31.75 -3.88
CA ARG F 29 -47.52 -30.63 -4.84
C ARG F 29 -47.40 -29.32 -4.09
N LEU F 30 -46.52 -28.43 -4.57
CA LEU F 30 -46.10 -27.19 -3.89
C LEU F 30 -47.31 -26.27 -3.67
N GLY F 31 -48.21 -26.20 -4.65
CA GLY F 31 -49.43 -25.36 -4.62
C GLY F 31 -50.40 -25.73 -3.52
N GLU F 32 -50.39 -26.98 -3.03
CA GLU F 32 -51.33 -27.45 -1.97
C GLU F 32 -50.59 -27.70 -0.65
N ASP F 33 -49.42 -27.08 -0.44
CA ASP F 33 -48.63 -27.16 0.82
C ASP F 33 -48.69 -25.79 1.52
N ARG F 34 -49.59 -25.66 2.52
CA ARG F 34 -49.85 -24.40 3.25
C ARG F 34 -48.66 -24.06 4.17
N SER F 35 -47.94 -25.07 4.65
CA SER F 35 -46.73 -24.91 5.52
C SER F 35 -45.62 -24.11 4.84
N MET F 36 -45.62 -24.04 3.49
CA MET F 36 -44.59 -23.32 2.69
C MET F 36 -44.91 -21.83 2.55
N ASP F 37 -46.13 -21.39 2.87
CA ASP F 37 -46.53 -19.97 2.78
C ASP F 37 -45.69 -19.14 3.77
N VAL F 38 -45.23 -17.96 3.35
CA VAL F 38 -44.37 -17.05 4.16
C VAL F 38 -45.26 -16.16 5.02
N GLU F 39 -45.09 -16.27 6.35
CA GLU F 39 -45.71 -15.44 7.40
C GLU F 39 -44.63 -14.53 8.00
N THR F 40 -44.95 -13.26 8.28
CA THR F 40 -43.99 -12.24 8.78
C THR F 40 -44.47 -11.66 10.12
N ILE F 41 -43.53 -11.07 10.88
CA ILE F 41 -43.77 -10.25 12.10
C ILE F 41 -43.04 -8.92 11.98
N SER F 42 -43.56 -7.88 12.63
CA SER F 42 -43.06 -6.48 12.58
C SER F 42 -41.66 -6.38 13.18
N THR F 43 -40.88 -5.41 12.71
CA THR F 43 -39.53 -5.08 13.24
C THR F 43 -39.62 -3.99 14.33
N GLY F 44 -40.79 -3.35 14.50
CA GLY F 44 -40.96 -2.16 15.36
C GLY F 44 -40.70 -0.86 14.62
N SER F 45 -40.17 -0.90 13.39
CA SER F 45 -39.96 0.26 12.49
C SER F 45 -40.83 0.09 11.24
N LEU F 46 -41.60 1.12 10.86
CA LEU F 46 -42.51 1.09 9.69
C LEU F 46 -41.71 1.23 8.39
N SER F 47 -40.61 1.99 8.39
CA SER F 47 -39.73 2.13 7.20
C SER F 47 -38.96 0.83 6.92
N LEU F 48 -38.62 0.02 7.93
CA LEU F 48 -37.89 -1.27 7.73
C LEU F 48 -38.86 -2.32 7.20
N ASP F 49 -40.11 -2.30 7.68
CA ASP F 49 -41.20 -3.19 7.22
C ASP F 49 -41.50 -2.95 5.74
N ILE F 50 -41.36 -1.72 5.26
CA ILE F 50 -41.51 -1.34 3.82
C ILE F 50 -40.27 -1.78 3.03
N ALA F 51 -39.07 -1.56 3.56
CA ALA F 51 -37.79 -1.94 2.92
C ALA F 51 -37.66 -3.45 2.73
N LEU F 52 -38.34 -4.25 3.56
CA LEU F 52 -38.23 -5.73 3.55
C LEU F 52 -39.19 -6.32 2.53
N GLY F 53 -40.15 -5.54 2.03
CA GLY F 53 -41.03 -5.91 0.91
C GLY F 53 -42.24 -6.72 1.35
N ALA F 54 -42.09 -7.69 2.26
CA ALA F 54 -43.16 -8.61 2.70
C ALA F 54 -43.77 -8.17 4.04
N GLY F 55 -43.49 -6.95 4.50
CA GLY F 55 -44.12 -6.37 5.70
C GLY F 55 -43.49 -6.86 7.00
N GLY F 56 -42.30 -7.46 6.97
CA GLY F 56 -41.53 -7.78 8.19
C GLY F 56 -40.56 -8.93 8.02
N LEU F 57 -40.18 -9.56 9.13
CA LEU F 57 -39.19 -10.66 9.20
C LEU F 57 -39.92 -12.01 9.15
N PRO F 58 -39.41 -12.98 8.36
CA PRO F 58 -40.13 -14.24 8.12
C PRO F 58 -39.98 -15.27 9.24
N MET F 59 -41.11 -15.82 9.71
CA MET F 59 -41.14 -16.92 10.69
C MET F 59 -40.59 -18.20 10.06
N GLY F 60 -39.91 -19.02 10.86
CA GLY F 60 -39.35 -20.32 10.43
C GLY F 60 -37.98 -20.20 9.80
N ARG F 61 -37.43 -18.99 9.71
CA ARG F 61 -36.17 -18.73 8.97
C ARG F 61 -35.07 -18.25 9.92
N ILE F 62 -33.87 -18.13 9.38
CA ILE F 62 -32.67 -17.49 9.98
C ILE F 62 -32.51 -16.07 9.42
N VAL F 63 -32.27 -15.11 10.29
CA VAL F 63 -31.97 -13.68 9.98
C VAL F 63 -30.61 -13.30 10.60
N GLU F 64 -29.79 -12.53 9.88
CA GLU F 64 -28.50 -11.97 10.36
C GLU F 64 -28.60 -10.42 10.38
N ILE F 65 -28.22 -9.82 11.52
CA ILE F 65 -28.08 -8.35 11.71
C ILE F 65 -26.62 -8.09 12.10
N TYR F 66 -25.90 -7.32 11.29
CA TYR F 66 -24.49 -6.95 11.55
C TYR F 66 -24.33 -5.44 11.39
N GLY F 67 -23.22 -4.92 11.90
CA GLY F 67 -22.95 -3.49 11.94
C GLY F 67 -21.72 -3.16 12.76
N PRO F 68 -21.28 -1.89 12.75
CA PRO F 68 -20.22 -1.43 13.63
C PRO F 68 -20.67 -1.22 15.08
N GLU F 69 -19.71 -0.89 15.95
CA GLU F 69 -19.93 -0.68 17.40
C GLU F 69 -20.98 0.41 17.61
N SER F 70 -21.92 0.19 18.53
CA SER F 70 -22.98 1.14 18.97
C SER F 70 -23.88 1.60 17.82
N SER F 71 -24.13 0.73 16.84
CA SER F 71 -24.98 1.06 15.66
C SER F 71 -26.47 0.84 15.94
N GLY F 72 -26.84 0.13 17.02
CA GLY F 72 -28.24 -0.14 17.40
C GLY F 72 -28.65 -1.59 17.23
N LYS F 73 -27.72 -2.52 17.07
CA LYS F 73 -27.98 -3.97 16.84
C LYS F 73 -28.86 -4.58 17.94
N THR F 74 -28.51 -4.38 19.22
CA THR F 74 -29.23 -4.97 20.38
C THR F 74 -30.60 -4.30 20.52
N THR F 75 -30.68 -3.00 20.35
CA THR F 75 -31.94 -2.20 20.43
C THR F 75 -32.95 -2.69 19.39
N LEU F 76 -32.56 -2.83 18.13
CA LEU F 76 -33.48 -3.23 17.03
C LEU F 76 -34.11 -4.58 17.36
N THR F 77 -33.29 -5.47 17.88
CA THR F 77 -33.59 -6.87 18.23
C THR F 77 -34.53 -6.94 19.45
N LEU F 78 -34.42 -6.01 20.41
CA LEU F 78 -35.34 -5.94 21.59
C LEU F 78 -36.68 -5.35 21.17
N GLN F 79 -36.71 -4.48 20.17
CA GLN F 79 -37.97 -3.91 19.61
C GLN F 79 -38.76 -4.97 18.85
N VAL F 80 -38.11 -5.91 18.13
CA VAL F 80 -38.88 -7.02 17.48
C VAL F 80 -39.41 -7.96 18.58
N ILE F 81 -38.64 -8.23 19.63
CA ILE F 81 -39.14 -9.02 20.81
C ILE F 81 -40.35 -8.33 21.44
N ALA F 82 -40.32 -7.02 21.63
CA ALA F 82 -41.41 -6.25 22.31
C ALA F 82 -42.67 -6.29 21.46
N ALA F 83 -42.55 -6.11 20.14
CA ALA F 83 -43.69 -6.13 19.21
C ALA F 83 -44.28 -7.53 19.13
N ALA F 84 -43.44 -8.57 19.26
CA ALA F 84 -43.88 -9.98 19.21
C ALA F 84 -44.65 -10.34 20.49
N GLN F 85 -44.17 -9.90 21.66
CA GLN F 85 -44.82 -10.18 22.99
C GLN F 85 -46.21 -9.54 23.03
N ARG F 86 -46.40 -8.37 22.41
CA ARG F 86 -47.72 -7.68 22.36
C ARG F 86 -48.76 -8.48 21.54
N GLU F 87 -48.32 -9.39 20.68
CA GLU F 87 -49.19 -10.31 19.89
C GLU F 87 -49.28 -11.69 20.56
N GLY F 88 -48.80 -11.83 21.80
CA GLY F 88 -48.95 -13.05 22.61
C GLY F 88 -47.94 -14.15 22.31
N LYS F 89 -46.85 -13.82 21.60
CA LYS F 89 -45.76 -14.79 21.25
C LYS F 89 -44.74 -14.87 22.39
N THR F 90 -44.14 -16.04 22.60
CA THR F 90 -43.06 -16.28 23.59
C THR F 90 -41.70 -16.08 22.92
N CYS F 91 -40.73 -15.54 23.66
CA CYS F 91 -39.39 -15.14 23.13
C CYS F 91 -38.28 -15.47 24.10
N ALA F 92 -37.08 -15.70 23.57
CA ALA F 92 -35.85 -16.00 24.31
C ALA F 92 -34.70 -15.14 23.78
N PHE F 93 -33.76 -14.80 24.67
CA PHE F 93 -32.54 -14.01 24.40
C PHE F 93 -31.33 -14.79 24.92
N ILE F 94 -30.41 -15.19 24.05
CA ILE F 94 -29.12 -15.87 24.40
C ILE F 94 -28.00 -14.82 24.42
N ASP F 95 -27.65 -14.33 25.60
CA ASP F 95 -26.74 -13.16 25.80
C ASP F 95 -25.31 -13.67 25.97
N ALA F 96 -24.67 -14.07 24.87
CA ALA F 96 -23.30 -14.63 24.79
C ALA F 96 -22.24 -13.56 25.03
N GLU F 97 -22.54 -12.29 24.71
CA GLU F 97 -21.67 -11.12 25.03
C GLU F 97 -21.64 -10.81 26.54
N HIS F 98 -22.65 -11.26 27.29
CA HIS F 98 -22.76 -11.03 28.76
C HIS F 98 -22.85 -9.52 29.02
N ALA F 99 -23.78 -8.83 28.36
CA ALA F 99 -23.88 -7.36 28.41
C ALA F 99 -25.32 -6.87 28.25
N LEU F 100 -26.32 -7.67 28.62
CA LEU F 100 -27.72 -7.19 28.56
C LEU F 100 -28.08 -6.50 29.88
N ASP F 101 -28.74 -5.33 29.81
CA ASP F 101 -29.26 -4.54 30.95
C ASP F 101 -30.78 -4.67 31.00
N PRO F 102 -31.37 -5.42 31.96
CA PRO F 102 -32.81 -5.62 32.01
C PRO F 102 -33.69 -4.38 32.26
N ILE F 103 -33.17 -3.35 32.93
CA ILE F 103 -33.90 -2.06 33.13
C ILE F 103 -34.11 -1.41 31.75
N TYR F 104 -33.07 -1.36 30.92
CA TYR F 104 -33.14 -0.74 29.57
C TYR F 104 -34.13 -1.51 28.68
N ALA F 105 -34.10 -2.85 28.74
CA ALA F 105 -35.02 -3.73 27.99
C ALA F 105 -36.47 -3.41 28.39
N ARG F 106 -36.75 -3.20 29.67
CA ARG F 106 -38.11 -2.83 30.16
C ARG F 106 -38.54 -1.46 29.61
N LYS F 107 -37.63 -0.50 29.54
CA LYS F 107 -37.91 0.85 28.97
C LYS F 107 -38.29 0.77 27.49
N LEU F 108 -37.68 -0.15 26.72
CA LEU F 108 -37.94 -0.31 25.26
C LEU F 108 -39.28 -1.01 25.02
N GLY F 109 -39.89 -1.60 26.05
CA GLY F 109 -41.26 -2.14 26.00
C GLY F 109 -41.30 -3.65 26.12
N VAL F 110 -40.21 -4.28 26.57
CA VAL F 110 -40.11 -5.76 26.73
C VAL F 110 -40.75 -6.15 28.06
N ASP F 111 -41.57 -7.20 28.06
CA ASP F 111 -42.06 -7.88 29.28
C ASP F 111 -40.92 -8.76 29.83
N ILE F 112 -40.15 -8.20 30.76
CA ILE F 112 -38.96 -8.80 31.42
C ILE F 112 -39.35 -10.10 32.12
N ASP F 113 -40.55 -10.17 32.70
CA ASP F 113 -41.00 -11.31 33.55
C ASP F 113 -41.25 -12.57 32.70
N ASN F 114 -41.52 -12.42 31.39
CA ASN F 114 -41.81 -13.55 30.46
C ASN F 114 -40.69 -13.78 29.45
N LEU F 115 -39.64 -12.96 29.42
CA LEU F 115 -38.48 -13.14 28.50
C LEU F 115 -37.60 -14.25 29.08
N LEU F 116 -37.41 -15.35 28.35
CA LEU F 116 -36.40 -16.37 28.71
C LEU F 116 -35.01 -15.82 28.37
N CYS F 117 -34.07 -15.89 29.30
CA CYS F 117 -32.68 -15.39 29.10
C CYS F 117 -31.70 -16.47 29.55
N SER F 118 -30.59 -16.59 28.84
CA SER F 118 -29.49 -17.54 29.12
C SER F 118 -28.16 -16.86 28.86
N GLN F 119 -27.20 -17.02 29.77
CA GLN F 119 -25.80 -16.54 29.61
C GLN F 119 -24.91 -17.76 29.60
N PRO F 120 -24.69 -18.38 28.43
CA PRO F 120 -23.97 -19.64 28.34
C PRO F 120 -22.45 -19.48 28.41
N ASP F 121 -21.77 -20.58 28.76
CA ASP F 121 -20.32 -20.61 29.04
C ASP F 121 -19.56 -20.83 27.73
N THR F 122 -20.08 -21.71 26.86
CA THR F 122 -19.48 -22.09 25.56
C THR F 122 -20.45 -21.78 24.40
N GLY F 123 -19.90 -21.71 23.19
CA GLY F 123 -20.65 -21.63 21.93
C GLY F 123 -21.51 -22.86 21.71
N GLU F 124 -20.99 -24.05 22.04
CA GLU F 124 -21.73 -25.33 21.90
C GLU F 124 -22.95 -25.35 22.82
N GLN F 125 -22.83 -24.85 24.05
CA GLN F 125 -23.98 -24.82 24.99
C GLN F 125 -25.06 -23.88 24.42
N ALA F 126 -24.68 -22.70 23.94
CA ALA F 126 -25.59 -21.68 23.36
C ALA F 126 -26.41 -22.27 22.20
N LEU F 127 -25.75 -22.98 21.28
CA LEU F 127 -26.41 -23.51 20.07
C LEU F 127 -27.24 -24.75 20.40
N GLU F 128 -26.83 -25.54 21.41
CA GLU F 128 -27.65 -26.68 21.93
C GLU F 128 -28.92 -26.15 22.63
N ILE F 129 -28.87 -24.98 23.26
CA ILE F 129 -30.08 -24.36 23.89
C ILE F 129 -31.05 -23.88 22.79
N CYS F 130 -30.55 -23.26 21.71
CA CYS F 130 -31.37 -22.87 20.53
C CYS F 130 -32.08 -24.09 19.93
N ASP F 131 -31.37 -25.19 19.73
CA ASP F 131 -31.94 -26.45 19.15
C ASP F 131 -33.07 -26.94 20.06
N ALA F 132 -32.86 -26.99 21.37
CA ALA F 132 -33.85 -27.49 22.36
C ALA F 132 -35.10 -26.59 22.36
N LEU F 133 -34.92 -25.27 22.35
CA LEU F 133 -36.06 -24.33 22.31
C LEU F 133 -36.82 -24.41 20.98
N ALA F 134 -36.11 -24.62 19.87
CA ALA F 134 -36.71 -24.80 18.52
C ALA F 134 -37.52 -26.10 18.49
N ARG F 135 -36.93 -27.24 18.86
CA ARG F 135 -37.61 -28.56 18.87
C ARG F 135 -38.87 -28.55 19.78
N SER F 136 -38.87 -27.76 20.86
CA SER F 136 -39.97 -27.69 21.86
C SER F 136 -41.30 -27.38 21.18
N GLY F 137 -41.31 -26.41 20.25
CA GLY F 137 -42.52 -25.91 19.57
C GLY F 137 -43.21 -24.79 20.34
N ALA F 138 -42.61 -24.31 21.43
CA ALA F 138 -43.22 -23.35 22.40
C ALA F 138 -42.57 -21.96 22.36
N VAL F 139 -41.50 -21.76 21.58
CA VAL F 139 -40.81 -20.44 21.46
C VAL F 139 -40.92 -19.94 20.01
N ASP F 140 -41.37 -18.70 19.84
CA ASP F 140 -41.65 -18.07 18.52
C ASP F 140 -40.47 -17.22 18.02
N VAL F 141 -39.71 -16.55 18.89
CA VAL F 141 -38.52 -15.74 18.51
C VAL F 141 -37.35 -16.09 19.43
N ILE F 142 -36.18 -16.35 18.85
CA ILE F 142 -34.88 -16.50 19.57
C ILE F 142 -33.91 -15.47 19.00
N VAL F 143 -33.23 -14.69 19.84
CA VAL F 143 -32.08 -13.85 19.38
C VAL F 143 -30.82 -14.28 20.11
N VAL F 144 -29.73 -14.41 19.35
CA VAL F 144 -28.37 -14.81 19.82
C VAL F 144 -27.46 -13.59 19.68
N ASP F 145 -27.04 -13.02 20.82
CA ASP F 145 -26.25 -11.77 20.83
C ASP F 145 -24.76 -12.10 20.77
N SER F 146 -24.29 -11.87 19.54
CA SER F 146 -22.99 -12.03 18.88
C SER F 146 -22.59 -13.49 18.74
N VAL F 147 -22.49 -13.88 17.47
CA VAL F 147 -21.72 -15.04 16.98
C VAL F 147 -20.23 -14.80 17.25
N ALA F 148 -19.77 -13.55 17.32
CA ALA F 148 -18.36 -13.21 17.67
C ALA F 148 -17.97 -13.77 19.04
N ALA F 149 -18.91 -13.82 19.98
CA ALA F 149 -18.69 -14.28 21.37
C ALA F 149 -19.06 -15.75 21.56
N LEU F 150 -19.41 -16.48 20.52
CA LEU F 150 -19.77 -17.93 20.57
C LEU F 150 -18.46 -18.73 20.55
N THR F 151 -17.84 -18.92 21.71
CA THR F 151 -16.47 -19.52 21.85
C THR F 151 -16.58 -21.04 21.91
N PRO F 152 -15.84 -21.81 21.06
CA PRO F 152 -15.81 -23.27 21.19
C PRO F 152 -15.20 -23.74 22.52
N LYS F 153 -15.63 -24.89 23.03
CA LYS F 153 -15.21 -25.47 24.34
C LYS F 153 -13.70 -25.63 24.40
N ALA F 154 -13.07 -26.14 23.34
CA ALA F 154 -11.61 -26.35 23.24
C ALA F 154 -10.84 -25.02 23.40
N GLU F 155 -11.38 -23.91 22.89
CA GLU F 155 -10.73 -22.58 22.95
C GLU F 155 -10.80 -22.05 24.38
N ILE F 156 -11.88 -22.35 25.11
CA ILE F 156 -12.08 -21.93 26.54
C ILE F 156 -11.16 -22.72 27.46
N GLU F 157 -11.06 -24.04 27.25
CA GLU F 157 -10.17 -24.95 28.04
C GLU F 157 -8.71 -24.59 27.80
N GLY F 158 -8.35 -24.15 26.59
CA GLY F 158 -6.97 -23.84 26.19
C GLY F 158 -6.46 -22.51 26.73
N GLU F 159 -5.30 -22.09 26.24
CA GLU F 159 -4.54 -20.90 26.73
C GLU F 159 -4.51 -19.83 25.65
N ILE F 160 -4.50 -18.56 26.04
CA ILE F 160 -4.49 -17.41 25.09
C ILE F 160 -3.22 -17.51 24.24
N GLY F 161 -3.36 -17.40 22.92
CA GLY F 161 -2.27 -17.56 21.95
C GLY F 161 -2.31 -18.90 21.23
N ASP F 162 -2.94 -19.91 21.81
CA ASP F 162 -3.19 -21.23 21.16
C ASP F 162 -4.04 -20.98 19.90
N SER F 163 -3.64 -21.60 18.77
CA SER F 163 -4.34 -21.49 17.45
C SER F 163 -5.42 -22.57 17.38
N HIS F 164 -6.62 -22.18 16.93
CA HIS F 164 -7.76 -23.09 16.65
C HIS F 164 -8.27 -22.79 15.24
N MET F 165 -7.85 -23.59 14.26
CA MET F 165 -7.98 -23.31 12.81
C MET F 165 -9.41 -23.62 12.37
N GLY F 166 -10.18 -22.58 12.05
CA GLY F 166 -11.59 -22.67 11.60
C GLY F 166 -12.46 -23.55 12.49
N LEU F 167 -12.21 -23.59 13.81
CA LEU F 167 -13.02 -24.39 14.77
C LEU F 167 -14.40 -23.76 14.93
N ALA F 168 -14.46 -22.42 15.05
CA ALA F 168 -15.72 -21.64 15.18
C ALA F 168 -16.54 -21.68 13.89
N ALA F 169 -15.90 -21.49 12.73
CA ALA F 169 -16.49 -21.66 11.38
C ALA F 169 -17.08 -23.06 11.21
N ARG F 170 -16.43 -24.08 11.73
CA ARG F 170 -16.89 -25.49 11.64
C ARG F 170 -18.11 -25.73 12.54
N MET F 171 -18.11 -25.15 13.74
CA MET F 171 -19.24 -25.20 14.70
C MET F 171 -20.48 -24.55 14.08
N MET F 172 -20.30 -23.41 13.42
CA MET F 172 -21.41 -22.64 12.80
C MET F 172 -22.00 -23.42 11.63
N SER F 173 -21.14 -24.01 10.79
CA SER F 173 -21.52 -24.85 9.63
C SER F 173 -22.37 -26.04 10.09
N GLN F 174 -21.95 -26.71 11.16
CA GLN F 174 -22.68 -27.85 11.78
C GLN F 174 -24.00 -27.38 12.38
N ALA F 175 -24.03 -26.23 13.03
CA ALA F 175 -25.24 -25.67 13.68
C ALA F 175 -26.35 -25.33 12.67
N MET F 176 -26.01 -24.70 11.54
CA MET F 176 -26.98 -24.32 10.46
C MET F 176 -27.69 -25.57 9.90
N ARG F 177 -26.90 -26.56 9.49
CA ARG F 177 -27.34 -27.92 9.08
C ARG F 177 -28.40 -28.48 10.03
N LYS F 178 -28.13 -28.45 11.33
CA LYS F 178 -28.98 -29.06 12.37
C LYS F 178 -30.23 -28.22 12.61
N LEU F 179 -30.18 -26.90 12.46
CA LEU F 179 -31.23 -25.95 12.95
C LEU F 179 -32.29 -25.64 11.89
N ALA F 180 -31.88 -25.42 10.64
CA ALA F 180 -32.73 -24.95 9.54
C ALA F 180 -34.06 -25.72 9.51
N GLY F 181 -34.00 -27.05 9.49
CA GLY F 181 -35.16 -27.95 9.46
C GLY F 181 -36.03 -27.85 10.70
N ASN F 182 -35.42 -27.77 11.89
CA ASN F 182 -36.13 -27.66 13.19
C ASN F 182 -36.85 -26.31 13.27
N LEU F 183 -36.21 -25.22 12.85
CA LEU F 183 -36.85 -23.87 12.87
C LEU F 183 -38.08 -23.85 11.98
N LYS F 184 -38.00 -24.52 10.82
CA LYS F 184 -39.10 -24.53 9.82
C LYS F 184 -40.31 -25.29 10.36
N GLN F 185 -40.10 -26.44 11.01
CA GLN F 185 -41.15 -27.29 11.63
C GLN F 185 -41.90 -26.52 12.73
N SER F 186 -41.17 -25.90 13.66
CA SER F 186 -41.71 -25.11 14.82
C SER F 186 -42.31 -23.77 14.38
N ASN F 187 -41.92 -23.25 13.22
CA ASN F 187 -42.25 -21.87 12.77
C ASN F 187 -41.56 -20.83 13.66
N THR F 188 -40.35 -21.11 14.14
CA THR F 188 -39.52 -20.24 15.01
C THR F 188 -38.60 -19.34 14.15
N LEU F 189 -38.51 -18.06 14.48
CA LEU F 189 -37.56 -17.08 13.90
C LEU F 189 -36.29 -17.08 14.77
N LEU F 190 -35.13 -17.30 14.16
CA LEU F 190 -33.80 -17.18 14.82
C LEU F 190 -33.08 -15.95 14.25
N ILE F 191 -32.75 -14.96 15.09
CA ILE F 191 -31.95 -13.76 14.73
C ILE F 191 -30.55 -13.93 15.32
N PHE F 192 -29.51 -13.91 14.48
CA PHE F 192 -28.08 -13.82 14.87
C PHE F 192 -27.61 -12.37 14.73
N ILE F 193 -27.11 -11.79 15.81
CA ILE F 193 -26.33 -10.53 15.78
C ILE F 193 -24.87 -10.88 15.45
N ASN F 194 -24.22 -10.14 14.57
CA ASN F 194 -22.79 -10.35 14.25
C ASN F 194 -22.06 -9.00 14.34
N GLN F 195 -20.76 -9.05 14.56
CA GLN F 195 -19.85 -7.89 14.62
C GLN F 195 -19.05 -7.84 13.31
N ILE F 196 -18.41 -6.71 13.05
CA ILE F 196 -17.56 -6.49 11.85
C ILE F 196 -16.09 -6.66 12.25
N ARG F 197 -15.29 -7.27 11.39
CA ARG F 197 -13.80 -7.29 11.51
C ARG F 197 -13.23 -6.92 10.14
N MET F 198 -11.95 -6.55 10.11
CA MET F 198 -11.25 -6.11 8.88
C MET F 198 -10.53 -7.31 8.29
N LYS F 199 -10.58 -7.49 6.97
CA LYS F 199 -9.71 -8.48 6.28
C LYS F 199 -8.47 -7.75 5.72
N ILE F 200 -7.31 -8.40 5.82
CA ILE F 200 -5.97 -7.81 5.50
C ILE F 200 -5.37 -8.59 4.33
N GLY F 201 -4.68 -7.88 3.44
CA GLY F 201 -4.17 -8.42 2.16
C GLY F 201 -5.23 -8.32 1.07
N VAL F 202 -5.88 -7.16 0.97
CA VAL F 202 -7.09 -6.91 0.14
C VAL F 202 -6.93 -5.57 -0.58
N MET F 203 -7.35 -5.51 -1.86
CA MET F 203 -7.22 -4.32 -2.74
C MET F 203 -8.59 -3.94 -3.33
N PHE F 204 -9.37 -4.93 -3.80
CA PHE F 204 -10.72 -4.75 -4.38
C PHE F 204 -11.78 -4.60 -3.27
N GLY F 205 -12.92 -3.98 -3.62
CA GLY F 205 -14.19 -3.99 -2.86
C GLY F 205 -14.04 -3.48 -1.44
N ASN F 206 -14.81 -4.06 -0.51
CA ASN F 206 -14.79 -3.73 0.94
C ASN F 206 -13.81 -4.68 1.63
N PRO F 207 -12.99 -4.17 2.57
CA PRO F 207 -12.20 -5.02 3.46
C PRO F 207 -12.98 -5.48 4.72
N GLU F 208 -14.23 -5.02 4.91
CA GLU F 208 -15.10 -5.44 6.04
C GLU F 208 -15.56 -6.88 5.85
N THR F 209 -15.46 -7.68 6.91
CA THR F 209 -15.98 -9.06 7.05
C THR F 209 -16.89 -9.13 8.28
N THR F 210 -17.54 -10.27 8.47
CA THR F 210 -18.26 -10.69 9.70
C THR F 210 -17.55 -11.90 10.28
N THR F 211 -17.82 -12.24 11.53
CA THR F 211 -17.15 -13.37 12.23
C THR F 211 -17.92 -14.67 11.99
N GLY F 212 -17.25 -15.79 12.22
CA GLY F 212 -17.88 -17.12 12.36
C GLY F 212 -18.08 -17.84 11.04
N GLY F 213 -17.34 -17.44 9.99
CA GLY F 213 -17.22 -18.20 8.73
C GLY F 213 -18.33 -17.90 7.75
N ASN F 214 -18.48 -18.74 6.75
CA ASN F 214 -19.26 -18.46 5.52
C ASN F 214 -20.66 -19.08 5.55
N ALA F 215 -20.93 -20.07 6.39
CA ALA F 215 -22.18 -20.87 6.37
C ALA F 215 -23.41 -19.97 6.57
N LEU F 216 -23.36 -19.02 7.49
CA LEU F 216 -24.51 -18.16 7.87
C LEU F 216 -24.99 -17.29 6.70
N LYS F 217 -24.09 -16.77 5.86
CA LYS F 217 -24.43 -15.99 4.63
C LYS F 217 -25.31 -16.82 3.68
N PHE F 218 -25.07 -18.12 3.55
CA PHE F 218 -25.85 -19.04 2.69
C PHE F 218 -27.23 -19.34 3.29
N TYR F 219 -27.33 -19.65 4.58
CA TYR F 219 -28.57 -20.13 5.22
C TYR F 219 -29.53 -18.99 5.61
N ALA F 220 -29.07 -17.75 5.71
CA ALA F 220 -29.91 -16.62 6.13
C ALA F 220 -30.87 -16.22 5.00
N SER F 221 -32.13 -15.96 5.34
CA SER F 221 -33.18 -15.51 4.41
C SER F 221 -33.12 -13.99 4.27
N VAL F 222 -32.75 -13.28 5.34
CA VAL F 222 -32.57 -11.81 5.39
C VAL F 222 -31.24 -11.52 6.07
N ARG F 223 -30.44 -10.64 5.47
CA ARG F 223 -29.23 -10.03 6.07
C ARG F 223 -29.39 -8.51 6.08
N LEU F 224 -29.21 -7.92 7.25
CA LEU F 224 -29.42 -6.49 7.60
C LEU F 224 -28.08 -5.87 8.01
N ASP F 225 -27.67 -4.77 7.36
CA ASP F 225 -26.49 -3.94 7.71
C ASP F 225 -27.00 -2.67 8.38
N ILE F 226 -26.68 -2.43 9.65
CA ILE F 226 -27.18 -1.25 10.43
C ILE F 226 -25.99 -0.32 10.73
N ARG F 227 -26.19 0.98 10.58
CA ARG F 227 -25.13 2.02 10.78
C ARG F 227 -25.71 3.29 11.37
N ARG F 228 -24.97 3.87 12.30
CA ARG F 228 -25.23 5.22 12.89
C ARG F 228 -24.67 6.27 11.93
N ILE F 229 -25.52 7.14 11.40
CA ILE F 229 -25.15 8.14 10.34
C ILE F 229 -25.18 9.58 10.90
N GLY F 230 -25.50 9.77 12.18
CA GLY F 230 -25.43 11.09 12.83
C GLY F 230 -26.21 11.15 14.12
N ALA F 231 -26.29 12.34 14.72
CA ALA F 231 -26.82 12.57 16.09
C ALA F 231 -28.16 13.29 16.03
N VAL F 232 -28.99 13.07 17.05
CA VAL F 232 -30.28 13.78 17.29
C VAL F 232 -30.08 14.68 18.51
N LYS F 233 -29.99 16.00 18.29
CA LYS F 233 -29.68 17.00 19.35
C LYS F 233 -30.96 17.76 19.73
N GLU F 234 -31.15 17.99 21.02
CA GLU F 234 -32.11 18.99 21.59
C GLU F 234 -31.29 20.22 22.00
N GLY F 235 -30.87 21.01 21.01
CA GLY F 235 -29.94 22.15 21.18
C GLY F 235 -28.50 21.69 21.18
N GLU F 236 -27.95 21.36 22.35
CA GLU F 236 -26.55 20.84 22.50
C GLU F 236 -26.52 19.48 23.23
N ASN F 237 -27.58 19.11 23.97
CA ASN F 237 -27.77 17.73 24.51
C ASN F 237 -28.00 16.75 23.36
N VAL F 238 -27.15 15.72 23.23
CA VAL F 238 -27.35 14.58 22.29
C VAL F 238 -28.38 13.64 22.93
N VAL F 239 -29.55 13.50 22.33
CA VAL F 239 -30.72 12.78 22.92
C VAL F 239 -30.99 11.46 22.16
N GLY F 240 -30.25 11.16 21.09
CA GLY F 240 -30.47 9.95 20.28
C GLY F 240 -29.52 9.83 19.11
N SER F 241 -29.78 8.86 18.23
CA SER F 241 -28.98 8.50 17.03
C SER F 241 -29.87 8.55 15.78
N GLU F 242 -29.31 9.03 14.68
CA GLU F 242 -29.86 8.87 13.31
C GLU F 242 -29.28 7.55 12.73
N THR F 243 -30.15 6.65 12.27
CA THR F 243 -29.80 5.24 11.94
C THR F 243 -30.19 4.91 10.50
N ARG F 244 -29.34 4.17 9.78
CA ARG F 244 -29.63 3.63 8.43
C ARG F 244 -29.48 2.10 8.38
N VAL F 245 -30.53 1.41 7.92
CA VAL F 245 -30.52 -0.07 7.69
C VAL F 245 -30.57 -0.35 6.19
N LYS F 246 -29.57 -1.08 5.67
CA LYS F 246 -29.57 -1.65 4.30
C LYS F 246 -29.93 -3.15 4.32
N VAL F 247 -30.86 -3.55 3.46
CA VAL F 247 -31.16 -4.98 3.23
C VAL F 247 -30.18 -5.54 2.20
N VAL F 248 -29.12 -6.21 2.64
CA VAL F 248 -28.01 -6.68 1.77
C VAL F 248 -28.28 -8.11 1.25
N LYS F 249 -29.25 -8.82 1.82
CA LYS F 249 -29.76 -10.11 1.28
C LYS F 249 -31.25 -10.23 1.61
N ASN F 250 -32.05 -10.66 0.64
CA ASN F 250 -33.50 -10.89 0.81
C ASN F 250 -33.92 -12.04 -0.11
N LYS F 251 -34.59 -13.04 0.44
CA LYS F 251 -35.12 -14.24 -0.26
C LYS F 251 -36.65 -14.25 -0.29
N ILE F 252 -37.31 -13.29 0.32
CA ILE F 252 -38.80 -13.23 0.40
C ILE F 252 -39.34 -11.99 -0.32
N ALA F 253 -38.45 -11.14 -0.85
CA ALA F 253 -38.78 -9.95 -1.66
C ALA F 253 -37.48 -9.42 -2.25
N ALA F 254 -37.56 -8.33 -3.02
CA ALA F 254 -36.38 -7.76 -3.71
C ALA F 254 -35.42 -7.22 -2.65
N PRO F 255 -34.10 -7.37 -2.84
CA PRO F 255 -33.13 -6.76 -1.94
C PRO F 255 -32.66 -5.37 -2.34
N PHE F 256 -31.77 -4.82 -1.50
CA PHE F 256 -30.93 -3.60 -1.69
C PHE F 256 -31.71 -2.32 -1.38
N LYS F 257 -32.93 -2.42 -0.87
CA LYS F 257 -33.66 -1.26 -0.30
C LYS F 257 -33.06 -0.88 1.05
N GLN F 258 -33.43 0.31 1.54
CA GLN F 258 -32.88 0.91 2.76
C GLN F 258 -33.95 1.71 3.49
N ALA F 259 -33.76 1.86 4.80
CA ALA F 259 -34.67 2.55 5.75
C ALA F 259 -33.86 3.48 6.65
N GLU F 260 -34.46 4.58 7.05
CA GLU F 260 -33.85 5.63 7.93
C GLU F 260 -34.83 5.93 9.05
N PHE F 261 -34.34 5.97 10.27
CA PHE F 261 -35.16 6.25 11.47
C PHE F 261 -34.25 6.75 12.59
N GLN F 262 -34.87 7.15 13.70
CA GLN F 262 -34.17 7.67 14.90
C GLN F 262 -34.30 6.66 16.03
N ILE F 263 -33.19 6.42 16.73
CA ILE F 263 -33.19 5.74 18.07
C ILE F 263 -33.01 6.83 19.12
N LEU F 264 -34.02 7.02 19.97
CA LEU F 264 -33.99 8.00 21.08
C LEU F 264 -33.67 7.24 22.37
N TYR F 265 -32.58 7.60 23.04
CA TYR F 265 -32.01 6.91 24.22
C TYR F 265 -33.08 6.86 25.31
N GLY F 266 -33.51 5.64 25.68
CA GLY F 266 -34.49 5.38 26.75
C GLY F 266 -35.87 5.07 26.22
N GLU F 267 -36.17 5.39 24.96
CA GLU F 267 -37.50 5.12 24.33
C GLU F 267 -37.38 4.03 23.25
N GLY F 268 -36.31 4.06 22.46
CA GLY F 268 -36.09 3.15 21.32
C GLY F 268 -36.37 3.83 20.00
N ILE F 269 -37.05 3.14 19.08
CA ILE F 269 -37.26 3.61 17.68
C ILE F 269 -38.40 4.63 17.69
N ASN F 270 -38.17 5.80 17.10
CA ASN F 270 -39.12 6.93 17.01
C ASN F 270 -40.13 6.61 15.89
N PHE F 271 -41.30 6.07 16.28
CA PHE F 271 -42.38 5.62 15.35
C PHE F 271 -43.05 6.81 14.67
N TYR F 272 -43.40 7.85 15.44
CA TYR F 272 -44.11 9.07 14.96
C TYR F 272 -43.21 9.84 13.99
N GLY F 273 -41.91 9.91 14.27
CA GLY F 273 -40.89 10.51 13.38
C GLY F 273 -40.85 9.87 12.00
N GLU F 274 -41.06 8.55 11.91
CA GLU F 274 -41.18 7.80 10.63
C GLU F 274 -42.49 8.18 9.93
N LEU F 275 -43.59 8.21 10.69
CA LEU F 275 -44.97 8.46 10.19
C LEU F 275 -45.08 9.86 9.57
N VAL F 276 -44.33 10.85 10.08
CA VAL F 276 -44.16 12.20 9.48
C VAL F 276 -43.53 12.03 8.08
N ASP F 277 -42.35 11.42 8.02
CA ASP F 277 -41.52 11.28 6.79
C ASP F 277 -42.27 10.48 5.71
N LEU F 278 -43.04 9.45 6.10
CA LEU F 278 -43.84 8.62 5.15
C LEU F 278 -45.06 9.42 4.67
N GLY F 279 -45.77 10.10 5.58
CA GLY F 279 -46.92 10.98 5.28
C GLY F 279 -46.56 12.11 4.34
N VAL F 280 -45.37 12.70 4.52
CA VAL F 280 -44.81 13.80 3.67
C VAL F 280 -44.52 13.23 2.27
N LYS F 281 -43.93 12.04 2.18
CA LYS F 281 -43.53 11.37 0.91
C LYS F 281 -44.78 10.93 0.11
N GLU F 282 -45.89 10.64 0.81
CA GLU F 282 -47.16 10.11 0.22
C GLU F 282 -48.16 11.26 -0.06
N LYS F 283 -47.76 12.53 0.13
CA LYS F 283 -48.54 13.76 -0.18
C LYS F 283 -49.74 13.93 0.77
N LEU F 284 -49.81 13.16 1.87
CA LEU F 284 -50.91 13.25 2.86
C LEU F 284 -50.60 14.35 3.87
N ILE F 285 -49.31 14.66 4.08
CA ILE F 285 -48.82 15.81 4.91
C ILE F 285 -48.12 16.80 3.97
N GLU F 286 -48.44 18.10 4.09
CA GLU F 286 -47.81 19.20 3.31
C GLU F 286 -46.60 19.73 4.09
N LYS F 287 -45.44 19.81 3.44
CA LYS F 287 -44.17 20.39 4.02
C LYS F 287 -43.81 21.63 3.22
N ALA F 288 -44.16 22.82 3.73
CA ALA F 288 -43.89 24.15 3.13
C ALA F 288 -42.64 24.77 3.76
N GLY F 289 -41.46 24.48 3.19
CA GLY F 289 -40.15 24.95 3.68
C GLY F 289 -39.73 24.20 4.94
N ALA F 290 -39.94 24.80 6.11
CA ALA F 290 -39.71 24.19 7.45
C ALA F 290 -41.03 24.07 8.23
N TRP F 291 -42.18 24.29 7.58
CA TRP F 291 -43.54 24.22 8.18
C TRP F 291 -44.25 22.93 7.72
N TYR F 292 -44.84 22.19 8.66
CA TYR F 292 -45.65 20.98 8.42
C TYR F 292 -47.14 21.32 8.62
N SER F 293 -47.99 20.91 7.67
CA SER F 293 -49.46 21.14 7.67
C SER F 293 -50.19 19.87 7.23
N TYR F 294 -51.27 19.50 7.94
CA TYR F 294 -52.17 18.37 7.59
C TYR F 294 -53.56 18.92 7.23
N LYS F 295 -53.95 18.78 5.94
CA LYS F 295 -55.27 19.18 5.38
C LYS F 295 -55.51 20.69 5.58
N GLY F 296 -54.46 21.51 5.48
CA GLY F 296 -54.52 22.97 5.68
C GLY F 296 -54.15 23.37 7.11
N GLU F 297 -54.60 22.59 8.11
CA GLU F 297 -54.27 22.76 9.54
C GLU F 297 -52.75 22.70 9.72
N LYS F 298 -52.12 23.82 10.11
CA LYS F 298 -50.64 23.92 10.32
C LYS F 298 -50.29 23.25 11.66
N ILE F 299 -49.60 22.10 11.61
CA ILE F 299 -49.42 21.15 12.74
C ILE F 299 -48.16 21.50 13.54
N GLY F 300 -47.11 22.01 12.89
CA GLY F 300 -45.85 22.40 13.55
C GLY F 300 -44.87 23.04 12.58
N GLN F 301 -43.71 23.46 13.09
CA GLN F 301 -42.55 23.94 12.28
C GLN F 301 -41.28 23.27 12.84
N GLY F 302 -40.48 22.66 11.96
CA GLY F 302 -39.42 21.70 12.33
C GLY F 302 -40.03 20.34 12.65
N LYS F 303 -39.29 19.27 12.35
CA LYS F 303 -39.80 17.88 12.33
C LYS F 303 -40.23 17.42 13.74
N ALA F 304 -39.48 17.81 14.78
CA ALA F 304 -39.69 17.41 16.19
C ALA F 304 -41.02 17.97 16.74
N ASN F 305 -41.41 19.17 16.31
CA ASN F 305 -42.69 19.83 16.72
C ASN F 305 -43.88 19.10 16.09
N ALA F 306 -43.79 18.81 14.79
CA ALA F 306 -44.81 18.05 14.01
C ALA F 306 -44.95 16.63 14.56
N THR F 307 -43.86 16.03 15.06
CA THR F 307 -43.81 14.70 15.71
C THR F 307 -44.57 14.78 17.06
N ALA F 308 -44.25 15.79 17.87
CA ALA F 308 -44.90 16.07 19.19
C ALA F 308 -46.39 16.34 19.00
N TRP F 309 -46.76 16.99 17.88
CA TRP F 309 -48.18 17.26 17.51
C TRP F 309 -48.92 15.93 17.24
N LEU F 310 -48.35 15.06 16.40
CA LEU F 310 -48.92 13.73 16.06
C LEU F 310 -49.12 12.89 17.33
N LYS F 311 -48.20 12.98 18.29
CA LYS F 311 -48.28 12.25 19.58
C LYS F 311 -49.48 12.75 20.40
N ASP F 312 -49.75 14.07 20.36
CA ASP F 312 -50.89 14.71 21.09
C ASP F 312 -52.24 14.31 20.47
N ASN F 313 -52.25 13.96 19.17
CA ASN F 313 -53.48 13.66 18.39
C ASN F 313 -53.42 12.20 17.92
N PRO F 314 -53.83 11.20 18.75
CA PRO F 314 -53.81 9.79 18.35
C PRO F 314 -54.69 9.49 17.12
N GLU F 315 -55.79 10.23 16.99
CA GLU F 315 -56.89 10.02 16.01
C GLU F 315 -56.38 10.29 14.58
N THR F 316 -55.72 11.43 14.37
CA THR F 316 -55.18 11.87 13.05
C THR F 316 -53.93 11.05 12.70
N ALA F 317 -53.13 10.67 13.72
CA ALA F 317 -51.93 9.80 13.58
C ALA F 317 -52.36 8.40 13.14
N LYS F 318 -53.45 7.86 13.71
CA LYS F 318 -54.09 6.57 13.29
C LYS F 318 -54.44 6.65 11.80
N GLU F 319 -55.07 7.76 11.38
CA GLU F 319 -55.59 8.00 10.01
C GLU F 319 -54.44 8.00 8.99
N ILE F 320 -53.35 8.68 9.30
CA ILE F 320 -52.15 8.81 8.41
C ILE F 320 -51.46 7.43 8.32
N GLU F 321 -51.40 6.69 9.43
CA GLU F 321 -50.82 5.31 9.48
C GLU F 321 -51.61 4.39 8.56
N LYS F 322 -52.94 4.33 8.71
CA LYS F 322 -53.88 3.59 7.84
C LYS F 322 -53.51 3.73 6.37
N LYS F 323 -53.37 4.97 5.91
CA LYS F 323 -53.27 5.32 4.46
C LYS F 323 -51.84 5.07 3.95
N VAL F 324 -50.81 5.34 4.77
CA VAL F 324 -49.39 4.95 4.47
C VAL F 324 -49.31 3.43 4.35
N ARG F 325 -50.04 2.70 5.21
CA ARG F 325 -50.10 1.20 5.20
C ARG F 325 -50.78 0.74 3.90
N GLU F 326 -52.04 1.11 3.69
CA GLU F 326 -52.84 0.75 2.48
C GLU F 326 -52.03 1.02 1.20
N LEU F 327 -51.31 2.14 1.15
CA LEU F 327 -50.50 2.57 -0.03
C LEU F 327 -49.26 1.67 -0.22
N LEU F 328 -48.35 1.62 0.77
CA LEU F 328 -46.96 1.11 0.61
C LEU F 328 -46.81 -0.37 0.99
N LEU F 329 -47.65 -0.90 1.90
CA LEU F 329 -47.64 -2.36 2.22
C LEU F 329 -48.01 -3.13 0.95
N SER F 330 -47.03 -3.82 0.36
CA SER F 330 -47.15 -4.54 -0.95
C SER F 330 -48.04 -5.78 -0.80
N ASN F 331 -48.16 -6.34 0.41
CA ASN F 331 -48.91 -7.59 0.72
C ASN F 331 -49.78 -7.39 1.96
N PRO F 332 -50.94 -6.69 1.87
CA PRO F 332 -51.92 -6.68 2.95
C PRO F 332 -52.50 -8.07 3.23
N ASN F 333 -52.47 -8.50 4.50
CA ASN F 333 -52.93 -9.83 4.97
C ASN F 333 -54.43 -9.78 5.28
N SER F 334 -54.87 -8.75 6.01
CA SER F 334 -56.29 -8.52 6.44
C SER F 334 -56.59 -7.02 6.43
N ALA G 2 -10.42 -69.40 -41.76
CA ALA G 2 -10.01 -70.67 -41.05
C ALA G 2 -9.95 -70.43 -39.54
N ILE G 3 -9.11 -69.48 -39.11
CA ILE G 3 -8.89 -69.09 -37.69
C ILE G 3 -9.97 -68.07 -37.26
N ASP G 4 -10.26 -67.12 -38.16
CA ASP G 4 -11.11 -65.92 -37.91
C ASP G 4 -12.58 -66.29 -37.79
N GLU G 5 -13.02 -67.41 -38.39
CA GLU G 5 -14.44 -67.88 -38.38
C GLU G 5 -14.77 -68.60 -37.06
N ASN G 6 -13.81 -69.31 -36.47
CA ASN G 6 -13.97 -69.99 -35.15
C ASN G 6 -14.10 -68.95 -34.04
N LYS G 7 -13.46 -67.79 -34.19
CA LYS G 7 -13.57 -66.62 -33.26
C LYS G 7 -14.99 -66.05 -33.29
N GLN G 8 -15.51 -65.77 -34.50
CA GLN G 8 -16.88 -65.21 -34.74
C GLN G 8 -17.94 -66.08 -34.07
N LYS G 9 -17.76 -67.40 -34.16
CA LYS G 9 -18.64 -68.46 -33.61
C LYS G 9 -18.58 -68.44 -32.07
N ALA G 10 -17.36 -68.46 -31.51
CA ALA G 10 -17.06 -68.39 -30.07
C ALA G 10 -17.60 -67.10 -29.47
N LEU G 11 -17.53 -65.99 -30.21
CA LEU G 11 -18.06 -64.66 -29.80
C LEU G 11 -19.59 -64.72 -29.73
N ALA G 12 -20.23 -65.19 -30.81
CA ALA G 12 -21.70 -65.32 -30.96
C ALA G 12 -22.28 -66.16 -29.81
N ALA G 13 -21.60 -67.24 -29.43
CA ALA G 13 -22.00 -68.18 -28.34
C ALA G 13 -21.88 -67.48 -26.97
N ALA G 14 -20.79 -66.74 -26.74
CA ALA G 14 -20.53 -65.96 -25.51
C ALA G 14 -21.60 -64.87 -25.34
N LEU G 15 -21.92 -64.12 -26.40
CA LEU G 15 -22.98 -63.06 -26.41
C LEU G 15 -24.35 -63.69 -26.16
N GLY G 16 -24.64 -64.83 -26.80
CA GLY G 16 -25.85 -65.64 -26.56
C GLY G 16 -26.03 -65.97 -25.09
N GLN G 17 -24.98 -66.50 -24.44
CA GLN G 17 -24.97 -66.90 -23.01
C GLN G 17 -25.23 -65.67 -22.13
N ILE G 18 -24.51 -64.56 -22.38
CA ILE G 18 -24.60 -63.30 -21.58
C ILE G 18 -26.04 -62.78 -21.64
N GLU G 19 -26.60 -62.68 -22.85
CA GLU G 19 -27.98 -62.17 -23.09
C GLU G 19 -29.02 -63.10 -22.45
N LYS G 20 -28.74 -64.40 -22.42
CA LYS G 20 -29.61 -65.42 -21.76
C LYS G 20 -29.60 -65.21 -20.23
N GLN G 21 -28.42 -64.92 -19.66
CA GLN G 21 -28.21 -64.79 -18.19
C GLN G 21 -28.83 -63.49 -17.66
N PHE G 22 -28.54 -62.35 -18.31
CA PHE G 22 -28.75 -60.98 -17.74
C PHE G 22 -29.85 -60.19 -18.49
N GLY G 23 -30.36 -60.69 -19.61
CA GLY G 23 -31.47 -60.06 -20.35
C GLY G 23 -31.06 -59.61 -21.74
N LYS G 24 -31.98 -58.94 -22.44
CA LYS G 24 -31.95 -58.76 -23.91
C LYS G 24 -30.80 -57.82 -24.30
N GLY G 25 -30.82 -56.58 -23.81
CA GLY G 25 -29.85 -55.52 -24.18
C GLY G 25 -28.70 -55.39 -23.18
N SER G 26 -28.30 -56.48 -22.55
CA SER G 26 -27.22 -56.52 -21.51
C SER G 26 -25.85 -56.29 -22.16
N ILE G 27 -25.65 -56.75 -23.41
CA ILE G 27 -24.47 -56.42 -24.24
C ILE G 27 -24.92 -56.22 -25.69
N MET G 28 -24.33 -55.27 -26.39
CA MET G 28 -24.53 -55.06 -27.85
C MET G 28 -23.46 -54.12 -28.41
N ARG G 29 -23.47 -53.87 -29.72
CA ARG G 29 -22.51 -52.96 -30.40
C ARG G 29 -22.94 -51.52 -30.18
N LEU G 30 -21.97 -50.65 -29.87
CA LEU G 30 -22.20 -49.25 -29.41
C LEU G 30 -22.97 -48.46 -30.48
N GLY G 31 -22.72 -48.72 -31.76
CA GLY G 31 -23.34 -48.03 -32.90
C GLY G 31 -24.83 -48.32 -33.05
N GLU G 32 -25.30 -49.47 -32.57
CA GLU G 32 -26.73 -49.90 -32.70
C GLU G 32 -27.46 -49.78 -31.35
N ASP G 33 -26.93 -49.01 -30.41
CA ASP G 33 -27.55 -48.76 -29.06
C ASP G 33 -28.08 -47.32 -29.03
N ARG G 34 -29.40 -47.17 -29.23
CA ARG G 34 -30.11 -45.86 -29.29
C ARG G 34 -30.24 -45.23 -27.89
N SER G 35 -30.30 -46.06 -26.84
CA SER G 35 -30.38 -45.62 -25.42
C SER G 35 -29.14 -44.80 -25.01
N MET G 36 -28.04 -44.99 -25.73
CA MET G 36 -26.70 -44.41 -25.45
C MET G 36 -26.58 -43.01 -26.08
N ASP G 37 -27.50 -42.61 -26.96
CA ASP G 37 -27.52 -41.25 -27.58
C ASP G 37 -27.79 -40.20 -26.51
N VAL G 38 -27.22 -39.01 -26.68
CA VAL G 38 -27.31 -37.84 -25.74
C VAL G 38 -28.46 -36.93 -26.19
N GLU G 39 -29.50 -36.84 -25.37
CA GLU G 39 -30.65 -35.91 -25.50
C GLU G 39 -30.48 -34.79 -24.48
N THR G 40 -30.78 -33.54 -24.84
CA THR G 40 -30.60 -32.34 -23.98
C THR G 40 -31.93 -31.61 -23.78
N ILE G 41 -31.98 -30.75 -22.76
CA ILE G 41 -33.15 -29.93 -22.33
C ILE G 41 -32.64 -28.48 -22.16
N SER G 42 -33.48 -27.47 -22.41
CA SER G 42 -33.07 -26.04 -22.33
C SER G 42 -32.76 -25.62 -20.89
N THR G 43 -31.87 -24.64 -20.72
CA THR G 43 -31.53 -24.03 -19.41
C THR G 43 -32.35 -22.77 -19.14
N GLY G 44 -33.18 -22.32 -20.08
CA GLY G 44 -33.87 -21.01 -20.00
C GLY G 44 -32.95 -19.82 -20.32
N SER G 45 -31.68 -20.07 -20.61
CA SER G 45 -30.70 -19.07 -21.12
C SER G 45 -30.15 -19.57 -22.46
N LEU G 46 -30.14 -18.70 -23.48
CA LEU G 46 -29.64 -19.04 -24.84
C LEU G 46 -28.11 -19.01 -24.85
N SER G 47 -27.50 -18.04 -24.17
CA SER G 47 -26.01 -17.95 -24.04
C SER G 47 -25.44 -19.17 -23.31
N LEU G 48 -26.17 -19.77 -22.36
CA LEU G 48 -25.70 -20.97 -21.61
C LEU G 48 -25.93 -22.24 -22.44
N ASP G 49 -27.04 -22.32 -23.15
CA ASP G 49 -27.31 -23.39 -24.16
C ASP G 49 -26.16 -23.43 -25.19
N ILE G 50 -25.61 -22.30 -25.62
CA ILE G 50 -24.45 -22.23 -26.56
C ILE G 50 -23.15 -22.65 -25.86
N ALA G 51 -22.86 -22.10 -24.69
CA ALA G 51 -21.67 -22.46 -23.86
C ALA G 51 -21.60 -23.97 -23.55
N LEU G 52 -22.71 -24.66 -23.41
CA LEU G 52 -22.74 -26.12 -23.14
C LEU G 52 -22.43 -26.95 -24.39
N GLY G 53 -22.51 -26.37 -25.59
CA GLY G 53 -22.03 -27.01 -26.83
C GLY G 53 -23.08 -27.88 -27.49
N ALA G 54 -23.81 -28.71 -26.74
CA ALA G 54 -24.86 -29.64 -27.23
C ALA G 54 -26.26 -29.05 -27.05
N GLY G 55 -26.40 -27.77 -26.69
CA GLY G 55 -27.70 -27.09 -26.73
C GLY G 55 -28.54 -27.31 -25.49
N GLY G 56 -27.95 -27.81 -24.41
CA GLY G 56 -28.64 -27.85 -23.10
C GLY G 56 -28.00 -28.82 -22.13
N LEU G 57 -28.76 -29.22 -21.11
CA LEU G 57 -28.30 -30.17 -20.08
C LEU G 57 -28.73 -31.59 -20.47
N PRO G 58 -27.86 -32.60 -20.27
CA PRO G 58 -28.14 -33.96 -20.73
C PRO G 58 -29.10 -34.76 -19.85
N MET G 59 -30.17 -35.30 -20.43
CA MET G 59 -31.11 -36.23 -19.72
C MET G 59 -30.38 -37.53 -19.34
N GLY G 60 -30.74 -38.10 -18.19
CA GLY G 60 -30.16 -39.36 -17.66
C GLY G 60 -28.81 -39.18 -16.98
N ARG G 61 -28.39 -37.96 -16.66
CA ARG G 61 -27.07 -37.68 -16.05
C ARG G 61 -27.22 -36.87 -14.76
N ILE G 62 -26.11 -36.71 -14.05
CA ILE G 62 -25.93 -35.83 -12.85
C ILE G 62 -25.28 -34.51 -13.30
N VAL G 63 -25.83 -33.39 -12.82
CA VAL G 63 -25.33 -31.99 -13.00
C VAL G 63 -25.12 -31.34 -11.63
N GLU G 64 -24.04 -30.59 -11.50
CA GLU G 64 -23.69 -29.79 -10.30
C GLU G 64 -23.64 -28.29 -10.68
N ILE G 65 -24.34 -27.46 -9.92
CA ILE G 65 -24.34 -25.98 -10.00
C ILE G 65 -23.87 -25.47 -8.64
N TYR G 66 -22.73 -24.79 -8.60
CA TYR G 66 -22.16 -24.22 -7.35
C TYR G 66 -21.86 -22.74 -7.55
N GLY G 67 -21.69 -22.04 -6.44
CA GLY G 67 -21.44 -20.60 -6.46
C GLY G 67 -21.42 -20.02 -5.06
N PRO G 68 -21.07 -18.72 -4.92
CA PRO G 68 -21.16 -18.00 -3.66
C PRO G 68 -22.60 -17.61 -3.32
N GLU G 69 -22.77 -16.93 -2.20
CA GLU G 69 -24.11 -16.58 -1.68
C GLU G 69 -24.79 -15.60 -2.64
N SER G 70 -26.07 -15.83 -2.94
CA SER G 70 -26.99 -14.95 -3.69
C SER G 70 -26.55 -14.78 -5.16
N SER G 71 -25.87 -15.75 -5.73
CA SER G 71 -25.30 -15.75 -7.10
C SER G 71 -26.33 -16.18 -8.15
N GLY G 72 -27.50 -16.70 -7.76
CA GLY G 72 -28.61 -17.10 -8.64
C GLY G 72 -28.76 -18.60 -8.85
N LYS G 73 -28.20 -19.45 -8.00
CA LYS G 73 -28.26 -20.94 -8.08
C LYS G 73 -29.70 -21.45 -8.12
N THR G 74 -30.56 -21.03 -7.19
CA THR G 74 -31.97 -21.48 -7.09
C THR G 74 -32.79 -20.97 -8.29
N THR G 75 -32.61 -19.71 -8.68
CA THR G 75 -33.28 -19.08 -9.83
C THR G 75 -32.98 -19.85 -11.11
N LEU G 76 -31.72 -20.14 -11.40
CA LEU G 76 -31.31 -20.91 -12.62
C LEU G 76 -32.06 -22.24 -12.69
N THR G 77 -32.14 -22.92 -11.57
CA THR G 77 -32.67 -24.29 -11.44
C THR G 77 -34.21 -24.25 -11.56
N LEU G 78 -34.89 -23.16 -11.15
CA LEU G 78 -36.36 -22.99 -11.32
C LEU G 78 -36.73 -22.66 -12.77
N GLN G 79 -35.84 -21.99 -13.50
CA GLN G 79 -36.02 -21.66 -14.94
C GLN G 79 -35.87 -22.91 -15.81
N VAL G 80 -34.99 -23.82 -15.45
CA VAL G 80 -34.89 -25.18 -16.07
C VAL G 80 -36.21 -25.92 -15.88
N ILE G 81 -36.74 -25.95 -14.67
CA ILE G 81 -38.05 -26.60 -14.35
C ILE G 81 -39.15 -25.93 -15.20
N ALA G 82 -39.20 -24.60 -15.26
CA ALA G 82 -40.24 -23.87 -16.01
C ALA G 82 -40.20 -24.30 -17.49
N ALA G 83 -39.02 -24.32 -18.09
CA ALA G 83 -38.77 -24.70 -19.50
C ALA G 83 -39.14 -26.17 -19.73
N ALA G 84 -38.95 -27.06 -18.77
CA ALA G 84 -39.25 -28.49 -18.90
C ALA G 84 -40.76 -28.73 -18.81
N GLN G 85 -41.45 -28.05 -17.89
CA GLN G 85 -42.94 -28.16 -17.68
C GLN G 85 -43.67 -27.73 -18.95
N ARG G 86 -43.20 -26.70 -19.64
CA ARG G 86 -43.81 -26.20 -20.90
C ARG G 86 -43.72 -27.25 -22.03
N GLU G 87 -42.81 -28.23 -21.92
CA GLU G 87 -42.66 -29.38 -22.85
C GLU G 87 -43.35 -30.64 -22.30
N GLY G 88 -44.20 -30.50 -21.28
CA GLY G 88 -45.02 -31.61 -20.75
C GLY G 88 -44.28 -32.57 -19.82
N LYS G 89 -43.07 -32.22 -19.38
CA LYS G 89 -42.28 -33.05 -18.43
C LYS G 89 -42.72 -32.81 -16.99
N THR G 90 -42.53 -33.81 -16.12
CA THR G 90 -42.86 -33.77 -14.67
C THR G 90 -41.58 -33.52 -13.85
N CYS G 91 -41.64 -32.62 -12.88
CA CYS G 91 -40.46 -32.16 -12.09
C CYS G 91 -40.68 -32.27 -10.58
N ALA G 92 -39.60 -32.54 -9.83
CA ALA G 92 -39.57 -32.57 -8.36
C ALA G 92 -38.50 -31.61 -7.83
N PHE G 93 -38.76 -30.95 -6.70
CA PHE G 93 -37.81 -30.06 -5.98
C PHE G 93 -37.60 -30.59 -4.54
N ILE G 94 -36.40 -31.08 -4.22
CA ILE G 94 -36.02 -31.49 -2.84
C ILE G 94 -35.34 -30.29 -2.13
N ASP G 95 -36.05 -29.63 -1.21
CA ASP G 95 -35.64 -28.35 -0.57
C ASP G 95 -35.05 -28.62 0.81
N ALA G 96 -33.81 -29.10 0.83
CA ALA G 96 -33.02 -29.42 2.04
C ALA G 96 -32.65 -28.16 2.84
N GLU G 97 -32.55 -26.99 2.20
CA GLU G 97 -32.25 -25.68 2.83
C GLU G 97 -33.46 -25.12 3.59
N HIS G 98 -34.68 -25.54 3.25
CA HIS G 98 -35.95 -25.11 3.89
C HIS G 98 -36.22 -23.63 3.58
N ALA G 99 -35.99 -23.18 2.35
CA ALA G 99 -35.97 -21.75 1.99
C ALA G 99 -36.59 -21.45 0.62
N LEU G 100 -37.50 -22.27 0.12
CA LEU G 100 -38.19 -21.98 -1.17
C LEU G 100 -39.43 -21.12 -0.91
N ASP G 101 -39.63 -20.11 -1.75
CA ASP G 101 -40.82 -19.19 -1.77
C ASP G 101 -41.70 -19.61 -2.95
N PRO G 102 -42.89 -20.21 -2.72
CA PRO G 102 -43.71 -20.69 -3.84
C PRO G 102 -44.27 -19.57 -4.73
N ILE G 103 -44.59 -18.41 -4.16
CA ILE G 103 -45.01 -17.19 -4.90
C ILE G 103 -43.91 -16.78 -5.90
N TYR G 104 -42.65 -16.78 -5.47
CA TYR G 104 -41.52 -16.38 -6.35
C TYR G 104 -41.36 -17.40 -7.48
N ALA G 105 -41.44 -18.69 -7.17
CA ALA G 105 -41.35 -19.78 -8.17
C ALA G 105 -42.43 -19.58 -9.24
N ARG G 106 -43.65 -19.26 -8.83
CA ARG G 106 -44.78 -18.98 -9.77
C ARG G 106 -44.44 -17.81 -10.69
N LYS G 107 -43.88 -16.73 -10.15
CA LYS G 107 -43.49 -15.53 -10.93
C LYS G 107 -42.39 -15.86 -11.95
N LEU G 108 -41.52 -16.84 -11.70
CA LEU G 108 -40.44 -17.22 -12.64
C LEU G 108 -40.99 -18.15 -13.73
N GLY G 109 -42.28 -18.52 -13.66
CA GLY G 109 -42.96 -19.28 -14.72
C GLY G 109 -43.17 -20.74 -14.38
N VAL G 110 -43.03 -21.15 -13.12
CA VAL G 110 -43.19 -22.57 -12.70
C VAL G 110 -44.68 -22.83 -12.49
N ASP G 111 -45.16 -23.99 -12.94
CA ASP G 111 -46.53 -24.49 -12.63
C ASP G 111 -46.48 -25.13 -11.24
N ILE G 112 -46.76 -24.33 -10.23
CA ILE G 112 -46.70 -24.65 -8.76
C ILE G 112 -47.63 -25.83 -8.45
N ASP G 113 -48.77 -25.94 -9.13
CA ASP G 113 -49.80 -26.98 -8.83
C ASP G 113 -49.33 -28.39 -9.25
N ASN G 114 -48.32 -28.52 -10.12
CA ASN G 114 -47.81 -29.83 -10.61
C ASN G 114 -46.37 -30.11 -10.18
N LEU G 115 -45.67 -29.15 -9.55
CA LEU G 115 -44.29 -29.34 -9.04
C LEU G 115 -44.38 -30.22 -7.79
N LEU G 116 -43.70 -31.37 -7.77
CA LEU G 116 -43.56 -32.17 -6.52
C LEU G 116 -42.50 -31.51 -5.64
N CYS G 117 -42.78 -31.32 -4.35
CA CYS G 117 -41.84 -30.69 -3.39
C CYS G 117 -41.72 -31.57 -2.15
N SER G 118 -40.54 -31.57 -1.54
CA SER G 118 -40.23 -32.32 -0.29
C SER G 118 -39.26 -31.52 0.56
N GLN G 119 -39.55 -31.37 1.85
CA GLN G 119 -38.62 -30.78 2.85
C GLN G 119 -38.22 -31.87 3.82
N PRO G 120 -37.18 -32.66 3.48
CA PRO G 120 -36.82 -33.82 4.28
C PRO G 120 -36.03 -33.47 5.55
N ASP G 121 -36.15 -34.32 6.55
CA ASP G 121 -35.53 -34.16 7.89
C ASP G 121 -34.05 -34.54 7.84
N THR G 122 -33.66 -35.57 7.07
CA THR G 122 -32.26 -36.09 7.01
C THR G 122 -31.77 -36.15 5.56
N GLY G 123 -30.46 -36.22 5.39
CA GLY G 123 -29.79 -36.41 4.09
C GLY G 123 -30.12 -37.78 3.49
N GLU G 124 -30.25 -38.81 4.32
CA GLU G 124 -30.60 -40.19 3.86
C GLU G 124 -32.03 -40.18 3.32
N GLN G 125 -32.96 -39.55 4.02
CA GLN G 125 -34.35 -39.46 3.54
C GLN G 125 -34.38 -38.73 2.18
N ALA G 126 -33.67 -37.61 2.04
CA ALA G 126 -33.64 -36.80 0.79
C ALA G 126 -33.16 -37.66 -0.37
N LEU G 127 -32.07 -38.41 -0.17
CA LEU G 127 -31.45 -39.23 -1.25
C LEU G 127 -32.28 -40.49 -1.52
N GLU G 128 -32.98 -41.05 -0.52
CA GLU G 128 -33.92 -42.20 -0.74
C GLU G 128 -35.13 -41.74 -1.55
N ILE G 129 -35.58 -40.50 -1.40
CA ILE G 129 -36.73 -39.96 -2.20
C ILE G 129 -36.31 -39.79 -3.66
N CYS G 130 -35.10 -39.27 -3.93
CA CYS G 130 -34.50 -39.20 -5.29
C CYS G 130 -34.48 -40.59 -5.94
N ASP G 131 -33.97 -41.61 -5.23
CA ASP G 131 -33.86 -43.00 -5.75
C ASP G 131 -35.27 -43.53 -6.11
N ALA G 132 -36.27 -43.31 -5.26
CA ALA G 132 -37.65 -43.81 -5.48
C ALA G 132 -38.30 -43.10 -6.68
N LEU G 133 -38.08 -41.79 -6.82
CA LEU G 133 -38.61 -41.01 -7.97
C LEU G 133 -37.91 -41.43 -9.27
N ALA G 134 -36.59 -41.64 -9.25
CA ALA G 134 -35.80 -42.12 -10.40
C ALA G 134 -36.30 -43.48 -10.86
N ARG G 135 -36.46 -44.45 -9.95
CA ARG G 135 -36.92 -45.84 -10.28
C ARG G 135 -38.36 -45.86 -10.80
N SER G 136 -39.19 -44.85 -10.49
CA SER G 136 -40.62 -44.78 -10.89
C SER G 136 -40.75 -44.73 -12.43
N GLY G 137 -39.82 -44.04 -13.11
CA GLY G 137 -39.90 -43.77 -14.55
C GLY G 137 -40.82 -42.61 -14.92
N ALA G 138 -41.43 -41.93 -13.94
CA ALA G 138 -42.49 -40.91 -14.17
C ALA G 138 -42.00 -39.48 -13.89
N VAL G 139 -40.76 -39.28 -13.43
CA VAL G 139 -40.19 -37.92 -13.17
C VAL G 139 -39.03 -37.69 -14.13
N ASP G 140 -39.02 -36.52 -14.78
CA ASP G 140 -38.02 -36.15 -15.81
C ASP G 140 -36.87 -35.31 -15.21
N VAL G 141 -37.14 -34.36 -14.32
CA VAL G 141 -36.12 -33.48 -13.66
C VAL G 141 -36.28 -33.52 -12.13
N ILE G 142 -35.22 -33.82 -11.40
CA ILE G 142 -35.15 -33.68 -9.92
C ILE G 142 -34.07 -32.65 -9.59
N VAL G 143 -34.40 -31.65 -8.77
CA VAL G 143 -33.44 -30.66 -8.19
C VAL G 143 -33.28 -30.91 -6.69
N VAL G 144 -32.05 -31.03 -6.21
CA VAL G 144 -31.67 -31.12 -4.77
C VAL G 144 -30.98 -29.84 -4.32
N ASP G 145 -31.68 -29.00 -3.57
CA ASP G 145 -31.16 -27.69 -3.12
C ASP G 145 -30.36 -27.81 -1.80
N SER G 146 -29.07 -27.60 -2.03
CA SER G 146 -27.80 -27.77 -1.29
C SER G 146 -27.61 -29.19 -0.80
N VAL G 147 -26.46 -29.74 -1.24
CA VAL G 147 -25.77 -30.89 -0.62
C VAL G 147 -25.16 -30.48 0.72
N ALA G 148 -24.92 -29.17 0.94
CA ALA G 148 -24.40 -28.61 2.21
C ALA G 148 -25.38 -28.86 3.37
N ALA G 149 -26.68 -28.86 3.06
CA ALA G 149 -27.78 -29.08 4.03
C ALA G 149 -28.20 -30.55 4.12
N LEU G 150 -27.53 -31.48 3.43
CA LEU G 150 -27.87 -32.93 3.46
C LEU G 150 -27.24 -33.56 4.71
N THR G 151 -27.93 -33.50 5.85
CA THR G 151 -27.36 -33.82 7.18
C THR G 151 -27.56 -35.30 7.46
N PRO G 152 -26.51 -36.10 7.73
CA PRO G 152 -26.68 -37.49 8.14
C PRO G 152 -27.45 -37.66 9.47
N LYS G 153 -28.21 -38.75 9.58
CA LYS G 153 -29.12 -39.07 10.73
C LYS G 153 -28.37 -39.06 12.06
N ALA G 154 -27.16 -39.62 12.10
CA ALA G 154 -26.28 -39.66 13.29
C ALA G 154 -25.96 -38.23 13.75
N GLU G 155 -25.75 -37.29 12.82
CA GLU G 155 -25.38 -35.89 13.15
C GLU G 155 -26.63 -35.13 13.64
N ILE G 156 -27.82 -35.44 13.12
CA ILE G 156 -29.11 -34.83 13.60
C ILE G 156 -29.46 -35.34 15.00
N GLU G 157 -29.21 -36.62 15.29
CA GLU G 157 -29.51 -37.22 16.62
C GLU G 157 -28.49 -36.73 17.65
N GLY G 158 -27.24 -36.52 17.23
CA GLY G 158 -26.13 -36.13 18.12
C GLY G 158 -26.23 -34.69 18.59
N GLU G 159 -25.15 -34.18 19.21
CA GLU G 159 -25.06 -32.83 19.82
C GLU G 159 -24.09 -31.95 19.03
N ILE G 160 -24.33 -30.64 19.02
CA ILE G 160 -23.42 -29.65 18.40
C ILE G 160 -22.05 -29.76 19.09
N GLY G 161 -20.99 -29.88 18.29
CA GLY G 161 -19.61 -30.08 18.76
C GLY G 161 -19.10 -31.50 18.53
N ASP G 162 -20.01 -32.47 18.38
CA ASP G 162 -19.67 -33.89 18.09
C ASP G 162 -18.99 -33.99 16.72
N SER G 163 -17.88 -34.72 16.63
CA SER G 163 -17.14 -35.00 15.37
C SER G 163 -17.82 -36.16 14.63
N HIS G 164 -18.09 -35.96 13.34
CA HIS G 164 -18.64 -36.99 12.42
C HIS G 164 -17.74 -37.05 11.18
N MET G 165 -16.58 -37.68 11.34
CA MET G 165 -15.43 -37.67 10.39
C MET G 165 -15.86 -38.29 9.06
N GLY G 166 -15.97 -37.48 8.02
CA GLY G 166 -16.23 -37.95 6.64
C GLY G 166 -17.56 -38.67 6.48
N LEU G 167 -18.54 -38.45 7.36
CA LEU G 167 -19.83 -39.19 7.37
C LEU G 167 -20.68 -38.77 6.16
N ALA G 168 -20.75 -37.47 5.90
CA ALA G 168 -21.49 -36.86 4.78
C ALA G 168 -20.88 -37.28 3.44
N ALA G 169 -19.56 -37.23 3.33
CA ALA G 169 -18.76 -37.61 2.14
C ALA G 169 -19.03 -39.08 1.80
N ARG G 170 -19.14 -39.91 2.82
CA ARG G 170 -19.40 -41.35 2.68
C ARG G 170 -20.82 -41.60 2.16
N MET G 171 -21.79 -40.88 2.69
CA MET G 171 -23.20 -40.97 2.26
C MET G 171 -23.34 -40.52 0.79
N MET G 172 -22.59 -39.51 0.36
CA MET G 172 -22.67 -38.97 -1.02
C MET G 172 -22.04 -39.97 -2.00
N SER G 173 -20.90 -40.52 -1.63
CA SER G 173 -20.19 -41.58 -2.38
C SER G 173 -21.12 -42.79 -2.58
N GLN G 174 -21.88 -43.19 -1.56
CA GLN G 174 -22.82 -44.33 -1.62
C GLN G 174 -24.02 -44.00 -2.52
N ALA G 175 -24.49 -42.75 -2.50
CA ALA G 175 -25.68 -42.31 -3.26
C ALA G 175 -25.38 -42.23 -4.77
N MET G 176 -24.19 -41.75 -5.17
CA MET G 176 -23.75 -41.64 -6.61
C MET G 176 -23.74 -43.04 -7.24
N ARG G 177 -23.07 -44.01 -6.60
CA ARG G 177 -23.07 -45.45 -6.99
C ARG G 177 -24.49 -46.00 -7.23
N LYS G 178 -25.42 -45.75 -6.33
CA LYS G 178 -26.81 -46.28 -6.39
C LYS G 178 -27.63 -45.53 -7.45
N LEU G 179 -27.40 -44.22 -7.65
CA LEU G 179 -28.29 -43.35 -8.49
C LEU G 179 -27.92 -43.43 -9.98
N ALA G 180 -26.64 -43.44 -10.33
CA ALA G 180 -26.17 -43.26 -11.73
C ALA G 180 -26.91 -44.22 -12.68
N GLY G 181 -26.95 -45.51 -12.34
CA GLY G 181 -27.63 -46.58 -13.10
C GLY G 181 -29.12 -46.33 -13.24
N ASN G 182 -29.82 -46.04 -12.14
CA ASN G 182 -31.28 -45.80 -12.12
C ASN G 182 -31.64 -44.55 -12.94
N LEU G 183 -30.84 -43.47 -12.86
CA LEU G 183 -31.11 -42.22 -13.63
C LEU G 183 -31.03 -42.50 -15.13
N LYS G 184 -30.01 -43.24 -15.57
CA LYS G 184 -29.79 -43.52 -17.02
C LYS G 184 -30.96 -44.35 -17.58
N GLN G 185 -31.36 -45.41 -16.88
CA GLN G 185 -32.52 -46.29 -17.23
C GLN G 185 -33.80 -45.46 -17.44
N SER G 186 -34.14 -44.57 -16.50
CA SER G 186 -35.36 -43.70 -16.52
C SER G 186 -35.24 -42.52 -17.48
N ASN G 187 -34.02 -42.13 -17.84
CA ASN G 187 -33.74 -40.89 -18.62
C ASN G 187 -34.09 -39.65 -17.77
N THR G 188 -33.81 -39.69 -16.47
CA THR G 188 -34.07 -38.60 -15.49
C THR G 188 -32.81 -37.72 -15.34
N LEU G 189 -32.95 -36.40 -15.40
CA LEU G 189 -31.88 -35.42 -15.05
C LEU G 189 -31.91 -35.13 -13.55
N LEU G 190 -30.79 -35.28 -12.85
CA LEU G 190 -30.63 -34.92 -11.42
C LEU G 190 -29.68 -33.71 -11.31
N ILE G 191 -30.17 -32.58 -10.78
CA ILE G 191 -29.34 -31.37 -10.53
C ILE G 191 -29.08 -31.23 -9.02
N PHE G 192 -27.81 -31.22 -8.63
CA PHE G 192 -27.34 -30.84 -7.27
C PHE G 192 -26.88 -29.37 -7.24
N ILE G 193 -27.46 -28.56 -6.36
CA ILE G 193 -26.92 -27.23 -5.98
C ILE G 193 -25.90 -27.45 -4.85
N ASN G 194 -24.74 -26.82 -4.93
CA ASN G 194 -23.70 -26.86 -3.85
C ASN G 194 -23.33 -25.44 -3.42
N GLN G 195 -22.83 -25.31 -2.19
CA GLN G 195 -22.32 -24.05 -1.60
C GLN G 195 -20.79 -24.09 -1.64
N ILE G 196 -20.14 -22.95 -1.50
CA ILE G 196 -18.66 -22.81 -1.43
C ILE G 196 -18.22 -22.72 0.02
N ARG G 197 -17.11 -23.37 0.36
CA ARG G 197 -16.38 -23.22 1.65
C ARG G 197 -14.90 -23.00 1.36
N MET G 198 -14.19 -22.38 2.28
CA MET G 198 -12.76 -22.04 2.14
C MET G 198 -11.95 -23.22 2.69
N LYS G 199 -10.90 -23.64 2.00
CA LYS G 199 -9.94 -24.63 2.55
C LYS G 199 -8.74 -23.88 3.14
N ILE G 200 -8.22 -24.34 4.28
CA ILE G 200 -7.16 -23.63 5.05
C ILE G 200 -5.89 -24.50 5.11
N GLY G 201 -4.73 -23.85 5.19
CA GLY G 201 -3.40 -24.49 5.03
C GLY G 201 -3.07 -24.67 3.56
N VAL G 202 -3.07 -23.56 2.81
CA VAL G 202 -3.00 -23.51 1.32
C VAL G 202 -2.46 -22.15 0.89
N MET G 203 -1.45 -22.13 0.02
CA MET G 203 -0.87 -20.89 -0.58
C MET G 203 -0.98 -20.90 -2.12
N PHE G 204 -1.14 -22.08 -2.74
CA PHE G 204 -1.35 -22.26 -4.20
C PHE G 204 -2.82 -22.00 -4.57
N GLY G 205 -3.06 -21.65 -5.84
CA GLY G 205 -4.36 -21.74 -6.55
C GLY G 205 -5.52 -21.10 -5.79
N ASN G 206 -6.73 -21.64 -5.98
CA ASN G 206 -7.96 -21.22 -5.27
C ASN G 206 -8.01 -21.94 -3.92
N PRO G 207 -8.25 -21.22 -2.81
CA PRO G 207 -8.63 -21.87 -1.55
C PRO G 207 -10.10 -22.33 -1.50
N GLU G 208 -10.90 -22.04 -2.54
CA GLU G 208 -12.34 -22.41 -2.63
C GLU G 208 -12.52 -23.92 -2.84
N THR G 209 -13.45 -24.50 -2.08
CA THR G 209 -13.95 -25.89 -2.19
C THR G 209 -15.47 -25.88 -2.31
N THR G 210 -16.05 -27.04 -2.57
CA THR G 210 -17.48 -27.38 -2.40
C THR G 210 -17.62 -28.35 -1.24
N THR G 211 -18.82 -28.51 -0.70
CA THR G 211 -19.16 -29.44 0.41
C THR G 211 -19.48 -30.82 -0.17
N GLY G 212 -19.44 -31.84 0.70
CA GLY G 212 -19.99 -33.18 0.44
C GLY G 212 -18.98 -34.16 -0.13
N GLY G 213 -17.69 -33.85 -0.11
CA GLY G 213 -16.62 -34.77 -0.52
C GLY G 213 -16.34 -34.75 -2.02
N ASN G 214 -15.74 -35.81 -2.53
CA ASN G 214 -15.11 -35.85 -3.86
C ASN G 214 -15.96 -36.62 -4.89
N ALA G 215 -16.88 -37.48 -4.48
CA ALA G 215 -17.59 -38.41 -5.39
C ALA G 215 -18.32 -37.64 -6.49
N LEU G 216 -18.98 -36.54 -6.14
CA LEU G 216 -19.86 -35.75 -7.05
C LEU G 216 -19.07 -35.16 -8.22
N LYS G 217 -17.82 -34.73 -8.02
CA LYS G 217 -16.92 -34.18 -9.08
C LYS G 217 -16.67 -35.22 -10.17
N PHE G 218 -16.56 -36.50 -9.81
CA PHE G 218 -16.30 -37.63 -10.74
C PHE G 218 -17.56 -38.03 -11.51
N TYR G 219 -18.70 -38.17 -10.86
CA TYR G 219 -19.96 -38.68 -11.46
C TYR G 219 -20.72 -37.62 -12.27
N ALA G 220 -20.51 -36.33 -12.04
CA ALA G 220 -21.22 -35.25 -12.76
C ALA G 220 -20.78 -35.24 -14.24
N SER G 221 -21.73 -35.03 -15.15
CA SER G 221 -21.47 -34.84 -16.60
C SER G 221 -21.21 -33.35 -16.90
N VAL G 222 -21.84 -32.45 -16.16
CA VAL G 222 -21.67 -30.98 -16.27
C VAL G 222 -21.50 -30.42 -14.85
N ARG G 223 -20.50 -29.56 -14.66
CA ARG G 223 -20.31 -28.73 -13.44
C ARG G 223 -20.31 -27.26 -13.86
N LEU G 224 -21.21 -26.46 -13.29
CA LEU G 224 -21.38 -24.99 -13.54
C LEU G 224 -20.97 -24.20 -12.31
N ASP G 225 -20.18 -23.15 -12.53
CA ASP G 225 -19.78 -22.11 -11.54
C ASP G 225 -20.56 -20.86 -11.89
N ILE G 226 -21.44 -20.39 -11.01
CA ILE G 226 -22.25 -19.16 -11.26
C ILE G 226 -21.77 -18.08 -10.29
N ARG G 227 -21.71 -16.84 -10.77
CA ARG G 227 -21.18 -15.67 -10.01
C ARG G 227 -21.95 -14.42 -10.39
N ARG G 228 -22.27 -13.60 -9.41
CA ARG G 228 -22.80 -12.23 -9.58
C ARG G 228 -21.63 -11.28 -9.84
N ILE G 229 -21.62 -10.60 -10.97
CA ILE G 229 -20.47 -9.72 -11.39
C ILE G 229 -20.86 -8.24 -11.37
N GLY G 230 -22.12 -7.90 -11.07
CA GLY G 230 -22.52 -6.50 -10.91
C GLY G 230 -24.02 -6.33 -10.81
N ALA G 231 -24.47 -5.09 -10.68
CA ALA G 231 -25.88 -4.69 -10.53
C ALA G 231 -26.43 -4.21 -11.87
N VAL G 232 -27.75 -4.35 -12.05
CA VAL G 232 -28.56 -3.77 -13.15
C VAL G 232 -29.43 -2.67 -12.54
N LYS G 233 -29.19 -1.40 -12.91
CA LYS G 233 -29.81 -0.21 -12.28
C LYS G 233 -30.80 0.45 -13.23
N GLU G 234 -31.94 0.89 -12.70
CA GLU G 234 -32.90 1.84 -13.33
C GLU G 234 -32.70 3.22 -12.68
N GLY G 235 -31.52 3.81 -12.91
CA GLY G 235 -31.08 5.07 -12.30
C GLY G 235 -30.52 4.85 -10.91
N GLU G 236 -31.39 4.85 -9.89
CA GLU G 236 -31.05 4.60 -8.47
C GLU G 236 -31.42 3.16 -8.07
N ASN G 237 -32.67 2.77 -8.34
CA ASN G 237 -33.23 1.44 -8.02
C ASN G 237 -32.34 0.34 -8.63
N VAL G 238 -31.83 -0.56 -7.79
CA VAL G 238 -31.22 -1.83 -8.24
C VAL G 238 -32.38 -2.77 -8.59
N VAL G 239 -32.45 -3.21 -9.84
CA VAL G 239 -33.63 -3.93 -10.41
C VAL G 239 -33.24 -5.38 -10.76
N GLY G 240 -31.96 -5.74 -10.65
CA GLY G 240 -31.49 -7.09 -11.01
C GLY G 240 -29.98 -7.22 -10.89
N SER G 241 -29.46 -8.39 -11.27
CA SER G 241 -28.05 -8.82 -11.15
C SER G 241 -27.48 -9.12 -12.53
N GLU G 242 -26.23 -8.72 -12.78
CA GLU G 242 -25.39 -9.23 -13.89
C GLU G 242 -24.71 -10.51 -13.41
N THR G 243 -24.80 -11.56 -14.24
CA THR G 243 -24.43 -12.95 -13.90
C THR G 243 -23.46 -13.52 -14.92
N ARG G 244 -22.45 -14.26 -14.46
CA ARG G 244 -21.54 -15.05 -15.32
C ARG G 244 -21.61 -16.53 -14.91
N VAL G 245 -21.75 -17.43 -15.88
CA VAL G 245 -21.66 -18.90 -15.67
C VAL G 245 -20.45 -19.46 -16.43
N LYS G 246 -19.55 -20.12 -15.74
CA LYS G 246 -18.44 -20.90 -16.34
C LYS G 246 -18.78 -22.39 -16.36
N VAL G 247 -18.55 -23.04 -17.50
CA VAL G 247 -18.60 -24.52 -17.61
C VAL G 247 -17.22 -25.07 -17.22
N VAL G 248 -17.08 -25.62 -16.02
CA VAL G 248 -15.78 -26.08 -15.44
C VAL G 248 -15.61 -27.58 -15.66
N LYS G 249 -16.67 -28.30 -16.00
CA LYS G 249 -16.60 -29.72 -16.44
C LYS G 249 -17.69 -29.97 -17.48
N ASN G 250 -17.33 -30.70 -18.53
CA ASN G 250 -18.25 -31.06 -19.64
C ASN G 250 -17.78 -32.39 -20.23
N LYS G 251 -18.67 -33.38 -20.29
CA LYS G 251 -18.48 -34.73 -20.88
C LYS G 251 -19.28 -34.92 -22.18
N ILE G 252 -20.04 -33.92 -22.61
CA ILE G 252 -20.94 -34.03 -23.80
C ILE G 252 -20.54 -33.00 -24.88
N ALA G 253 -19.62 -32.10 -24.56
CA ALA G 253 -19.00 -31.13 -25.49
C ALA G 253 -17.75 -30.56 -24.84
N ALA G 254 -17.08 -29.61 -25.48
CA ALA G 254 -15.83 -28.99 -24.98
C ALA G 254 -16.15 -28.17 -23.74
N PRO G 255 -15.31 -28.22 -22.69
CA PRO G 255 -15.48 -27.36 -21.52
C PRO G 255 -14.79 -26.00 -21.64
N PHE G 256 -14.98 -25.17 -20.60
CA PHE G 256 -14.29 -23.89 -20.30
C PHE G 256 -14.87 -22.74 -21.10
N LYS G 257 -16.04 -22.89 -21.70
CA LYS G 257 -16.80 -21.74 -22.25
C LYS G 257 -17.58 -21.06 -21.12
N GLN G 258 -18.07 -19.85 -21.40
CA GLN G 258 -18.75 -19.03 -20.37
C GLN G 258 -19.93 -18.30 -21.00
N ALA G 259 -20.91 -17.94 -20.18
CA ALA G 259 -22.13 -17.22 -20.58
C ALA G 259 -22.36 -16.03 -19.66
N GLU G 260 -22.88 -14.93 -20.18
CA GLU G 260 -23.26 -13.71 -19.42
C GLU G 260 -24.72 -13.42 -19.69
N PHE G 261 -25.46 -13.06 -18.65
CA PHE G 261 -26.88 -12.67 -18.76
C PHE G 261 -27.30 -11.90 -17.52
N GLN G 262 -28.51 -11.37 -17.54
CA GLN G 262 -29.11 -10.58 -16.45
C GLN G 262 -30.20 -11.41 -15.78
N ILE G 263 -30.18 -11.45 -14.45
CA ILE G 263 -31.35 -11.91 -13.63
C ILE G 263 -32.05 -10.66 -13.14
N LEU G 264 -33.31 -10.47 -13.54
CA LEU G 264 -34.15 -9.32 -13.09
C LEU G 264 -35.11 -9.81 -12.02
N TYR G 265 -35.16 -9.12 -10.88
CA TYR G 265 -35.91 -9.55 -9.67
C TYR G 265 -37.40 -9.58 -10.02
N GLY G 266 -37.99 -10.77 -9.90
CA GLY G 266 -39.43 -11.03 -10.08
C GLY G 266 -39.75 -11.57 -11.47
N GLU G 267 -38.79 -11.57 -12.39
CA GLU G 267 -38.99 -12.06 -13.79
C GLU G 267 -38.05 -13.23 -14.09
N GLY G 268 -36.82 -13.22 -13.58
CA GLY G 268 -35.81 -14.26 -13.82
C GLY G 268 -34.83 -13.84 -14.90
N ILE G 269 -34.48 -14.74 -15.80
CA ILE G 269 -33.45 -14.49 -16.85
C ILE G 269 -34.03 -13.63 -17.96
N ASN G 270 -33.33 -12.54 -18.30
CA ASN G 270 -33.71 -11.58 -19.38
C ASN G 270 -33.35 -12.20 -20.73
N PHE G 271 -34.29 -12.97 -21.31
CA PHE G 271 -34.12 -13.68 -22.61
C PHE G 271 -33.82 -12.67 -23.73
N TYR G 272 -34.60 -11.60 -23.84
CA TYR G 272 -34.47 -10.57 -24.91
C TYR G 272 -33.14 -9.80 -24.81
N GLY G 273 -32.63 -9.61 -23.60
CA GLY G 273 -31.28 -9.06 -23.38
C GLY G 273 -30.19 -9.94 -23.99
N GLU G 274 -30.34 -11.27 -23.90
CA GLU G 274 -29.36 -12.23 -24.49
C GLU G 274 -29.45 -12.18 -26.01
N LEU G 275 -30.68 -12.06 -26.53
CA LEU G 275 -30.97 -12.13 -27.99
C LEU G 275 -30.40 -10.91 -28.70
N VAL G 276 -30.43 -9.74 -28.07
CA VAL G 276 -29.68 -8.52 -28.51
C VAL G 276 -28.19 -8.91 -28.67
N ASP G 277 -27.51 -9.23 -27.56
CA ASP G 277 -26.04 -9.47 -27.51
C ASP G 277 -25.61 -10.53 -28.55
N LEU G 278 -26.40 -11.60 -28.73
CA LEU G 278 -26.11 -12.66 -29.72
C LEU G 278 -26.37 -12.12 -31.14
N GLY G 279 -27.44 -11.35 -31.34
CA GLY G 279 -27.77 -10.70 -32.63
C GLY G 279 -26.69 -9.71 -33.07
N VAL G 280 -26.08 -8.98 -32.13
CA VAL G 280 -24.95 -8.04 -32.36
C VAL G 280 -23.71 -8.83 -32.78
N LYS G 281 -23.42 -9.92 -32.07
CA LYS G 281 -22.21 -10.76 -32.27
C LYS G 281 -22.23 -11.40 -33.67
N GLU G 282 -23.42 -11.73 -34.19
CA GLU G 282 -23.62 -12.42 -35.49
C GLU G 282 -24.00 -11.43 -36.60
N LYS G 283 -23.76 -10.13 -36.39
CA LYS G 283 -23.89 -9.06 -37.43
C LYS G 283 -25.31 -9.01 -38.00
N LEU G 284 -26.32 -9.38 -37.22
CA LEU G 284 -27.76 -9.22 -37.57
C LEU G 284 -28.31 -7.96 -36.90
N ILE G 285 -27.59 -7.37 -35.95
CA ILE G 285 -27.93 -6.06 -35.30
C ILE G 285 -26.69 -5.16 -35.36
N GLU G 286 -26.84 -3.97 -35.94
CA GLU G 286 -25.75 -2.96 -36.10
C GLU G 286 -25.79 -2.02 -34.89
N LYS G 287 -24.67 -1.89 -34.16
CA LYS G 287 -24.53 -1.01 -32.98
C LYS G 287 -23.61 0.16 -33.34
N ALA G 288 -24.21 1.30 -33.72
CA ALA G 288 -23.52 2.59 -33.98
C ALA G 288 -23.37 3.34 -32.65
N GLY G 289 -22.30 3.04 -31.90
CA GLY G 289 -22.02 3.60 -30.56
C GLY G 289 -22.98 3.05 -29.52
N ALA G 290 -23.99 3.83 -29.14
CA ALA G 290 -25.09 3.45 -28.20
C ALA G 290 -26.41 3.23 -28.95
N TRP G 291 -26.45 3.47 -30.27
CA TRP G 291 -27.66 3.28 -31.13
C TRP G 291 -27.65 1.87 -31.74
N TYR G 292 -28.62 1.04 -31.36
CA TYR G 292 -28.90 -0.29 -31.98
C TYR G 292 -29.81 -0.07 -33.20
N SER G 293 -29.55 -0.78 -34.29
CA SER G 293 -30.31 -0.70 -35.57
C SER G 293 -30.45 -2.10 -36.20
N TYR G 294 -31.67 -2.47 -36.60
CA TYR G 294 -31.99 -3.72 -37.35
C TYR G 294 -32.45 -3.35 -38.77
N LYS G 295 -31.61 -3.64 -39.77
CA LYS G 295 -31.88 -3.43 -41.22
C LYS G 295 -32.21 -1.95 -41.46
N GLY G 296 -31.33 -1.05 -41.01
CA GLY G 296 -31.46 0.42 -41.20
C GLY G 296 -32.32 1.06 -40.12
N GLU G 297 -33.57 0.60 -39.96
CA GLU G 297 -34.53 1.02 -38.90
C GLU G 297 -33.83 1.05 -37.54
N LYS G 298 -33.74 2.22 -36.90
CA LYS G 298 -33.10 2.41 -35.57
C LYS G 298 -34.05 1.91 -34.49
N ILE G 299 -33.72 0.79 -33.84
CA ILE G 299 -34.61 0.04 -32.90
C ILE G 299 -34.63 0.74 -31.54
N GLY G 300 -33.50 1.33 -31.11
CA GLY G 300 -33.42 2.07 -29.83
C GLY G 300 -32.02 2.54 -29.52
N GLN G 301 -31.83 3.10 -28.32
CA GLN G 301 -30.55 3.70 -27.84
C GLN G 301 -30.28 3.27 -26.39
N GLY G 302 -29.21 2.49 -26.16
CA GLY G 302 -28.94 1.80 -24.89
C GLY G 302 -29.62 0.45 -24.85
N LYS G 303 -29.00 -0.54 -24.19
CA LYS G 303 -29.41 -1.98 -24.19
C LYS G 303 -30.88 -2.13 -23.81
N ALA G 304 -31.32 -1.44 -22.74
CA ALA G 304 -32.66 -1.56 -22.12
C ALA G 304 -33.75 -1.10 -23.12
N ASN G 305 -33.47 -0.08 -23.92
CA ASN G 305 -34.40 0.48 -24.94
C ASN G 305 -34.52 -0.50 -26.12
N ALA G 306 -33.38 -1.02 -26.59
CA ALA G 306 -33.29 -2.04 -27.67
C ALA G 306 -34.03 -3.32 -27.25
N THR G 307 -33.92 -3.71 -25.98
CA THR G 307 -34.64 -4.87 -25.37
C THR G 307 -36.14 -4.58 -25.39
N ALA G 308 -36.53 -3.39 -24.96
CA ALA G 308 -37.94 -2.91 -24.88
C ALA G 308 -38.56 -2.82 -26.28
N TRP G 309 -37.75 -2.50 -27.30
CA TRP G 309 -38.17 -2.52 -28.72
C TRP G 309 -38.55 -3.96 -29.11
N LEU G 310 -37.62 -4.91 -28.93
CA LEU G 310 -37.80 -6.35 -29.28
C LEU G 310 -39.06 -6.91 -28.62
N LYS G 311 -39.32 -6.51 -27.36
CA LYS G 311 -40.50 -6.98 -26.57
C LYS G 311 -41.80 -6.51 -27.23
N ASP G 312 -41.76 -5.38 -27.95
CA ASP G 312 -42.92 -4.76 -28.66
C ASP G 312 -43.00 -5.20 -30.14
N ASN G 313 -42.10 -6.06 -30.60
CA ASN G 313 -42.06 -6.57 -32.01
C ASN G 313 -41.80 -8.08 -31.99
N PRO G 314 -42.78 -8.93 -31.59
CA PRO G 314 -42.57 -10.38 -31.49
C PRO G 314 -42.16 -11.11 -32.79
N GLU G 315 -42.49 -10.55 -33.96
CA GLU G 315 -42.16 -11.15 -35.28
C GLU G 315 -40.66 -11.01 -35.53
N THR G 316 -40.11 -9.81 -35.30
CA THR G 316 -38.69 -9.45 -35.52
C THR G 316 -37.78 -10.19 -34.52
N ALA G 317 -38.26 -10.37 -33.28
CA ALA G 317 -37.54 -11.11 -32.21
C ALA G 317 -37.44 -12.61 -32.57
N LYS G 318 -38.52 -13.20 -33.11
CA LYS G 318 -38.58 -14.62 -33.52
C LYS G 318 -37.71 -14.85 -34.78
N GLU G 319 -37.61 -13.84 -35.65
CA GLU G 319 -36.73 -13.85 -36.86
C GLU G 319 -35.26 -13.95 -36.41
N ILE G 320 -34.83 -13.01 -35.56
CA ILE G 320 -33.42 -12.92 -35.06
C ILE G 320 -33.09 -14.20 -34.28
N GLU G 321 -34.02 -14.71 -33.46
CA GLU G 321 -33.83 -15.97 -32.68
C GLU G 321 -33.51 -17.11 -33.64
N LYS G 322 -34.32 -17.27 -34.70
CA LYS G 322 -34.23 -18.40 -35.67
C LYS G 322 -32.85 -18.44 -36.32
N LYS G 323 -32.32 -17.27 -36.73
CA LYS G 323 -30.99 -17.14 -37.40
C LYS G 323 -29.86 -17.43 -36.42
N VAL G 324 -29.93 -16.90 -35.19
CA VAL G 324 -28.91 -17.12 -34.11
C VAL G 324 -28.83 -18.61 -33.79
N ARG G 325 -29.98 -19.28 -33.69
CA ARG G 325 -30.10 -20.74 -33.44
C ARG G 325 -29.42 -21.52 -34.55
N GLU G 326 -29.74 -21.22 -35.81
CA GLU G 326 -29.13 -21.83 -37.04
C GLU G 326 -27.59 -21.70 -36.97
N LEU G 327 -27.10 -20.47 -36.76
CA LEU G 327 -25.65 -20.11 -36.85
C LEU G 327 -24.84 -20.79 -35.73
N LEU G 328 -25.15 -20.48 -34.46
CA LEU G 328 -24.23 -20.67 -33.32
C LEU G 328 -24.36 -22.05 -32.69
N LEU G 329 -25.57 -22.63 -32.62
CA LEU G 329 -25.79 -23.95 -31.97
C LEU G 329 -25.10 -25.03 -32.81
N SER G 330 -23.94 -25.50 -32.32
CA SER G 330 -23.04 -26.51 -32.95
C SER G 330 -23.80 -27.80 -33.29
N ASN G 331 -24.79 -28.16 -32.46
CA ASN G 331 -25.60 -29.41 -32.57
C ASN G 331 -27.08 -29.06 -32.74
N PRO G 332 -27.55 -28.65 -33.95
CA PRO G 332 -28.98 -28.46 -34.20
C PRO G 332 -29.75 -29.78 -34.09
N ASN G 333 -30.79 -29.81 -33.24
CA ASN G 333 -31.54 -31.04 -32.86
C ASN G 333 -32.55 -31.40 -33.95
N SER G 334 -32.94 -32.67 -34.03
CA SER G 334 -33.97 -33.22 -34.96
C SER G 334 -35.34 -32.63 -34.63
N ALA H 2 26.14 -91.62 -11.19
CA ALA H 2 25.74 -92.76 -10.30
C ALA H 2 24.53 -92.37 -9.46
N ILE H 3 24.67 -91.30 -8.66
CA ILE H 3 23.66 -90.78 -7.70
C ILE H 3 22.71 -89.80 -8.42
N ASP H 4 23.22 -88.99 -9.34
CA ASP H 4 22.45 -88.00 -10.15
C ASP H 4 21.49 -88.69 -11.12
N GLU H 5 21.81 -89.91 -11.56
CA GLU H 5 21.13 -90.63 -12.69
C GLU H 5 19.71 -91.03 -12.30
N ASN H 6 19.50 -91.47 -11.05
CA ASN H 6 18.18 -91.90 -10.52
C ASN H 6 17.24 -90.69 -10.36
N LYS H 7 17.80 -89.51 -10.09
CA LYS H 7 17.05 -88.23 -9.93
C LYS H 7 16.41 -87.83 -11.26
N GLN H 8 17.13 -88.02 -12.37
CA GLN H 8 16.67 -87.73 -13.77
C GLN H 8 15.42 -88.54 -14.11
N LYS H 9 15.44 -89.85 -13.79
CA LYS H 9 14.32 -90.81 -14.03
C LYS H 9 13.11 -90.43 -13.16
N ALA H 10 13.34 -90.23 -11.86
CA ALA H 10 12.34 -89.85 -10.85
C ALA H 10 11.65 -88.54 -11.25
N LEU H 11 12.40 -87.59 -11.81
CA LEU H 11 11.88 -86.29 -12.30
C LEU H 11 11.03 -86.54 -13.57
N ALA H 12 11.59 -87.25 -14.56
CA ALA H 12 10.94 -87.60 -15.85
C ALA H 12 9.61 -88.32 -15.62
N ALA H 13 9.55 -89.22 -14.63
CA ALA H 13 8.35 -90.01 -14.23
C ALA H 13 7.30 -89.08 -13.61
N ALA H 14 7.72 -88.19 -12.71
CA ALA H 14 6.86 -87.20 -12.00
C ALA H 14 6.24 -86.22 -13.01
N LEU H 15 7.05 -85.70 -13.94
CA LEU H 15 6.62 -84.78 -15.03
C LEU H 15 5.63 -85.51 -15.96
N GLY H 16 5.93 -86.76 -16.32
CA GLY H 16 5.05 -87.64 -17.12
C GLY H 16 3.69 -87.83 -16.45
N GLN H 17 3.68 -88.06 -15.13
CA GLN H 17 2.47 -88.26 -14.29
C GLN H 17 1.64 -86.97 -14.23
N ILE H 18 2.29 -85.82 -13.95
CA ILE H 18 1.63 -84.47 -13.84
C ILE H 18 0.98 -84.13 -15.19
N GLU H 19 1.73 -84.27 -16.29
CA GLU H 19 1.28 -83.94 -17.67
C GLU H 19 0.12 -84.85 -18.09
N LYS H 20 0.07 -86.08 -17.58
CA LYS H 20 -1.01 -87.06 -17.88
C LYS H 20 -2.27 -86.71 -17.09
N GLN H 21 -2.11 -86.32 -15.82
CA GLN H 21 -3.23 -86.02 -14.87
C GLN H 21 -3.92 -84.71 -15.27
N PHE H 22 -3.15 -83.65 -15.58
CA PHE H 22 -3.62 -82.25 -15.72
C PHE H 22 -3.55 -81.72 -17.16
N GLY H 23 -2.80 -82.37 -18.06
CA GLY H 23 -2.79 -82.07 -19.50
C GLY H 23 -1.42 -81.66 -20.01
N LYS H 24 -1.36 -81.24 -21.28
CA LYS H 24 -0.13 -81.10 -22.11
C LYS H 24 0.89 -80.19 -21.42
N GLY H 25 0.63 -78.88 -21.35
CA GLY H 25 1.58 -77.85 -20.86
C GLY H 25 1.32 -77.48 -19.41
N SER H 26 1.01 -78.47 -18.56
CA SER H 26 0.70 -78.29 -17.11
C SER H 26 1.99 -77.98 -16.34
N ILE H 27 3.11 -78.61 -16.73
CA ILE H 27 4.48 -78.28 -16.22
C ILE H 27 5.46 -78.37 -17.39
N MET H 28 6.49 -77.51 -17.39
CA MET H 28 7.41 -77.28 -18.52
C MET H 28 8.58 -76.40 -18.06
N ARG H 29 9.73 -76.47 -18.74
CA ARG H 29 10.89 -75.58 -18.48
C ARG H 29 10.56 -74.17 -18.99
N LEU H 30 11.01 -73.13 -18.28
CA LEU H 30 10.60 -71.71 -18.51
C LEU H 30 11.11 -71.23 -19.88
N GLY H 31 12.26 -71.73 -20.33
CA GLY H 31 12.92 -71.36 -21.59
C GLY H 31 12.17 -71.84 -22.82
N GLU H 32 11.41 -72.93 -22.72
CA GLU H 32 10.67 -73.57 -23.85
C GLU H 32 9.23 -73.09 -23.90
N ASP H 33 8.75 -72.37 -22.87
CA ASP H 33 7.35 -71.91 -22.73
C ASP H 33 7.21 -70.56 -23.46
N ARG H 34 6.63 -70.58 -24.67
CA ARG H 34 6.45 -69.39 -25.54
C ARG H 34 5.25 -68.56 -25.09
N SER H 35 4.27 -69.18 -24.41
CA SER H 35 3.07 -68.51 -23.84
C SER H 35 3.47 -67.50 -22.74
N MET H 36 4.63 -67.69 -22.11
CA MET H 36 5.18 -66.83 -21.02
C MET H 36 5.79 -65.53 -21.57
N ASP H 37 6.10 -65.46 -22.87
CA ASP H 37 6.71 -64.26 -23.51
C ASP H 37 5.74 -63.08 -23.42
N VAL H 38 6.28 -61.89 -23.17
CA VAL H 38 5.49 -60.63 -23.02
C VAL H 38 5.32 -59.99 -24.40
N GLU H 39 4.08 -60.01 -24.91
CA GLU H 39 3.60 -59.28 -26.12
C GLU H 39 2.91 -57.99 -25.67
N THR H 40 3.14 -56.87 -26.34
CA THR H 40 2.56 -55.52 -26.01
C THR H 40 1.74 -54.96 -27.16
N ILE H 41 0.83 -54.02 -26.84
CA ILE H 41 0.09 -53.16 -27.82
C ILE H 41 0.26 -51.68 -27.45
N SER H 42 0.09 -50.80 -28.43
CA SER H 42 0.32 -49.34 -28.31
C SER H 42 -0.71 -48.70 -27.39
N THR H 43 -0.33 -47.59 -26.74
CA THR H 43 -1.20 -46.74 -25.89
C THR H 43 -1.77 -45.56 -26.69
N GLY H 44 -1.34 -45.36 -27.94
CA GLY H 44 -1.69 -44.15 -28.73
C GLY H 44 -0.86 -42.93 -28.39
N SER H 45 0.04 -43.03 -27.39
CA SER H 45 1.10 -42.04 -27.06
C SER H 45 2.47 -42.69 -27.27
N LEU H 46 3.38 -42.02 -27.97
CA LEU H 46 4.76 -42.51 -28.18
C LEU H 46 5.58 -42.31 -26.90
N SER H 47 5.43 -41.18 -26.21
CA SER H 47 6.16 -40.88 -24.95
C SER H 47 5.79 -41.90 -23.85
N LEU H 48 4.53 -42.36 -23.81
CA LEU H 48 4.05 -43.34 -22.80
C LEU H 48 4.55 -44.74 -23.17
N ASP H 49 4.52 -45.11 -24.45
CA ASP H 49 5.13 -46.36 -24.97
C ASP H 49 6.61 -46.45 -24.58
N ILE H 50 7.34 -45.32 -24.56
CA ILE H 50 8.77 -45.26 -24.14
C ILE H 50 8.89 -45.42 -22.61
N ALA H 51 8.06 -44.70 -21.83
CA ALA H 51 8.03 -44.73 -20.34
C ALA H 51 7.72 -46.14 -19.81
N LEU H 52 6.94 -46.92 -20.54
CA LEU H 52 6.57 -48.31 -20.14
C LEU H 52 7.72 -49.27 -20.42
N GLY H 53 8.71 -48.89 -21.23
CA GLY H 53 9.97 -49.64 -21.38
C GLY H 53 9.88 -50.75 -22.41
N ALA H 54 8.78 -51.49 -22.47
CA ALA H 54 8.57 -52.66 -23.35
C ALA H 54 7.69 -52.29 -24.56
N GLY H 55 7.52 -51.00 -24.84
CA GLY H 55 6.88 -50.51 -26.08
C GLY H 55 5.36 -50.57 -26.04
N GLY H 56 4.75 -50.80 -24.87
CA GLY H 56 3.28 -50.71 -24.71
C GLY H 56 2.77 -51.48 -23.52
N LEU H 57 1.46 -51.79 -23.55
CA LEU H 57 0.73 -52.46 -22.44
C LEU H 57 0.70 -53.96 -22.71
N PRO H 58 0.94 -54.82 -21.69
CA PRO H 58 1.06 -56.26 -21.91
C PRO H 58 -0.28 -56.98 -22.13
N MET H 59 -0.32 -57.89 -23.11
CA MET H 59 -1.49 -58.77 -23.34
C MET H 59 -1.50 -59.87 -22.28
N GLY H 60 -2.70 -60.33 -21.88
CA GLY H 60 -2.91 -61.38 -20.87
C GLY H 60 -2.81 -60.90 -19.43
N ARG H 61 -2.59 -59.60 -19.21
CA ARG H 61 -2.41 -59.01 -17.85
C ARG H 61 -3.56 -58.04 -17.50
N ILE H 62 -3.57 -57.61 -16.23
CA ILE H 62 -4.47 -56.58 -15.66
C ILE H 62 -3.68 -55.26 -15.54
N VAL H 63 -4.29 -54.16 -15.93
CA VAL H 63 -3.72 -52.78 -15.87
C VAL H 63 -4.70 -51.87 -15.10
N GLU H 64 -4.19 -51.01 -14.24
CA GLU H 64 -4.98 -49.99 -13.50
C GLU H 64 -4.55 -48.59 -13.97
N ILE H 65 -5.52 -47.76 -14.34
CA ILE H 65 -5.33 -46.31 -14.64
C ILE H 65 -6.18 -45.52 -13.62
N TYR H 66 -5.55 -44.69 -12.80
CA TYR H 66 -6.24 -43.86 -11.79
C TYR H 66 -5.79 -42.42 -11.91
N GLY H 67 -6.60 -41.51 -11.38
CA GLY H 67 -6.30 -40.08 -11.41
C GLY H 67 -7.43 -39.26 -10.82
N PRO H 68 -7.24 -37.94 -10.69
CA PRO H 68 -8.32 -37.03 -10.30
C PRO H 68 -9.36 -36.82 -11.42
N GLU H 69 -10.38 -36.02 -11.13
CA GLU H 69 -11.52 -35.74 -12.04
C GLU H 69 -11.01 -35.04 -13.31
N SER H 70 -11.48 -35.49 -14.47
CA SER H 70 -11.25 -34.86 -15.80
C SER H 70 -9.75 -34.86 -16.18
N SER H 71 -8.99 -35.86 -15.76
CA SER H 71 -7.53 -35.97 -16.01
C SER H 71 -7.24 -36.71 -17.33
N GLY H 72 -8.24 -37.26 -18.01
CA GLY H 72 -8.12 -37.95 -19.30
C GLY H 72 -8.10 -39.47 -19.21
N LYS H 73 -8.64 -40.06 -18.14
CA LYS H 73 -8.66 -41.54 -17.92
C LYS H 73 -9.45 -42.23 -19.04
N THR H 74 -10.67 -41.78 -19.33
CA THR H 74 -11.55 -42.39 -20.35
C THR H 74 -10.91 -42.22 -21.75
N THR H 75 -10.50 -41.00 -22.10
CA THR H 75 -9.83 -40.66 -23.38
C THR H 75 -8.63 -41.59 -23.64
N LEU H 76 -7.76 -41.79 -22.66
CA LEU H 76 -6.56 -42.67 -22.83
C LEU H 76 -6.99 -44.12 -23.14
N THR H 77 -8.04 -44.64 -22.51
CA THR H 77 -8.55 -46.01 -22.79
C THR H 77 -9.17 -46.09 -24.19
N LEU H 78 -9.84 -45.05 -24.67
CA LEU H 78 -10.51 -45.08 -26.00
C LEU H 78 -9.47 -45.04 -27.13
N GLN H 79 -8.33 -44.37 -26.91
CA GLN H 79 -7.20 -44.34 -27.88
C GLN H 79 -6.49 -45.70 -27.93
N VAL H 80 -6.34 -46.40 -26.80
CA VAL H 80 -5.84 -47.82 -26.75
C VAL H 80 -6.74 -48.72 -27.61
N ILE H 81 -8.06 -48.63 -27.41
CA ILE H 81 -9.07 -49.40 -28.20
C ILE H 81 -8.94 -49.04 -29.69
N ALA H 82 -8.82 -47.76 -30.02
CA ALA H 82 -8.72 -47.25 -31.41
C ALA H 82 -7.49 -47.87 -32.11
N ALA H 83 -6.34 -47.87 -31.43
CA ALA H 83 -5.07 -48.43 -31.95
C ALA H 83 -5.18 -49.94 -32.14
N ALA H 84 -5.87 -50.65 -31.24
CA ALA H 84 -6.01 -52.12 -31.28
C ALA H 84 -6.96 -52.52 -32.42
N GLN H 85 -8.05 -51.77 -32.64
CA GLN H 85 -9.05 -52.04 -33.71
C GLN H 85 -8.40 -51.90 -35.09
N ARG H 86 -7.41 -51.00 -35.24
CA ARG H 86 -6.63 -50.80 -36.50
C ARG H 86 -5.76 -52.01 -36.83
N GLU H 87 -5.45 -52.87 -35.84
CA GLU H 87 -4.69 -54.14 -36.03
C GLU H 87 -5.64 -55.34 -36.03
N GLY H 88 -6.94 -55.13 -36.24
CA GLY H 88 -7.94 -56.20 -36.40
C GLY H 88 -8.30 -56.91 -35.10
N LYS H 89 -8.03 -56.32 -33.94
CA LYS H 89 -8.40 -56.88 -32.61
C LYS H 89 -9.84 -56.47 -32.26
N THR H 90 -10.55 -57.33 -31.53
CA THR H 90 -11.95 -57.10 -31.03
C THR H 90 -11.89 -56.52 -29.61
N CYS H 91 -12.73 -55.52 -29.31
CA CYS H 91 -12.68 -54.75 -28.03
C CYS H 91 -14.08 -54.64 -27.41
N ALA H 92 -14.13 -54.65 -26.08
CA ALA H 92 -15.35 -54.44 -25.27
C ALA H 92 -15.14 -53.28 -24.28
N PHE H 93 -16.19 -52.53 -23.97
CA PHE H 93 -16.19 -51.42 -22.99
C PHE H 93 -17.34 -51.61 -22.01
N ILE H 94 -17.04 -51.95 -20.75
CA ILE H 94 -18.03 -52.06 -19.62
C ILE H 94 -18.17 -50.67 -18.96
N ASP H 95 -19.24 -49.94 -19.25
CA ASP H 95 -19.48 -48.53 -18.81
C ASP H 95 -20.34 -48.53 -17.54
N ALA H 96 -19.71 -48.84 -16.40
CA ALA H 96 -20.34 -48.89 -15.05
C ALA H 96 -20.70 -47.50 -14.54
N GLU H 97 -20.02 -46.44 -14.99
CA GLU H 97 -20.34 -45.02 -14.65
C GLU H 97 -21.57 -44.51 -15.42
N HIS H 98 -21.96 -45.15 -16.52
CA HIS H 98 -23.15 -44.78 -17.34
C HIS H 98 -22.92 -43.40 -17.97
N ALA H 99 -21.71 -43.15 -18.48
CA ALA H 99 -21.27 -41.80 -18.90
C ALA H 99 -20.51 -41.80 -20.24
N LEU H 100 -20.56 -42.85 -21.06
CA LEU H 100 -19.87 -42.86 -22.37
C LEU H 100 -20.72 -42.12 -23.42
N ASP H 101 -20.09 -41.22 -24.20
CA ASP H 101 -20.68 -40.50 -25.37
C ASP H 101 -20.16 -41.15 -26.65
N PRO H 102 -21.00 -41.89 -27.41
CA PRO H 102 -20.52 -42.62 -28.59
C PRO H 102 -19.97 -41.74 -29.73
N ILE H 103 -20.56 -40.57 -29.94
CA ILE H 103 -20.09 -39.56 -30.95
C ILE H 103 -18.64 -39.17 -30.67
N TYR H 104 -18.28 -38.95 -29.41
CA TYR H 104 -16.91 -38.53 -29.00
C TYR H 104 -15.93 -39.68 -29.22
N ALA H 105 -16.33 -40.90 -28.88
CA ALA H 105 -15.55 -42.14 -29.12
C ALA H 105 -15.24 -42.27 -30.62
N ARG H 106 -16.22 -41.97 -31.50
CA ARG H 106 -16.02 -41.96 -32.98
C ARG H 106 -14.95 -40.92 -33.37
N LYS H 107 -15.01 -39.71 -32.83
CA LYS H 107 -14.07 -38.61 -33.13
C LYS H 107 -12.62 -38.96 -32.73
N LEU H 108 -12.43 -39.78 -31.68
CA LEU H 108 -11.09 -40.20 -31.21
C LEU H 108 -10.54 -41.35 -32.07
N GLY H 109 -11.36 -41.92 -32.96
CA GLY H 109 -10.94 -42.91 -33.96
C GLY H 109 -11.38 -44.32 -33.62
N VAL H 110 -12.42 -44.48 -32.81
CA VAL H 110 -12.98 -45.82 -32.43
C VAL H 110 -13.98 -46.20 -33.52
N ASP H 111 -13.94 -47.46 -33.96
CA ASP H 111 -14.98 -48.08 -34.80
C ASP H 111 -16.17 -48.44 -33.89
N ILE H 112 -17.14 -47.53 -33.83
CA ILE H 112 -18.36 -47.60 -32.95
C ILE H 112 -19.18 -48.84 -33.30
N ASP H 113 -19.23 -49.24 -34.58
CA ASP H 113 -20.11 -50.33 -35.08
C ASP H 113 -19.59 -51.71 -34.64
N ASN H 114 -18.31 -51.83 -34.27
CA ASN H 114 -17.68 -53.12 -33.87
C ASN H 114 -17.33 -53.18 -32.38
N LEU H 115 -17.32 -52.04 -31.66
CA LEU H 115 -17.04 -51.97 -30.21
C LEU H 115 -18.22 -52.57 -29.44
N LEU H 116 -18.01 -53.63 -28.66
CA LEU H 116 -19.04 -54.18 -27.73
C LEU H 116 -19.14 -53.28 -26.49
N CYS H 117 -20.37 -52.96 -26.06
CA CYS H 117 -20.63 -52.06 -24.92
C CYS H 117 -21.72 -52.65 -24.01
N SER H 118 -21.49 -52.58 -22.70
CA SER H 118 -22.45 -53.01 -21.65
C SER H 118 -22.56 -51.90 -20.58
N GLN H 119 -23.78 -51.65 -20.11
CA GLN H 119 -24.07 -50.77 -18.95
C GLN H 119 -24.74 -51.63 -17.87
N PRO H 120 -23.94 -52.32 -17.03
CA PRO H 120 -24.49 -53.29 -16.09
C PRO H 120 -25.11 -52.66 -14.84
N ASP H 121 -26.07 -53.38 -14.25
CA ASP H 121 -26.88 -52.93 -13.08
C ASP H 121 -26.07 -53.08 -11.80
N THR H 122 -25.31 -54.16 -11.66
CA THR H 122 -24.55 -54.51 -10.43
C THR H 122 -23.07 -54.74 -10.78
N GLY H 123 -22.21 -54.64 -9.76
CA GLY H 123 -20.76 -54.95 -9.85
C GLY H 123 -20.55 -56.42 -10.18
N GLU H 124 -21.43 -57.30 -9.70
CA GLU H 124 -21.36 -58.77 -9.96
C GLU H 124 -21.67 -59.04 -11.43
N GLN H 125 -22.69 -58.40 -12.00
CA GLN H 125 -23.04 -58.54 -13.44
C GLN H 125 -21.86 -58.06 -14.30
N ALA H 126 -21.21 -56.96 -13.94
CA ALA H 126 -20.05 -56.37 -14.68
C ALA H 126 -18.87 -57.36 -14.70
N LEU H 127 -18.53 -57.99 -13.57
CA LEU H 127 -17.33 -58.87 -13.47
C LEU H 127 -17.62 -60.26 -14.07
N GLU H 128 -18.87 -60.73 -14.02
CA GLU H 128 -19.29 -61.99 -14.69
C GLU H 128 -19.26 -61.83 -16.21
N ILE H 129 -19.62 -60.65 -16.74
CA ILE H 129 -19.51 -60.34 -18.19
C ILE H 129 -18.03 -60.36 -18.62
N CYS H 130 -17.13 -59.73 -17.83
CA CYS H 130 -15.65 -59.73 -18.09
C CYS H 130 -15.15 -61.17 -18.18
N ASP H 131 -15.54 -62.02 -17.22
CA ASP H 131 -15.11 -63.44 -17.13
C ASP H 131 -15.61 -64.20 -18.37
N ALA H 132 -16.87 -64.01 -18.76
CA ALA H 132 -17.51 -64.67 -19.93
C ALA H 132 -16.83 -64.26 -21.24
N LEU H 133 -16.47 -62.97 -21.39
CA LEU H 133 -15.77 -62.45 -22.60
C LEU H 133 -14.32 -62.97 -22.64
N ALA H 134 -13.64 -63.03 -21.49
CA ALA H 134 -12.25 -63.54 -21.36
C ALA H 134 -12.19 -65.03 -21.73
N ARG H 135 -13.11 -65.85 -21.19
CA ARG H 135 -13.16 -67.32 -21.44
C ARG H 135 -13.44 -67.61 -22.92
N SER H 136 -14.23 -66.77 -23.60
CA SER H 136 -14.66 -66.93 -25.02
C SER H 136 -13.46 -67.15 -25.93
N GLY H 137 -12.34 -66.44 -25.66
CA GLY H 137 -11.11 -66.47 -26.47
C GLY H 137 -11.17 -65.52 -27.67
N ALA H 138 -12.26 -64.77 -27.85
CA ALA H 138 -12.56 -63.98 -29.06
C ALA H 138 -12.39 -62.46 -28.84
N VAL H 139 -12.16 -62.00 -27.61
CA VAL H 139 -12.01 -60.55 -27.27
C VAL H 139 -10.56 -60.30 -26.83
N ASP H 140 -9.94 -59.23 -27.34
CA ASP H 140 -8.50 -58.91 -27.12
C ASP H 140 -8.32 -57.85 -26.03
N VAL H 141 -9.21 -56.85 -25.95
CA VAL H 141 -9.11 -55.74 -24.94
C VAL H 141 -10.48 -55.54 -24.29
N ILE H 142 -10.52 -55.51 -22.96
CA ILE H 142 -11.71 -55.12 -22.16
C ILE H 142 -11.33 -53.91 -21.29
N VAL H 143 -12.16 -52.88 -21.28
CA VAL H 143 -12.02 -51.70 -20.38
C VAL H 143 -13.20 -51.70 -19.40
N VAL H 144 -12.94 -51.56 -18.10
CA VAL H 144 -13.99 -51.38 -17.05
C VAL H 144 -13.92 -49.93 -16.54
N ASP H 145 -14.93 -49.12 -16.88
CA ASP H 145 -14.92 -47.69 -16.51
C ASP H 145 -15.56 -47.49 -15.12
N SER H 146 -14.62 -47.38 -14.17
CA SER H 146 -14.69 -47.06 -12.74
C SER H 146 -15.14 -48.29 -11.98
N VAL H 147 -14.13 -48.90 -11.36
CA VAL H 147 -14.14 -49.66 -10.09
C VAL H 147 -15.01 -48.98 -9.04
N ALA H 148 -14.99 -47.65 -8.94
CA ALA H 148 -15.74 -46.88 -7.91
C ALA H 148 -17.26 -47.09 -8.07
N ALA H 149 -17.72 -47.34 -9.29
CA ALA H 149 -19.15 -47.49 -9.63
C ALA H 149 -19.57 -48.97 -9.67
N LEU H 150 -18.67 -49.91 -9.36
CA LEU H 150 -18.95 -51.38 -9.32
C LEU H 150 -19.67 -51.69 -8.00
N THR H 151 -20.99 -51.55 -7.96
CA THR H 151 -21.81 -51.58 -6.72
C THR H 151 -22.29 -53.01 -6.45
N PRO H 152 -21.99 -53.61 -5.26
CA PRO H 152 -22.48 -54.96 -4.95
C PRO H 152 -24.01 -55.02 -4.84
N LYS H 153 -24.60 -56.15 -5.22
CA LYS H 153 -26.07 -56.41 -5.32
C LYS H 153 -26.80 -56.03 -4.02
N ALA H 154 -26.23 -56.39 -2.87
CA ALA H 154 -26.80 -56.13 -1.52
C ALA H 154 -26.92 -54.62 -1.25
N GLU H 155 -25.98 -53.83 -1.76
CA GLU H 155 -25.97 -52.34 -1.60
C GLU H 155 -27.03 -51.71 -2.50
N ILE H 156 -27.31 -52.28 -3.68
CA ILE H 156 -28.33 -51.75 -4.64
C ILE H 156 -29.74 -52.03 -4.10
N GLU H 157 -29.98 -53.23 -3.56
CA GLU H 157 -31.29 -53.61 -2.97
C GLU H 157 -31.49 -52.92 -1.62
N GLY H 158 -30.41 -52.54 -0.94
CA GLY H 158 -30.44 -51.90 0.38
C GLY H 158 -30.88 -50.43 0.33
N GLU H 159 -30.79 -49.75 1.47
CA GLU H 159 -31.15 -48.31 1.63
C GLU H 159 -29.89 -47.48 1.77
N ILE H 160 -29.95 -46.22 1.31
CA ILE H 160 -28.87 -45.21 1.50
C ILE H 160 -28.71 -45.00 3.01
N GLY H 161 -27.48 -45.09 3.50
CA GLY H 161 -27.14 -45.00 4.93
C GLY H 161 -26.82 -46.35 5.53
N ASP H 162 -27.35 -47.45 4.98
CA ASP H 162 -27.04 -48.85 5.39
C ASP H 162 -25.53 -49.10 5.20
N SER H 163 -24.89 -49.74 6.18
CA SER H 163 -23.45 -50.12 6.16
C SER H 163 -23.28 -51.42 5.39
N HIS H 164 -22.18 -51.51 4.63
CA HIS H 164 -21.72 -52.73 3.91
C HIS H 164 -20.19 -52.82 4.06
N MET H 165 -19.75 -53.41 5.17
CA MET H 165 -18.35 -53.39 5.67
C MET H 165 -17.47 -54.24 4.75
N GLY H 166 -16.63 -53.59 3.94
CA GLY H 166 -15.65 -54.22 3.03
C GLY H 166 -16.27 -55.19 2.03
N LEU H 167 -17.51 -54.97 1.61
CA LEU H 167 -18.24 -55.88 0.69
C LEU H 167 -17.73 -55.72 -0.76
N ALA H 168 -17.56 -54.48 -1.23
CA ALA H 168 -16.98 -54.15 -2.56
C ALA H 168 -15.55 -54.68 -2.65
N ALA H 169 -14.75 -54.45 -1.61
CA ALA H 169 -13.35 -54.93 -1.50
C ALA H 169 -13.29 -56.46 -1.54
N ARG H 170 -14.31 -57.14 -1.00
CA ARG H 170 -14.39 -58.63 -0.99
C ARG H 170 -14.76 -59.15 -2.38
N MET H 171 -15.71 -58.47 -3.04
CA MET H 171 -16.13 -58.76 -4.43
C MET H 171 -14.94 -58.62 -5.40
N MET H 172 -14.09 -57.62 -5.20
CA MET H 172 -12.94 -57.36 -6.09
C MET H 172 -11.85 -58.41 -5.88
N SER H 173 -11.55 -58.72 -4.62
CA SER H 173 -10.58 -59.75 -4.20
C SER H 173 -10.96 -61.11 -4.81
N GLN H 174 -12.25 -61.43 -4.84
CA GLN H 174 -12.77 -62.69 -5.43
C GLN H 174 -12.69 -62.65 -6.95
N ALA H 175 -12.94 -61.50 -7.58
CA ALA H 175 -12.91 -61.34 -9.05
C ALA H 175 -11.49 -61.54 -9.60
N MET H 176 -10.48 -60.99 -8.92
CA MET H 176 -9.06 -61.03 -9.36
C MET H 176 -8.58 -62.49 -9.46
N ARG H 177 -8.75 -63.25 -8.38
CA ARG H 177 -8.52 -64.72 -8.27
C ARG H 177 -9.05 -65.46 -9.52
N LYS H 178 -10.32 -65.25 -9.84
CA LYS H 178 -11.04 -65.93 -10.95
C LYS H 178 -10.49 -65.47 -12.31
N LEU H 179 -10.16 -64.19 -12.48
CA LEU H 179 -9.87 -63.56 -13.80
C LEU H 179 -8.43 -63.82 -14.26
N ALA H 180 -7.44 -63.66 -13.37
CA ALA H 180 -6.00 -63.60 -13.71
C ALA H 180 -5.62 -64.77 -14.62
N GLY H 181 -6.03 -65.99 -14.26
CA GLY H 181 -5.76 -67.24 -15.00
C GLY H 181 -6.46 -67.27 -16.35
N ASN H 182 -7.74 -66.89 -16.40
CA ASN H 182 -8.56 -66.89 -17.65
C ASN H 182 -8.02 -65.83 -18.64
N LEU H 183 -7.54 -64.68 -18.17
CA LEU H 183 -6.98 -63.61 -19.05
C LEU H 183 -5.68 -64.11 -19.69
N LYS H 184 -4.83 -64.80 -18.93
CA LYS H 184 -3.51 -65.26 -19.42
C LYS H 184 -3.69 -66.28 -20.56
N GLN H 185 -4.58 -67.26 -20.42
CA GLN H 185 -4.70 -68.36 -21.42
C GLN H 185 -5.51 -67.91 -22.65
N SER H 186 -6.25 -66.79 -22.59
CA SER H 186 -6.92 -66.15 -23.76
C SER H 186 -6.05 -65.04 -24.37
N ASN H 187 -5.00 -64.61 -23.67
CA ASN H 187 -4.09 -63.50 -24.11
C ASN H 187 -4.88 -62.19 -24.21
N THR H 188 -5.82 -61.97 -23.28
CA THR H 188 -6.74 -60.79 -23.23
C THR H 188 -6.20 -59.73 -22.26
N LEU H 189 -6.20 -58.46 -22.66
CA LEU H 189 -5.80 -57.31 -21.79
C LEU H 189 -7.05 -56.76 -21.08
N LEU H 190 -7.03 -56.69 -19.75
CA LEU H 190 -8.12 -56.06 -18.94
C LEU H 190 -7.60 -54.75 -18.34
N ILE H 191 -8.23 -53.62 -18.66
CA ILE H 191 -7.88 -52.28 -18.07
C ILE H 191 -8.99 -51.89 -17.09
N PHE H 192 -8.63 -51.61 -15.84
CA PHE H 192 -9.51 -51.02 -14.80
C PHE H 192 -9.21 -49.52 -14.69
N ILE H 193 -10.21 -48.67 -14.83
CA ILE H 193 -10.13 -47.22 -14.47
C ILE H 193 -10.55 -47.08 -13.01
N ASN H 194 -9.82 -46.31 -12.22
CA ASN H 194 -10.19 -46.05 -10.80
C ASN H 194 -10.21 -44.55 -10.52
N GLN H 195 -11.03 -44.16 -9.55
CA GLN H 195 -11.11 -42.78 -9.00
C GLN H 195 -10.22 -42.69 -7.75
N ILE H 196 -9.96 -41.47 -7.32
CA ILE H 196 -9.15 -41.14 -6.11
C ILE H 196 -10.11 -40.73 -4.98
N ARG H 197 -9.87 -41.20 -3.76
CA ARG H 197 -10.54 -40.73 -2.52
C ARG H 197 -9.45 -40.29 -1.53
N MET H 198 -9.82 -39.47 -0.56
CA MET H 198 -8.93 -38.95 0.51
C MET H 198 -9.11 -39.85 1.73
N LYS H 199 -8.03 -40.22 2.42
CA LYS H 199 -8.10 -40.89 3.74
C LYS H 199 -7.94 -39.86 4.87
N ILE H 200 -8.70 -40.06 5.95
CA ILE H 200 -8.83 -39.13 7.11
C ILE H 200 -8.12 -39.78 8.29
N GLY H 201 -7.58 -38.97 9.21
CA GLY H 201 -6.73 -39.43 10.32
C GLY H 201 -5.35 -39.84 9.82
N VAL H 202 -4.76 -38.99 8.97
CA VAL H 202 -3.46 -39.23 8.29
C VAL H 202 -2.65 -37.92 8.31
N MET H 203 -1.32 -38.03 8.38
CA MET H 203 -0.36 -36.88 8.34
C MET H 203 0.94 -37.29 7.63
N PHE H 204 1.40 -38.53 7.83
CA PHE H 204 2.49 -39.18 7.04
C PHE H 204 2.01 -39.43 5.60
N GLY H 205 2.97 -39.59 4.68
CA GLY H 205 2.76 -40.07 3.30
C GLY H 205 1.74 -39.25 2.52
N ASN H 206 1.09 -39.86 1.52
CA ASN H 206 0.00 -39.26 0.72
C ASN H 206 -1.33 -39.60 1.37
N PRO H 207 -2.24 -38.61 1.54
CA PRO H 207 -3.62 -38.88 1.95
C PRO H 207 -4.52 -39.41 0.81
N GLU H 208 -4.04 -39.40 -0.43
CA GLU H 208 -4.76 -39.96 -1.61
C GLU H 208 -4.73 -41.49 -1.57
N THR H 209 -5.90 -42.12 -1.75
CA THR H 209 -6.06 -43.58 -1.94
C THR H 209 -6.97 -43.78 -3.16
N THR H 210 -7.27 -45.04 -3.45
CA THR H 210 -8.00 -45.50 -4.65
C THR H 210 -9.12 -46.40 -4.12
N THR H 211 -10.26 -46.50 -4.80
CA THR H 211 -11.44 -47.27 -4.30
C THR H 211 -11.23 -48.77 -4.55
N GLY H 212 -12.02 -49.59 -3.85
CA GLY H 212 -12.22 -51.02 -4.16
C GLY H 212 -11.25 -51.96 -3.47
N GLY H 213 -10.51 -51.49 -2.46
CA GLY H 213 -9.67 -52.36 -1.62
C GLY H 213 -8.28 -52.56 -2.19
N ASN H 214 -7.55 -53.54 -1.68
CA ASN H 214 -6.09 -53.70 -1.87
C ASN H 214 -5.77 -54.77 -2.93
N ALA H 215 -6.74 -55.60 -3.34
CA ALA H 215 -6.47 -56.74 -4.24
C ALA H 215 -5.87 -56.27 -5.57
N LEU H 216 -6.43 -55.23 -6.17
CA LEU H 216 -6.06 -54.75 -7.53
C LEU H 216 -4.60 -54.28 -7.59
N LYS H 217 -4.09 -53.63 -6.53
CA LYS H 217 -2.68 -53.17 -6.44
C LYS H 217 -1.69 -54.34 -6.57
N PHE H 218 -2.03 -55.51 -6.00
CA PHE H 218 -1.18 -56.73 -6.08
C PHE H 218 -1.26 -57.35 -7.48
N TYR H 219 -2.46 -57.56 -8.02
CA TYR H 219 -2.64 -58.36 -9.27
C TYR H 219 -2.25 -57.58 -10.52
N ALA H 220 -2.32 -56.24 -10.50
CA ALA H 220 -2.01 -55.37 -11.65
C ALA H 220 -0.54 -55.55 -12.07
N SER H 221 -0.27 -55.65 -13.37
CA SER H 221 1.11 -55.70 -13.92
C SER H 221 1.63 -54.28 -14.16
N VAL H 222 0.74 -53.35 -14.49
CA VAL H 222 1.08 -51.91 -14.66
C VAL H 222 0.05 -51.07 -13.92
N ARG H 223 0.49 -50.04 -13.20
CA ARG H 223 -0.39 -49.01 -12.60
C ARG H 223 0.07 -47.64 -13.10
N LEU H 224 -0.87 -46.83 -13.55
CA LEU H 224 -0.65 -45.53 -14.24
C LEU H 224 -1.39 -44.44 -13.46
N ASP H 225 -0.69 -43.39 -13.07
CA ASP H 225 -1.25 -42.20 -12.37
C ASP H 225 -1.30 -41.06 -13.39
N ILE H 226 -2.49 -40.64 -13.83
CA ILE H 226 -2.64 -39.58 -14.86
C ILE H 226 -3.13 -38.29 -14.19
N ARG H 227 -2.60 -37.15 -14.61
CA ARG H 227 -2.91 -35.81 -14.05
C ARG H 227 -2.87 -34.76 -15.14
N ARG H 228 -3.79 -33.80 -15.04
CA ARG H 228 -3.80 -32.56 -15.83
C ARG H 228 -2.90 -31.54 -15.14
N ILE H 229 -1.84 -31.10 -15.82
CA ILE H 229 -0.84 -30.13 -15.26
C ILE H 229 -1.03 -28.72 -15.85
N GLY H 230 -1.89 -28.52 -16.86
CA GLY H 230 -2.10 -27.18 -17.42
C GLY H 230 -3.03 -27.14 -18.62
N ALA H 231 -3.25 -25.95 -19.16
CA ALA H 231 -4.13 -25.68 -20.31
C ALA H 231 -3.30 -25.50 -21.58
N VAL H 232 -3.88 -25.86 -22.73
CA VAL H 232 -3.36 -25.59 -24.09
C VAL H 232 -4.25 -24.52 -24.70
N LYS H 233 -3.73 -23.31 -24.89
CA LYS H 233 -4.51 -22.12 -25.32
C LYS H 233 -4.19 -21.77 -26.78
N GLU H 234 -5.20 -21.30 -27.52
CA GLU H 234 -5.08 -20.58 -28.83
C GLU H 234 -5.30 -19.09 -28.55
N GLY H 235 -4.35 -18.48 -27.81
CA GLY H 235 -4.45 -17.08 -27.33
C GLY H 235 -5.43 -16.95 -26.18
N GLU H 236 -6.73 -17.00 -26.49
CA GLU H 236 -7.86 -16.82 -25.52
C GLU H 236 -8.53 -18.17 -25.23
N ASN H 237 -9.01 -18.83 -26.29
CA ASN H 237 -9.71 -20.14 -26.25
C ASN H 237 -8.82 -21.21 -25.64
N VAL H 238 -9.36 -21.98 -24.68
CA VAL H 238 -8.75 -23.24 -24.17
C VAL H 238 -9.14 -24.35 -25.15
N VAL H 239 -8.16 -25.01 -25.78
CA VAL H 239 -8.39 -25.97 -26.88
C VAL H 239 -8.01 -27.40 -26.43
N GLY H 240 -7.42 -27.54 -25.24
CA GLY H 240 -6.97 -28.86 -24.76
C GLY H 240 -6.26 -28.80 -23.42
N SER H 241 -5.73 -29.93 -22.99
CA SER H 241 -5.13 -30.17 -21.65
C SER H 241 -3.69 -30.66 -21.81
N GLU H 242 -2.81 -30.12 -20.98
CA GLU H 242 -1.40 -30.59 -20.81
C GLU H 242 -1.43 -31.67 -19.73
N THR H 243 -0.91 -32.87 -20.03
CA THR H 243 -1.15 -34.13 -19.29
C THR H 243 0.18 -34.80 -18.90
N ARG H 244 0.32 -35.28 -17.66
CA ARG H 244 1.47 -36.08 -17.18
C ARG H 244 1.01 -37.46 -16.70
N VAL H 245 1.63 -38.53 -17.20
CA VAL H 245 1.39 -39.93 -16.74
C VAL H 245 2.64 -40.44 -16.03
N LYS H 246 2.52 -40.92 -14.79
CA LYS H 246 3.61 -41.57 -14.03
C LYS H 246 3.37 -43.08 -13.98
N VAL H 247 4.40 -43.87 -14.30
CA VAL H 247 4.34 -45.35 -14.13
C VAL H 247 4.71 -45.68 -12.69
N VAL H 248 3.70 -45.97 -11.88
CA VAL H 248 3.77 -46.11 -10.40
C VAL H 248 4.10 -47.56 -10.03
N LYS H 249 3.73 -48.51 -10.88
CA LYS H 249 4.09 -49.94 -10.75
C LYS H 249 4.34 -50.50 -12.16
N ASN H 250 5.34 -51.36 -12.31
CA ASN H 250 5.69 -51.98 -13.61
C ASN H 250 6.37 -53.32 -13.32
N LYS H 251 5.86 -54.41 -13.89
CA LYS H 251 6.37 -55.80 -13.73
C LYS H 251 7.02 -56.30 -15.02
N ILE H 252 7.00 -55.52 -16.10
CA ILE H 252 7.54 -55.93 -17.44
C ILE H 252 8.77 -55.08 -17.83
N ALA H 253 9.08 -54.05 -17.04
CA ALA H 253 10.24 -53.14 -17.22
C ALA H 253 10.40 -52.28 -15.96
N ALA H 254 11.39 -51.39 -15.92
CA ALA H 254 11.69 -50.54 -14.75
C ALA H 254 10.54 -49.54 -14.56
N PRO H 255 10.08 -49.30 -13.31
CA PRO H 255 9.07 -48.27 -13.05
C PRO H 255 9.62 -46.86 -12.77
N PHE H 256 8.71 -45.93 -12.49
CA PHE H 256 8.93 -44.55 -12.00
C PHE H 256 9.39 -43.61 -13.13
N LYS H 257 9.30 -44.05 -14.39
CA LYS H 257 9.42 -43.14 -15.56
C LYS H 257 8.11 -42.39 -15.74
N GLN H 258 8.15 -41.25 -16.43
CA GLN H 258 6.95 -40.42 -16.68
C GLN H 258 6.91 -39.99 -18.14
N ALA H 259 5.74 -39.51 -18.57
CA ALA H 259 5.42 -39.10 -19.96
C ALA H 259 4.57 -37.84 -19.90
N GLU H 260 4.87 -36.86 -20.75
CA GLU H 260 4.08 -35.62 -20.94
C GLU H 260 3.57 -35.60 -22.37
N PHE H 261 2.32 -35.16 -22.56
CA PHE H 261 1.68 -35.01 -23.89
C PHE H 261 0.45 -34.13 -23.74
N GLN H 262 -0.17 -33.78 -24.86
CA GLN H 262 -1.35 -32.88 -24.95
C GLN H 262 -2.58 -33.70 -25.35
N ILE H 263 -3.71 -33.46 -24.70
CA ILE H 263 -5.04 -33.96 -25.14
C ILE H 263 -5.78 -32.76 -25.74
N LEU H 264 -6.08 -32.80 -27.03
CA LEU H 264 -6.83 -31.71 -27.73
C LEU H 264 -8.30 -32.14 -27.83
N TYR H 265 -9.22 -31.30 -27.37
CA TYR H 265 -10.67 -31.61 -27.30
C TYR H 265 -11.17 -31.86 -28.73
N GLY H 266 -11.68 -33.07 -28.98
CA GLY H 266 -12.29 -33.48 -30.26
C GLY H 266 -11.35 -34.27 -31.16
N GLU H 267 -10.07 -34.42 -30.76
CA GLU H 267 -9.01 -35.11 -31.55
C GLU H 267 -8.34 -36.21 -30.70
N GLY H 268 -8.01 -35.89 -29.45
CA GLY H 268 -7.36 -36.82 -28.49
C GLY H 268 -5.89 -36.49 -28.32
N ILE H 269 -5.03 -37.51 -28.27
CA ILE H 269 -3.59 -37.35 -28.00
C ILE H 269 -2.91 -36.76 -29.24
N ASN H 270 -2.15 -35.68 -29.05
CA ASN H 270 -1.40 -34.94 -30.10
C ASN H 270 -0.11 -35.72 -30.41
N PHE H 271 -0.17 -36.62 -31.38
CA PHE H 271 0.95 -37.50 -31.78
C PHE H 271 2.14 -36.68 -32.31
N TYR H 272 1.88 -35.70 -33.17
CA TYR H 272 2.90 -34.85 -33.82
C TYR H 272 3.60 -33.94 -32.80
N GLY H 273 2.85 -33.43 -31.81
CA GLY H 273 3.39 -32.66 -30.68
C GLY H 273 4.43 -33.46 -29.91
N GLU H 274 4.19 -34.76 -29.70
CA GLU H 274 5.15 -35.69 -29.05
C GLU H 274 6.37 -35.86 -29.96
N LEU H 275 6.14 -36.07 -31.25
CA LEU H 275 7.18 -36.39 -32.27
C LEU H 275 8.17 -35.24 -32.40
N VAL H 276 7.71 -33.99 -32.26
CA VAL H 276 8.58 -32.78 -32.16
C VAL H 276 9.49 -32.94 -30.93
N ASP H 277 8.88 -32.98 -29.74
CA ASP H 277 9.58 -32.99 -28.42
C ASP H 277 10.60 -34.14 -28.35
N LEU H 278 10.30 -35.30 -28.95
CA LEU H 278 11.21 -36.49 -28.96
C LEU H 278 12.31 -36.29 -30.01
N GLY H 279 11.97 -35.71 -31.17
CA GLY H 279 12.94 -35.34 -32.23
C GLY H 279 13.98 -34.34 -31.74
N VAL H 280 13.55 -33.35 -30.95
CA VAL H 280 14.42 -32.32 -30.31
C VAL H 280 15.36 -33.01 -29.32
N LYS H 281 14.81 -33.88 -28.47
CA LYS H 281 15.54 -34.58 -27.38
C LYS H 281 16.65 -35.48 -27.96
N GLU H 282 16.44 -36.04 -29.16
CA GLU H 282 17.37 -37.00 -29.83
C GLU H 282 18.20 -36.31 -30.93
N LYS H 283 18.22 -34.97 -30.96
CA LYS H 283 19.07 -34.13 -31.86
C LYS H 283 18.76 -34.37 -33.35
N LEU H 284 17.54 -34.81 -33.68
CA LEU H 284 17.08 -34.95 -35.09
C LEU H 284 16.33 -33.68 -35.49
N ILE H 285 15.99 -32.81 -34.54
CA ILE H 285 15.38 -31.47 -34.77
C ILE H 285 16.17 -30.44 -33.95
N GLU H 286 16.62 -29.37 -34.60
CA GLU H 286 17.40 -28.27 -33.96
C GLU H 286 16.43 -27.17 -33.51
N LYS H 287 16.52 -26.74 -32.25
CA LYS H 287 15.70 -25.65 -31.67
C LYS H 287 16.57 -24.41 -31.46
N ALA H 288 16.56 -23.49 -32.42
CA ALA H 288 17.31 -22.20 -32.41
C ALA H 288 16.45 -21.13 -31.72
N GLY H 289 16.37 -21.16 -30.39
CA GLY H 289 15.56 -20.26 -29.57
C GLY H 289 14.09 -20.66 -29.56
N ALA H 290 13.25 -19.98 -30.35
CA ALA H 290 11.83 -20.30 -30.59
C ALA H 290 11.61 -20.83 -32.02
N TRP H 291 12.70 -21.00 -32.79
CA TRP H 291 12.67 -21.56 -34.18
C TRP H 291 12.97 -23.06 -34.13
N TYR H 292 12.13 -23.87 -34.77
CA TYR H 292 12.36 -25.32 -35.04
C TYR H 292 12.89 -25.46 -36.47
N SER H 293 14.00 -26.18 -36.64
CA SER H 293 14.69 -26.42 -37.93
C SER H 293 15.06 -27.90 -38.07
N TYR H 294 14.78 -28.49 -39.24
CA TYR H 294 15.11 -29.90 -39.59
C TYR H 294 16.14 -29.92 -40.73
N LYS H 295 17.35 -30.44 -40.45
CA LYS H 295 18.46 -30.64 -41.43
C LYS H 295 18.83 -29.31 -42.11
N GLY H 296 18.72 -28.19 -41.38
CA GLY H 296 18.95 -26.84 -41.91
C GLY H 296 17.66 -26.14 -42.32
N GLU H 297 16.76 -26.87 -43.00
CA GLU H 297 15.42 -26.39 -43.45
C GLU H 297 14.63 -25.93 -42.21
N LYS H 298 14.30 -24.63 -42.14
CA LYS H 298 13.56 -24.03 -41.00
C LYS H 298 12.06 -24.35 -41.15
N ILE H 299 11.52 -25.18 -40.26
CA ILE H 299 10.19 -25.85 -40.41
C ILE H 299 9.08 -24.98 -39.80
N GLY H 300 9.35 -24.26 -38.71
CA GLY H 300 8.34 -23.43 -38.02
C GLY H 300 8.96 -22.54 -36.96
N GLN H 301 8.10 -21.76 -36.29
CA GLN H 301 8.47 -20.83 -35.17
C GLN H 301 7.40 -20.94 -34.08
N GLY H 302 7.78 -21.46 -32.91
CA GLY H 302 6.85 -21.92 -31.87
C GLY H 302 6.40 -23.35 -32.14
N LYS H 303 5.95 -24.06 -31.10
CA LYS H 303 5.69 -25.52 -31.11
C LYS H 303 4.53 -25.85 -32.06
N ALA H 304 3.42 -25.11 -31.98
CA ALA H 304 2.17 -25.34 -32.73
C ALA H 304 2.39 -25.21 -34.25
N ASN H 305 3.23 -24.26 -34.67
CA ASN H 305 3.59 -24.03 -36.10
C ASN H 305 4.46 -25.18 -36.61
N ALA H 306 5.46 -25.59 -35.82
CA ALA H 306 6.37 -26.72 -36.11
C ALA H 306 5.57 -28.02 -36.21
N THR H 307 4.54 -28.18 -35.37
CA THR H 307 3.59 -29.32 -35.37
C THR H 307 2.74 -29.29 -36.66
N ALA H 308 2.24 -28.10 -37.02
CA ALA H 308 1.42 -27.85 -38.24
C ALA H 308 2.25 -28.19 -39.49
N TRP H 309 3.55 -27.88 -39.48
CA TRP H 309 4.50 -28.21 -40.58
C TRP H 309 4.62 -29.73 -40.73
N LEU H 310 4.86 -30.45 -39.63
CA LEU H 310 5.00 -31.94 -39.60
C LEU H 310 3.72 -32.59 -40.14
N LYS H 311 2.56 -32.01 -39.83
CA LYS H 311 1.22 -32.48 -40.30
C LYS H 311 1.16 -32.39 -41.83
N ASP H 312 1.67 -31.29 -42.40
CA ASP H 312 1.68 -31.01 -43.86
C ASP H 312 2.64 -31.96 -44.61
N ASN H 313 3.69 -32.47 -43.94
CA ASN H 313 4.78 -33.30 -44.55
C ASN H 313 4.76 -34.70 -43.94
N PRO H 314 3.89 -35.63 -44.42
CA PRO H 314 3.82 -36.98 -43.85
C PRO H 314 5.12 -37.81 -43.95
N GLU H 315 5.88 -37.64 -45.04
CA GLU H 315 7.13 -38.39 -45.35
C GLU H 315 8.21 -38.06 -44.32
N THR H 316 8.40 -36.77 -44.05
CA THR H 316 9.40 -36.22 -43.09
C THR H 316 9.05 -36.68 -41.66
N ALA H 317 7.76 -36.64 -41.31
CA ALA H 317 7.20 -37.10 -40.01
C ALA H 317 7.42 -38.61 -39.85
N LYS H 318 7.16 -39.40 -40.91
CA LYS H 318 7.40 -40.88 -40.94
C LYS H 318 8.88 -41.17 -40.65
N GLU H 319 9.78 -40.39 -41.25
CA GLU H 319 11.26 -40.56 -41.16
C GLU H 319 11.71 -40.31 -39.72
N ILE H 320 11.25 -39.22 -39.09
CA ILE H 320 11.63 -38.84 -37.70
C ILE H 320 11.08 -39.89 -36.73
N GLU H 321 9.86 -40.38 -36.96
CA GLU H 321 9.21 -41.45 -36.15
C GLU H 321 10.11 -42.70 -36.16
N LYS H 322 10.45 -43.18 -37.35
CA LYS H 322 11.30 -44.37 -37.59
C LYS H 322 12.58 -44.31 -36.74
N LYS H 323 13.23 -43.14 -36.71
CA LYS H 323 14.56 -42.95 -36.05
C LYS H 323 14.38 -42.94 -34.53
N VAL H 324 13.41 -42.16 -34.02
CA VAL H 324 13.04 -42.07 -32.58
C VAL H 324 12.70 -43.49 -32.08
N ARG H 325 11.93 -44.24 -32.87
CA ARG H 325 11.48 -45.63 -32.54
C ARG H 325 12.72 -46.53 -32.36
N GLU H 326 13.61 -46.57 -33.35
CA GLU H 326 14.85 -47.40 -33.34
C GLU H 326 15.73 -47.05 -32.14
N LEU H 327 15.91 -45.75 -31.86
CA LEU H 327 16.86 -45.23 -30.84
C LEU H 327 16.35 -45.52 -29.42
N LEU H 328 15.14 -45.04 -29.10
CA LEU H 328 14.66 -44.89 -27.69
C LEU H 328 13.99 -46.17 -27.18
N LEU H 329 13.25 -46.89 -28.03
CA LEU H 329 12.54 -48.14 -27.62
C LEU H 329 13.56 -49.22 -27.28
N SER H 330 13.52 -49.73 -26.03
CA SER H 330 14.48 -50.70 -25.44
C SER H 330 14.39 -52.07 -26.14
N ASN H 331 13.24 -52.39 -26.74
CA ASN H 331 12.94 -53.71 -27.36
C ASN H 331 12.44 -53.51 -28.79
N PRO H 332 13.31 -53.19 -29.78
CA PRO H 332 12.92 -53.26 -31.19
C PRO H 332 12.47 -54.66 -31.60
N ASN H 333 11.16 -54.82 -31.91
CA ASN H 333 10.50 -56.10 -32.24
C ASN H 333 9.91 -56.00 -33.66
N SER H 334 10.39 -56.85 -34.58
CA SER H 334 9.92 -56.92 -35.99
C SER H 334 10.27 -58.30 -36.58
N SER I 35 20.16 -86.76 10.37
CA SER I 35 18.86 -86.77 9.61
C SER I 35 18.04 -85.50 9.89
N MET I 36 17.89 -85.13 11.17
CA MET I 36 17.20 -83.89 11.63
C MET I 36 18.21 -82.76 11.87
N ASP I 37 19.40 -82.82 11.25
CA ASP I 37 20.44 -81.77 11.30
C ASP I 37 20.07 -80.67 10.30
N VAL I 38 20.04 -79.41 10.75
CA VAL I 38 19.49 -78.26 9.97
C VAL I 38 20.54 -77.83 8.93
N GLU I 39 20.32 -78.25 7.67
CA GLU I 39 21.01 -77.75 6.45
C GLU I 39 20.40 -76.41 6.05
N THR I 40 21.20 -75.47 5.53
CA THR I 40 20.74 -74.15 5.04
C THR I 40 21.27 -73.87 3.62
N ILE I 41 20.56 -73.01 2.87
CA ILE I 41 21.01 -72.44 1.57
C ILE I 41 20.87 -70.90 1.62
N SER I 42 21.69 -70.21 0.83
CA SER I 42 21.83 -68.73 0.81
C SER I 42 20.55 -68.07 0.27
N THR I 43 20.25 -66.86 0.76
CA THR I 43 19.12 -66.00 0.30
C THR I 43 19.55 -65.10 -0.85
N GLY I 44 20.87 -65.03 -1.14
CA GLY I 44 21.47 -64.07 -2.08
C GLY I 44 21.87 -62.76 -1.40
N SER I 45 21.38 -62.52 -0.18
CA SER I 45 21.69 -61.36 0.69
C SER I 45 22.51 -61.85 1.89
N LEU I 46 23.67 -61.23 2.15
CA LEU I 46 24.58 -61.60 3.26
C LEU I 46 23.99 -61.11 4.60
N SER I 47 23.37 -59.93 4.62
CA SER I 47 22.76 -59.32 5.84
C SER I 47 21.56 -60.17 6.32
N LEU I 48 20.78 -60.74 5.40
CA LEU I 48 19.59 -61.59 5.71
C LEU I 48 20.05 -62.99 6.15
N ASP I 49 21.16 -63.50 5.61
CA ASP I 49 21.79 -64.79 6.03
C ASP I 49 22.27 -64.67 7.50
N ILE I 50 22.74 -63.49 7.91
CA ILE I 50 23.16 -63.18 9.32
C ILE I 50 21.93 -63.09 10.21
N ALA I 51 20.89 -62.35 9.78
CA ALA I 51 19.63 -62.10 10.53
C ALA I 51 18.86 -63.39 10.80
N LEU I 52 19.04 -64.43 9.98
CA LEU I 52 18.40 -65.77 10.14
C LEU I 52 19.20 -66.65 11.11
N GLY I 53 20.45 -66.28 11.44
CA GLY I 53 21.26 -66.93 12.50
C GLY I 53 22.05 -68.12 11.99
N ALA I 54 21.39 -69.07 11.32
CA ALA I 54 21.97 -70.36 10.88
C ALA I 54 22.60 -70.26 9.49
N GLY I 55 22.65 -69.06 8.90
CA GLY I 55 23.35 -68.78 7.63
C GLY I 55 22.48 -69.02 6.40
N GLY I 56 21.14 -68.98 6.55
CA GLY I 56 20.18 -69.03 5.43
C GLY I 56 18.88 -69.73 5.79
N LEU I 57 18.21 -70.31 4.78
CA LEU I 57 16.86 -70.91 4.89
C LEU I 57 16.96 -72.42 5.07
N PRO I 58 16.16 -73.02 5.97
CA PRO I 58 16.31 -74.44 6.30
C PRO I 58 15.72 -75.39 5.24
N MET I 59 16.48 -76.41 4.84
CA MET I 59 16.03 -77.46 3.89
C MET I 59 15.09 -78.43 4.61
N GLY I 60 14.05 -78.92 3.92
CA GLY I 60 13.05 -79.85 4.45
C GLY I 60 11.92 -79.17 5.21
N ARG I 61 11.85 -77.82 5.16
CA ARG I 61 10.88 -77.00 5.93
C ARG I 61 10.02 -76.15 5.00
N ILE I 62 8.98 -75.54 5.57
CA ILE I 62 8.09 -74.53 4.91
C ILE I 62 8.55 -73.15 5.35
N VAL I 63 8.67 -72.21 4.40
CA VAL I 63 8.98 -70.76 4.65
C VAL I 63 7.80 -69.94 4.10
N GLU I 64 7.45 -68.84 4.78
CA GLU I 64 6.48 -67.82 4.31
C GLU I 64 7.22 -66.49 4.15
N ILE I 65 7.05 -65.83 3.00
CA ILE I 65 7.53 -64.44 2.73
C ILE I 65 6.28 -63.61 2.37
N TYR I 66 5.96 -62.59 3.15
CA TYR I 66 4.77 -61.72 2.96
C TYR I 66 5.19 -60.25 2.99
N GLY I 67 4.37 -59.38 2.42
CA GLY I 67 4.66 -57.93 2.38
C GLY I 67 3.60 -57.14 1.61
N PRO I 68 3.72 -55.79 1.57
CA PRO I 68 2.88 -54.97 0.69
C PRO I 68 3.27 -55.11 -0.78
N GLU I 69 2.56 -54.40 -1.67
CA GLU I 69 2.75 -54.49 -3.14
C GLU I 69 4.09 -53.84 -3.53
N SER I 70 4.83 -54.50 -4.44
CA SER I 70 6.12 -54.02 -5.02
C SER I 70 7.20 -53.89 -3.93
N SER I 71 7.22 -54.80 -2.96
CA SER I 71 8.16 -54.82 -1.81
C SER I 71 9.41 -55.66 -2.13
N GLY I 72 9.35 -56.54 -3.13
CA GLY I 72 10.49 -57.36 -3.61
C GLY I 72 10.37 -58.83 -3.29
N LYS I 73 9.14 -59.34 -3.10
CA LYS I 73 8.86 -60.75 -2.67
C LYS I 73 9.32 -61.73 -3.75
N THR I 74 8.93 -61.52 -5.01
CA THR I 74 9.27 -62.37 -6.18
C THR I 74 10.78 -62.28 -6.45
N THR I 75 11.35 -61.07 -6.46
CA THR I 75 12.80 -60.81 -6.69
C THR I 75 13.63 -61.64 -5.69
N LEU I 76 13.27 -61.59 -4.41
CA LEU I 76 13.99 -62.33 -3.32
C LEU I 76 13.97 -63.84 -3.60
N THR I 77 12.81 -64.40 -3.95
CA THR I 77 12.62 -65.86 -4.24
C THR I 77 13.46 -66.30 -5.45
N LEU I 78 13.57 -65.45 -6.48
CA LEU I 78 14.33 -65.76 -7.72
C LEU I 78 15.83 -65.76 -7.43
N GLN I 79 16.30 -64.89 -6.52
CA GLN I 79 17.71 -64.80 -6.06
C GLN I 79 18.07 -66.07 -5.27
N VAL I 80 17.13 -66.60 -4.48
CA VAL I 80 17.28 -67.89 -3.73
C VAL I 80 17.48 -69.03 -4.75
N ILE I 81 16.60 -69.10 -5.76
CA ILE I 81 16.64 -70.12 -6.86
C ILE I 81 17.98 -70.02 -7.59
N ALA I 82 18.44 -68.79 -7.89
CA ALA I 82 19.69 -68.51 -8.64
C ALA I 82 20.89 -69.07 -7.87
N ALA I 83 20.98 -68.76 -6.57
CA ALA I 83 22.04 -69.23 -5.64
C ALA I 83 22.02 -70.75 -5.52
N ALA I 84 20.82 -71.36 -5.49
CA ALA I 84 20.62 -72.82 -5.38
C ALA I 84 21.09 -73.53 -6.66
N GLN I 85 20.73 -72.99 -7.84
CA GLN I 85 21.08 -73.55 -9.17
C GLN I 85 22.61 -73.55 -9.37
N ARG I 86 23.31 -72.55 -8.83
CA ARG I 86 24.79 -72.42 -8.91
C ARG I 86 25.48 -73.54 -8.11
N GLU I 87 24.79 -74.19 -7.17
CA GLU I 87 25.28 -75.36 -6.37
C GLU I 87 24.72 -76.67 -6.93
N GLY I 88 24.22 -76.69 -8.17
CA GLY I 88 23.76 -77.89 -8.90
C GLY I 88 22.43 -78.45 -8.38
N LYS I 89 21.62 -77.62 -7.69
CA LYS I 89 20.29 -78.01 -7.16
C LYS I 89 19.22 -77.71 -8.21
N THR I 90 18.19 -78.58 -8.31
CA THR I 90 17.02 -78.44 -9.22
C THR I 90 15.93 -77.62 -8.51
N CYS I 91 15.29 -76.69 -9.23
CA CYS I 91 14.30 -75.74 -8.69
C CYS I 91 13.01 -75.74 -9.54
N ALA I 92 11.87 -75.45 -8.91
CA ALA I 92 10.54 -75.30 -9.55
C ALA I 92 9.86 -74.02 -9.08
N PHE I 93 9.03 -73.42 -9.94
CA PHE I 93 8.27 -72.17 -9.69
C PHE I 93 6.80 -72.39 -10.07
N ILE I 94 5.90 -72.33 -9.10
CA ILE I 94 4.41 -72.42 -9.31
C ILE I 94 3.84 -70.99 -9.32
N ASP I 95 3.56 -70.46 -10.52
CA ASP I 95 3.12 -69.05 -10.75
C ASP I 95 1.59 -69.01 -10.81
N ALA I 96 0.94 -68.99 -9.64
CA ALA I 96 -0.53 -68.89 -9.47
C ALA I 96 -1.02 -67.47 -9.81
N GLU I 97 -0.16 -66.46 -9.69
CA GLU I 97 -0.46 -65.02 -10.01
C GLU I 97 -0.57 -64.82 -11.53
N HIS I 98 0.09 -65.66 -12.34
CA HIS I 98 0.18 -65.57 -13.82
C HIS I 98 0.88 -64.26 -14.21
N ALA I 99 2.06 -64.00 -13.64
CA ALA I 99 2.78 -62.71 -13.77
C ALA I 99 4.29 -62.87 -13.55
N LEU I 100 4.90 -63.93 -14.11
CA LEU I 100 6.38 -64.11 -14.15
C LEU I 100 6.92 -63.66 -15.52
N ASP I 101 8.01 -62.88 -15.51
CA ASP I 101 8.76 -62.44 -16.72
C ASP I 101 10.03 -63.29 -16.82
N PRO I 102 10.14 -64.23 -17.80
CA PRO I 102 11.34 -65.06 -17.92
C PRO I 102 12.64 -64.29 -18.25
N ILE I 103 12.54 -63.13 -18.90
CA ILE I 103 13.73 -62.28 -19.25
C ILE I 103 14.28 -61.63 -17.98
N TYR I 104 13.42 -61.11 -17.09
CA TYR I 104 13.84 -60.51 -15.81
C TYR I 104 14.49 -61.58 -14.91
N ALA I 105 13.90 -62.78 -14.87
CA ALA I 105 14.44 -63.95 -14.15
C ALA I 105 15.87 -64.26 -14.62
N ARG I 106 16.13 -64.19 -15.94
CA ARG I 106 17.47 -64.42 -16.55
C ARG I 106 18.46 -63.34 -16.09
N LYS I 107 18.04 -62.08 -16.08
CA LYS I 107 18.87 -60.90 -15.66
C LYS I 107 19.33 -61.04 -14.20
N LEU I 108 18.51 -61.66 -13.35
CA LEU I 108 18.81 -61.86 -11.90
C LEU I 108 19.74 -63.07 -11.68
N GLY I 109 20.00 -63.87 -12.73
CA GLY I 109 21.00 -64.96 -12.73
C GLY I 109 20.38 -66.34 -12.61
N VAL I 110 19.10 -66.49 -12.94
CA VAL I 110 18.39 -67.80 -12.97
C VAL I 110 18.74 -68.49 -14.29
N ASP I 111 18.99 -69.80 -14.26
CA ASP I 111 19.08 -70.67 -15.46
C ASP I 111 17.65 -70.99 -15.92
N ILE I 112 17.18 -70.26 -16.94
CA ILE I 112 15.78 -70.33 -17.48
C ILE I 112 15.52 -71.71 -18.10
N ASP I 113 16.54 -72.33 -18.71
CA ASP I 113 16.43 -73.61 -19.45
C ASP I 113 16.22 -74.80 -18.50
N ASN I 114 16.60 -74.69 -17.23
CA ASN I 114 16.52 -75.79 -16.22
C ASN I 114 15.46 -75.50 -15.13
N LEU I 115 14.89 -74.30 -15.09
CA LEU I 115 13.87 -73.90 -14.08
C LEU I 115 12.50 -74.44 -14.52
N LEU I 116 11.95 -75.42 -13.77
CA LEU I 116 10.59 -75.98 -14.02
C LEU I 116 9.55 -74.93 -13.62
N CYS I 117 8.56 -74.68 -14.48
CA CYS I 117 7.49 -73.66 -14.26
C CYS I 117 6.11 -74.24 -14.59
N SER I 118 5.13 -74.00 -13.71
CA SER I 118 3.71 -74.36 -13.87
C SER I 118 2.85 -73.10 -13.65
N GLN I 119 1.83 -72.91 -14.49
CA GLN I 119 0.75 -71.90 -14.32
C GLN I 119 -0.57 -72.63 -14.12
N PRO I 120 -0.88 -73.10 -12.89
CA PRO I 120 -2.04 -73.97 -12.65
C PRO I 120 -3.36 -73.18 -12.61
N ASP I 121 -4.47 -73.88 -12.90
CA ASP I 121 -5.84 -73.30 -13.07
C ASP I 121 -6.52 -73.17 -11.71
N THR I 122 -6.29 -74.13 -10.79
CA THR I 122 -6.93 -74.20 -9.45
C THR I 122 -5.85 -74.31 -8.36
N GLY I 123 -6.24 -74.00 -7.12
CA GLY I 123 -5.41 -74.15 -5.91
C GLY I 123 -5.10 -75.61 -5.61
N GLU I 124 -6.06 -76.51 -5.89
CA GLU I 124 -5.92 -77.98 -5.67
C GLU I 124 -4.86 -78.55 -6.62
N GLN I 125 -4.89 -78.15 -7.89
CA GLN I 125 -3.91 -78.54 -8.94
C GLN I 125 -2.51 -78.08 -8.50
N ALA I 126 -2.38 -76.81 -8.09
CA ALA I 126 -1.11 -76.17 -7.66
C ALA I 126 -0.47 -76.95 -6.51
N LEU I 127 -1.27 -77.36 -5.52
CA LEU I 127 -0.79 -78.03 -4.28
C LEU I 127 -0.57 -79.53 -4.52
N GLU I 128 -1.27 -80.15 -5.48
CA GLU I 128 -1.03 -81.57 -5.89
C GLU I 128 0.27 -81.66 -6.69
N ILE I 129 0.61 -80.63 -7.49
CA ILE I 129 1.90 -80.54 -8.24
C ILE I 129 3.04 -80.40 -7.24
N CYS I 130 2.89 -79.54 -6.22
CA CYS I 130 3.87 -79.33 -5.11
C CYS I 130 4.16 -80.66 -4.39
N ASP I 131 3.11 -81.45 -4.10
CA ASP I 131 3.21 -82.73 -3.36
C ASP I 131 3.91 -83.79 -4.23
N ALA I 132 3.56 -83.87 -5.52
CA ALA I 132 4.13 -84.82 -6.50
C ALA I 132 5.63 -84.57 -6.72
N LEU I 133 6.04 -83.29 -6.78
CA LEU I 133 7.48 -82.89 -6.94
C LEU I 133 8.26 -83.17 -5.65
N ALA I 134 7.64 -82.99 -4.48
CA ALA I 134 8.24 -83.27 -3.15
C ALA I 134 8.49 -84.77 -2.99
N ARG I 135 7.52 -85.61 -3.33
CA ARG I 135 7.59 -87.10 -3.22
C ARG I 135 8.64 -87.67 -4.19
N SER I 136 8.84 -87.03 -5.36
CA SER I 136 9.77 -87.47 -6.43
C SER I 136 11.20 -87.63 -5.88
N GLY I 137 11.62 -86.72 -5.00
CA GLY I 137 12.96 -86.70 -4.38
C GLY I 137 14.01 -86.08 -5.29
N ALA I 138 13.60 -85.49 -6.42
CA ALA I 138 14.48 -84.96 -7.49
C ALA I 138 14.58 -83.43 -7.45
N VAL I 139 13.73 -82.75 -6.66
CA VAL I 139 13.64 -81.26 -6.58
C VAL I 139 14.08 -80.81 -5.18
N ASP I 140 14.83 -79.71 -5.12
CA ASP I 140 15.45 -79.16 -3.88
C ASP I 140 14.69 -77.91 -3.40
N VAL I 141 14.24 -77.04 -4.31
CA VAL I 141 13.51 -75.78 -3.98
C VAL I 141 12.22 -75.70 -4.81
N ILE I 142 11.10 -75.42 -4.15
CA ILE I 142 9.78 -75.10 -4.78
C ILE I 142 9.34 -73.73 -4.28
N VAL I 143 8.87 -72.86 -5.17
CA VAL I 143 8.31 -71.52 -4.84
C VAL I 143 6.86 -71.45 -5.35
N VAL I 144 5.92 -71.12 -4.47
CA VAL I 144 4.47 -70.89 -4.80
C VAL I 144 4.19 -69.39 -4.69
N ASP I 145 4.01 -68.71 -5.83
CA ASP I 145 3.81 -67.23 -5.87
C ASP I 145 2.32 -66.92 -5.62
N SER I 146 2.07 -66.27 -4.48
CA SER I 146 0.76 -65.85 -3.91
C SER I 146 -0.11 -67.07 -3.59
N VAL I 147 -0.20 -67.34 -2.29
CA VAL I 147 -1.28 -68.10 -1.60
C VAL I 147 -2.64 -67.43 -1.89
N ALA I 148 -2.65 -66.10 -2.03
CA ALA I 148 -3.86 -65.27 -2.32
C ALA I 148 -4.55 -65.73 -3.61
N ALA I 149 -3.78 -66.19 -4.60
CA ALA I 149 -4.26 -66.58 -5.95
C ALA I 149 -4.52 -68.09 -6.05
N LEU I 150 -4.41 -68.85 -4.96
CA LEU I 150 -4.76 -70.31 -4.92
C LEU I 150 -6.28 -70.43 -4.75
N THR I 151 -7.00 -70.35 -5.88
CA THR I 151 -8.49 -70.34 -5.93
C THR I 151 -8.99 -71.78 -5.88
N PRO I 152 -9.87 -72.16 -4.93
CA PRO I 152 -10.46 -73.51 -4.92
C PRO I 152 -11.35 -73.75 -6.15
N LYS I 153 -11.54 -75.02 -6.50
CA LYS I 153 -12.21 -75.45 -7.77
C LYS I 153 -13.68 -74.99 -7.78
N ALA I 154 -14.37 -75.10 -6.65
CA ALA I 154 -15.80 -74.70 -6.48
C ALA I 154 -15.99 -73.19 -6.68
N GLU I 155 -14.97 -72.38 -6.35
CA GLU I 155 -15.00 -70.90 -6.53
C GLU I 155 -14.79 -70.54 -8.01
N ILE I 156 -13.95 -71.29 -8.72
CA ILE I 156 -13.64 -71.12 -10.17
C ILE I 156 -14.89 -71.43 -11.00
N GLU I 157 -15.58 -72.54 -10.68
CA GLU I 157 -16.79 -73.02 -11.37
C GLU I 157 -17.99 -72.12 -11.05
N GLY I 158 -18.04 -71.55 -9.84
CA GLY I 158 -19.15 -70.69 -9.36
C GLY I 158 -19.14 -69.30 -9.98
N GLU I 159 -20.01 -68.43 -9.50
CA GLU I 159 -20.20 -67.04 -10.00
C GLU I 159 -19.57 -66.04 -9.02
N ILE I 160 -19.28 -64.82 -9.50
CA ILE I 160 -18.81 -63.67 -8.67
C ILE I 160 -20.00 -63.19 -7.83
N GLY I 161 -19.80 -63.08 -6.51
CA GLY I 161 -20.83 -62.76 -5.50
C GLY I 161 -21.15 -63.94 -4.59
N ASP I 162 -20.90 -65.17 -5.04
CA ASP I 162 -21.13 -66.44 -4.28
C ASP I 162 -20.15 -66.50 -3.09
N SER I 163 -20.64 -66.93 -1.92
CA SER I 163 -19.86 -67.08 -0.66
C SER I 163 -19.28 -68.51 -0.58
N HIS I 164 -17.99 -68.61 -0.27
CA HIS I 164 -17.24 -69.88 -0.02
C HIS I 164 -16.49 -69.74 1.31
N MET I 165 -17.23 -69.76 2.42
CA MET I 165 -16.75 -69.45 3.80
C MET I 165 -15.67 -70.44 4.23
N GLY I 166 -14.43 -69.94 4.40
CA GLY I 166 -13.26 -70.68 4.94
C GLY I 166 -12.85 -71.86 4.09
N LEU I 167 -13.19 -71.87 2.80
CA LEU I 167 -12.90 -73.00 1.86
C LEU I 167 -11.41 -72.98 1.48
N ALA I 168 -10.85 -71.80 1.20
CA ALA I 168 -9.41 -71.58 0.91
C ALA I 168 -8.57 -71.96 2.13
N ALA I 169 -9.01 -71.53 3.32
CA ALA I 169 -8.36 -71.83 4.63
C ALA I 169 -8.38 -73.34 4.90
N ARG I 170 -9.48 -74.04 4.54
CA ARG I 170 -9.67 -75.50 4.73
C ARG I 170 -8.69 -76.26 3.80
N MET I 171 -8.58 -75.81 2.55
CA MET I 171 -7.67 -76.38 1.52
C MET I 171 -6.21 -76.25 1.96
N MET I 172 -5.83 -75.09 2.50
CA MET I 172 -4.44 -74.82 2.99
C MET I 172 -4.15 -75.68 4.23
N SER I 173 -5.11 -75.77 5.17
CA SER I 173 -5.01 -76.56 6.43
C SER I 173 -4.79 -78.06 6.10
N GLN I 174 -5.46 -78.57 5.07
CA GLN I 174 -5.32 -79.97 4.58
C GLN I 174 -3.96 -80.17 3.89
N ALA I 175 -3.50 -79.20 3.11
CA ALA I 175 -2.25 -79.27 2.31
C ALA I 175 -1.03 -79.32 3.24
N MET I 176 -1.00 -78.48 4.28
CA MET I 176 0.12 -78.39 5.27
C MET I 176 0.37 -79.77 5.90
N ARG I 177 -0.69 -80.40 6.41
CA ARG I 177 -0.69 -81.79 6.98
C ARG I 177 0.01 -82.76 6.03
N LYS I 178 -0.43 -82.79 4.77
CA LYS I 178 0.04 -83.75 3.72
C LYS I 178 1.48 -83.45 3.32
N LEU I 179 1.88 -82.17 3.24
CA LEU I 179 3.17 -81.72 2.65
C LEU I 179 4.31 -81.86 3.67
N ALA I 180 4.12 -81.37 4.90
CA ALA I 180 5.17 -81.20 5.94
C ALA I 180 6.04 -82.45 6.06
N GLY I 181 5.43 -83.64 6.10
CA GLY I 181 6.12 -84.95 6.20
C GLY I 181 6.91 -85.28 4.95
N ASN I 182 6.30 -85.11 3.76
CA ASN I 182 6.90 -85.44 2.44
C ASN I 182 8.09 -84.52 2.12
N LEU I 183 8.05 -83.24 2.56
CA LEU I 183 9.15 -82.26 2.35
C LEU I 183 10.38 -82.65 3.19
N LYS I 184 10.16 -83.00 4.46
CA LYS I 184 11.21 -83.45 5.42
C LYS I 184 11.93 -84.68 4.84
N GLN I 185 11.14 -85.63 4.31
CA GLN I 185 11.59 -86.93 3.77
C GLN I 185 12.56 -86.74 2.60
N SER I 186 12.30 -85.74 1.74
CA SER I 186 13.05 -85.46 0.48
C SER I 186 14.13 -84.40 0.69
N ASN I 187 14.13 -83.70 1.84
CA ASN I 187 15.02 -82.54 2.14
C ASN I 187 14.70 -81.39 1.17
N THR I 188 13.43 -81.22 0.81
CA THR I 188 12.92 -80.20 -0.13
C THR I 188 12.48 -78.95 0.64
N LEU I 189 12.98 -77.76 0.24
CA LEU I 189 12.52 -76.45 0.77
C LEU I 189 11.29 -75.99 -0.02
N LEU I 190 10.22 -75.60 0.66
CA LEU I 190 9.00 -74.99 0.07
C LEU I 190 8.87 -73.54 0.56
N ILE I 191 8.83 -72.57 -0.35
CA ILE I 191 8.61 -71.12 -0.05
C ILE I 191 7.22 -70.72 -0.55
N PHE I 192 6.39 -70.19 0.34
CA PHE I 192 5.07 -69.58 0.05
C PHE I 192 5.20 -68.06 0.08
N ILE I 193 4.88 -67.38 -1.02
CA ILE I 193 4.67 -65.90 -1.03
C ILE I 193 3.22 -65.64 -0.61
N ASN I 194 2.98 -64.61 0.20
CA ASN I 194 1.61 -64.19 0.61
C ASN I 194 1.47 -62.68 0.46
N GLN I 195 0.22 -62.23 0.26
CA GLN I 195 -0.16 -60.79 0.15
C GLN I 195 -0.78 -60.34 1.48
N ILE I 196 -0.78 -59.03 1.73
CA ILE I 196 -1.37 -58.40 2.94
C ILE I 196 -2.81 -57.95 2.61
N ARG I 197 -3.76 -58.20 3.54
CA ARG I 197 -5.13 -57.63 3.54
C ARG I 197 -5.38 -56.96 4.90
N MET I 198 -6.45 -56.17 5.02
CA MET I 198 -6.84 -55.45 6.27
C MET I 198 -7.87 -56.29 7.03
N LYS I 199 -7.68 -56.47 8.34
CA LYS I 199 -8.77 -56.86 9.29
C LYS I 199 -9.46 -55.57 9.73
N ILE I 200 -10.80 -55.58 9.77
CA ILE I 200 -11.67 -54.37 9.78
C ILE I 200 -12.61 -54.47 10.99
N GLY I 201 -12.82 -53.35 11.69
CA GLY I 201 -13.50 -53.29 12.99
C GLY I 201 -12.58 -53.69 14.14
N VAL I 202 -11.30 -53.29 14.06
CA VAL I 202 -10.24 -53.62 15.05
C VAL I 202 -9.69 -52.30 15.64
N MET I 203 -9.52 -52.26 16.97
CA MET I 203 -8.94 -51.12 17.73
C MET I 203 -7.53 -51.45 18.21
N PHE I 204 -7.25 -52.75 18.45
CA PHE I 204 -5.98 -53.28 19.03
C PHE I 204 -5.02 -53.72 17.92
N GLY I 205 -3.75 -53.97 18.31
CA GLY I 205 -2.72 -54.63 17.48
C GLY I 205 -2.46 -53.91 16.17
N ASN I 206 -1.91 -54.64 15.18
CA ASN I 206 -1.80 -54.19 13.77
C ASN I 206 -3.08 -54.62 13.04
N PRO I 207 -3.65 -53.77 12.15
CA PRO I 207 -4.82 -54.16 11.37
C PRO I 207 -4.49 -54.95 10.09
N GLU I 208 -3.21 -55.23 9.84
CA GLU I 208 -2.71 -56.07 8.73
C GLU I 208 -2.95 -57.55 9.02
N THR I 209 -3.29 -58.31 7.98
CA THR I 209 -3.48 -59.79 7.98
C THR I 209 -2.70 -60.38 6.79
N THR I 210 -2.61 -61.71 6.71
CA THR I 210 -2.27 -62.47 5.49
C THR I 210 -3.48 -63.28 5.05
N THR I 211 -3.50 -63.71 3.79
CA THR I 211 -4.60 -64.50 3.16
C THR I 211 -4.33 -65.99 3.42
N GLY I 212 -5.38 -66.83 3.34
CA GLY I 212 -5.28 -68.30 3.33
C GLY I 212 -5.36 -68.96 4.70
N GLY I 213 -5.79 -68.22 5.73
CA GLY I 213 -6.09 -68.75 7.07
C GLY I 213 -4.89 -68.74 8.00
N ASN I 214 -4.89 -69.65 8.99
CA ASN I 214 -3.95 -69.65 10.14
C ASN I 214 -2.98 -70.84 10.09
N ALA I 215 -3.29 -71.91 9.35
CA ALA I 215 -2.50 -73.16 9.28
C ALA I 215 -1.04 -72.87 8.92
N LEU I 216 -0.81 -71.96 7.97
CA LEU I 216 0.54 -71.64 7.42
C LEU I 216 1.43 -71.01 8.51
N LYS I 217 0.88 -70.15 9.38
CA LYS I 217 1.60 -69.49 10.50
C LYS I 217 2.19 -70.55 11.45
N PHE I 218 1.47 -71.64 11.69
CA PHE I 218 1.86 -72.73 12.64
C PHE I 218 2.95 -73.61 12.01
N TYR I 219 2.72 -74.11 10.80
CA TYR I 219 3.59 -75.11 10.12
C TYR I 219 4.89 -74.48 9.59
N ALA I 220 4.93 -73.16 9.38
CA ALA I 220 6.12 -72.42 8.87
C ALA I 220 7.24 -72.46 9.92
N SER I 221 8.48 -72.74 9.47
CA SER I 221 9.71 -72.68 10.31
C SER I 221 10.25 -71.25 10.36
N VAL I 222 10.19 -70.53 9.24
CA VAL I 222 10.62 -69.11 9.10
C VAL I 222 9.46 -68.32 8.48
N ARG I 223 9.22 -67.10 8.96
CA ARG I 223 8.28 -66.13 8.37
C ARG I 223 8.99 -64.78 8.23
N LEU I 224 9.07 -64.24 7.00
CA LEU I 224 9.76 -62.96 6.68
C LEU I 224 8.73 -61.92 6.25
N ASP I 225 8.82 -60.72 6.82
CA ASP I 225 8.04 -59.51 6.46
C ASP I 225 8.98 -58.57 5.71
N ILE I 226 8.75 -58.35 4.41
CA ILE I 226 9.61 -57.51 3.52
C ILE I 226 8.86 -56.21 3.20
N ARG I 227 9.58 -55.08 3.18
CA ARG I 227 8.99 -53.72 3.00
C ARG I 227 9.98 -52.81 2.27
N ARG I 228 9.44 -51.99 1.35
CA ARG I 228 10.16 -50.91 0.63
C ARG I 228 10.13 -49.65 1.50
N ILE I 229 11.30 -49.19 1.97
CA ILE I 229 11.45 -48.08 2.95
C ILE I 229 11.92 -46.79 2.27
N GLY I 230 12.27 -46.83 0.97
CA GLY I 230 12.67 -45.63 0.21
C GLY I 230 13.29 -45.96 -1.15
N ALA I 231 13.66 -44.92 -1.90
CA ALA I 231 14.20 -44.99 -3.27
C ALA I 231 15.74 -44.91 -3.26
N VAL I 232 16.38 -45.58 -4.23
CA VAL I 232 17.83 -45.46 -4.58
C VAL I 232 17.90 -44.61 -5.85
N LYS I 233 18.47 -43.41 -5.78
CA LYS I 233 18.49 -42.42 -6.90
C LYS I 233 19.92 -42.22 -7.41
N GLU I 234 20.05 -41.97 -8.72
CA GLU I 234 21.28 -41.46 -9.39
C GLU I 234 21.03 -39.98 -9.75
N GLY I 235 20.82 -39.15 -8.73
CA GLY I 235 20.48 -37.72 -8.86
C GLY I 235 19.00 -37.52 -9.12
N GLU I 236 18.55 -37.84 -10.33
CA GLU I 236 17.15 -37.72 -10.82
C GLU I 236 16.51 -39.10 -10.99
N ASN I 237 17.13 -39.93 -11.83
CA ASN I 237 16.65 -41.30 -12.18
C ASN I 237 16.52 -42.16 -10.92
N VAL I 238 15.30 -42.63 -10.62
CA VAL I 238 15.06 -43.68 -9.58
C VAL I 238 15.54 -45.01 -10.19
N VAL I 239 16.62 -45.58 -9.63
CA VAL I 239 17.37 -46.74 -10.20
C VAL I 239 17.16 -48.00 -9.36
N GLY I 240 16.57 -47.90 -8.17
CA GLY I 240 16.30 -49.07 -7.29
C GLY I 240 15.49 -48.75 -6.05
N SER I 241 15.30 -49.75 -5.19
CA SER I 241 14.49 -49.70 -3.95
C SER I 241 15.39 -50.00 -2.73
N GLU I 242 15.27 -49.18 -1.68
CA GLU I 242 15.83 -49.44 -0.33
C GLU I 242 14.83 -50.33 0.42
N THR I 243 15.27 -51.50 0.88
CA THR I 243 14.42 -52.64 1.32
C THR I 243 14.79 -53.04 2.76
N ARG I 244 13.78 -53.35 3.60
CA ARG I 244 13.97 -53.88 4.98
C ARG I 244 13.17 -55.19 5.16
N VAL I 245 13.85 -56.24 5.62
CA VAL I 245 13.24 -57.57 5.93
C VAL I 245 13.32 -57.79 7.46
N LYS I 246 12.17 -58.09 8.09
CA LYS I 246 12.06 -58.51 9.52
C LYS I 246 11.80 -60.01 9.61
N VAL I 247 12.52 -60.72 10.47
CA VAL I 247 12.28 -62.17 10.76
C VAL I 247 11.25 -62.26 11.91
N VAL I 248 9.96 -62.30 11.58
CA VAL I 248 8.82 -62.27 12.56
C VAL I 248 8.61 -63.64 13.20
N LYS I 249 9.15 -64.72 12.61
CA LYS I 249 9.17 -66.08 13.22
C LYS I 249 10.45 -66.79 12.82
N ASN I 250 11.00 -67.62 13.71
CA ASN I 250 12.22 -68.44 13.46
C ASN I 250 12.23 -69.62 14.44
N LYS I 251 12.32 -70.85 13.91
CA LYS I 251 12.35 -72.12 14.68
C LYS I 251 13.76 -72.74 14.68
N ILE I 252 14.73 -72.11 14.00
CA ILE I 252 16.12 -72.64 13.84
C ILE I 252 17.15 -71.69 14.47
N ALA I 253 16.73 -70.52 14.97
CA ALA I 253 17.59 -69.50 15.63
C ALA I 253 16.72 -68.42 16.29
N ALA I 254 17.35 -67.43 16.92
CA ALA I 254 16.68 -66.32 17.64
C ALA I 254 15.95 -65.42 16.63
N PRO I 255 14.61 -65.18 16.82
CA PRO I 255 13.86 -64.30 15.92
C PRO I 255 13.99 -62.81 16.24
N PHE I 256 13.25 -61.99 15.47
CA PHE I 256 13.04 -60.53 15.63
C PHE I 256 14.30 -59.72 15.27
N LYS I 257 15.26 -60.34 14.57
CA LYS I 257 16.40 -59.61 13.93
C LYS I 257 15.95 -59.15 12.54
N GLN I 258 16.48 -58.01 12.08
CA GLN I 258 16.12 -57.39 10.78
C GLN I 258 17.38 -57.26 9.90
N ALA I 259 17.18 -56.96 8.62
CA ALA I 259 18.23 -56.80 7.59
C ALA I 259 17.82 -55.71 6.61
N GLU I 260 18.78 -54.91 6.14
CA GLU I 260 18.56 -53.80 5.16
C GLU I 260 19.51 -54.00 3.96
N PHE I 261 18.98 -53.80 2.75
CA PHE I 261 19.75 -53.92 1.48
C PHE I 261 19.03 -53.13 0.37
N GLN I 262 19.69 -52.99 -0.77
CA GLN I 262 19.18 -52.33 -2.00
C GLN I 262 18.81 -53.38 -3.05
N ILE I 263 17.65 -53.22 -3.68
CA ILE I 263 17.25 -53.94 -4.93
C ILE I 263 17.39 -52.96 -6.10
N LEU I 264 18.37 -53.19 -6.98
CA LEU I 264 18.62 -52.38 -8.21
C LEU I 264 17.86 -53.03 -9.38
N TYR I 265 17.07 -52.25 -10.10
CA TYR I 265 16.17 -52.74 -11.19
C TYR I 265 17.02 -53.27 -12.34
N GLY I 266 16.95 -54.58 -12.60
CA GLY I 266 17.64 -55.26 -13.71
C GLY I 266 18.85 -56.08 -13.26
N GLU I 267 19.36 -55.82 -12.04
CA GLU I 267 20.53 -56.51 -11.44
C GLU I 267 20.06 -57.41 -10.28
N GLY I 268 19.22 -56.86 -9.39
CA GLY I 268 18.68 -57.56 -8.20
C GLY I 268 19.26 -56.99 -6.93
N ILE I 269 19.64 -57.86 -5.98
CA ILE I 269 20.17 -57.45 -4.64
C ILE I 269 21.63 -56.98 -4.81
N ASN I 270 21.91 -55.75 -4.35
CA ASN I 270 23.26 -55.11 -4.37
C ASN I 270 24.13 -55.77 -3.29
N PHE I 271 24.89 -56.80 -3.67
CA PHE I 271 25.73 -57.63 -2.76
C PHE I 271 26.90 -56.79 -2.20
N TYR I 272 27.55 -56.00 -3.06
CA TYR I 272 28.73 -55.17 -2.72
C TYR I 272 28.33 -54.04 -1.77
N GLY I 273 27.15 -53.45 -1.97
CA GLY I 273 26.55 -52.41 -1.10
C GLY I 273 26.39 -52.89 0.34
N GLU I 274 25.99 -54.16 0.53
CA GLU I 274 25.92 -54.82 1.86
C GLU I 274 27.33 -54.97 2.44
N LEU I 275 28.27 -55.45 1.60
CA LEU I 275 29.67 -55.80 1.99
C LEU I 275 30.43 -54.56 2.46
N VAL I 276 30.13 -53.38 1.89
CA VAL I 276 30.62 -52.05 2.37
C VAL I 276 30.11 -51.84 3.80
N ASP I 277 28.78 -51.83 3.97
CA ASP I 277 28.07 -51.49 5.24
C ASP I 277 28.49 -52.43 6.38
N LEU I 278 28.74 -53.71 6.08
CA LEU I 278 29.12 -54.74 7.10
C LEU I 278 30.63 -54.66 7.39
N GLY I 279 31.46 -54.45 6.36
CA GLY I 279 32.91 -54.20 6.50
C GLY I 279 33.19 -52.96 7.34
N VAL I 280 32.34 -51.93 7.22
CA VAL I 280 32.36 -50.68 8.03
C VAL I 280 31.97 -50.99 9.48
N LYS I 281 30.92 -51.80 9.67
CA LYS I 281 30.33 -52.12 11.01
C LYS I 281 31.35 -52.91 11.87
N GLU I 282 32.22 -53.71 11.24
CA GLU I 282 33.23 -54.57 11.91
C GLU I 282 34.63 -53.94 11.86
N LYS I 283 34.72 -52.64 11.54
CA LYS I 283 35.94 -51.78 11.69
C LYS I 283 37.04 -52.19 10.69
N LEU I 284 36.72 -52.94 9.64
CA LEU I 284 37.69 -53.38 8.60
C LEU I 284 37.77 -52.31 7.51
N ILE I 285 36.72 -51.49 7.36
CA ILE I 285 36.63 -50.33 6.44
C ILE I 285 36.44 -49.07 7.29
N GLU I 286 37.38 -48.10 7.19
CA GLU I 286 37.32 -46.83 7.99
C GLU I 286 36.55 -45.78 7.18
N LYS I 287 35.61 -45.10 7.84
CA LYS I 287 34.68 -44.11 7.24
C LYS I 287 35.04 -42.71 7.78
N ALA I 288 35.80 -41.93 7.00
CA ALA I 288 36.25 -40.56 7.35
C ALA I 288 35.25 -39.53 6.79
N GLY I 289 34.07 -39.46 7.41
CA GLY I 289 32.96 -38.58 7.00
C GLY I 289 32.16 -39.19 5.85
N ALA I 290 32.37 -38.70 4.63
CA ALA I 290 31.79 -39.24 3.37
C ALA I 290 32.86 -39.99 2.56
N TRP I 291 34.06 -40.17 3.12
CA TRP I 291 35.20 -40.90 2.51
C TRP I 291 35.21 -42.34 3.02
N TYR I 292 35.20 -43.32 2.10
CA TYR I 292 35.46 -44.76 2.38
C TYR I 292 36.93 -45.04 2.09
N SER I 293 37.63 -45.61 3.07
CA SER I 293 39.08 -45.92 3.03
C SER I 293 39.33 -47.33 3.57
N TYR I 294 40.12 -48.13 2.85
CA TYR I 294 40.53 -49.52 3.27
C TYR I 294 42.05 -49.58 3.44
N LYS I 295 42.50 -49.82 4.67
CA LYS I 295 43.92 -50.10 5.04
C LYS I 295 44.79 -48.84 4.85
N GLY I 296 44.18 -47.65 4.91
CA GLY I 296 44.85 -46.35 4.63
C GLY I 296 44.57 -45.88 3.21
N GLU I 297 44.58 -46.79 2.23
CA GLU I 297 44.22 -46.55 0.80
C GLU I 297 42.78 -46.01 0.74
N LYS I 298 42.60 -44.76 0.28
CA LYS I 298 41.27 -44.12 0.13
C LYS I 298 40.61 -44.65 -1.14
N ILE I 299 39.50 -45.39 -0.99
CA ILE I 299 38.92 -46.28 -2.05
C ILE I 299 37.77 -45.57 -2.78
N GLY I 300 36.97 -44.74 -2.09
CA GLY I 300 35.75 -44.15 -2.66
C GLY I 300 35.30 -42.86 -2.01
N GLN I 301 34.42 -42.14 -2.70
CA GLN I 301 33.75 -40.88 -2.29
C GLN I 301 32.23 -41.12 -2.32
N GLY I 302 31.63 -41.41 -1.17
CA GLY I 302 30.21 -41.82 -1.06
C GLY I 302 30.03 -43.30 -1.36
N LYS I 303 28.82 -43.82 -1.14
CA LYS I 303 28.48 -45.27 -1.20
C LYS I 303 28.76 -45.86 -2.59
N ALA I 304 28.18 -45.25 -3.63
CA ALA I 304 28.13 -45.76 -5.02
C ALA I 304 29.55 -45.92 -5.59
N ASN I 305 30.47 -45.01 -5.26
CA ASN I 305 31.88 -45.03 -5.74
C ASN I 305 32.67 -46.13 -5.01
N ALA I 306 32.45 -46.27 -3.70
CA ALA I 306 33.06 -47.32 -2.83
C ALA I 306 32.61 -48.71 -3.30
N THR I 307 31.33 -48.83 -3.71
CA THR I 307 30.74 -50.06 -4.30
C THR I 307 31.41 -50.36 -5.65
N ALA I 308 31.55 -49.34 -6.50
CA ALA I 308 32.17 -49.42 -7.85
C ALA I 308 33.64 -49.83 -7.73
N TRP I 309 34.35 -49.36 -6.70
CA TRP I 309 35.77 -49.72 -6.41
C TRP I 309 35.86 -51.21 -6.03
N LEU I 310 35.00 -51.67 -5.12
CA LEU I 310 34.94 -53.09 -4.67
C LEU I 310 34.65 -54.03 -5.85
N LYS I 311 33.81 -53.57 -6.79
CA LYS I 311 33.51 -54.28 -8.07
C LYS I 311 34.78 -54.43 -8.91
N ASP I 312 35.57 -53.35 -9.04
CA ASP I 312 36.81 -53.29 -9.84
C ASP I 312 37.90 -54.19 -9.23
N ASN I 313 37.88 -54.38 -7.91
CA ASN I 313 38.92 -55.12 -7.13
C ASN I 313 38.30 -56.36 -6.50
N PRO I 314 38.21 -57.50 -7.23
CA PRO I 314 37.69 -58.75 -6.66
C PRO I 314 38.45 -59.23 -5.41
N GLU I 315 39.78 -59.09 -5.39
CA GLU I 315 40.68 -59.64 -4.33
C GLU I 315 40.33 -59.05 -2.96
N THR I 316 40.21 -57.72 -2.86
CA THR I 316 39.83 -56.98 -1.63
C THR I 316 38.41 -57.39 -1.18
N ALA I 317 37.46 -57.41 -2.12
CA ALA I 317 36.04 -57.77 -1.90
C ALA I 317 35.95 -59.18 -1.30
N LYS I 318 36.75 -60.12 -1.80
CA LYS I 318 36.82 -61.53 -1.31
C LYS I 318 37.42 -61.59 0.09
N GLU I 319 38.47 -60.79 0.34
CA GLU I 319 39.21 -60.73 1.63
C GLU I 319 38.32 -60.14 2.73
N ILE I 320 37.49 -59.15 2.39
CA ILE I 320 36.51 -58.51 3.33
C ILE I 320 35.35 -59.48 3.58
N GLU I 321 34.80 -60.09 2.52
CA GLU I 321 33.71 -61.10 2.61
C GLU I 321 34.16 -62.18 3.61
N LYS I 322 35.31 -62.81 3.33
CA LYS I 322 35.98 -63.82 4.18
C LYS I 322 35.95 -63.42 5.66
N LYS I 323 36.40 -62.21 5.98
CA LYS I 323 36.45 -61.66 7.37
C LYS I 323 35.05 -61.61 7.96
N VAL I 324 34.13 -60.88 7.31
CA VAL I 324 32.73 -60.65 7.76
C VAL I 324 32.04 -62.01 7.95
N ARG I 325 32.35 -62.99 7.11
CA ARG I 325 31.81 -64.38 7.17
C ARG I 325 32.21 -65.02 8.51
N GLU I 326 33.51 -65.28 8.75
CA GLU I 326 33.99 -66.02 9.96
C GLU I 326 33.64 -65.25 11.24
N LEU I 327 33.57 -63.92 11.20
CA LEU I 327 33.27 -63.08 12.41
C LEU I 327 31.78 -63.21 12.79
N LEU I 328 30.86 -63.22 11.82
CA LEU I 328 29.39 -63.07 12.08
C LEU I 328 28.57 -64.32 11.71
N LEU I 329 29.13 -65.31 11.01
CA LEU I 329 28.46 -66.64 10.84
C LEU I 329 28.44 -67.32 12.21
N SER I 330 27.24 -67.71 12.68
CA SER I 330 26.98 -68.29 14.03
C SER I 330 27.56 -69.70 14.12
N ASN I 331 27.33 -70.52 13.09
CA ASN I 331 27.85 -71.92 12.97
C ASN I 331 28.36 -72.13 11.54
N PRO I 332 29.57 -71.61 11.18
CA PRO I 332 30.16 -71.85 9.86
C PRO I 332 30.21 -73.35 9.50
N ASN I 333 29.88 -73.67 8.24
CA ASN I 333 29.68 -75.06 7.75
C ASN I 333 31.03 -75.78 7.71
N SER I 334 32.00 -75.20 6.99
CA SER I 334 33.42 -75.67 6.91
C SER I 334 34.35 -74.49 6.69
MG MG L . -8.52 69.66 -10.30
PG AGS M . -9.02 72.12 -8.72
S1G AGS M . -7.65 70.98 -7.63
O2G AGS M . -9.96 71.15 -9.61
O3G AGS M . -9.88 72.88 -7.78
PB AGS M . -7.69 72.75 -11.14
O1B AGS M . -8.41 71.47 -11.55
O2B AGS M . -6.18 72.79 -11.12
O3B AGS M . -8.23 73.16 -9.68
PA AGS M . -9.69 74.21 -12.52
O1A AGS M . -9.89 73.53 -13.85
O2A AGS M . -10.61 73.87 -11.37
O3A AGS M . -8.17 73.98 -12.07
O5' AGS M . -9.74 75.79 -12.73
C5' AGS M . -9.13 76.45 -13.83
C4' AGS M . -9.78 77.82 -14.00
O4' AGS M . -11.19 77.65 -14.24
C3' AGS M . -9.62 78.70 -12.77
O3' AGS M . -8.71 79.78 -13.04
C2' AGS M . -11.02 79.18 -12.42
O2' AGS M . -11.10 80.61 -12.35
C1' AGS M . -11.94 78.64 -13.51
N9 AGS M . -13.20 78.09 -12.94
C8 AGS M . -13.37 76.87 -12.37
N7 AGS M . -14.65 76.71 -11.95
C5 AGS M . -15.34 77.82 -12.25
C6 AGS M . -16.74 78.32 -12.09
N6 AGS M . -17.69 77.56 -11.50
N1 AGS M . -17.02 79.57 -12.55
C2 AGS M . -16.09 80.35 -13.14
N3 AGS M . -14.81 79.96 -13.32
C4 AGS M . -14.38 78.74 -12.91
HOG2 AGS M . -10.90 71.34 -9.70
H5'1 AGS M . -9.27 75.85 -14.73
H5'2 AGS M . -8.07 76.57 -13.63
H4' AGS M . -9.33 78.31 -14.87
H3' AGS M . -9.20 78.09 -11.95
HO3' AGS M . -8.62 80.33 -12.25
H2' AGS M . -11.29 78.76 -11.44
HO2' AGS M . -10.52 80.93 -11.65
H1' AGS M . -12.20 79.46 -14.20
H8 AGS M . -12.56 76.16 -12.27
HN61 AGS M . -17.46 76.63 -11.16
HN62 AGS M . -18.63 77.92 -11.41
H2 AGS M . -16.41 81.33 -13.49
MG MG N . 8.94 49.92 -21.28
PG AGS O . 8.65 52.89 -19.56
S1G AGS O . 8.81 53.13 -17.53
O2G AGS O . 8.22 51.41 -19.87
O3G AGS O . 7.62 53.81 -20.07
PB AGS O . 11.27 52.47 -20.83
O1B AGS O . 10.73 51.18 -21.40
O2B AGS O . 12.26 52.43 -19.72
O3B AGS O . 10.05 53.35 -20.24
PA AGS O . 11.32 53.43 -23.51
O1A AGS O . 12.25 52.56 -24.32
O2A AGS O . 9.86 53.09 -23.54
O3A AGS O . 11.82 53.46 -21.97
O5' AGS O . 11.52 54.93 -24.01
C5' AGS O . 12.83 55.48 -24.21
C4' AGS O . 12.76 56.83 -24.89
O4' AGS O . 12.21 56.66 -26.20
C3' AGS O . 11.87 57.80 -24.13
O3' AGS O . 12.44 59.11 -24.09
C2' AGS O . 10.57 57.76 -24.91
O2' AGS O . 9.81 58.97 -24.89
C1' AGS O . 11.00 57.43 -26.33
N9 AGS O . 9.89 56.73 -27.02
C8 AGS O . 9.22 55.64 -26.59
N7 AGS O . 8.25 55.29 -27.49
C5 AGS O . 8.31 56.17 -28.50
C6 AGS O . 7.58 56.37 -29.77
N6 AGS O . 6.58 55.54 -30.12
N1 AGS O . 7.96 57.41 -30.57
C2 AGS O . 8.97 58.25 -30.22
N3 AGS O . 9.67 58.12 -29.08
C4 AGS O . 9.40 57.12 -28.19
HOG2 AGS O . 7.50 51.00 -19.38
H5'1 AGS O . 13.41 54.80 -24.83
H5'2 AGS O . 13.32 55.59 -23.24
H4' AGS O . 13.78 57.23 -24.97
H3' AGS O . 11.74 57.42 -23.10
HO3' AGS O . 11.85 59.72 -23.61
H2' AGS O . 9.93 56.97 -24.49
HO2' AGS O . 9.56 59.18 -23.98
H1' AGS O . 11.23 58.38 -26.84
H8 AGS O . 9.44 55.12 -25.66
HN61 AGS O . 6.32 54.78 -29.51
HN62 AGS O . 6.09 55.67 -31.00
H2 AGS O . 9.21 59.05 -30.92
MG MG P . 27.26 30.59 -8.13
PG AGS Q . 25.70 33.58 -7.88
S1G AGS Q . 24.18 34.26 -6.73
O2G AGS Q . 25.64 32.04 -8.05
O3G AGS Q . 25.68 34.08 -9.22
PB AGS Q . 28.13 33.34 -6.28
O1B AGS Q . 28.21 31.94 -6.69
O2B AGS Q . 27.85 33.68 -4.89
O3B AGS Q . 27.05 34.10 -7.17
PA AGS Q . 30.57 33.78 -7.83
O1A AGS Q . 31.59 32.91 -7.20
O2A AGS Q . 29.93 33.32 -9.09
O3A AGS Q . 29.46 34.13 -6.73
O5' AGS Q . 31.18 35.19 -8.14
C5' AGS Q . 31.96 35.94 -7.23
C4' AGS Q . 32.62 37.10 -7.97
O4' AGS Q . 33.40 36.59 -9.04
C3' AGS Q . 31.59 38.06 -8.56
O3' AGS Q . 31.97 39.42 -8.46
C2' AGS Q . 31.52 37.65 -10.00
O2' AGS Q . 31.11 38.71 -10.87
C1' AGS Q . 32.94 37.17 -10.26
N9 AGS Q . 32.87 36.21 -11.37
C8 AGS Q . 32.10 35.11 -11.46
N7 AGS Q . 32.30 34.50 -12.65
C5 AGS Q . 33.19 35.24 -13.34
C6 AGS Q . 33.84 35.17 -14.65
N6 AGS Q . 33.52 34.15 -15.47
N1 AGS Q . 34.74 36.10 -14.97
C2 AGS Q . 35.05 37.13 -14.16
N3 AGS Q . 34.48 37.27 -12.94
C4 AGS Q . 33.57 36.36 -12.49
HOG2 AGS Q . 24.79 31.60 -8.15
H5'1 AGS Q . 32.74 35.30 -6.80
H5'2 AGS Q . 31.33 36.33 -6.43
H4' AGS Q . 33.28 37.63 -7.26
H3' AGS Q . 30.63 37.89 -8.05
HO3' AGS Q . 31.29 39.97 -8.85
H2' AGS Q . 30.79 36.86 -10.11
HO2' AGS Q . 30.21 38.99 -10.62
H1' AGS Q . 33.56 38.03 -10.53
H8 AGS Q . 31.42 34.77 -10.68
HN61 AGS Q . 32.85 33.47 -15.19
HN62 AGS Q . 33.99 34.07 -16.37
H2 AGS Q . 35.76 37.85 -14.51
MG MG R . 24.76 16.13 17.99
PG AGS S . 23.85 18.95 16.27
S1G AGS S . 22.12 19.60 15.44
O2G AGS S . 23.86 17.43 16.49
O3G AGS S . 24.96 19.18 15.42
PB AGS S . 23.84 19.28 19.18
O1B AGS S . 24.16 17.82 19.22
O2B AGS S . 22.51 19.77 19.56
O3B AGS S . 24.02 19.77 17.66
PA AGS S . 26.43 19.82 20.36
O1A AGS S . 26.45 19.25 21.72
O2A AGS S . 27.08 19.03 19.27
O3A AGS S . 24.92 20.17 19.93
O5' AGS S . 27.12 21.24 20.42
C5' AGS S . 26.89 22.20 21.45
C4' AGS S . 27.91 23.34 21.35
O4' AGS S . 29.20 22.75 21.53
C3' AGS S . 27.88 24.04 19.98
O3' AGS S . 28.01 25.46 20.02
C2' AGS S . 29.05 23.40 19.27
O2' AGS S . 29.62 24.22 18.24
C1' AGS S . 30.01 23.09 20.41
N9 AGS S . 30.85 21.98 19.93
C8 AGS S . 30.42 20.82 19.38
N7 AGS S . 31.50 20.07 19.02
C5 AGS S . 32.60 20.78 19.31
C6 AGS S . 34.03 20.56 19.17
N6 AGS S . 34.46 19.40 18.63
N1 AGS S . 34.87 21.52 19.62
C2 AGS S . 34.42 22.67 20.16
N3 AGS S . 33.11 22.93 20.31
C4 AGS S . 32.17 22.03 19.92
HOG2 AGS S . 23.39 16.84 15.89
H5'1 AGS S . 26.98 21.73 22.43
H5'2 AGS S . 25.88 22.62 21.33
H4' AGS S . 27.69 24.07 22.15
H3' AGS S . 26.93 23.80 19.50
HO3' AGS S . 27.98 25.81 19.12
H2' AGS S . 28.69 22.50 18.75
HO2' AGS S . 28.96 24.39 17.56
H1' AGS S . 30.61 23.98 20.62
H8 AGS S . 29.39 20.54 19.25
HN61 AGS S . 33.78 18.72 18.31
HN62 AGS S . 35.45 19.22 18.55
H2 AGS S . 35.16 23.39 20.48
MG MG T . 0.52 5.85 32.31
PG AGS U . 1.70 8.25 30.21
S1G AGS U . 1.48 8.47 28.21
O2G AGS U . 1.50 6.80 30.62
O3G AGS U . 3.02 8.52 30.67
PB AGS U . -0.73 9.03 31.64
O1B AGS U . -0.72 7.67 32.22
O2B AGS U . -1.72 9.41 30.63
O3B AGS U . 0.68 9.26 30.92
PA AGS U . -0.24 10.08 34.27
O1A AGS U . -1.35 9.64 35.12
O2A AGS U . 1.04 9.32 34.39
O3A AGS U . -0.70 10.17 32.74
O5' AGS U . 0.12 11.57 34.59
C5' AGS U . -0.82 12.62 34.75
C4' AGS U . -0.09 13.85 35.33
O4' AGS U . 0.43 13.52 36.60
C3' AGS U . 1.05 14.31 34.44
O3' AGS U . 1.16 15.73 34.31
C2' AGS U . 2.26 13.79 35.15
O2' AGS U . 3.43 14.54 34.89
C1' AGS U . 1.84 13.80 36.60
N9 AGS U . 2.63 12.77 37.28
C8 AGS U . 2.78 11.50 36.88
N7 AGS U . 3.60 10.85 37.75
C5 AGS U . 3.98 11.71 38.69
C6 AGS U . 4.85 11.65 39.86
N6 AGS U . 5.45 10.48 40.17
N1 AGS U . 4.97 12.76 40.62
C2 AGS U . 4.35 13.91 40.29
N3 AGS U . 3.56 14.03 39.20
C4 AGS U . 3.33 12.98 38.39
HOG2 AGS U . 1.86 6.08 30.07
H5'1 AGS U . -1.60 12.31 35.45
H5'2 AGS U . -1.25 12.88 33.80
H4' AGS U . -0.83 14.66 35.43
H3' AGS U . 0.94 13.86 33.45
HO3' AGS U . 1.92 15.94 33.74
H2' AGS U . 2.46 12.77 34.78
HO2' AGS U . 3.62 14.52 33.94
H1' AGS U . 2.04 14.80 37.01
H8 AGS U . 2.32 11.07 36.01
HN61 AGS U . 5.34 9.67 39.57
HN62 AGS U . 6.04 10.43 40.99
H2 AGS U . 4.54 14.77 40.92
MG MG V . -25.25 -5.06 21.71
PG AGS W . -22.69 -2.85 21.12
S1G AGS W . -21.13 -3.04 19.90
O2G AGS W . -23.25 -4.22 21.54
O3G AGS W . -22.36 -2.28 22.40
PB AGS W . -25.14 -2.20 19.72
O1B AGS W . -25.70 -3.45 20.28
O2B AGS W . -24.86 -2.08 18.30
O3B AGS W . -23.74 -1.90 20.38
PA AGS W . -27.03 -0.68 21.29
O1A AGS W . -28.45 -0.94 20.94
O2A AGS W . -26.44 -1.29 22.51
O3A AGS W . -26.01 -0.93 20.11
O5' AGS W . -26.94 0.89 21.41
C5' AGS W . -27.52 1.81 20.49
C4' AGS W . -27.63 3.19 21.15
O4' AGS W . -28.40 3.13 22.34
C3' AGS W . -26.25 3.68 21.55
O3' AGS W . -26.09 5.08 21.28
C2' AGS W . -26.17 3.37 23.03
O2' AGS W . -25.26 4.20 23.75
C1' AGS W . -27.59 3.59 23.44
N9 AGS W . -27.82 2.82 24.66
C8 AGS W . -27.49 1.54 24.89
N7 AGS W . -27.84 1.18 26.16
C5 AGS W . -28.39 2.24 26.73
C6 AGS W . -28.95 2.52 28.04
N6 AGS W . -28.97 1.53 28.96
N1 AGS W . -29.45 3.75 28.28
C2 AGS W . -29.41 4.73 27.33
N3 AGS W . -28.90 4.55 26.10
C4 AGS W . -28.38 3.33 25.74
HOG2 AGS W . -22.65 -4.93 21.80
H5'1 AGS W . -28.52 1.46 20.22
H5'2 AGS W . -26.90 1.87 19.60
H4' AGS W . -28.12 3.86 20.44
H3' AGS W . -25.50 3.12 20.98
HO3' AGS W . -25.21 5.37 21.55
H2' AGS W . -25.84 2.32 23.14
HO2' AGS W . -24.37 4.08 23.39
H1' AGS W . -27.74 4.66 23.62
H8 AGS W . -27.03 0.90 24.15
HN61 AGS W . -28.59 0.62 28.72
HN62 AGS W . -29.37 1.70 29.87
H2 AGS W . -29.81 5.69 27.61
MG MG X . -31.06 -20.53 -3.11
PG AGS Y . -28.91 -18.43 -1.63
S1G AGS Y . -27.01 -18.64 -1.02
O2G AGS Y . -29.58 -19.79 -1.68
O3G AGS Y . -29.80 -17.72 -0.82
PB AGS Y . -28.97 -18.27 -4.58
O1B AGS Y . -29.78 -19.47 -4.56
O2B AGS Y . -27.61 -18.42 -5.04
O3B AGS Y . -28.89 -17.70 -3.08
PA AGS Y . -31.23 -16.80 -5.62
O1A AGS Y . -31.69 -17.41 -6.88
O2A AGS Y . -32.00 -17.08 -4.41
O3A AGS Y . -29.68 -17.13 -5.37
O5' AGS Y . -31.22 -15.27 -5.81
C5' AGS Y . -30.70 -14.52 -6.90
C4' AGS Y . -31.20 -13.09 -6.78
O4' AGS Y . -32.62 -13.16 -6.82
C3' AGS Y . -30.82 -12.39 -5.49
O3' AGS Y . -30.41 -11.03 -5.61
C2' AGS Y . -32.10 -12.43 -4.69
O2' AGS Y . -32.27 -11.43 -3.67
C1' AGS Y . -33.17 -12.40 -5.77
N9 AGS Y . -34.36 -13.00 -5.17
C8 AGS Y . -34.42 -14.18 -4.57
N7 AGS Y . -35.66 -14.39 -4.09
C5 AGS Y . -36.41 -13.34 -4.40
C6 AGS Y . -37.79 -12.94 -4.20
N6 AGS Y . -38.63 -13.75 -3.56
N1 AGS Y . -38.18 -11.76 -4.69
C2 AGS Y . -37.33 -10.94 -5.34
N3 AGS Y . -36.05 -11.24 -5.56
C4 AGS Y . -35.53 -12.41 -5.11
HOG2 AGS Y . -29.36 -20.45 -1.02
H5'1 AGS Y . -31.04 -14.96 -7.84
H5'2 AGS Y . -29.61 -14.54 -6.87
H4' AGS Y . -30.82 -12.51 -7.64
H3' AGS Y . -30.02 -12.96 -5.01
HO3' AGS Y . -30.18 -10.68 -4.74
H2' AGS Y . -32.12 -13.36 -4.12
HO2' AGS Y . -31.57 -11.52 -3.00
H1' AGS Y . -33.36 -11.34 -6.04
H8 AGS Y . -33.59 -14.87 -4.47
HN61 AGS Y . -38.31 -14.63 -3.20
HN62 AGS Y . -39.59 -13.48 -3.43
H2 AGS Y . -37.73 -10.00 -5.69
MG MG Z . -14.27 -40.76 -17.68
PG AGS AA . -14.29 -38.14 -15.62
S1G AGS AA . -13.80 -37.90 -13.67
O2G AGS AA . -14.67 -39.58 -15.88
O3G AGS AA . -15.36 -37.35 -16.13
PB AGS AA . -11.80 -38.53 -17.18
O1B AGS AA . -12.32 -39.83 -17.59
O2B AGS AA . -10.68 -38.47 -16.27
O3B AGS AA . -12.99 -37.69 -16.47
PA AGS AA . -12.05 -37.53 -19.90
O1A AGS AA . -11.30 -38.45 -20.79
O2A AGS AA . -13.53 -37.70 -19.90
O3A AGS AA . -11.47 -37.59 -18.41
O5' AGS AA . -11.76 -36.04 -20.30
C5' AGS AA . -10.50 -35.48 -20.58
C4' AGS AA . -10.69 -34.12 -21.23
O4' AGS AA . -11.40 -34.35 -22.46
C3' AGS AA . -11.52 -33.17 -20.36
O3' AGS AA . -11.09 -31.81 -20.34
C2' AGS AA . -12.87 -33.23 -21.02
O2' AGS AA . -13.68 -32.07 -20.82
C1' AGS AA . -12.57 -33.53 -22.48
N9 AGS AA . -13.76 -34.17 -23.02
C8 AGS AA . -14.41 -35.25 -22.53
N7 AGS AA . -15.50 -35.53 -23.29
C5 AGS AA . -15.55 -34.62 -24.25
C6 AGS AA . -16.45 -34.36 -25.36
N6 AGS AA . -17.52 -35.15 -25.56
N1 AGS AA . -16.16 -33.33 -26.17
C2 AGS AA . -15.09 -32.54 -25.97
N3 AGS AA . -14.22 -32.71 -24.96
C4 AGS AA . -14.41 -33.72 -24.08
HOG2 AGS AA . -15.15 -40.08 -15.20
H5'1 AGS AA . -9.96 -36.14 -21.26
H5'2 AGS AA . -9.93 -35.38 -19.66
H4' AGS AA . -9.70 -33.69 -21.43
H3' AGS AA . -11.54 -33.56 -19.34
HO3' AGS AA . -11.69 -31.30 -19.76
H2' AGS AA . -13.44 -34.05 -20.55
HO2' AGS AA . -13.84 -31.95 -19.87
H1' AGS AA . -12.36 -32.59 -22.98
H8 AGS AA . -14.08 -35.81 -21.65
HN61 AGS AA . -17.70 -35.92 -24.94
HN62 AGS AA . -18.14 -34.97 -26.34
H2 AGS AA . -14.94 -31.73 -26.67
MG MG BA . 5.55 -60.75 -7.46
PG AGS CA . 4.08 -57.71 -6.84
S1G AGS CA . 2.65 -57.13 -5.50
O2G AGS CA . 4.02 -59.30 -6.93
O3G AGS CA . 3.77 -57.16 -8.17
PB AGS CA . 6.65 -58.02 -5.59
O1B AGS CA . 6.70 -59.42 -6.15
O2B AGS CA . 6.48 -57.83 -4.10
O3B AGS CA . 5.51 -57.15 -6.34
PA AGS CA . 8.83 -57.50 -7.37
O1A AGS CA . 9.91 -58.51 -7.09
O2A AGS CA . 7.84 -57.80 -8.49
O3A AGS CA . 8.00 -57.23 -6.00
O5' AGS CA . 9.49 -56.07 -7.68
C5' AGS CA . 10.46 -55.41 -6.87
C4' AGS CA . 11.00 -54.18 -7.62
O4' AGS CA . 11.67 -54.64 -8.80
C3' AGS CA . 9.87 -53.22 -8.05
O3' AGS CA . 10.18 -51.82 -7.89
C2' AGS CA . 9.67 -53.56 -9.52
O2' AGS CA . 9.18 -52.51 -10.33
C1' AGS CA . 11.04 -54.06 -9.96
N9 AGS CA . 10.84 -54.98 -11.11
C8 AGS CA . 10.05 -56.07 -11.17
N7 AGS CA . 10.09 -56.65 -12.39
C5 AGS CA . 10.92 -55.90 -13.16
C6 AGS CA . 11.39 -55.95 -14.55
N6 AGS CA . 10.98 -56.94 -15.39
N1 AGS CA . 12.26 -54.99 -14.96
C2 AGS CA . 12.69 -54.00 -14.13
N3 AGS CA . 12.28 -53.89 -12.85
C4 AGS CA . 11.41 -54.80 -12.31
HOG2 AGS CA . 3.19 -59.76 -6.75
H5'1 AGS CA . 11.29 -56.09 -6.65
H5'2 AGS CA . 10.00 -55.09 -5.94
H4' AGS CA . 11.71 -53.65 -6.97
H3' AGS CA . 8.98 -53.44 -7.44
HO3' AGS CA . 9.42 -51.29 -8.18
H2' AGS CA . 8.91 -54.36 -9.58
HO2' AGS CA . 8.31 -52.24 -10.02
H1' AGS CA . 11.64 -53.19 -10.27
H8 AGS CA . 9.46 -56.41 -10.32
HN61 AGS CA . 10.33 -57.63 -15.06
HN62 AGS CA . 11.32 -56.97 -16.34
H2 AGS CA . 13.38 -53.27 -14.54
#